data_6H3J
#
_entry.id   6H3J
#
_cell.length_a   1.000
_cell.length_b   1.000
_cell.length_c   1.000
_cell.angle_alpha   90.000
_cell.angle_beta   90.000
_cell.angle_gamma   90.000
#
_symmetry.space_group_name_H-M   'P 1'
#
loop_
_entity.id
_entity.type
_entity.pdbx_description
1 polymer 'Protein involved in gliding motility SprA'
2 polymer 'Peptidyl-prolyl cis-trans isomerase'
3 polymer Plug
#
loop_
_entity_poly.entity_id
_entity_poly.type
_entity_poly.pdbx_seq_one_letter_code
_entity_poly.pdbx_strand_id
1 'polypeptide(L)'
;MRKICIFLLVLFCGNVLRSQVKPAVQDTTKTQFSVGKMELENPPSILSAYKYDPITDRYIYTTSVDGFSIDYPLVLTPKE
YEDLLLKESRRDYFRKKMDAIDGKKTGAEAAKKDLLPRYYINSSLFESIFGSNTIDVKPTGSVEMDLGVRYTKQDNPAFS
PRNRSSLTFDFDQRISMSLMGKIGTRLEVNANYDTQSTFAFQNLFKLAYTPSEDDIIQKVEVGNVSMPLNSTLIRGAQSL
FGVKTQLQFGRTTITGVFSEQKSQTKSVVAENGGTVQNFDLYALDYDNDRHFFLSQYFRNKYDVSLKNYPFIDSRVQITR
LEVWVTNKQNRVTTTGGGNNLRNIIALQDLGEAQVSGVPDNEVVVISSTAGFFNNPIDSPTSNTNNKYDPATIGQAGSFL
NSNIREIVTAKSGFNNTNVSEATDYSVLENARKLTTNEYTFNPQLGYISLQQRLANDEILAVAFEYTVGGKVYQVGEFGS
DGVDATVVTGNNSSNQAIITQSLVLKMLKSNLTNVKNPVWNLMMKNVYQIPQAYQIKQDDFRLNILYTDPSPINYITPVQ
GSSFPPNPAPDSKVEQTPLLNVFNLDRLNYNNDPQAGGDGFFDYIPGVTVDVQNGRVIFTTKEPFGELIFNKLQTGAGES
YNDPTTYNANQQKYVFRNMYRNTQAGALQDSDKNKFLLRGKYKSSGSNGIPIGAFNVPQGSVVVTAAGRVLVEGIDYSVD
YQLGRVQILDPSLQASNTPIEVSLENNSIFGQQTRRFMGFNIEHKISDKFVIGGTYLKMTERPFTQKSTYGQESVNNTIF
GFNGNYSTEVPFLTRLANKLPNIDTDVPSNLSIRGEVAFLRPDAPKASDFQGEATIYVDDFEGSQSTIDMRSAYAWSLAS
TPFITSINDNTFNANSNTLEYGFKRAKLSWYTIDPVFYSSKPSGISNDDLSLNTTRRIYSRELYPNTDIAQGQIQVVNTL
DLTYYPGERGPYNNNPSFGASNPSANFGGIMRALNSTNFEQGNVEYIQFWVLDPYVGNGESPATNAGKIYFNLGEISEDV
LKDGRKQYENGLGPDQVMVNPQPLWGDVPASQSLIYAFDTNPDNRKNQDVGLDGLPSSREGSIYTNYAGEADPTGDDYTY
YLNADGGVLERYKNYNGTEGNSAVSINDPNRGSTTLPDVEDINRDNTMSTINAYYEYSIDVKPGMQVGENYITDIREVTN
VDLPNGGTTNARWIQFKIPVSQPQNTIGNITDFRSIRFMRMFMTGFNSQMTVRFGALDLVRGEWRRYTGTLDANDQNPDD
DGVEFDVAAVNIQENGTKCPVNYVMPPGVQREQLYNNNTVINQNEQALAVRIGGAGLQYQDSRAVFKNVSVDMRQYKKLK
MFLHAESLPNQPTLEDDEMVGFIRFGNDFTQNFYQVEIPLKVTKTGGSCSISPDLVWMDDNSIDLALDLLTRMKIKAMSI
DINSSKRDVNGIYYPDNDPDLEGGDGDGKLTLGIKGNPNFGLVRNLMVGVKSRADHKDIKGEVWFNELRLADLENKGGMA
AILNVDTNMADFATVSATGRKSTIGFGSLEQGANERDREDVQQYNIVTNLNLGKLLPKKWGINLPFNYAIGEEVITPEYD
PFNQDIKLDQLIRETTDQAEKDNIRTRAIDYTKRKSINFIGVRKDRAPEQKPHVYDIENFTFSQSYNQVERHDYEVADYE
DEQSNSAVNYAYTFQPKEVVPFKSTKFMKKSEYWKLLSDFNFNYLPSNISFNTNILRQSNRQQFREVEVEGIGLDPLYRR
NFAFNYQYGFGFNLTKSLKLNYSATSNNIVRNFLNDDNSPKEDFNIWDDYLDIGTPNQHAQQLVLNYDIPINKIPIFGFV
KASYSYTADYMWQRSSTAFSEYEDPNGTVYDLGNTIQNSNSNTLTTTLNMNTLYKYLGLTPGAKKTAKPKTAAPPKPGEK
IVNTAKPVVSSSPFYDGLIGVLTSIKNVQINYTKNSGTVLPGYTPSVGFLGTSKPSLGFVFGSQDDVRYEAAKRGWLTTY
QDFNQSFTQVSNKLLKVTANIDLLPDLKVDLSMDRSYSENTSEQYSVDPSTNEYKPLSPYTYGMFSISTVMIKTAFSPSD
ETQSAAFDDFRSNRLIIANRLAEGHYGSGVAIPRYGDANNPIPAETDPNYAVYTANQGYPIGYTKSNQAVLLPAFLAAYT
GSDASSSSTNIFRSFPIPNWSIKYNGLMRYKYFKDKFKRFSLQHNYRASYTINQFRSNFDYNSSPKVQDVNTNFYNEIIM
SNVNLVEQFSPLIRMDFELKSSLRVLSEIKKDRALSMSFDNNLLTEVKGMEYIIGLGYRFKDVIFSSRLADNPTGIIKSD
INIKADFSLRNNETLVRYLDYDNNQLAAGQNIWSLKLTADYSFSKNLTAIFYYDHSFSKAVISTSFPLTNIRSGFTLRYN
FGN
;
A
2 'polypeptide(L)'
;MKQLLTALLSLTLFISCSKDKDEVKDYTAENEKEIVDYLAQNNLTAQRTNSGLYYIITKEGSSESEGENPGEEENTGEGE
NTEENENDGHPTLNSNITVIYKGYFTNGKVFDESTEGVSYSLRTLIPGWKEGIPLLKSGGEIQLFVPAHLGYGSNGNKTV
PGGAVLIFEITLVSVN
;
B
3 'polypeptide(L)'
;MPKFLYQSLIALLIFTSAKAQEIQTEVVPPYNIKTVTFVQNGNNVVPIFELNSTFEFQFDDLFGNEANYYFEITHCDYNW
KPSDIPKTDYLRGFDGQRIMDYSNSFNTLQVYSHYRLPFPNQFTTQIRLSGNYILKILNEDKEVVLSRKFIVYEEHCTVG
AQVKRTRNLSNINYKQNLDFTIASNDITFQTPTQNVKVLLLQNGNFNTAIKNIPPQYTIGNQLVYKYDAETQFWGGNEFL
YFENKDIRAANNNVGRIGSNNDIYNAYLYTNAARGNQIYTNYQDVNGNFVVKNINGADNSIEADYAWVYFTLSAPAFRMN
KDIYITGIFNNYSLSPEYKMDYNTDKAVFEKAVMIKQGFTNYQYTVADKKGNIDLENAIDGNFYQTENEYTILVYYKESI
DRYQRVIGKGNANSINIVN
;
C
#
# COMPACT_ATOMS: atom_id res chain seq x y z
N THR A 134 -15.23 -54.47 33.16
CA THR A 134 -14.96 -53.22 33.88
C THR A 134 -15.02 -52.02 32.96
N ILE A 135 -16.20 -51.42 32.83
CA ILE A 135 -16.39 -50.26 31.95
C ILE A 135 -16.09 -49.03 32.81
N ASP A 136 -14.80 -48.70 32.89
CA ASP A 136 -14.35 -47.54 33.67
C ASP A 136 -14.28 -46.33 32.75
N VAL A 137 -15.40 -45.62 32.64
CA VAL A 137 -15.50 -44.43 31.81
C VAL A 137 -16.36 -43.41 32.54
N LYS A 138 -15.96 -42.14 32.49
CA LYS A 138 -16.64 -41.08 33.22
C LYS A 138 -16.94 -39.92 32.28
N PRO A 139 -18.19 -39.65 31.98
CA PRO A 139 -18.51 -38.50 31.12
C PRO A 139 -18.45 -37.21 31.89
N THR A 140 -17.93 -36.19 31.22
CA THR A 140 -17.76 -34.87 31.81
C THR A 140 -18.27 -33.83 30.83
N GLY A 141 -18.05 -32.56 31.15
CA GLY A 141 -18.46 -31.47 30.29
C GLY A 141 -19.38 -30.51 31.00
N SER A 142 -19.64 -29.40 30.33
CA SER A 142 -20.46 -28.33 30.87
C SER A 142 -21.42 -27.85 29.81
N VAL A 143 -22.48 -27.20 30.25
CA VAL A 143 -23.46 -26.58 29.35
C VAL A 143 -23.98 -25.31 30.01
N GLU A 144 -23.96 -24.22 29.26
CA GLU A 144 -24.59 -22.99 29.70
C GLU A 144 -25.53 -22.49 28.61
N MET A 145 -26.52 -21.71 29.02
CA MET A 145 -27.49 -21.12 28.10
C MET A 145 -27.69 -19.67 28.46
N ASP A 146 -27.28 -18.77 27.57
CA ASP A 146 -27.36 -17.33 27.81
C ASP A 146 -28.54 -16.74 27.06
N LEU A 147 -29.18 -15.75 27.68
CA LEU A 147 -30.30 -15.04 27.08
C LEU A 147 -29.85 -13.61 26.83
N GLY A 148 -29.71 -13.25 25.55
CA GLY A 148 -29.09 -12.00 25.17
C GLY A 148 -30.11 -10.92 24.85
N VAL A 149 -29.83 -9.71 25.34
CA VAL A 149 -30.66 -8.54 25.09
C VAL A 149 -29.83 -7.55 24.29
N ARG A 150 -30.52 -6.67 23.58
CA ARG A 150 -29.85 -5.64 22.80
C ARG A 150 -30.68 -4.38 22.81
N TYR A 151 -30.03 -3.24 22.62
CA TYR A 151 -30.78 -1.99 22.45
C TYR A 151 -30.11 -1.10 21.42
N THR A 152 -29.48 -1.69 20.40
CA THR A 152 -28.74 -0.89 19.41
C THR A 152 -29.67 0.10 18.72
N LYS A 153 -29.28 1.36 18.72
CA LYS A 153 -30.08 2.40 18.09
C LYS A 153 -29.20 3.58 17.71
N GLN A 154 -29.37 4.07 16.49
CA GLN A 154 -28.73 5.31 16.08
C GLN A 154 -29.64 6.48 16.48
N ASP A 155 -29.31 7.67 15.99
CA ASP A 155 -30.16 8.84 16.20
C ASP A 155 -30.28 9.67 14.92
N ASN A 156 -30.13 9.05 13.78
CA ASN A 156 -30.35 9.85 12.59
C ASN A 156 -31.86 10.04 12.36
N PRO A 157 -32.31 11.26 12.07
CA PRO A 157 -33.72 11.47 11.78
C PRO A 157 -34.17 10.84 10.47
N ALA A 158 -33.27 10.28 9.67
CA ALA A 158 -33.69 9.62 8.44
C ALA A 158 -34.45 8.33 8.73
N PHE A 159 -34.18 7.67 9.86
CA PHE A 159 -34.93 6.49 10.22
C PHE A 159 -36.38 6.86 10.55
N SER A 160 -37.28 5.94 10.25
CA SER A 160 -38.68 6.08 10.63
C SER A 160 -38.82 5.84 12.12
N PRO A 161 -40.02 6.03 12.66
CA PRO A 161 -40.21 5.79 14.09
C PRO A 161 -40.29 4.32 14.46
N ARG A 162 -40.11 3.43 13.49
CA ARG A 162 -40.11 1.99 13.74
C ARG A 162 -38.73 1.36 13.80
N ASN A 163 -37.74 1.94 13.13
CA ASN A 163 -36.38 1.43 13.17
C ASN A 163 -35.62 1.86 14.41
N ARG A 164 -36.29 2.54 15.34
CA ARG A 164 -35.64 3.00 16.56
C ARG A 164 -35.53 1.87 17.56
N SER A 165 -34.35 1.73 18.15
CA SER A 165 -34.12 0.83 19.28
C SER A 165 -34.41 -0.63 18.90
N SER A 166 -33.63 -1.12 17.95
CA SER A 166 -33.66 -2.54 17.64
C SER A 166 -33.33 -3.34 18.88
N LEU A 167 -34.30 -4.11 19.37
CA LEU A 167 -34.19 -4.72 20.70
C LEU A 167 -34.23 -6.23 20.56
N THR A 168 -33.45 -6.76 19.62
CA THR A 168 -33.40 -8.20 19.39
C THR A 168 -32.94 -8.94 20.63
N PHE A 169 -33.18 -10.25 20.63
CA PHE A 169 -32.74 -11.16 21.68
C PHE A 169 -31.83 -12.21 21.08
N ASP A 170 -31.41 -13.16 21.92
CA ASP A 170 -30.69 -14.33 21.43
C ASP A 170 -30.48 -15.29 22.60
N PHE A 171 -30.37 -16.57 22.27
CA PHE A 171 -30.38 -17.67 23.24
C PHE A 171 -29.27 -18.67 22.91
N ASP A 172 -28.03 -18.17 22.79
CA ASP A 172 -26.91 -19.00 22.34
C ASP A 172 -26.73 -20.25 23.20
N GLN A 173 -26.72 -21.41 22.53
CA GLN A 173 -26.43 -22.68 23.19
C GLN A 173 -24.93 -22.83 23.39
N ARG A 174 -24.56 -23.58 24.41
CA ARG A 174 -23.16 -23.70 24.79
C ARG A 174 -22.84 -25.14 25.19
N ILE A 175 -23.29 -26.10 24.39
CA ILE A 175 -23.05 -27.51 24.72
C ILE A 175 -21.55 -27.78 24.71
N SER A 176 -21.08 -28.46 25.75
CA SER A 176 -19.67 -28.83 25.85
C SER A 176 -19.61 -30.15 26.61
N MET A 177 -19.58 -31.25 25.86
CA MET A 177 -19.58 -32.58 26.45
C MET A 177 -18.25 -33.26 26.15
N SER A 178 -17.93 -34.28 26.95
CA SER A 178 -16.71 -35.04 26.77
C SER A 178 -16.76 -36.25 27.66
N LEU A 179 -16.10 -37.33 27.22
CA LEU A 179 -15.96 -38.50 28.05
C LEU A 179 -14.64 -39.18 27.70
N MET A 180 -14.16 -39.99 28.63
CA MET A 180 -12.84 -40.60 28.50
C MET A 180 -12.87 -41.97 29.13
N GLY A 181 -11.85 -42.76 28.81
CA GLY A 181 -11.69 -44.04 29.48
C GLY A 181 -11.85 -45.25 28.58
N LYS A 182 -11.32 -46.38 29.03
CA LYS A 182 -11.35 -47.62 28.29
C LYS A 182 -12.38 -48.57 28.87
N ILE A 183 -12.78 -49.54 28.06
CA ILE A 183 -13.79 -50.52 28.46
C ILE A 183 -13.32 -51.89 28.01
N GLY A 184 -13.40 -52.88 28.89
CA GLY A 184 -13.00 -54.22 28.55
C GLY A 184 -11.51 -54.43 28.39
N THR A 185 -10.69 -53.41 28.65
CA THR A 185 -9.24 -53.44 28.67
C THR A 185 -8.64 -53.48 27.26
N ARG A 186 -9.44 -53.66 26.21
CA ARG A 186 -8.88 -53.62 24.86
C ARG A 186 -8.99 -52.23 24.26
N LEU A 187 -10.19 -51.71 24.10
CA LEU A 187 -10.40 -50.43 23.45
C LEU A 187 -10.47 -49.31 24.47
N GLU A 188 -10.18 -48.09 24.01
CA GLU A 188 -10.27 -46.90 24.83
C GLU A 188 -11.16 -45.91 24.12
N VAL A 189 -12.37 -45.72 24.65
CA VAL A 189 -13.27 -44.70 24.12
C VAL A 189 -12.64 -43.34 24.37
N ASN A 190 -12.90 -42.41 23.45
CA ASN A 190 -12.38 -41.06 23.58
C ASN A 190 -13.25 -40.13 22.77
N ALA A 191 -13.87 -39.17 23.44
CA ALA A 191 -14.76 -38.24 22.78
C ALA A 191 -14.63 -36.88 23.43
N ASN A 192 -14.71 -35.83 22.61
CA ASN A 192 -14.54 -34.48 23.13
C ASN A 192 -15.16 -33.52 22.12
N TYR A 193 -16.27 -32.88 22.51
CA TYR A 193 -16.93 -31.89 21.67
C TYR A 193 -17.21 -30.65 22.48
N ASP A 194 -16.88 -29.49 21.92
CA ASP A 194 -17.04 -28.21 22.58
C ASP A 194 -17.56 -27.22 21.56
N THR A 195 -18.64 -26.52 21.91
CA THR A 195 -19.38 -25.76 20.90
C THR A 195 -18.55 -24.63 20.32
N GLN A 196 -17.60 -24.08 21.07
CA GLN A 196 -16.59 -23.21 20.49
C GLN A 196 -15.27 -23.50 21.20
N SER A 197 -14.33 -24.09 20.48
CA SER A 197 -13.03 -24.44 21.02
C SER A 197 -12.00 -23.44 20.53
N THR A 198 -10.92 -23.30 21.31
CA THR A 198 -9.82 -22.43 20.89
C THR A 198 -9.26 -22.90 19.56
N PHE A 199 -9.00 -24.19 19.45
CA PHE A 199 -8.45 -24.78 18.24
C PHE A 199 -9.41 -25.83 17.70
N ALA A 200 -9.43 -25.97 16.38
CA ALA A 200 -10.41 -26.85 15.75
C ALA A 200 -10.13 -28.31 16.05
N PHE A 201 -8.87 -28.70 16.21
CA PHE A 201 -8.51 -30.10 16.30
C PHE A 201 -8.86 -30.73 17.63
N GLN A 202 -9.59 -30.04 18.51
CA GLN A 202 -10.00 -30.66 19.76
C GLN A 202 -11.28 -31.45 19.61
N ASN A 203 -12.19 -31.03 18.74
CA ASN A 203 -13.40 -31.79 18.49
C ASN A 203 -12.98 -33.10 17.82
N LEU A 204 -13.01 -34.19 18.58
CA LEU A 204 -12.59 -35.47 18.07
C LEU A 204 -13.40 -36.56 18.73
N PHE A 205 -13.55 -37.68 18.01
CA PHE A 205 -14.18 -38.88 18.55
C PHE A 205 -13.23 -40.03 18.25
N LYS A 206 -12.28 -40.26 19.15
CA LYS A 206 -11.33 -41.34 18.98
C LYS A 206 -11.91 -42.63 19.53
N LEU A 207 -11.67 -43.72 18.83
CA LEU A 207 -12.16 -45.03 19.26
C LEU A 207 -11.23 -46.07 18.67
N ALA A 208 -10.42 -46.70 19.51
CA ALA A 208 -9.40 -47.61 19.04
C ALA A 208 -9.53 -48.93 19.78
N TYR A 209 -9.63 -50.02 19.03
CA TYR A 209 -9.55 -51.36 19.58
C TYR A 209 -8.11 -51.84 19.53
N THR A 210 -7.68 -52.51 20.60
CA THR A 210 -6.31 -53.02 20.71
C THR A 210 -6.36 -54.52 20.96
N PRO A 211 -6.34 -55.33 19.91
CA PRO A 211 -6.33 -56.78 20.09
C PRO A 211 -4.99 -57.21 20.62
N SER A 212 -4.86 -57.18 21.95
CA SER A 212 -3.64 -56.98 22.74
C SER A 212 -2.44 -57.66 22.09
N GLU A 213 -2.48 -58.96 21.80
CA GLU A 213 -1.32 -59.62 21.20
C GLU A 213 -1.70 -60.62 20.13
N ASP A 214 -2.97 -60.70 19.75
CA ASP A 214 -3.33 -61.52 18.59
C ASP A 214 -2.83 -60.84 17.33
N ASP A 215 -1.68 -61.31 16.85
CA ASP A 215 -0.94 -60.61 15.80
C ASP A 215 -1.54 -60.86 14.42
N ILE A 216 -2.83 -60.56 14.26
CA ILE A 216 -3.43 -60.50 12.94
C ILE A 216 -4.15 -59.16 12.81
N ILE A 217 -4.50 -58.56 13.93
CA ILE A 217 -4.99 -57.19 13.96
C ILE A 217 -4.10 -56.40 14.89
N GLN A 218 -3.70 -55.21 14.45
CA GLN A 218 -3.00 -54.28 15.32
C GLN A 218 -3.95 -53.37 16.07
N LYS A 219 -4.73 -52.57 15.36
CA LYS A 219 -5.68 -51.65 15.97
C LYS A 219 -6.81 -51.39 14.99
N VAL A 220 -7.88 -50.76 15.47
CA VAL A 220 -8.97 -50.31 14.62
C VAL A 220 -9.48 -49.01 15.21
N GLU A 221 -9.30 -47.92 14.48
CA GLU A 221 -9.60 -46.59 14.99
C GLU A 221 -10.77 -45.99 14.23
N VAL A 222 -11.28 -44.88 14.75
CA VAL A 222 -12.17 -43.98 14.06
C VAL A 222 -11.82 -42.57 14.48
N GLY A 223 -12.48 -41.59 13.89
CA GLY A 223 -12.21 -40.21 14.27
C GLY A 223 -11.17 -39.50 13.46
N ASN A 224 -9.98 -40.09 13.34
CA ASN A 224 -8.94 -39.57 12.46
C ASN A 224 -8.17 -40.73 11.89
N VAL A 225 -8.06 -40.77 10.57
CA VAL A 225 -7.53 -41.96 9.91
C VAL A 225 -6.05 -41.79 9.64
N SER A 226 -5.69 -40.82 8.81
CA SER A 226 -4.29 -40.51 8.52
C SER A 226 -3.55 -41.74 7.98
N MET A 227 -3.95 -42.15 6.77
CA MET A 227 -3.31 -43.23 6.03
C MET A 227 -1.80 -43.07 6.05
N PRO A 228 -1.02 -44.17 6.09
CA PRO A 228 0.44 -44.06 6.21
C PRO A 228 1.09 -43.22 5.13
N LEU A 229 1.92 -42.26 5.56
CA LEU A 229 2.57 -41.32 4.66
C LEU A 229 4.02 -41.77 4.44
N ASN A 230 4.18 -42.72 3.53
CA ASN A 230 5.49 -43.23 3.17
C ASN A 230 5.58 -43.41 1.66
N SER A 231 5.06 -42.44 0.91
CA SER A 231 4.99 -42.55 -0.54
C SER A 231 5.85 -41.51 -1.24
N THR A 232 5.64 -40.22 -0.98
CA THR A 232 6.17 -39.08 -1.73
C THR A 232 5.38 -38.88 -3.01
N LEU A 233 4.44 -39.77 -3.34
CA LEU A 233 3.62 -39.66 -4.53
C LEU A 233 2.16 -40.01 -4.29
N ILE A 234 1.84 -40.65 -3.18
CA ILE A 234 0.53 -41.28 -3.02
C ILE A 234 -0.10 -40.73 -1.74
N ARG A 235 0.32 -39.54 -1.34
CA ARG A 235 -0.25 -38.91 -0.16
C ARG A 235 -1.66 -38.46 -0.46
N GLY A 236 -2.65 -39.14 0.12
CA GLY A 236 -4.03 -38.77 -0.11
C GLY A 236 -4.73 -38.31 1.15
N ALA A 237 -5.62 -39.16 1.67
CA ALA A 237 -6.29 -38.86 2.92
C ALA A 237 -5.27 -38.94 4.05
N GLN A 238 -4.85 -37.78 4.55
CA GLN A 238 -3.81 -37.74 5.57
C GLN A 238 -4.30 -37.33 6.94
N SER A 239 -5.42 -36.61 7.03
CA SER A 239 -6.00 -36.29 8.33
C SER A 239 -7.47 -35.97 8.14
N LEU A 240 -8.34 -36.88 8.56
CA LEU A 240 -9.77 -36.69 8.37
C LEU A 240 -10.50 -37.85 9.02
N PHE A 241 -11.81 -37.67 9.17
CA PHE A 241 -12.63 -38.62 9.92
C PHE A 241 -12.86 -39.88 9.10
N GLY A 242 -12.81 -41.03 9.77
CA GLY A 242 -13.05 -42.29 9.09
C GLY A 242 -12.65 -43.48 9.94
N VAL A 243 -12.23 -44.54 9.27
CA VAL A 243 -11.82 -45.78 9.91
C VAL A 243 -10.48 -46.21 9.36
N LYS A 244 -9.60 -46.67 10.24
CA LYS A 244 -8.29 -47.17 9.83
C LYS A 244 -7.98 -48.44 10.61
N THR A 245 -7.53 -49.46 9.91
CA THR A 245 -7.23 -50.75 10.50
C THR A 245 -5.86 -51.21 10.04
N GLN A 246 -5.16 -51.92 10.92
CA GLN A 246 -3.85 -52.43 10.59
C GLN A 246 -3.77 -53.90 10.94
N LEU A 247 -3.35 -54.71 9.98
CA LEU A 247 -3.28 -56.16 10.13
C LEU A 247 -1.85 -56.58 9.86
N GLN A 248 -1.28 -57.37 10.76
CA GLN A 248 0.13 -57.73 10.67
C GLN A 248 0.27 -59.24 10.54
N PHE A 249 0.41 -59.69 9.29
CA PHE A 249 0.81 -61.06 9.00
C PHE A 249 2.33 -61.11 9.15
N GLY A 250 2.99 -62.13 8.65
CA GLY A 250 4.42 -62.29 8.82
C GLY A 250 5.21 -61.27 8.02
N ARG A 251 5.22 -60.02 8.50
CA ARG A 251 5.91 -58.91 7.85
C ARG A 251 5.17 -58.42 6.60
N THR A 252 3.84 -58.34 6.68
CA THR A 252 3.02 -57.83 5.58
C THR A 252 1.91 -56.92 6.10
N THR A 253 2.25 -55.91 6.89
CA THR A 253 1.23 -55.03 7.47
C THR A 253 0.37 -54.36 6.39
N ILE A 254 -0.94 -54.34 6.63
CA ILE A 254 -1.94 -54.02 5.61
C ILE A 254 -2.85 -52.86 6.03
N THR A 255 -2.27 -51.83 6.65
CA THR A 255 -3.05 -50.67 7.10
C THR A 255 -4.00 -50.16 6.02
N GLY A 256 -5.30 -50.21 6.33
CA GLY A 256 -6.33 -49.73 5.44
C GLY A 256 -6.90 -48.40 5.91
N VAL A 257 -7.78 -47.83 5.09
CA VAL A 257 -8.32 -46.51 5.34
C VAL A 257 -9.70 -46.39 4.72
N PHE A 258 -10.64 -45.87 5.49
CA PHE A 258 -11.94 -45.46 4.96
C PHE A 258 -12.35 -44.21 5.71
N SER A 259 -12.66 -43.15 4.98
CA SER A 259 -12.82 -41.85 5.61
C SER A 259 -13.69 -40.96 4.73
N GLU A 260 -13.69 -39.66 5.01
CA GLU A 260 -14.40 -38.69 4.18
C GLU A 260 -13.91 -38.76 2.75
N VAL A 276 9.05 -17.44 -7.28
CA VAL A 276 9.15 -16.71 -8.55
C VAL A 276 7.95 -17.00 -9.44
N GLN A 277 7.36 -15.95 -9.99
CA GLN A 277 6.27 -16.05 -10.94
C GLN A 277 6.50 -15.10 -12.10
N ASN A 278 5.63 -15.19 -13.11
CA ASN A 278 5.82 -14.40 -14.31
C ASN A 278 4.68 -13.42 -14.53
N PHE A 279 4.68 -12.73 -15.67
CA PHE A 279 3.67 -11.74 -15.97
C PHE A 279 3.61 -11.46 -17.46
N ASP A 280 2.46 -11.03 -17.96
CA ASP A 280 2.25 -10.80 -19.39
C ASP A 280 1.45 -9.52 -19.56
N LEU A 281 2.14 -8.38 -19.67
CA LEU A 281 1.46 -7.11 -19.89
C LEU A 281 1.25 -6.90 -21.37
N TYR A 282 0.77 -5.72 -21.75
CA TYR A 282 0.51 -5.39 -23.14
C TYR A 282 0.75 -3.90 -23.35
N ALA A 283 0.65 -3.47 -24.61
CA ALA A 283 0.85 -2.07 -24.92
C ALA A 283 -0.32 -1.19 -24.51
N LEU A 284 -1.38 -1.76 -23.98
CA LEU A 284 -2.62 -1.04 -23.74
C LEU A 284 -3.01 -0.97 -22.28
N ASP A 285 -2.65 -1.95 -21.47
CA ASP A 285 -2.90 -1.93 -20.03
C ASP A 285 -1.58 -1.58 -19.36
N TYR A 286 -1.30 -0.28 -19.25
CA TYR A 286 0.03 0.17 -18.89
C TYR A 286 0.09 0.75 -17.48
N ASP A 287 -0.56 1.87 -17.23
CA ASP A 287 -0.81 2.33 -15.88
C ASP A 287 -1.70 3.56 -15.99
N ASN A 288 -2.81 3.59 -15.30
CA ASN A 288 -3.74 4.69 -15.46
C ASN A 288 -3.14 5.94 -14.82
N ASP A 289 -3.92 7.01 -14.77
CA ASP A 289 -3.38 8.34 -14.57
C ASP A 289 -2.87 8.50 -13.15
N ARG A 290 -1.66 7.97 -12.93
CA ARG A 290 -0.89 8.28 -11.72
C ARG A 290 0.58 8.46 -12.04
N HIS A 291 0.91 8.88 -13.25
CA HIS A 291 2.29 9.16 -13.62
C HIS A 291 2.25 10.36 -14.57
N PHE A 292 2.63 11.52 -14.07
CA PHE A 292 2.48 12.77 -14.81
C PHE A 292 3.83 13.44 -14.97
N PHE A 293 4.10 13.92 -16.18
CA PHE A 293 5.21 14.84 -16.35
C PHE A 293 4.87 16.17 -15.71
N LEU A 294 5.86 16.75 -15.04
CA LEU A 294 5.59 17.97 -14.30
C LEU A 294 5.26 19.15 -15.18
N SER A 295 5.69 19.15 -16.44
CA SER A 295 5.34 20.27 -17.29
C SER A 295 5.54 19.86 -18.75
N GLN A 296 5.05 20.71 -19.64
CA GLN A 296 5.11 20.45 -21.07
C GLN A 296 6.50 20.64 -21.64
N TYR A 297 7.47 20.99 -20.81
CA TYR A 297 8.88 21.02 -21.15
C TYR A 297 9.56 19.70 -20.82
N PHE A 298 9.37 19.22 -19.58
CA PHE A 298 9.90 17.92 -19.20
C PHE A 298 9.28 16.79 -20.00
N ARG A 299 8.14 17.02 -20.65
CA ARG A 299 7.52 16.02 -21.48
C ARG A 299 8.08 16.02 -22.90
N ASN A 300 8.41 17.19 -23.43
CA ASN A 300 9.11 17.28 -24.70
C ASN A 300 10.58 16.96 -24.57
N LYS A 301 11.10 16.90 -23.35
CA LYS A 301 12.51 16.66 -23.13
C LYS A 301 12.80 15.28 -22.55
N TYR A 302 11.81 14.41 -22.46
CA TYR A 302 12.02 13.12 -21.83
C TYR A 302 12.72 12.12 -22.74
N ASP A 303 12.56 12.25 -24.05
CA ASP A 303 13.20 11.31 -24.97
C ASP A 303 14.50 11.83 -25.55
N VAL A 304 14.62 13.15 -25.74
CA VAL A 304 15.88 13.71 -26.21
C VAL A 304 16.97 13.50 -25.19
N SER A 305 16.63 13.44 -23.91
CA SER A 305 17.64 13.41 -22.86
C SER A 305 18.13 12.01 -22.53
N LEU A 306 17.31 10.98 -22.74
CA LEU A 306 17.68 9.62 -22.38
C LEU A 306 18.32 8.85 -23.53
N LYS A 307 18.99 9.55 -24.45
CA LYS A 307 19.68 8.85 -25.53
C LYS A 307 20.85 8.02 -25.04
N ASN A 308 21.32 8.27 -23.82
CA ASN A 308 22.43 7.52 -23.24
C ASN A 308 22.12 7.36 -21.75
N TYR A 309 21.57 6.21 -21.37
CA TYR A 309 20.80 6.03 -20.14
C TYR A 309 21.43 6.64 -18.90
N PRO A 310 22.59 6.15 -18.45
CA PRO A 310 23.08 6.62 -17.16
C PRO A 310 23.40 8.09 -17.15
N PHE A 311 23.82 8.64 -18.29
CA PHE A 311 24.12 10.06 -18.41
C PHE A 311 22.91 10.76 -19.01
N ILE A 312 22.12 11.39 -18.15
CA ILE A 312 20.91 12.07 -18.56
C ILE A 312 21.27 13.46 -19.08
N ASP A 313 21.02 13.70 -20.36
CA ASP A 313 21.47 14.91 -21.04
C ASP A 313 20.63 16.13 -20.65
N SER A 314 20.67 16.44 -19.36
CA SER A 314 19.92 17.57 -18.81
C SER A 314 20.79 18.27 -17.79
N ARG A 315 20.18 19.12 -16.98
CA ARG A 315 20.87 19.75 -15.87
C ARG A 315 19.95 19.90 -14.67
N VAL A 316 18.72 19.42 -14.75
CA VAL A 316 17.63 19.84 -13.88
C VAL A 316 17.73 19.14 -12.53
N GLN A 317 17.17 19.78 -11.51
CA GLN A 317 17.00 19.17 -10.20
C GLN A 317 15.71 19.71 -9.59
N ILE A 318 14.70 18.86 -9.48
CA ILE A 318 13.46 19.27 -8.84
C ILE A 318 13.69 19.30 -7.35
N THR A 319 14.01 20.48 -6.82
CA THR A 319 14.38 20.57 -5.40
C THR A 319 13.15 20.46 -4.51
N ARG A 320 12.14 21.27 -4.78
CA ARG A 320 10.93 21.31 -3.99
C ARG A 320 9.74 21.03 -4.88
N LEU A 321 8.81 20.22 -4.40
CA LEU A 321 7.67 19.82 -5.22
C LEU A 321 6.48 19.63 -4.29
N GLU A 322 5.45 20.45 -4.51
CA GLU A 322 4.22 20.39 -3.72
C GLU A 322 3.09 19.96 -4.64
N VAL A 323 2.37 18.91 -4.25
CA VAL A 323 1.27 18.38 -5.04
C VAL A 323 -0.04 18.57 -4.29
N TRP A 324 -1.06 19.04 -4.99
CA TRP A 324 -2.33 19.41 -4.43
C TRP A 324 -3.43 18.64 -5.14
N VAL A 325 -4.33 18.03 -4.38
CA VAL A 325 -5.39 17.21 -4.95
C VAL A 325 -6.71 17.63 -4.32
N THR A 326 -7.80 17.38 -5.03
CA THR A 326 -9.13 17.71 -4.53
C THR A 326 -9.39 17.01 -3.21
N ASN A 327 -9.75 17.78 -2.19
CA ASN A 327 -9.97 17.22 -0.87
C ASN A 327 -11.30 16.50 -0.83
N LYS A 328 -11.32 15.24 -1.24
CA LYS A 328 -12.56 14.49 -1.20
C LYS A 328 -12.85 14.00 0.20
N GLN A 329 -11.87 13.38 0.84
CA GLN A 329 -11.96 12.98 2.25
C GLN A 329 -11.78 14.21 3.11
N ASN A 330 -12.88 14.84 3.51
CA ASN A 330 -12.80 15.95 4.46
C ASN A 330 -12.40 15.37 5.81
N ARG A 331 -11.13 15.51 6.16
CA ARG A 331 -10.61 14.96 7.41
C ARG A 331 -9.53 15.87 7.94
N VAL A 332 -9.70 16.31 9.19
CA VAL A 332 -8.70 17.12 9.86
C VAL A 332 -7.84 16.16 10.67
N THR A 333 -6.81 15.61 10.03
CA THR A 333 -5.83 14.76 10.69
C THR A 333 -4.52 15.53 10.72
N THR A 334 -4.20 16.07 11.89
CA THR A 334 -2.97 16.85 12.05
C THR A 334 -1.83 15.98 12.56
N THR A 335 -1.63 14.84 11.90
CA THR A 335 -0.60 13.89 12.30
C THR A 335 0.41 13.62 11.19
N GLY A 336 -0.07 13.34 9.97
CA GLY A 336 0.82 13.06 8.87
C GLY A 336 1.63 14.26 8.44
N GLY A 337 0.94 15.26 7.89
CA GLY A 337 1.59 16.49 7.49
C GLY A 337 0.83 17.70 7.99
N GLY A 338 0.28 17.60 9.20
CA GLY A 338 -0.51 18.69 9.72
C GLY A 338 -1.78 18.88 8.90
N ASN A 339 -2.39 20.05 9.08
CA ASN A 339 -3.62 20.40 8.38
C ASN A 339 -3.33 21.66 7.56
N ASN A 340 -2.79 21.46 6.37
CA ASN A 340 -2.43 22.57 5.48
C ASN A 340 -3.16 22.39 4.17
N LEU A 341 -4.40 22.85 4.13
CA LEU A 341 -5.22 22.80 2.93
C LEU A 341 -5.69 24.19 2.59
N ARG A 342 -5.56 24.57 1.32
CA ARG A 342 -5.89 25.92 0.92
C ARG A 342 -6.68 25.92 -0.38
N ASN A 343 -6.85 27.09 -0.98
CA ASN A 343 -7.51 27.17 -2.27
C ASN A 343 -6.50 26.96 -3.37
N ILE A 344 -7.00 26.88 -4.61
CA ILE A 344 -6.17 26.68 -5.80
C ILE A 344 -6.90 27.25 -6.99
N ILE A 345 -6.16 27.93 -7.85
CA ILE A 345 -6.67 28.39 -9.13
C ILE A 345 -5.78 27.81 -10.22
N ALA A 346 -5.39 26.55 -10.02
CA ALA A 346 -4.43 25.85 -10.85
C ALA A 346 -4.67 26.03 -12.33
N LEU A 347 -3.72 26.67 -13.00
CA LEU A 347 -3.84 27.00 -14.40
C LEU A 347 -3.29 25.87 -15.26
N GLN A 348 -3.48 26.01 -16.56
CA GLN A 348 -3.01 25.01 -17.51
C GLN A 348 -1.83 25.49 -18.33
N ASP A 349 -1.50 26.78 -18.25
CA ASP A 349 -0.38 27.37 -18.97
C ASP A 349 0.59 28.07 -18.04
N LEU A 350 0.56 27.74 -16.75
CA LEU A 350 1.35 28.47 -15.79
C LEU A 350 2.81 28.11 -16.00
N GLY A 351 3.47 28.83 -16.89
CA GLY A 351 4.78 28.45 -17.36
C GLY A 351 4.68 28.03 -18.80
N GLU A 352 5.50 27.07 -19.22
CA GLU A 352 5.42 26.47 -20.55
C GLU A 352 5.60 27.52 -21.64
N ALA A 353 6.80 28.09 -21.69
CA ALA A 353 7.19 28.85 -22.86
C ALA A 353 7.18 27.94 -24.08
N GLN A 354 7.00 28.53 -25.26
CA GLN A 354 6.84 27.73 -26.46
C GLN A 354 8.10 26.95 -26.78
N VAL A 355 7.93 25.69 -27.15
CA VAL A 355 9.04 24.79 -27.36
C VAL A 355 9.40 24.76 -28.83
N SER A 356 10.62 24.30 -29.12
CA SER A 356 11.15 24.29 -30.47
C SER A 356 10.58 23.17 -31.32
N GLY A 357 9.84 22.26 -30.73
CA GLY A 357 9.32 21.11 -31.45
C GLY A 357 7.86 21.23 -31.81
N VAL A 358 7.01 20.61 -31.01
CA VAL A 358 5.56 20.57 -31.19
C VAL A 358 5.01 21.98 -31.40
N PRO A 359 3.93 22.13 -32.18
CA PRO A 359 3.35 23.46 -32.39
C PRO A 359 2.73 23.98 -31.10
N ASP A 360 2.29 25.24 -31.15
CA ASP A 360 1.79 25.89 -29.95
C ASP A 360 0.51 25.24 -29.43
N ASN A 361 -0.23 24.56 -30.30
CA ASN A 361 -1.48 23.94 -29.87
C ASN A 361 -1.24 22.75 -28.97
N GLU A 362 -0.05 22.16 -28.98
CA GLU A 362 0.28 21.04 -28.12
C GLU A 362 1.05 21.48 -26.89
N VAL A 363 1.23 22.79 -26.69
CA VAL A 363 1.92 23.33 -25.54
C VAL A 363 1.04 24.26 -24.73
N VAL A 364 0.29 25.13 -25.40
CA VAL A 364 -0.51 26.14 -24.76
C VAL A 364 -1.97 25.92 -25.12
N VAL A 365 -2.87 26.22 -24.19
CA VAL A 365 -4.30 26.07 -24.42
C VAL A 365 -4.96 27.40 -24.73
N ILE A 366 -4.22 28.51 -24.63
CA ILE A 366 -4.81 29.81 -24.89
C ILE A 366 -5.30 29.86 -26.33
N SER A 367 -6.44 30.52 -26.53
CA SER A 367 -7.02 30.57 -27.87
C SER A 367 -6.10 31.30 -28.84
N SER A 368 -5.52 32.41 -28.41
CA SER A 368 -4.58 33.18 -29.21
C SER A 368 -3.29 33.33 -28.41
N THR A 369 -2.25 32.61 -28.83
CA THR A 369 -0.95 32.67 -28.17
C THR A 369 -0.20 33.96 -28.47
N ALA A 370 -0.75 34.81 -29.33
CA ALA A 370 -0.04 35.98 -29.80
C ALA A 370 0.06 37.01 -28.68
N GLY A 371 1.22 37.06 -28.04
CA GLY A 371 1.50 38.20 -27.18
C GLY A 371 1.85 37.94 -25.74
N PHE A 372 2.04 36.68 -25.32
CA PHE A 372 2.25 36.42 -23.90
C PHE A 372 3.38 35.42 -23.64
N PHE A 373 4.35 35.29 -24.55
CA PHE A 373 5.41 34.33 -24.35
C PHE A 373 6.72 34.92 -23.82
N ASN A 374 6.97 36.21 -24.02
CA ASN A 374 8.02 37.01 -23.40
C ASN A 374 9.34 36.29 -23.12
N ASN A 375 9.77 35.42 -24.04
CA ASN A 375 11.01 34.66 -23.92
C ASN A 375 11.45 34.10 -25.27
N PRO A 376 12.63 33.48 -25.35
CA PRO A 376 12.99 32.77 -26.58
C PRO A 376 12.16 31.51 -26.77
N ILE A 377 12.48 30.74 -27.81
CA ILE A 377 11.58 29.68 -28.26
C ILE A 377 11.97 28.36 -27.60
N ASP A 378 12.82 28.42 -26.58
CA ASP A 378 13.18 27.20 -25.88
C ASP A 378 13.28 27.34 -24.37
N SER A 379 13.06 28.52 -23.81
CA SER A 379 13.35 28.77 -22.41
C SER A 379 12.56 27.83 -21.51
N PRO A 380 13.19 27.27 -20.47
CA PRO A 380 12.54 26.19 -19.71
C PRO A 380 11.40 26.69 -18.85
N THR A 381 10.71 25.78 -18.18
CA THR A 381 9.50 26.15 -17.45
C THR A 381 9.82 27.06 -16.27
N SER A 382 8.99 28.08 -16.10
CA SER A 382 9.12 29.03 -15.02
C SER A 382 7.86 29.88 -15.01
N ASN A 383 7.60 30.53 -13.88
CA ASN A 383 6.45 31.40 -13.80
C ASN A 383 6.50 32.49 -14.85
N THR A 384 7.70 32.97 -15.17
CA THR A 384 7.88 34.14 -16.02
C THR A 384 7.92 33.80 -17.51
N ASN A 385 7.71 32.54 -17.88
CA ASN A 385 7.78 32.19 -19.29
C ASN A 385 6.59 32.68 -20.09
N ASN A 386 5.49 33.03 -19.44
CA ASN A 386 4.34 33.53 -20.17
C ASN A 386 3.55 34.45 -19.26
N LYS A 387 2.66 35.23 -19.85
CA LYS A 387 2.01 36.27 -19.09
C LYS A 387 0.82 35.73 -18.30
N TYR A 388 1.04 34.62 -17.61
CA TYR A 388 0.26 34.20 -16.45
C TYR A 388 1.13 34.23 -15.20
N ASP A 389 2.15 35.05 -15.24
CA ASP A 389 3.19 35.05 -14.22
C ASP A 389 2.60 35.49 -12.89
N PRO A 390 2.42 34.59 -11.92
CA PRO A 390 1.89 35.02 -10.62
C PRO A 390 2.82 35.97 -9.88
N ALA A 391 4.08 36.10 -10.30
CA ALA A 391 4.93 37.15 -9.75
C ALA A 391 4.37 38.51 -10.05
N THR A 392 3.74 38.67 -11.21
CA THR A 392 3.12 39.94 -11.60
C THR A 392 1.64 39.69 -11.89
N ILE A 393 0.85 39.70 -10.82
CA ILE A 393 -0.60 39.67 -10.94
C ILE A 393 -1.07 41.09 -11.10
N GLY A 394 -1.59 41.45 -12.27
CA GLY A 394 -1.89 42.85 -12.44
C GLY A 394 -0.86 43.63 -13.24
N GLN A 395 0.14 44.15 -12.53
CA GLN A 395 0.80 45.43 -12.74
C GLN A 395 1.01 45.73 -14.24
N ALA A 396 1.85 44.99 -14.95
CA ALA A 396 2.29 45.52 -16.23
C ALA A 396 1.35 45.19 -17.38
N GLY A 397 1.31 43.93 -17.78
CA GLY A 397 0.51 43.50 -18.90
C GLY A 397 -0.02 42.10 -18.70
N SER A 398 0.27 41.52 -17.55
CA SER A 398 -0.06 40.13 -17.26
C SER A 398 -1.55 39.90 -17.44
N PHE A 399 -1.90 38.72 -17.95
CA PHE A 399 -3.31 38.46 -18.24
C PHE A 399 -4.13 38.36 -16.97
N LEU A 400 -3.52 37.99 -15.85
CA LEU A 400 -4.27 37.90 -14.62
C LEU A 400 -4.69 39.29 -14.16
N ASN A 401 -5.55 39.34 -13.14
CA ASN A 401 -6.29 40.56 -12.85
C ASN A 401 -6.28 40.98 -11.39
N SER A 402 -5.85 40.12 -10.47
CA SER A 402 -5.92 40.25 -9.02
C SER A 402 -7.32 39.96 -8.48
N ASN A 403 -8.32 39.78 -9.34
CA ASN A 403 -9.50 39.03 -8.95
C ASN A 403 -9.29 37.54 -9.11
N ILE A 404 -8.14 37.15 -9.66
CA ILE A 404 -7.81 35.76 -9.84
C ILE A 404 -7.01 35.23 -8.66
N ARG A 405 -7.07 35.93 -7.53
CA ARG A 405 -6.60 35.38 -6.28
C ARG A 405 -7.75 34.83 -5.45
N GLU A 406 -8.98 35.19 -5.81
CA GLU A 406 -10.16 34.87 -5.02
C GLU A 406 -10.97 33.81 -5.73
N ILE A 407 -11.32 32.75 -5.00
CA ILE A 407 -12.06 31.64 -5.59
C ILE A 407 -13.45 32.09 -6.02
N VAL A 408 -14.00 33.10 -5.36
CA VAL A 408 -15.38 33.50 -5.65
C VAL A 408 -15.52 34.09 -7.05
N THR A 409 -14.48 34.75 -7.56
CA THR A 409 -14.56 35.47 -8.81
C THR A 409 -13.34 35.18 -9.68
N ALA A 410 -12.92 33.92 -9.72
CA ALA A 410 -11.75 33.57 -10.52
C ALA A 410 -12.00 33.79 -12.01
N LYS A 411 -13.26 33.66 -12.45
CA LYS A 411 -13.54 33.81 -13.87
C LYS A 411 -13.27 35.21 -14.37
N SER A 412 -13.62 36.22 -13.59
CA SER A 412 -13.44 37.61 -14.02
C SER A 412 -12.08 38.15 -13.62
N GLY A 413 -11.05 37.40 -13.95
CA GLY A 413 -9.70 37.79 -13.59
C GLY A 413 -8.67 37.42 -14.63
N PHE A 414 -9.11 37.18 -15.86
CA PHE A 414 -8.21 36.73 -16.91
C PHE A 414 -7.90 37.77 -17.97
N ASN A 415 -8.60 38.89 -18.01
CA ASN A 415 -8.25 40.04 -18.84
C ASN A 415 -8.14 39.73 -20.33
N ASN A 416 -8.61 38.56 -20.77
CA ASN A 416 -8.62 38.22 -22.19
C ASN A 416 -9.94 37.63 -22.67
N THR A 417 -10.79 37.14 -21.78
CA THR A 417 -12.18 36.78 -22.09
C THR A 417 -12.25 35.67 -23.14
N ASN A 418 -11.55 34.57 -22.88
CA ASN A 418 -11.73 33.36 -23.66
C ASN A 418 -11.70 32.10 -22.81
N VAL A 419 -11.50 32.20 -21.52
CA VAL A 419 -11.18 31.05 -20.68
C VAL A 419 -12.46 30.39 -20.21
N SER A 420 -12.45 29.06 -20.15
CA SER A 420 -13.50 28.30 -19.51
C SER A 420 -12.93 27.50 -18.36
N GLU A 421 -13.80 27.10 -17.44
CA GLU A 421 -13.38 26.48 -16.20
C GLU A 421 -12.93 25.04 -16.37
N ALA A 422 -12.99 24.50 -17.58
CA ALA A 422 -12.55 23.13 -17.78
C ALA A 422 -11.27 23.02 -18.59
N THR A 423 -11.10 23.89 -19.59
CA THR A 423 -9.99 23.77 -20.51
C THR A 423 -8.89 24.80 -20.26
N ASP A 424 -9.04 25.68 -19.28
CA ASP A 424 -7.98 26.64 -19.04
C ASP A 424 -7.65 26.86 -17.58
N TYR A 425 -8.48 26.43 -16.65
CA TYR A 425 -8.16 26.57 -15.23
C TYR A 425 -9.14 25.75 -14.43
N SER A 426 -8.65 25.04 -13.44
CA SER A 426 -9.52 24.41 -12.47
C SER A 426 -9.48 25.24 -11.18
N VAL A 427 -10.42 24.94 -10.28
CA VAL A 427 -10.51 25.69 -9.04
C VAL A 427 -10.92 24.72 -7.93
N LEU A 428 -10.13 24.70 -6.87
CA LEU A 428 -10.44 23.92 -5.68
C LEU A 428 -10.64 24.87 -4.52
N GLU A 429 -11.16 24.35 -3.41
CA GLU A 429 -11.39 25.27 -2.30
C GLU A 429 -10.73 24.79 -1.01
N ASN A 430 -10.53 23.49 -0.87
CA ASN A 430 -9.77 23.01 0.27
C ASN A 430 -8.83 21.90 -0.15
N ALA A 431 -8.16 22.07 -1.28
CA ALA A 431 -7.36 21.01 -1.87
C ALA A 431 -6.24 20.58 -0.93
N ARG A 432 -6.11 19.28 -0.70
CA ARG A 432 -5.10 18.77 0.19
C ARG A 432 -3.71 19.05 -0.37
N LYS A 433 -2.70 18.72 0.43
CA LYS A 433 -1.31 18.74 0.00
C LYS A 433 -0.75 17.37 0.29
N LEU A 434 -0.53 16.58 -0.77
CA LEU A 434 -0.13 15.19 -0.60
C LEU A 434 1.20 15.11 0.15
N THR A 435 1.18 14.46 1.31
CA THR A 435 2.41 14.27 2.06
C THR A 435 3.40 13.46 1.25
N THR A 436 4.67 13.50 1.66
CA THR A 436 5.74 12.93 0.85
C THR A 436 5.69 11.41 0.76
N ASN A 437 4.69 10.76 1.32
CA ASN A 437 4.53 9.32 1.20
C ASN A 437 3.51 8.91 0.15
N GLU A 438 2.80 9.87 -0.43
CA GLU A 438 1.77 9.57 -1.41
C GLU A 438 2.19 9.90 -2.83
N TYR A 439 3.38 10.44 -3.02
CA TYR A 439 3.88 10.70 -4.37
C TYR A 439 5.39 10.54 -4.35
N THR A 440 5.95 10.01 -5.42
CA THR A 440 7.39 9.89 -5.57
C THR A 440 7.76 10.40 -6.95
N PHE A 441 8.71 11.32 -7.00
CA PHE A 441 9.05 12.00 -8.23
C PHE A 441 10.50 11.68 -8.58
N ASN A 442 10.82 11.86 -9.86
CA ASN A 442 12.18 11.69 -10.34
C ASN A 442 12.83 13.05 -10.44
N PRO A 443 13.68 13.45 -9.51
CA PRO A 443 14.22 14.81 -9.55
C PRO A 443 15.39 14.95 -10.49
N GLN A 444 15.32 14.30 -11.65
CA GLN A 444 16.26 14.52 -12.73
C GLN A 444 15.59 14.58 -14.08
N LEU A 445 14.39 14.00 -14.23
CA LEU A 445 13.62 14.00 -15.45
C LEU A 445 12.26 14.64 -15.30
N GLY A 446 11.80 14.86 -14.08
CA GLY A 446 10.58 15.61 -13.85
C GLY A 446 9.28 14.90 -14.16
N TYR A 447 8.94 13.87 -13.38
CA TYR A 447 7.60 13.32 -13.43
C TYR A 447 7.18 12.83 -12.05
N ILE A 448 5.93 13.12 -11.69
CA ILE A 448 5.35 12.62 -10.45
C ILE A 448 4.86 11.19 -10.67
N SER A 449 4.96 10.38 -9.63
CA SER A 449 4.55 8.99 -9.68
C SER A 449 3.70 8.67 -8.45
N LEU A 450 2.70 9.50 -8.22
CA LEU A 450 1.92 9.47 -6.99
C LEU A 450 1.33 8.08 -6.72
N GLN A 451 1.47 7.64 -5.48
CA GLN A 451 1.07 6.29 -5.07
C GLN A 451 -0.41 6.31 -4.69
N GLN A 452 -1.23 6.64 -5.68
CA GLN A 452 -2.68 6.59 -5.53
C GLN A 452 -3.25 6.51 -6.95
N ARG A 453 -4.54 6.78 -7.10
CA ARG A 453 -5.12 6.71 -8.43
C ARG A 453 -5.98 7.93 -8.68
N LEU A 454 -6.55 7.97 -9.88
CA LEU A 454 -7.28 9.11 -10.39
C LEU A 454 -8.41 8.57 -11.27
N ALA A 455 -8.92 9.42 -12.17
CA ALA A 455 -9.98 9.11 -13.11
C ALA A 455 -11.36 9.18 -12.48
N ASN A 456 -11.45 9.62 -11.23
CA ASN A 456 -12.71 10.05 -10.64
C ASN A 456 -12.84 11.57 -10.71
N ASP A 457 -12.17 12.19 -11.68
CA ASP A 457 -12.19 13.63 -11.88
C ASP A 457 -11.67 14.35 -10.64
N GLU A 458 -10.41 14.11 -10.32
CA GLU A 458 -9.72 14.72 -9.20
C GLU A 458 -8.64 15.63 -9.76
N ILE A 459 -8.79 16.94 -9.55
CA ILE A 459 -7.79 17.88 -10.03
C ILE A 459 -6.46 17.57 -9.38
N LEU A 460 -5.38 17.80 -10.10
CA LEU A 460 -4.03 17.48 -9.63
C LEU A 460 -3.14 18.64 -10.03
N ALA A 461 -2.93 19.57 -9.12
CA ALA A 461 -2.13 20.75 -9.37
C ALA A 461 -0.82 20.67 -8.60
N VAL A 462 0.25 21.15 -9.22
CA VAL A 462 1.58 21.09 -8.62
C VAL A 462 2.31 22.38 -8.90
N ALA A 463 3.10 22.81 -7.93
CA ALA A 463 4.03 23.93 -8.11
C ALA A 463 5.36 23.51 -7.52
N PHE A 464 6.43 23.70 -8.28
CA PHE A 464 7.73 23.15 -7.94
C PHE A 464 8.81 24.17 -8.23
N GLU A 465 10.05 23.82 -7.90
CA GLU A 465 11.16 24.75 -7.99
C GLU A 465 12.41 23.95 -8.32
N TYR A 466 12.84 23.97 -9.58
CA TYR A 466 14.04 23.25 -9.98
C TYR A 466 15.17 24.23 -10.29
N THR A 467 16.35 23.67 -10.53
CA THR A 467 17.58 24.47 -10.63
C THR A 467 18.41 23.92 -11.79
N VAL A 468 18.37 24.62 -12.92
CA VAL A 468 19.16 24.21 -14.09
C VAL A 468 20.53 24.88 -13.90
N GLY A 469 21.39 24.21 -13.14
CA GLY A 469 22.74 24.69 -12.94
C GLY A 469 22.83 25.72 -11.83
N GLY A 470 22.94 26.99 -12.21
CA GLY A 470 23.01 28.07 -11.26
C GLY A 470 21.77 28.90 -11.16
N LYS A 471 20.75 28.61 -11.96
CA LYS A 471 19.51 29.35 -11.94
C LYS A 471 18.41 28.53 -11.28
N VAL A 472 17.54 29.22 -10.56
CA VAL A 472 16.43 28.60 -9.87
C VAL A 472 15.15 29.04 -10.55
N TYR A 473 14.41 28.08 -11.09
CA TYR A 473 13.13 28.33 -11.72
C TYR A 473 12.01 27.83 -10.81
N GLN A 474 10.83 28.37 -11.01
CA GLN A 474 9.68 27.99 -10.19
C GLN A 474 8.45 28.00 -11.07
N VAL A 475 7.64 26.95 -10.99
CA VAL A 475 6.56 26.74 -11.95
C VAL A 475 5.23 26.81 -11.21
N GLY A 476 5.16 27.67 -10.20
CA GLY A 476 3.88 27.83 -9.53
C GLY A 476 3.95 28.81 -8.38
N GLU A 477 3.41 28.41 -7.24
CA GLU A 477 3.43 29.25 -6.06
C GLU A 477 3.30 28.34 -4.85
N PHE A 478 4.29 28.37 -3.97
CA PHE A 478 4.32 27.43 -2.86
C PHE A 478 3.43 27.92 -1.72
N GLY A 479 3.45 27.18 -0.62
CA GLY A 479 2.72 27.61 0.55
C GLY A 479 3.36 28.82 1.21
N SER A 480 4.62 28.67 1.61
CA SER A 480 5.35 29.72 2.31
C SER A 480 6.10 30.63 1.35
N ASP A 481 5.63 30.77 0.13
CA ASP A 481 6.24 31.68 -0.84
C ASP A 481 5.18 32.60 -1.43
N GLY A 482 3.92 32.18 -1.37
CA GLY A 482 2.83 32.90 -1.98
C GLY A 482 1.97 33.64 -0.99
N VAL A 483 0.83 34.11 -1.47
CA VAL A 483 -0.07 34.90 -0.65
C VAL A 483 -0.56 34.09 0.55
N ASP A 484 -0.69 34.75 1.69
CA ASP A 484 -1.23 34.10 2.87
C ASP A 484 -2.73 33.88 2.72
N ALA A 485 -3.27 33.03 3.60
CA ALA A 485 -4.63 32.53 3.46
C ALA A 485 -5.66 33.65 3.51
N THR A 486 -5.78 34.31 4.65
CA THR A 486 -6.82 35.31 4.85
C THR A 486 -6.18 36.62 5.31
N VAL A 487 -6.79 37.72 4.87
CA VAL A 487 -6.39 39.05 5.30
C VAL A 487 -7.67 39.74 5.76
N VAL A 488 -7.95 39.67 7.06
CA VAL A 488 -9.20 40.19 7.61
C VAL A 488 -8.97 41.60 8.10
N THR A 489 -9.88 42.50 7.75
CA THR A 489 -9.74 43.91 8.05
C THR A 489 -10.93 44.37 8.88
N GLY A 490 -10.66 44.87 10.07
CA GLY A 490 -11.71 45.31 10.96
C GLY A 490 -11.71 44.57 12.28
N ASN A 491 -11.92 45.29 13.37
CA ASN A 491 -11.83 44.68 14.70
C ASN A 491 -13.10 43.90 15.04
N ASN A 492 -14.25 44.44 14.65
CA ASN A 492 -15.52 43.89 15.10
C ASN A 492 -15.96 42.73 14.21
N SER A 493 -16.63 41.76 14.83
CA SER A 493 -17.20 40.64 14.08
C SER A 493 -18.29 41.10 13.12
N SER A 494 -18.88 42.27 13.34
CA SER A 494 -19.81 42.88 12.42
C SER A 494 -19.14 43.94 11.55
N ASN A 495 -17.81 43.93 11.50
CA ASN A 495 -17.06 44.97 10.81
C ASN A 495 -15.97 44.40 9.90
N GLN A 496 -15.72 43.10 9.91
CA GLN A 496 -14.57 42.57 9.21
C GLN A 496 -14.89 42.40 7.73
N ALA A 497 -13.82 42.23 6.95
CA ALA A 497 -13.88 42.18 5.49
C ALA A 497 -13.04 41.03 4.97
N ILE A 498 -13.29 39.83 5.51
CA ILE A 498 -12.43 38.66 5.29
C ILE A 498 -12.20 38.41 3.82
N ILE A 499 -10.95 38.10 3.46
CA ILE A 499 -10.54 37.88 2.10
C ILE A 499 -9.64 36.66 2.07
N THR A 500 -9.86 35.78 1.10
CA THR A 500 -9.08 34.55 0.99
C THR A 500 -8.47 34.45 -0.39
N GLN A 501 -7.15 34.47 -0.47
CA GLN A 501 -6.47 34.28 -1.74
C GLN A 501 -6.39 32.79 -2.06
N SER A 502 -5.80 32.46 -3.20
CA SER A 502 -5.99 31.14 -3.78
C SER A 502 -4.73 30.40 -4.20
N LEU A 503 -3.57 31.05 -4.28
CA LEU A 503 -2.33 30.32 -4.52
C LEU A 503 -2.34 29.62 -5.88
N VAL A 504 -2.30 30.44 -6.93
CA VAL A 504 -2.19 29.99 -8.32
C VAL A 504 -1.14 28.89 -8.48
N LEU A 505 -1.50 27.82 -9.18
CA LEU A 505 -0.62 26.66 -9.35
C LEU A 505 -0.61 26.21 -10.80
N LYS A 506 -0.06 25.03 -11.06
CA LYS A 506 -0.07 24.44 -12.39
C LYS A 506 -0.91 23.17 -12.38
N MET A 507 -1.84 23.07 -13.31
CA MET A 507 -2.77 21.95 -13.34
C MET A 507 -2.16 20.77 -14.08
N LEU A 508 -2.53 19.57 -13.65
CA LEU A 508 -2.10 18.34 -14.31
C LEU A 508 -3.22 17.38 -14.66
N LYS A 509 -4.35 17.43 -13.98
CA LYS A 509 -5.41 16.45 -14.23
C LYS A 509 -6.67 17.04 -14.85
N SER A 510 -7.15 18.20 -14.41
CA SER A 510 -8.18 18.89 -15.18
C SER A 510 -9.48 18.10 -15.34
N ASN A 511 -10.32 18.10 -14.30
CA ASN A 511 -11.46 17.19 -14.09
C ASN A 511 -12.13 16.68 -15.35
N LEU A 512 -12.55 17.58 -16.23
CA LEU A 512 -13.13 17.15 -17.50
C LEU A 512 -12.01 16.64 -18.39
N THR A 513 -11.81 15.32 -18.41
CA THR A 513 -10.66 14.78 -19.12
C THR A 513 -10.88 14.92 -20.61
N ASN A 514 -10.40 16.03 -21.17
CA ASN A 514 -10.53 16.31 -22.59
C ASN A 514 -9.23 15.91 -23.26
N VAL A 515 -9.33 14.98 -24.22
CA VAL A 515 -8.12 14.44 -24.84
C VAL A 515 -7.47 15.44 -25.79
N LYS A 516 -8.21 16.46 -26.21
CA LYS A 516 -7.62 17.45 -27.11
C LYS A 516 -6.57 18.30 -26.41
N ASN A 517 -6.85 18.72 -25.18
CA ASN A 517 -6.00 19.68 -24.51
C ASN A 517 -4.66 19.06 -24.14
N PRO A 518 -3.62 19.89 -24.00
CA PRO A 518 -2.30 19.35 -23.71
C PRO A 518 -2.18 18.71 -22.34
N VAL A 519 -2.99 19.10 -21.36
CA VAL A 519 -2.87 18.50 -20.03
C VAL A 519 -3.16 17.01 -20.08
N TRP A 520 -3.93 16.56 -21.05
CA TRP A 520 -4.02 15.12 -21.28
C TRP A 520 -2.66 14.56 -21.61
N ASN A 521 -1.85 15.29 -22.37
CA ASN A 521 -0.55 14.77 -22.78
C ASN A 521 0.39 14.59 -21.59
N LEU A 522 0.23 15.38 -20.54
CA LEU A 522 1.15 15.30 -19.42
C LEU A 522 1.04 13.96 -18.69
N MET A 523 -0.06 13.24 -18.85
CA MET A 523 -0.13 11.91 -18.29
C MET A 523 0.93 11.03 -18.94
N MET A 524 1.83 10.50 -18.13
CA MET A 524 2.95 9.72 -18.63
C MET A 524 2.44 8.31 -18.90
N LYS A 525 2.12 8.03 -20.16
CA LYS A 525 1.58 6.74 -20.56
C LYS A 525 2.66 5.77 -21.03
N ASN A 526 3.73 5.63 -20.26
CA ASN A 526 4.77 4.69 -20.65
C ASN A 526 5.37 3.95 -19.47
N VAL A 527 4.71 3.93 -18.32
CA VAL A 527 5.20 3.27 -17.12
C VAL A 527 4.31 2.09 -16.86
N TYR A 528 4.84 0.88 -17.01
CA TYR A 528 4.03 -0.32 -16.91
C TYR A 528 4.33 -0.99 -15.57
N GLN A 529 3.31 -1.18 -14.76
CA GLN A 529 3.51 -1.77 -13.45
C GLN A 529 3.46 -3.28 -13.56
N ILE A 530 4.43 -3.93 -12.92
CA ILE A 530 4.40 -5.39 -12.84
C ILE A 530 3.21 -5.81 -11.99
N PRO A 531 2.37 -6.72 -12.46
CA PRO A 531 1.15 -7.03 -11.72
C PRO A 531 1.43 -7.64 -10.36
N GLN A 532 1.11 -6.89 -9.31
CA GLN A 532 1.37 -7.28 -7.92
C GLN A 532 2.85 -7.58 -7.71
N ALA A 533 3.68 -6.59 -8.01
CA ALA A 533 5.09 -6.64 -7.72
C ALA A 533 5.41 -5.71 -6.56
N TYR A 534 6.56 -5.94 -5.94
CA TYR A 534 6.99 -5.08 -4.85
C TYR A 534 8.44 -5.34 -4.49
N GLN A 535 9.26 -4.29 -4.49
CA GLN A 535 10.68 -4.43 -4.19
C GLN A 535 11.37 -5.40 -5.13
N ILE A 536 10.95 -5.43 -6.40
CA ILE A 536 11.57 -6.31 -7.38
C ILE A 536 13.05 -5.97 -7.46
N LYS A 537 13.90 -6.97 -7.29
CA LYS A 537 15.34 -6.73 -7.28
C LYS A 537 16.03 -7.47 -8.42
N GLN A 538 17.17 -6.92 -8.83
CA GLN A 538 17.92 -7.45 -9.96
C GLN A 538 18.41 -8.85 -9.64
N ASP A 539 18.94 -9.52 -10.66
CA ASP A 539 19.47 -10.87 -10.65
C ASP A 539 18.35 -11.91 -10.63
N ASP A 540 17.09 -11.50 -10.48
CA ASP A 540 15.95 -12.41 -10.47
C ASP A 540 14.79 -11.76 -11.22
N PHE A 541 15.09 -11.11 -12.34
CA PHE A 541 14.10 -10.29 -13.04
C PHE A 541 14.48 -10.23 -14.51
N ARG A 542 13.79 -11.00 -15.33
CA ARG A 542 14.14 -11.14 -16.75
C ARG A 542 12.97 -10.61 -17.59
N LEU A 543 13.01 -9.33 -17.90
CA LEU A 543 12.01 -8.71 -18.75
C LEU A 543 12.32 -9.05 -20.20
N ASN A 544 11.27 -9.12 -21.02
CA ASN A 544 11.47 -9.45 -22.43
C ASN A 544 10.24 -9.02 -23.20
N ILE A 545 10.43 -8.18 -24.21
CA ILE A 545 9.34 -7.70 -25.04
C ILE A 545 9.16 -8.64 -26.22
N LEU A 546 7.93 -9.02 -26.50
CA LEU A 546 7.60 -9.98 -27.54
C LEU A 546 6.71 -9.31 -28.57
N TYR A 547 6.21 -10.10 -29.52
CA TYR A 547 5.27 -9.59 -30.51
C TYR A 547 4.46 -10.80 -31.00
N THR A 548 3.25 -10.95 -30.48
CA THR A 548 2.45 -12.13 -30.77
C THR A 548 1.50 -11.94 -31.94
N ASP A 549 1.98 -11.46 -33.08
CA ASP A 549 1.07 -11.47 -34.21
C ASP A 549 1.01 -12.90 -34.76
N PRO A 550 2.12 -13.50 -35.20
CA PRO A 550 2.09 -14.93 -35.50
C PRO A 550 2.05 -15.76 -34.22
N SER A 551 2.93 -15.41 -33.30
CA SER A 551 3.09 -16.10 -32.02
C SER A 551 4.06 -15.32 -31.16
N PRO A 552 4.27 -15.68 -29.91
CA PRO A 552 5.16 -14.90 -29.05
C PRO A 552 6.63 -15.02 -29.47
N ILE A 553 6.98 -14.42 -30.60
CA ILE A 553 8.35 -14.28 -31.01
C ILE A 553 8.83 -12.88 -30.65
N ASN A 554 10.14 -12.68 -30.68
CA ASN A 554 10.69 -11.43 -30.18
C ASN A 554 11.53 -10.71 -31.22
N TYR A 555 11.00 -10.57 -32.43
CA TYR A 555 11.59 -9.70 -33.43
C TYR A 555 10.50 -9.32 -34.43
N ILE A 556 10.80 -8.36 -35.27
CA ILE A 556 9.81 -7.84 -36.19
C ILE A 556 10.08 -8.34 -37.60
N THR A 557 9.02 -8.55 -38.39
CA THR A 557 9.17 -9.08 -39.73
C THR A 557 8.57 -8.09 -40.71
N PRO A 558 9.19 -7.90 -41.87
CA PRO A 558 8.65 -6.95 -42.86
C PRO A 558 7.27 -7.38 -43.33
N VAL A 559 6.48 -6.42 -43.77
CA VAL A 559 5.18 -6.75 -44.33
C VAL A 559 5.32 -6.95 -45.84
N GLN A 560 5.80 -8.13 -46.23
CA GLN A 560 5.92 -8.60 -47.61
C GLN A 560 6.41 -7.54 -48.59
N GLY A 561 7.61 -7.01 -48.36
CA GLY A 561 8.18 -6.06 -49.29
C GLY A 561 8.78 -4.85 -48.61
N SER A 562 8.73 -4.81 -47.29
CA SER A 562 9.21 -3.67 -46.53
C SER A 562 10.64 -3.90 -46.09
N SER A 563 11.35 -2.78 -45.92
CA SER A 563 12.81 -2.73 -45.82
C SER A 563 13.20 -1.80 -44.68
N PHE A 564 12.76 -2.11 -43.45
CA PHE A 564 12.26 -1.18 -42.44
C PHE A 564 12.94 0.20 -42.47
N PRO A 565 14.20 0.39 -42.10
CA PRO A 565 14.98 1.46 -42.73
C PRO A 565 15.93 0.91 -43.76
N PRO A 566 16.13 1.60 -44.87
CA PRO A 566 17.28 1.28 -45.73
C PRO A 566 18.53 1.97 -45.19
N ASN A 567 19.56 1.16 -44.95
CA ASN A 567 20.79 1.66 -44.34
C ASN A 567 20.50 2.24 -42.97
N PRO A 568 20.11 1.42 -42.00
CA PRO A 568 19.73 1.94 -40.69
C PRO A 568 20.94 2.47 -39.93
N ALA A 569 20.66 3.37 -39.01
CA ALA A 569 21.67 3.92 -38.11
C ALA A 569 22.26 2.80 -37.27
N PRO A 570 23.36 3.04 -36.55
CA PRO A 570 24.00 1.94 -35.80
C PRO A 570 23.15 1.42 -34.66
N ASP A 571 22.19 2.20 -34.16
CA ASP A 571 21.36 1.78 -33.05
C ASP A 571 19.87 1.82 -33.32
N SER A 572 19.44 2.18 -34.53
CA SER A 572 18.02 2.03 -34.85
C SER A 572 17.72 0.56 -35.14
N LYS A 573 18.27 0.05 -36.23
CA LYS A 573 18.43 -1.38 -36.53
C LYS A 573 17.19 -2.21 -36.21
N VAL A 574 16.11 -1.90 -36.92
CA VAL A 574 14.94 -2.80 -36.93
C VAL A 574 15.15 -3.73 -38.11
N GLU A 575 16.02 -4.72 -37.93
CA GLU A 575 16.22 -5.75 -38.93
C GLU A 575 15.97 -7.14 -38.39
N GLN A 576 16.69 -7.54 -37.34
CA GLN A 576 16.46 -8.82 -36.68
C GLN A 576 16.69 -8.74 -35.18
N THR A 577 16.97 -7.57 -34.64
CA THR A 577 17.31 -7.44 -33.24
C THR A 577 16.09 -7.78 -32.38
N PRO A 578 16.31 -8.25 -31.16
CA PRO A 578 15.21 -8.39 -30.21
C PRO A 578 14.50 -7.08 -30.01
N LEU A 579 13.25 -7.15 -29.55
CA LEU A 579 12.48 -5.93 -29.37
C LEU A 579 13.10 -5.02 -28.32
N LEU A 580 13.82 -5.59 -27.35
CA LEU A 580 14.51 -4.78 -26.36
C LEU A 580 15.43 -3.78 -27.03
N ASN A 581 16.35 -4.26 -27.87
CA ASN A 581 17.23 -3.35 -28.59
C ASN A 581 16.48 -2.50 -29.61
N VAL A 582 15.23 -2.85 -29.91
CA VAL A 582 14.41 -2.05 -30.82
C VAL A 582 13.75 -0.89 -30.10
N PHE A 583 13.22 -1.11 -28.90
CA PHE A 583 12.53 -0.06 -28.18
C PHE A 583 13.47 0.82 -27.38
N ASN A 584 14.75 0.80 -27.70
CA ASN A 584 15.75 1.55 -26.93
C ASN A 584 15.63 1.23 -25.46
N LEU A 585 15.44 -0.05 -25.15
CA LEU A 585 15.35 -0.49 -23.77
C LEU A 585 16.50 -1.41 -23.39
N ASP A 586 17.37 -1.74 -24.34
CA ASP A 586 18.58 -2.52 -24.05
C ASP A 586 19.72 -1.95 -24.88
N ARG A 587 20.66 -1.31 -24.22
CA ARG A 587 21.86 -0.84 -24.90
C ARG A 587 23.11 -0.98 -24.03
N LEU A 588 23.00 -1.58 -22.86
CA LEU A 588 24.06 -1.54 -21.88
C LEU A 588 24.53 -2.95 -21.54
N ASN A 589 25.84 -3.14 -21.57
CA ASN A 589 26.46 -4.35 -21.06
C ASN A 589 26.17 -4.48 -19.56
N TYR A 590 26.47 -5.66 -19.01
CA TYR A 590 26.16 -5.93 -17.60
C TYR A 590 26.85 -4.94 -16.67
N ASN A 591 28.01 -4.41 -17.07
CA ASN A 591 28.64 -3.34 -16.31
C ASN A 591 27.99 -1.99 -16.56
N ASN A 592 26.89 -1.95 -17.29
CA ASN A 592 26.16 -0.72 -17.55
C ASN A 592 27.00 0.27 -18.35
N ASP A 593 27.71 -0.25 -19.33
CA ASP A 593 28.41 0.61 -20.28
C ASP A 593 27.89 0.35 -21.68
N PRO A 594 27.92 1.35 -22.55
CA PRO A 594 27.30 1.21 -23.87
C PRO A 594 27.91 0.08 -24.68
N GLN A 595 27.14 -0.35 -25.69
CA GLN A 595 27.50 -1.43 -26.58
C GLN A 595 26.52 -1.39 -27.74
N ALA A 596 27.03 -1.64 -28.94
CA ALA A 596 26.23 -1.40 -30.15
C ALA A 596 24.98 -2.26 -30.18
N GLY A 597 25.15 -3.58 -30.14
CA GLY A 597 24.00 -4.46 -30.19
C GLY A 597 23.18 -4.40 -28.92
N GLY A 598 23.73 -4.89 -27.83
CA GLY A 598 23.04 -4.99 -26.56
C GLY A 598 23.45 -6.26 -25.84
N ASP A 599 23.38 -6.21 -24.52
CA ASP A 599 23.75 -7.36 -23.72
C ASP A 599 22.79 -8.52 -23.87
N GLY A 600 21.60 -8.28 -24.41
CA GLY A 600 20.57 -9.30 -24.48
C GLY A 600 19.69 -9.38 -23.26
N PHE A 601 19.80 -8.44 -22.34
CA PHE A 601 18.99 -8.42 -21.13
C PHE A 601 18.47 -7.03 -20.85
N PHE A 602 17.29 -6.98 -20.25
CA PHE A 602 16.74 -5.72 -19.78
C PHE A 602 17.71 -5.03 -18.85
N ASP A 603 17.85 -3.72 -19.02
CA ASP A 603 19.01 -3.02 -18.48
C ASP A 603 18.90 -2.83 -16.98
N TYR A 604 17.71 -2.52 -16.48
CA TYR A 604 17.48 -2.38 -15.05
C TYR A 604 18.36 -1.29 -14.44
N ILE A 605 18.12 -0.06 -14.87
CA ILE A 605 18.72 1.12 -14.24
C ILE A 605 17.70 1.66 -13.24
N PRO A 606 17.96 1.56 -11.95
CA PRO A 606 16.91 1.85 -10.95
C PRO A 606 16.40 3.29 -10.94
N GLY A 607 17.02 4.18 -11.72
CA GLY A 607 16.56 5.54 -11.76
C GLY A 607 15.95 5.95 -13.09
N VAL A 608 16.07 5.08 -14.10
CA VAL A 608 15.66 5.42 -15.46
C VAL A 608 14.63 4.44 -16.00
N THR A 609 14.90 3.15 -15.90
CA THR A 609 14.04 2.14 -16.52
C THR A 609 13.37 1.21 -15.50
N VAL A 610 13.52 1.48 -14.21
CA VAL A 610 12.87 0.65 -13.19
C VAL A 610 12.55 1.52 -12.00
N ASP A 611 11.41 1.24 -11.37
CA ASP A 611 11.08 1.79 -10.05
C ASP A 611 11.15 0.60 -9.10
N VAL A 612 12.35 0.38 -8.55
CA VAL A 612 12.66 -0.85 -7.80
C VAL A 612 11.72 -1.06 -6.63
N GLN A 613 11.14 0.02 -6.10
CA GLN A 613 10.26 -0.13 -4.95
C GLN A 613 9.04 -0.97 -5.29
N ASN A 614 8.38 -0.68 -6.40
CA ASN A 614 7.19 -1.43 -6.79
C ASN A 614 7.07 -1.45 -8.32
N GLY A 615 7.64 -2.47 -8.92
CA GLY A 615 7.46 -2.72 -10.35
C GLY A 615 7.80 -1.53 -11.22
N ARG A 616 6.86 -1.19 -12.11
CA ARG A 616 6.94 0.02 -12.92
C ARG A 616 8.19 0.01 -13.81
N VAL A 617 8.18 -0.92 -14.76
CA VAL A 617 9.20 -0.91 -15.80
C VAL A 617 8.94 0.31 -16.67
N ILE A 618 9.78 1.33 -16.51
CA ILE A 618 9.59 2.61 -17.19
C ILE A 618 10.36 2.59 -18.50
N PHE A 619 9.66 2.74 -19.60
CA PHE A 619 10.36 2.80 -20.88
C PHE A 619 11.05 4.14 -21.01
N THR A 620 11.93 4.24 -22.01
CA THR A 620 12.81 5.38 -22.15
C THR A 620 12.41 6.26 -23.33
N THR A 621 11.11 6.43 -23.52
CA THR A 621 10.59 7.40 -24.48
C THR A 621 9.22 7.81 -23.99
N LYS A 622 8.76 8.98 -24.44
CA LYS A 622 7.42 9.46 -24.12
C LYS A 622 6.39 8.40 -24.40
N GLU A 623 6.32 7.98 -25.65
CA GLU A 623 5.29 7.04 -26.14
C GLU A 623 6.00 5.98 -26.95
N PRO A 624 6.50 4.94 -26.29
CA PRO A 624 7.40 3.99 -26.95
C PRO A 624 6.76 3.23 -28.09
N PHE A 625 5.65 2.55 -27.83
CA PHE A 625 5.03 1.76 -28.88
C PHE A 625 4.42 2.61 -29.97
N GLY A 626 4.23 3.91 -29.74
CA GLY A 626 3.59 4.74 -30.73
C GLY A 626 4.53 5.46 -31.67
N GLU A 627 5.46 6.24 -31.12
CA GLU A 627 6.32 7.07 -31.96
C GLU A 627 7.77 6.61 -31.98
N LEU A 628 8.19 5.78 -31.03
CA LEU A 628 9.51 5.18 -31.14
C LEU A 628 9.59 4.25 -32.33
N ILE A 629 8.60 3.37 -32.49
CA ILE A 629 8.60 2.49 -33.65
C ILE A 629 8.39 3.27 -34.93
N PHE A 630 7.59 4.34 -34.90
CA PHE A 630 7.33 5.09 -36.12
C PHE A 630 8.61 5.70 -36.68
N ASN A 631 9.33 6.47 -35.86
CA ASN A 631 10.59 7.02 -36.32
C ASN A 631 11.58 5.91 -36.63
N LYS A 632 11.62 4.88 -35.79
CA LYS A 632 12.57 3.80 -36.00
C LYS A 632 12.20 2.91 -37.19
N LEU A 633 10.99 3.06 -37.73
CA LEU A 633 10.62 2.47 -39.00
C LEU A 633 10.44 3.53 -40.08
N GLN A 634 10.59 4.80 -39.72
CA GLN A 634 10.32 5.89 -40.66
C GLN A 634 11.34 5.88 -41.79
N THR A 635 10.93 6.40 -42.94
CA THR A 635 11.79 6.44 -44.11
C THR A 635 11.87 7.84 -44.71
N GLU A 639 4.96 10.18 -44.08
CA GLU A 639 6.14 10.22 -43.20
C GLU A 639 5.83 10.93 -41.90
N SER A 640 4.64 11.51 -41.78
CA SER A 640 4.30 12.29 -40.60
C SER A 640 3.56 11.43 -39.58
N TYR A 641 3.98 11.55 -38.34
CA TYR A 641 3.44 10.74 -37.25
C TYR A 641 2.03 11.15 -36.84
N ASN A 642 1.59 12.35 -37.22
CA ASN A 642 0.31 12.87 -36.79
C ASN A 642 -0.82 12.55 -37.76
N ASP A 643 -0.62 11.58 -38.64
CA ASP A 643 -1.69 11.14 -39.53
C ASP A 643 -1.38 9.76 -40.09
N PRO A 644 -2.29 8.80 -39.94
CA PRO A 644 -2.04 7.45 -40.46
C PRO A 644 -2.25 7.33 -41.96
N THR A 645 -2.63 8.43 -42.60
CA THR A 645 -2.83 8.46 -44.05
C THR A 645 -1.54 8.71 -44.81
N THR A 646 -0.40 8.65 -44.14
CA THR A 646 0.88 8.87 -44.80
C THR A 646 1.94 7.91 -44.26
N TYR A 647 1.51 6.73 -43.83
CA TYR A 647 2.44 5.77 -43.25
C TYR A 647 3.11 4.95 -44.35
N ASN A 648 4.13 4.19 -43.93
CA ASN A 648 5.00 3.47 -44.86
C ASN A 648 4.35 2.14 -45.28
N ALA A 649 3.25 1.81 -44.60
CA ALA A 649 2.55 0.53 -44.72
C ALA A 649 3.31 -0.59 -44.03
N ASN A 650 4.50 -0.28 -43.53
CA ASN A 650 5.22 -1.12 -42.60
C ASN A 650 4.95 -0.56 -41.21
N GLN A 651 5.14 0.75 -41.07
CA GLN A 651 4.80 1.49 -39.88
C GLN A 651 3.31 1.78 -39.80
N GLN A 652 2.51 1.10 -40.62
CA GLN A 652 1.06 1.11 -40.52
C GLN A 652 0.52 -0.13 -39.84
N LYS A 653 1.32 -1.18 -39.72
CA LYS A 653 0.92 -2.37 -38.98
C LYS A 653 1.51 -2.42 -37.58
N TYR A 654 2.53 -1.60 -37.30
CA TYR A 654 3.21 -1.64 -36.01
C TYR A 654 2.98 -0.38 -35.18
N VAL A 655 2.91 0.79 -35.82
CA VAL A 655 2.75 2.03 -35.08
C VAL A 655 1.38 2.03 -34.41
N PHE A 656 1.35 1.87 -33.10
CA PHE A 656 0.12 1.84 -32.33
C PHE A 656 -0.12 3.24 -31.75
N ARG A 657 -0.49 4.16 -32.63
CA ARG A 657 -0.59 5.56 -32.29
C ARG A 657 -1.89 5.92 -31.58
N ASN A 658 -2.96 5.16 -31.79
CA ASN A 658 -4.23 5.52 -31.20
C ASN A 658 -4.34 5.21 -29.73
N MET A 659 -3.25 4.84 -29.06
CA MET A 659 -3.29 4.80 -27.61
C MET A 659 -2.76 6.07 -26.98
N TYR A 660 -1.72 6.64 -27.56
CA TYR A 660 -1.13 7.86 -27.05
C TYR A 660 -1.84 9.10 -27.58
N ARG A 661 -3.07 8.93 -28.05
CA ARG A 661 -3.94 10.04 -28.44
C ARG A 661 -5.36 9.80 -28.00
N ASN A 662 -5.58 8.93 -27.01
CA ASN A 662 -6.91 8.52 -26.61
C ASN A 662 -6.78 7.70 -25.34
N THR A 663 -7.87 7.63 -24.59
CA THR A 663 -7.82 6.99 -23.28
C THR A 663 -7.54 5.50 -23.41
N GLN A 664 -7.49 4.82 -22.27
CA GLN A 664 -7.31 3.38 -22.27
C GLN A 664 -8.63 2.66 -22.51
N ALA A 665 -9.68 3.03 -21.77
CA ALA A 665 -10.98 2.41 -21.97
C ALA A 665 -11.48 2.65 -23.40
N GLY A 666 -11.66 3.91 -23.76
CA GLY A 666 -11.75 4.25 -25.16
C GLY A 666 -10.49 3.88 -25.88
N ALA A 667 -10.56 3.89 -27.21
CA ALA A 667 -9.45 3.40 -28.03
C ALA A 667 -9.14 1.93 -27.71
N LEU A 668 -10.17 1.20 -27.28
CA LEU A 668 -10.08 -0.24 -27.10
C LEU A 668 -10.70 -1.00 -28.26
N GLN A 669 -11.54 -0.33 -29.06
CA GLN A 669 -11.93 -0.87 -30.36
C GLN A 669 -10.73 -1.00 -31.28
N ASP A 670 -9.62 -0.34 -30.98
CA ASP A 670 -8.36 -0.51 -31.68
C ASP A 670 -7.47 -1.57 -31.05
N SER A 671 -8.06 -2.61 -30.46
CA SER A 671 -7.27 -3.72 -29.93
C SER A 671 -6.87 -4.67 -31.05
N ASP A 672 -6.34 -4.11 -32.12
CA ASP A 672 -5.81 -4.83 -33.26
C ASP A 672 -4.30 -4.74 -33.32
N LYS A 673 -3.73 -3.66 -32.81
CA LYS A 673 -2.30 -3.47 -32.72
C LYS A 673 -1.77 -3.75 -31.32
N ASN A 674 -2.64 -4.18 -30.41
CA ASN A 674 -2.29 -4.52 -29.02
C ASN A 674 -1.64 -5.90 -28.96
N LYS A 675 -0.50 -6.03 -29.64
CA LYS A 675 0.17 -7.33 -29.71
C LYS A 675 1.65 -7.18 -29.45
N PHE A 676 2.01 -6.44 -28.40
CA PHE A 676 3.39 -6.24 -27.96
C PHE A 676 3.55 -6.62 -26.50
N LEU A 677 3.08 -7.81 -26.12
CA LEU A 677 3.18 -8.19 -24.72
C LEU A 677 4.63 -8.31 -24.30
N LEU A 678 4.85 -8.40 -22.99
CA LEU A 678 6.20 -8.44 -22.44
C LEU A 678 6.24 -9.36 -21.24
N ARG A 679 7.09 -10.38 -21.31
CA ARG A 679 7.17 -11.44 -20.31
C ARG A 679 7.98 -10.95 -19.11
N GLY A 680 8.38 -11.87 -18.26
CA GLY A 680 9.21 -11.55 -17.12
C GLY A 680 8.99 -12.54 -16.01
N LYS A 681 9.97 -12.61 -15.11
CA LYS A 681 9.98 -13.63 -14.07
C LYS A 681 10.42 -13.05 -12.74
N TYR A 682 9.84 -11.91 -12.35
CA TYR A 682 10.26 -11.19 -11.16
C TYR A 682 10.04 -11.99 -9.88
N LYS A 683 10.45 -11.41 -8.75
CA LYS A 683 10.07 -11.92 -7.44
C LYS A 683 9.90 -10.78 -6.45
N THR A 754 -18.74 -34.26 0.97
CA THR A 754 -19.21 -34.62 -0.35
C THR A 754 -18.18 -35.48 -1.07
N ARG A 755 -17.58 -36.43 -0.37
CA ARG A 755 -16.52 -37.24 -0.93
C ARG A 755 -16.16 -38.33 0.05
N ARG A 756 -15.57 -39.42 -0.45
CA ARG A 756 -15.13 -40.52 0.39
C ARG A 756 -13.87 -41.13 -0.17
N PHE A 757 -12.87 -41.31 0.69
CA PHE A 757 -11.65 -42.02 0.35
C PHE A 757 -11.77 -43.47 0.77
N MET A 758 -11.02 -44.33 0.07
CA MET A 758 -10.93 -45.72 0.47
C MET A 758 -9.66 -46.33 -0.11
N GLY A 759 -8.69 -46.61 0.74
CA GLY A 759 -7.43 -47.14 0.26
C GLY A 759 -6.82 -48.05 1.31
N PHE A 760 -5.60 -48.46 1.02
CA PHE A 760 -4.84 -49.30 1.95
C PHE A 760 -3.39 -49.29 1.49
N ASN A 761 -2.57 -50.12 2.11
CA ASN A 761 -1.21 -50.29 1.64
C ASN A 761 -0.59 -51.52 2.26
N ILE A 762 0.12 -52.28 1.43
CA ILE A 762 0.83 -53.46 1.87
C ILE A 762 2.30 -53.09 1.96
N GLU A 763 2.89 -53.34 3.12
CA GLU A 763 4.30 -53.01 3.34
C GLU A 763 5.02 -54.31 3.63
N HIS A 764 5.42 -55.00 2.57
CA HIS A 764 6.05 -56.28 2.74
C HIS A 764 7.51 -56.10 3.15
N LYS A 765 7.98 -57.04 3.96
CA LYS A 765 9.20 -56.86 4.74
C LYS A 765 10.15 -58.02 4.49
N ILE A 766 10.47 -58.26 3.21
CA ILE A 766 11.53 -59.18 2.80
C ILE A 766 12.75 -58.92 3.68
N SER A 767 13.51 -59.97 3.97
CA SER A 767 14.56 -59.96 4.99
C SER A 767 15.44 -58.73 4.86
N ASP A 768 16.06 -58.36 5.99
CA ASP A 768 16.50 -57.01 6.31
C ASP A 768 17.19 -56.27 5.17
N LYS A 769 17.05 -54.95 5.16
CA LYS A 769 17.57 -54.05 4.14
C LYS A 769 16.74 -54.08 2.87
N PHE A 770 15.45 -54.43 2.98
CA PHE A 770 14.61 -54.41 1.78
C PHE A 770 13.13 -54.48 2.13
N VAL A 771 12.34 -53.55 1.59
CA VAL A 771 10.90 -53.53 1.81
C VAL A 771 10.21 -53.16 0.50
N ILE A 772 8.93 -53.49 0.41
CA ILE A 772 8.16 -53.29 -0.80
C ILE A 772 6.84 -52.63 -0.43
N GLY A 773 6.26 -51.91 -1.39
CA GLY A 773 5.14 -51.03 -1.15
C GLY A 773 3.80 -51.55 -1.65
N GLY A 774 2.77 -50.79 -1.29
CA GLY A 774 1.38 -51.08 -1.56
C GLY A 774 0.67 -49.82 -2.04
N THR A 775 -0.29 -49.37 -1.25
CA THR A 775 -0.94 -48.08 -1.43
C THR A 775 -1.82 -47.97 -2.67
N TYR A 776 -2.92 -48.72 -2.69
CA TYR A 776 -4.03 -48.37 -3.55
C TYR A 776 -4.86 -47.27 -2.90
N LEU A 777 -5.32 -46.33 -3.69
CA LEU A 777 -6.17 -45.24 -3.22
C LEU A 777 -7.42 -45.15 -4.07
N LYS A 778 -8.38 -44.38 -3.55
CA LYS A 778 -9.66 -44.21 -4.24
C LYS A 778 -10.40 -43.02 -3.67
N MET A 779 -10.70 -42.03 -4.50
CA MET A 779 -11.39 -40.83 -4.07
C MET A 779 -12.62 -40.63 -4.93
N THR A 780 -13.78 -40.49 -4.28
CA THR A 780 -15.05 -40.38 -4.99
C THR A 780 -15.85 -39.20 -4.44
N GLU A 781 -16.17 -38.25 -5.32
CA GLU A 781 -16.95 -37.08 -4.95
C GLU A 781 -18.42 -37.33 -5.18
N ARG A 782 -19.24 -36.35 -4.79
CA ARG A 782 -20.67 -36.36 -5.07
C ARG A 782 -21.22 -34.95 -5.19
N VAL A 795 -14.95 -34.73 -9.02
CA VAL A 795 -13.76 -35.47 -9.36
C VAL A 795 -13.82 -36.87 -8.78
N ASN A 796 -13.24 -37.84 -9.50
CA ASN A 796 -13.24 -39.22 -9.06
C ASN A 796 -11.94 -39.86 -9.55
N ASN A 797 -10.93 -39.85 -8.69
CA ASN A 797 -9.60 -40.31 -9.05
C ASN A 797 -9.23 -41.55 -8.25
N THR A 798 -8.23 -42.27 -8.75
CA THR A 798 -7.71 -43.46 -8.09
C THR A 798 -6.22 -43.55 -8.37
N ILE A 799 -5.42 -43.66 -7.32
CA ILE A 799 -3.97 -43.72 -7.45
C ILE A 799 -3.47 -44.99 -6.77
N PHE A 800 -2.50 -45.64 -7.39
CA PHE A 800 -1.85 -46.80 -6.82
C PHE A 800 -0.44 -46.86 -7.33
N GLY A 801 0.50 -47.15 -6.44
CA GLY A 801 1.89 -47.22 -6.83
C GLY A 801 2.59 -48.40 -6.20
N PHE A 802 3.92 -48.40 -6.24
CA PHE A 802 4.70 -49.46 -5.62
C PHE A 802 5.94 -48.83 -5.02
N ASN A 803 6.12 -49.02 -3.72
CA ASN A 803 7.27 -48.45 -3.03
C ASN A 803 8.49 -49.30 -3.37
N GLY A 804 9.59 -49.03 -2.70
CA GLY A 804 10.80 -49.80 -2.91
C GLY A 804 11.90 -49.25 -2.05
N ASN A 805 12.66 -50.12 -1.39
CA ASN A 805 13.65 -49.64 -0.43
C ASN A 805 14.66 -50.74 -0.21
N TYR A 806 15.93 -50.41 -0.39
CA TYR A 806 17.03 -51.36 -0.21
C TYR A 806 18.16 -50.59 0.46
N SER A 807 18.17 -50.59 1.79
CA SER A 807 19.15 -49.83 2.57
C SER A 807 20.10 -50.84 3.18
N THR A 808 21.28 -50.98 2.59
CA THR A 808 22.23 -52.02 2.96
C THR A 808 23.57 -51.41 3.32
N GLU A 809 24.15 -51.91 4.40
CA GLU A 809 25.57 -51.69 4.63
C GLU A 809 26.37 -52.61 3.73
N VAL A 810 27.24 -52.02 2.93
CA VAL A 810 28.06 -52.80 2.02
C VAL A 810 29.48 -52.85 2.56
N PRO A 811 29.78 -53.81 3.45
CA PRO A 811 31.13 -53.88 4.04
C PRO A 811 32.20 -54.18 2.99
N PHE A 812 31.78 -54.72 1.85
CA PHE A 812 32.69 -54.89 0.74
C PHE A 812 33.34 -53.58 0.32
N LEU A 813 32.58 -52.49 0.34
CA LEU A 813 33.12 -51.21 -0.12
C LEU A 813 34.16 -50.66 0.85
N THR A 814 33.95 -50.85 2.14
CA THR A 814 34.96 -50.42 3.11
C THR A 814 36.26 -51.20 2.88
N ARG A 815 36.16 -52.50 2.63
CA ARG A 815 37.34 -53.30 2.33
C ARG A 815 38.03 -52.81 1.06
N LEU A 816 37.26 -52.57 0.00
CA LEU A 816 37.83 -52.07 -1.25
C LEU A 816 38.52 -50.73 -1.05
N ALA A 817 37.85 -49.77 -0.41
CA ALA A 817 38.47 -48.49 -0.13
C ALA A 817 39.68 -48.60 0.77
N ASN A 818 39.79 -49.68 1.55
CA ASN A 818 41.00 -49.94 2.29
C ASN A 818 42.07 -50.63 1.44
N LYS A 819 41.70 -51.13 0.27
CA LYS A 819 42.65 -51.57 -0.74
C LYS A 819 42.90 -50.42 -1.70
N LEU A 820 43.70 -49.46 -1.25
CA LEU A 820 43.88 -48.24 -2.01
C LEU A 820 45.11 -47.53 -1.45
N PRO A 821 45.65 -46.50 -2.13
CA PRO A 821 46.63 -45.62 -1.47
C PRO A 821 46.10 -45.19 -0.11
N ASN A 822 47.00 -45.11 0.88
CA ASN A 822 46.66 -45.41 2.28
C ASN A 822 45.40 -44.74 2.78
N ILE A 823 44.37 -45.54 3.00
CA ILE A 823 43.12 -45.14 3.62
C ILE A 823 42.77 -46.24 4.60
N ASP A 824 43.16 -46.09 5.85
CA ASP A 824 42.92 -47.11 6.86
C ASP A 824 41.72 -46.66 7.68
N THR A 825 40.53 -46.92 7.17
CA THR A 825 39.28 -46.52 7.81
C THR A 825 38.45 -47.76 8.09
N ASP A 826 37.46 -47.58 8.97
CA ASP A 826 36.51 -48.64 9.29
C ASP A 826 35.07 -48.12 9.32
N VAL A 827 34.85 -46.92 8.80
CA VAL A 827 33.52 -46.32 8.75
C VAL A 827 32.68 -47.17 7.81
N PRO A 828 31.39 -47.34 8.07
CA PRO A 828 30.58 -48.24 7.24
C PRO A 828 30.27 -47.68 5.86
N SER A 829 29.41 -48.39 5.13
CA SER A 829 28.97 -47.98 3.80
C SER A 829 27.47 -48.22 3.69
N ASN A 830 26.85 -47.58 2.70
CA ASN A 830 25.40 -47.63 2.59
C ASN A 830 25.01 -47.67 1.12
N LEU A 831 23.87 -48.29 0.83
CA LEU A 831 23.43 -48.47 -0.56
C LEU A 831 21.91 -48.29 -0.70
N SER A 832 21.34 -47.25 -0.09
CA SER A 832 19.91 -47.04 -0.22
C SER A 832 19.52 -46.79 -1.67
N ILE A 833 18.59 -47.59 -2.19
CA ILE A 833 18.22 -47.55 -3.60
C ILE A 833 16.70 -47.42 -3.75
N ARG A 834 16.07 -46.69 -2.84
CA ARG A 834 14.62 -46.53 -2.85
C ARG A 834 14.10 -45.99 -4.19
N GLY A 835 12.81 -46.17 -4.41
CA GLY A 835 12.16 -45.71 -5.63
C GLY A 835 10.71 -46.16 -5.65
N GLU A 836 9.93 -45.57 -6.56
CA GLU A 836 8.51 -45.88 -6.65
C GLU A 836 8.02 -45.68 -8.09
N VAL A 837 6.74 -45.97 -8.31
CA VAL A 837 6.13 -45.81 -9.62
C VAL A 837 4.89 -44.92 -9.54
N ALA A 838 3.89 -45.34 -8.77
CA ALA A 838 2.74 -44.49 -8.43
C ALA A 838 1.95 -44.06 -9.68
N PHE A 839 1.30 -45.05 -10.29
CA PHE A 839 0.41 -44.77 -11.42
C PHE A 839 -0.79 -43.94 -10.96
N LEU A 840 -1.63 -43.57 -11.92
CA LEU A 840 -2.86 -42.83 -11.62
C LEU A 840 -3.89 -43.11 -12.70
N ARG A 841 -5.16 -43.11 -12.31
CA ARG A 841 -6.27 -43.29 -13.22
C ARG A 841 -7.45 -42.52 -12.67
N PRO A 842 -8.23 -41.83 -13.52
CA PRO A 842 -9.44 -41.15 -13.07
C PRO A 842 -10.51 -42.15 -12.63
N ILE A 856 -16.11 -24.27 -17.36
CA ILE A 856 -17.53 -24.27 -17.64
C ILE A 856 -18.06 -22.88 -17.32
N TYR A 857 -19.12 -22.47 -18.04
CA TYR A 857 -19.63 -21.11 -17.95
C TYR A 857 -18.52 -20.09 -18.16
N VAL A 858 -17.92 -20.09 -19.35
CA VAL A 858 -16.91 -19.06 -19.64
C VAL A 858 -17.52 -17.68 -19.52
N ASP A 859 -18.72 -17.49 -20.04
CA ASP A 859 -19.36 -16.18 -19.96
C ASP A 859 -20.86 -16.28 -19.69
N ASP A 860 -21.25 -17.09 -18.70
CA ASP A 860 -22.63 -17.10 -18.24
C ASP A 860 -23.11 -15.68 -17.99
N PHE A 861 -24.10 -15.26 -18.78
CA PHE A 861 -24.42 -13.84 -18.90
C PHE A 861 -25.17 -13.32 -17.68
N GLU A 862 -24.52 -13.30 -16.52
CA GLU A 862 -25.14 -12.80 -15.31
C GLU A 862 -24.58 -11.45 -14.89
N GLY A 863 -23.33 -11.16 -15.23
CA GLY A 863 -22.74 -9.89 -14.84
C GLY A 863 -22.99 -8.75 -15.80
N SER A 864 -23.40 -9.06 -17.03
CA SER A 864 -23.69 -8.01 -17.99
C SER A 864 -24.85 -7.16 -17.52
N GLN A 865 -24.83 -5.89 -17.91
CA GLN A 865 -25.90 -4.95 -17.61
C GLN A 865 -26.00 -4.70 -16.10
N SER A 866 -24.84 -4.60 -15.45
CA SER A 866 -24.84 -4.30 -14.02
C SER A 866 -25.35 -2.88 -13.81
N THR A 867 -26.21 -2.73 -12.81
CA THR A 867 -26.90 -1.47 -12.57
C THR A 867 -26.21 -0.67 -11.48
N ILE A 868 -26.55 0.62 -11.41
CA ILE A 868 -26.10 1.50 -10.34
C ILE A 868 -27.33 2.21 -9.80
N ASP A 869 -27.83 1.75 -8.65
CA ASP A 869 -29.11 2.22 -8.14
C ASP A 869 -29.08 3.71 -7.88
N MET A 870 -30.22 4.37 -8.08
CA MET A 870 -30.29 5.81 -7.98
C MET A 870 -31.59 6.25 -7.32
N ARG A 871 -32.12 5.41 -6.42
CA ARG A 871 -33.40 5.67 -5.77
C ARG A 871 -33.29 6.44 -4.47
N SER A 872 -32.10 6.87 -4.07
CA SER A 872 -31.92 7.44 -2.74
C SER A 872 -32.77 8.69 -2.58
N ALA A 873 -33.84 8.59 -1.78
CA ALA A 873 -34.78 9.69 -1.65
C ALA A 873 -34.13 10.94 -1.09
N TYR A 874 -33.17 10.77 -0.18
CA TYR A 874 -32.51 11.92 0.43
C TYR A 874 -31.35 12.45 -0.40
N ALA A 875 -30.72 11.61 -1.20
CA ALA A 875 -29.52 12.01 -1.91
C ALA A 875 -29.76 13.05 -2.98
N TRP A 876 -31.00 13.24 -3.42
CA TRP A 876 -31.32 14.29 -4.36
C TRP A 876 -31.43 15.61 -3.61
N SER A 877 -31.54 16.70 -4.37
CA SER A 877 -31.66 18.02 -3.76
C SER A 877 -31.96 19.01 -4.87
N LEU A 878 -32.25 20.25 -4.47
CA LEU A 878 -32.69 21.28 -5.39
C LEU A 878 -31.66 21.49 -6.50
N ALA A 879 -32.13 22.01 -7.63
CA ALA A 879 -31.35 22.03 -8.84
C ALA A 879 -31.19 23.44 -9.35
N SER A 880 -30.01 23.72 -9.89
CA SER A 880 -29.84 24.90 -10.71
C SER A 880 -30.85 24.88 -11.84
N THR A 881 -31.32 26.05 -12.20
CA THR A 881 -32.40 26.13 -13.16
C THR A 881 -31.88 25.88 -14.58
N PRO A 882 -32.62 25.18 -15.42
CA PRO A 882 -32.04 24.57 -16.62
C PRO A 882 -31.91 25.44 -17.85
N PHE A 883 -31.47 24.80 -18.93
CA PHE A 883 -31.54 25.34 -20.27
C PHE A 883 -32.37 24.40 -21.14
N ILE A 884 -32.48 24.69 -22.43
CA ILE A 884 -32.93 23.69 -23.40
C ILE A 884 -31.96 23.74 -24.57
N THR A 885 -31.11 24.76 -24.57
CA THR A 885 -29.97 24.91 -25.47
C THR A 885 -29.18 26.09 -24.95
N SER A 886 -27.84 25.99 -24.95
CA SER A 886 -26.93 26.79 -24.12
C SER A 886 -27.31 28.26 -24.01
N ILE A 887 -27.75 28.87 -25.10
CA ILE A 887 -28.27 30.23 -25.06
C ILE A 887 -29.79 30.21 -25.11
N ASN A 888 -30.43 30.15 -23.94
CA ASN A 888 -31.87 30.22 -23.85
C ASN A 888 -32.27 30.78 -22.48
N ASP A 889 -33.34 31.57 -22.49
CA ASP A 889 -33.84 32.19 -21.26
C ASP A 889 -35.22 31.72 -20.85
N ASN A 890 -35.84 30.81 -21.59
CA ASN A 890 -37.02 30.15 -21.05
C ASN A 890 -36.61 29.38 -19.80
N THR A 891 -37.48 29.41 -18.79
CA THR A 891 -37.20 29.01 -17.43
C THR A 891 -36.33 30.09 -16.77
N PHE A 892 -36.06 31.21 -17.46
CA PHE A 892 -35.35 32.36 -16.92
C PHE A 892 -33.98 32.00 -16.39
N ASN A 893 -33.10 31.54 -17.26
CA ASN A 893 -31.82 31.01 -16.81
C ASN A 893 -30.71 31.59 -17.67
N ALA A 894 -29.49 31.51 -17.14
CA ALA A 894 -28.35 32.24 -17.69
C ALA A 894 -28.59 33.74 -17.62
N ASN A 895 -29.44 34.13 -16.68
CA ASN A 895 -29.65 35.52 -16.33
C ASN A 895 -29.51 35.66 -14.82
N SER A 896 -28.28 35.84 -14.36
CA SER A 896 -27.95 35.90 -12.95
C SER A 896 -27.80 37.34 -12.46
N ASN A 897 -27.81 38.30 -13.39
CA ASN A 897 -27.63 39.70 -13.03
C ASN A 897 -28.67 40.14 -12.01
N THR A 898 -29.90 39.64 -12.15
CA THR A 898 -30.97 39.98 -11.24
C THR A 898 -31.41 38.75 -10.47
N LEU A 899 -32.45 38.89 -9.67
CA LEU A 899 -33.01 37.77 -8.93
C LEU A 899 -34.01 36.98 -9.74
N GLU A 900 -34.31 37.41 -10.97
CA GLU A 900 -35.26 36.69 -11.82
C GLU A 900 -34.54 35.44 -12.33
N TYR A 901 -34.35 34.51 -11.42
CA TYR A 901 -33.69 33.24 -11.68
C TYR A 901 -34.52 32.05 -11.27
N GLY A 902 -35.34 32.16 -10.24
CA GLY A 902 -36.25 31.10 -9.87
C GLY A 902 -37.68 31.53 -10.06
N PHE A 903 -37.90 32.60 -10.83
CA PHE A 903 -39.26 33.06 -11.10
C PHE A 903 -40.10 31.97 -11.74
N LYS A 904 -39.48 31.08 -12.50
CA LYS A 904 -40.14 29.91 -13.04
C LYS A 904 -39.60 28.73 -12.25
N ARG A 905 -40.21 28.45 -11.09
CA ARG A 905 -39.90 27.24 -10.35
C ARG A 905 -41.14 26.82 -9.58
N ALA A 906 -41.63 25.62 -9.86
CA ALA A 906 -42.75 25.07 -9.13
C ALA A 906 -42.27 24.53 -7.79
N LYS A 907 -43.11 23.77 -7.11
CA LYS A 907 -42.87 23.38 -5.73
C LYS A 907 -42.89 21.86 -5.61
N LEU A 908 -42.14 21.18 -6.47
CA LEU A 908 -42.21 19.72 -6.38
C LEU A 908 -41.61 19.24 -5.08
N SER A 909 -41.84 17.97 -4.79
CA SER A 909 -41.25 17.30 -3.65
C SER A 909 -40.68 15.98 -4.13
N TRP A 910 -39.86 15.37 -3.28
CA TRP A 910 -39.31 14.05 -3.56
C TRP A 910 -39.21 13.32 -2.24
N TYR A 911 -39.65 12.08 -2.21
CA TYR A 911 -39.84 11.43 -0.93
C TYR A 911 -40.22 9.99 -1.18
N THR A 912 -39.76 9.11 -0.30
CA THR A 912 -40.28 7.75 -0.22
C THR A 912 -41.33 7.75 0.87
N ILE A 913 -42.53 7.25 0.54
CA ILE A 913 -43.58 7.18 1.54
C ILE A 913 -43.10 6.27 2.65
N ASP A 914 -42.85 6.85 3.81
CA ASP A 914 -42.13 6.15 4.85
C ASP A 914 -42.96 4.98 5.38
N PRO A 915 -42.30 3.94 5.90
CA PRO A 915 -43.04 2.72 6.25
C PRO A 915 -44.03 2.92 7.38
N VAL A 916 -43.97 4.02 8.13
CA VAL A 916 -45.03 4.23 9.11
C VAL A 916 -46.14 5.00 8.40
N PHE A 917 -46.79 4.32 7.46
CA PHE A 917 -48.15 4.63 7.03
C PHE A 917 -48.94 3.38 6.73
N TYR A 918 -48.27 2.28 6.41
CA TYR A 918 -48.89 1.02 6.02
C TYR A 918 -48.89 0.02 7.17
N SER A 919 -47.93 0.16 8.08
CA SER A 919 -47.96 -0.53 9.37
C SER A 919 -48.93 0.22 10.27
N SER A 920 -48.85 -0.01 11.58
CA SER A 920 -49.69 0.72 12.53
C SER A 920 -49.62 2.22 12.28
N LYS A 921 -50.74 2.80 11.86
CA LYS A 921 -50.78 4.07 11.17
C LYS A 921 -50.77 5.22 12.18
N PRO A 922 -50.53 6.44 11.70
CA PRO A 922 -50.63 7.62 12.56
C PRO A 922 -52.08 8.00 12.81
N SER A 923 -52.26 8.97 13.68
CA SER A 923 -53.58 9.48 14.04
C SER A 923 -54.09 10.53 13.06
N GLY A 924 -53.51 10.58 11.87
CA GLY A 924 -53.93 11.50 10.83
C GLY A 924 -54.70 10.77 9.76
N ILE A 925 -53.98 10.43 8.68
CA ILE A 925 -54.56 9.68 7.57
C ILE A 925 -55.28 8.43 8.07
N SER A 926 -56.44 8.16 7.47
CA SER A 926 -57.12 6.90 7.63
C SER A 926 -56.80 6.02 6.43
N ASN A 927 -57.47 4.88 6.33
CA ASN A 927 -57.25 3.95 5.23
C ASN A 927 -57.83 4.46 3.91
N ASP A 928 -58.41 5.65 3.88
CA ASP A 928 -59.01 6.21 2.68
C ASP A 928 -58.00 6.90 1.78
N ASP A 929 -56.85 7.31 2.32
CA ASP A 929 -55.84 8.01 1.55
C ASP A 929 -54.66 7.14 1.16
N LEU A 930 -54.51 5.97 1.79
CA LEU A 930 -53.45 5.04 1.45
C LEU A 930 -53.82 4.13 0.30
N SER A 931 -54.84 4.49 -0.49
CA SER A 931 -55.35 3.59 -1.51
C SER A 931 -55.63 4.29 -2.83
N LEU A 932 -55.11 5.50 -3.04
CA LEU A 932 -55.45 6.26 -4.23
C LEU A 932 -54.35 6.22 -5.28
N ASN A 933 -53.53 5.17 -5.27
CA ASN A 933 -52.67 4.81 -6.40
C ASN A 933 -51.46 5.73 -6.55
N THR A 934 -51.38 6.80 -5.76
CA THR A 934 -50.14 7.52 -5.62
C THR A 934 -49.43 7.19 -4.31
N THR A 935 -50.17 6.65 -3.35
CA THR A 935 -49.62 6.15 -2.09
C THR A 935 -50.28 4.80 -1.86
N ARG A 936 -49.66 3.74 -2.39
CA ARG A 936 -50.35 2.46 -2.49
C ARG A 936 -49.54 1.27 -1.97
N ARG A 937 -48.28 1.48 -1.57
CA ARG A 937 -47.43 0.40 -1.06
C ARG A 937 -47.23 -0.68 -2.11
N ILE A 938 -46.55 -0.28 -3.18
CA ILE A 938 -46.30 -1.18 -4.30
C ILE A 938 -45.45 -2.35 -3.84
N TYR A 939 -45.98 -3.56 -3.98
CA TYR A 939 -45.21 -4.76 -3.67
C TYR A 939 -44.29 -5.10 -4.83
N SER A 940 -43.22 -5.83 -4.51
CA SER A 940 -42.31 -6.29 -5.56
C SER A 940 -43.02 -7.23 -6.52
N ARG A 941 -43.96 -8.02 -5.99
CA ARG A 941 -44.74 -8.92 -6.84
C ARG A 941 -45.51 -8.13 -7.88
N GLU A 942 -45.88 -6.90 -7.55
CA GLU A 942 -46.71 -6.10 -8.45
C GLU A 942 -45.89 -5.55 -9.60
N LEU A 943 -44.60 -5.27 -9.36
CA LEU A 943 -43.71 -4.90 -10.46
C LEU A 943 -43.15 -6.12 -11.17
N TYR A 944 -42.49 -6.99 -10.42
CA TYR A 944 -41.74 -8.08 -11.01
C TYR A 944 -42.49 -9.37 -10.77
N PRO A 945 -43.33 -9.81 -11.71
CA PRO A 945 -44.02 -11.11 -11.53
C PRO A 945 -43.02 -12.26 -11.62
N ASN A 946 -42.22 -12.39 -10.58
CA ASN A 946 -41.12 -13.33 -10.54
C ASN A 946 -41.58 -14.77 -10.71
N GLN A 955 -39.86 -7.68 -0.65
CA GLN A 955 -41.11 -7.90 -1.36
C GLN A 955 -41.90 -6.60 -1.53
N VAL A 956 -41.53 -5.58 -0.76
CA VAL A 956 -42.11 -4.25 -0.94
C VAL A 956 -41.11 -3.39 -1.71
N VAL A 957 -41.62 -2.58 -2.63
CA VAL A 957 -40.80 -1.74 -3.49
C VAL A 957 -40.86 -0.31 -2.98
N ASN A 958 -39.73 0.19 -2.51
CA ASN A 958 -39.64 1.56 -2.01
C ASN A 958 -39.50 2.51 -3.20
N THR A 959 -40.60 3.15 -3.58
CA THR A 959 -40.60 4.03 -4.74
C THR A 959 -39.91 5.34 -4.38
N LEU A 960 -39.96 6.30 -5.30
CA LEU A 960 -39.34 7.60 -5.10
C LEU A 960 -40.23 8.61 -5.82
N ASP A 961 -41.15 9.23 -5.09
CA ASP A 961 -42.10 10.10 -5.75
C ASP A 961 -41.41 11.40 -6.19
N LEU A 962 -42.07 12.10 -7.10
CA LEU A 962 -41.68 13.46 -7.46
C LEU A 962 -42.92 14.33 -7.55
N THR A 963 -43.74 14.31 -6.50
CA THR A 963 -45.02 14.99 -6.51
C THR A 963 -44.84 16.47 -6.81
N TYR A 964 -45.29 16.89 -7.99
CA TYR A 964 -44.95 18.17 -8.58
C TYR A 964 -46.15 19.09 -8.52
N TYR A 965 -45.93 20.31 -8.03
CA TYR A 965 -46.99 21.27 -7.74
C TYR A 965 -46.76 22.53 -8.57
N PRO A 966 -47.13 22.52 -9.84
CA PRO A 966 -46.84 23.68 -10.68
C PRO A 966 -47.80 24.84 -10.47
N GLY A 967 -48.13 25.15 -9.23
CA GLY A 967 -48.89 26.32 -8.91
C GLY A 967 -48.55 26.83 -7.53
N GLU A 968 -47.53 26.25 -6.92
CA GLU A 968 -47.26 26.46 -5.50
C GLU A 968 -46.08 27.38 -5.23
N ARG A 969 -45.51 28.02 -6.27
CA ARG A 969 -44.50 29.05 -6.11
C ARG A 969 -43.14 28.48 -5.71
N GLY A 970 -43.09 27.20 -5.36
CA GLY A 970 -41.85 26.52 -5.07
C GLY A 970 -40.99 27.19 -4.02
N PRO A 971 -39.74 26.77 -3.96
CA PRO A 971 -38.74 27.46 -3.13
C PRO A 971 -38.35 28.78 -3.77
N TYR A 972 -37.26 29.36 -3.27
CA TYR A 972 -36.95 30.79 -3.30
C TYR A 972 -37.24 31.45 -4.64
N ASN A 973 -38.25 32.31 -4.66
CA ASN A 973 -38.48 33.23 -5.77
C ASN A 973 -39.57 34.23 -5.43
N ASN A 974 -39.29 35.51 -5.62
CA ASN A 974 -40.33 36.52 -5.45
C ASN A 974 -40.93 36.92 -6.80
N ASN A 975 -41.43 35.93 -7.52
CA ASN A 975 -42.11 36.21 -8.78
C ASN A 975 -43.34 37.04 -8.49
N PRO A 976 -43.42 38.28 -8.99
CA PRO A 976 -44.53 39.15 -8.59
C PRO A 976 -45.91 38.63 -8.97
N SER A 977 -46.13 38.33 -10.25
CA SER A 977 -47.48 37.97 -10.67
C SER A 977 -47.81 36.53 -10.30
N PHE A 978 -47.13 35.58 -10.94
CA PHE A 978 -47.25 34.15 -10.71
C PHE A 978 -48.72 33.67 -10.64
N GLY A 979 -49.62 34.37 -11.32
CA GLY A 979 -51.00 33.96 -11.33
C GLY A 979 -51.58 34.01 -12.73
N ALA A 980 -50.85 34.64 -13.63
CA ALA A 980 -51.22 34.69 -15.04
C ALA A 980 -50.31 33.84 -15.91
N SER A 981 -49.06 33.66 -15.51
CA SER A 981 -48.15 32.80 -16.25
C SER A 981 -48.69 31.38 -16.29
N ASN A 982 -48.62 30.77 -17.46
CA ASN A 982 -49.03 29.37 -17.61
C ASN A 982 -48.20 28.49 -16.69
N PRO A 983 -48.82 27.68 -15.84
CA PRO A 983 -48.04 26.73 -15.04
C PRO A 983 -47.23 25.75 -15.86
N SER A 984 -47.49 25.63 -17.16
CA SER A 984 -46.64 24.83 -18.02
C SER A 984 -45.24 25.43 -18.12
N ALA A 985 -45.11 26.73 -17.93
CA ALA A 985 -43.80 27.40 -17.98
C ALA A 985 -43.19 27.50 -16.59
N ASN A 986 -43.12 26.37 -15.90
CA ASN A 986 -42.55 26.30 -14.56
C ASN A 986 -41.95 24.91 -14.40
N PHE A 987 -40.72 24.83 -13.91
CA PHE A 987 -40.09 23.53 -13.77
C PHE A 987 -40.10 23.10 -12.30
N GLY A 988 -39.56 21.92 -12.03
CA GLY A 988 -39.22 21.52 -10.68
C GLY A 988 -37.89 20.81 -10.73
N GLY A 989 -36.89 21.32 -10.02
CA GLY A 989 -35.54 20.85 -10.21
C GLY A 989 -35.11 19.89 -9.12
N ILE A 990 -34.35 18.89 -9.53
CA ILE A 990 -33.73 17.94 -8.61
C ILE A 990 -32.45 17.43 -9.27
N MET A 991 -31.35 17.45 -8.53
CA MET A 991 -30.10 16.93 -9.06
C MET A 991 -29.44 16.02 -8.03
N ARG A 992 -28.60 15.14 -8.53
CA ARG A 992 -27.82 14.20 -7.75
C ARG A 992 -26.34 14.49 -8.02
N ALA A 993 -25.46 13.69 -7.44
CA ALA A 993 -24.03 13.72 -7.76
C ALA A 993 -23.60 12.29 -8.01
N LEU A 994 -23.34 11.96 -9.27
CA LEU A 994 -23.03 10.59 -9.64
C LEU A 994 -21.74 10.14 -8.96
N ASN A 995 -21.79 8.94 -8.35
CA ASN A 995 -20.64 8.45 -7.61
C ASN A 995 -19.49 8.14 -8.53
N SER A 996 -19.79 7.65 -9.73
CA SER A 996 -18.77 7.28 -10.70
C SER A 996 -18.91 8.16 -11.93
N THR A 997 -17.83 8.86 -12.27
CA THR A 997 -17.72 9.60 -13.50
C THR A 997 -17.38 8.64 -14.63
N ASN A 998 -16.86 9.17 -15.74
CA ASN A 998 -16.28 8.45 -16.87
C ASN A 998 -17.09 7.25 -17.32
N PHE A 999 -18.28 7.52 -17.86
CA PHE A 999 -19.12 6.49 -18.45
C PHE A 999 -18.38 5.66 -19.49
N GLU A 1000 -17.36 6.23 -20.14
CA GLU A 1000 -16.52 5.48 -21.06
C GLU A 1000 -15.92 4.26 -20.39
N GLN A 1001 -15.23 4.46 -19.27
CA GLN A 1001 -14.62 3.33 -18.58
C GLN A 1001 -15.66 2.41 -17.97
N GLY A 1002 -16.78 2.95 -17.52
CA GLY A 1002 -17.78 2.15 -16.85
C GLY A 1002 -18.82 1.58 -17.80
N ASN A 1003 -18.89 2.15 -18.99
CA ASN A 1003 -19.79 1.68 -20.04
C ASN A 1003 -21.25 1.85 -19.61
N VAL A 1004 -21.57 3.02 -19.09
CA VAL A 1004 -22.95 3.33 -18.73
C VAL A 1004 -23.74 3.55 -20.01
N GLU A 1005 -24.65 2.64 -20.31
CA GLU A 1005 -25.36 2.65 -21.59
C GLU A 1005 -26.74 3.27 -21.51
N TYR A 1006 -27.55 2.86 -20.54
CA TYR A 1006 -28.96 3.20 -20.50
C TYR A 1006 -29.34 3.87 -19.19
N ILE A 1007 -30.53 4.45 -19.20
CA ILE A 1007 -31.20 4.93 -17.99
C ILE A 1007 -32.57 4.29 -17.97
N GLN A 1008 -32.81 3.44 -16.97
CA GLN A 1008 -34.06 2.70 -16.92
C GLN A 1008 -34.82 3.04 -15.65
N PHE A 1009 -36.14 2.94 -15.74
CA PHE A 1009 -36.99 3.25 -14.59
C PHE A 1009 -38.43 2.85 -14.90
N TRP A 1010 -39.24 2.80 -13.85
CA TRP A 1010 -40.56 2.17 -13.84
C TRP A 1010 -41.62 3.15 -13.36
N VAL A 1011 -41.68 4.31 -14.00
CA VAL A 1011 -42.70 5.32 -13.72
C VAL A 1011 -44.08 4.69 -13.69
N LEU A 1012 -44.92 5.13 -12.76
CA LEU A 1012 -46.32 4.79 -12.82
C LEU A 1012 -46.98 5.54 -13.97
N ASP A 1013 -47.78 4.85 -14.74
CA ASP A 1013 -48.64 5.61 -15.62
C ASP A 1013 -49.61 6.34 -14.72
N PRO A 1014 -49.48 7.66 -14.55
CA PRO A 1014 -50.29 8.35 -13.55
C PRO A 1014 -51.77 8.42 -13.91
N TYR A 1015 -52.13 8.02 -15.11
CA TYR A 1015 -53.50 8.18 -15.60
C TYR A 1015 -54.26 6.86 -15.44
N VAL A 1016 -54.46 6.49 -14.18
CA VAL A 1016 -55.20 5.28 -13.83
C VAL A 1016 -55.99 5.55 -12.54
N GLY A 1017 -56.75 4.55 -12.10
CA GLY A 1017 -57.81 4.79 -11.13
C GLY A 1017 -57.30 5.26 -9.79
N ASN A 1018 -58.05 6.19 -9.20
CA ASN A 1018 -57.85 6.70 -7.85
C ASN A 1018 -56.68 7.66 -7.72
N GLY A 1019 -55.87 7.79 -8.77
CA GLY A 1019 -54.79 8.75 -8.77
C GLY A 1019 -54.74 9.43 -10.11
N GLU A 1020 -55.80 9.25 -10.88
CA GLU A 1020 -55.81 9.66 -12.28
C GLU A 1020 -55.83 11.17 -12.34
N SER A 1021 -54.66 11.77 -12.53
CA SER A 1021 -54.62 13.16 -12.95
C SER A 1021 -55.39 13.27 -14.26
N PRO A 1022 -56.21 14.30 -14.44
CA PRO A 1022 -56.94 14.44 -15.70
C PRO A 1022 -55.97 14.61 -16.85
N ALA A 1023 -56.49 14.43 -18.06
CA ALA A 1023 -55.66 14.56 -19.24
C ALA A 1023 -55.23 16.01 -19.42
N THR A 1024 -54.50 16.27 -20.50
CA THR A 1024 -53.95 17.59 -20.78
C THR A 1024 -52.91 17.98 -19.74
N ASN A 1025 -51.88 17.15 -19.60
CA ASN A 1025 -50.70 17.52 -18.81
C ASN A 1025 -49.44 17.63 -19.66
N ALA A 1026 -49.24 16.74 -20.62
CA ALA A 1026 -48.15 16.86 -21.58
C ALA A 1026 -46.79 16.86 -20.87
N GLY A 1027 -46.47 15.72 -20.28
CA GLY A 1027 -45.25 15.59 -19.52
C GLY A 1027 -44.01 15.91 -20.34
N LYS A 1028 -43.06 16.56 -19.70
CA LYS A 1028 -41.77 16.86 -20.31
C LYS A 1028 -40.66 16.62 -19.31
N ILE A 1029 -40.66 15.46 -18.66
CA ILE A 1029 -39.62 15.13 -17.70
C ILE A 1029 -38.28 15.08 -18.42
N TYR A 1030 -37.37 16.00 -18.08
CA TYR A 1030 -36.04 16.01 -18.67
C TYR A 1030 -35.05 15.32 -17.73
N PHE A 1031 -33.90 14.98 -18.29
CA PHE A 1031 -32.89 14.19 -17.60
C PHE A 1031 -31.49 14.75 -17.84
N ASN A 1032 -31.29 16.04 -17.62
CA ASN A 1032 -29.98 16.65 -17.81
C ASN A 1032 -28.90 15.88 -17.06
N LEU A 1033 -28.02 15.23 -17.83
CA LEU A 1033 -27.04 14.26 -17.32
C LEU A 1033 -25.70 14.66 -17.92
N GLY A 1034 -25.02 15.58 -17.26
CA GLY A 1034 -23.87 16.26 -17.83
C GLY A 1034 -22.82 16.61 -16.80
N GLU A 1035 -22.45 17.89 -16.74
CA GLU A 1035 -21.74 18.47 -15.62
C GLU A 1035 -22.50 19.67 -15.08
N ILE A 1036 -23.77 19.44 -14.79
CA ILE A 1036 -24.76 20.40 -14.34
C ILE A 1036 -24.23 21.36 -13.29
N SER A 1037 -24.58 22.64 -13.42
CA SER A 1037 -24.13 23.69 -12.51
C SER A 1037 -24.60 23.38 -11.09
N GLU A 1038 -23.63 23.16 -10.20
CA GLU A 1038 -23.87 22.81 -8.82
C GLU A 1038 -24.28 24.00 -7.98
N ASP A 1039 -24.39 25.18 -8.59
CA ASP A 1039 -24.81 26.41 -7.93
C ASP A 1039 -26.33 26.46 -7.91
N VAL A 1040 -26.91 25.88 -6.86
CA VAL A 1040 -28.35 25.73 -6.78
C VAL A 1040 -29.04 27.07 -6.83
N LEU A 1041 -28.79 27.90 -5.85
CA LEU A 1041 -29.40 29.22 -5.71
C LEU A 1041 -28.37 30.22 -6.19
N LYS A 1042 -28.51 30.66 -7.45
CA LYS A 1042 -27.50 31.46 -8.12
C LYS A 1042 -27.20 32.73 -7.36
N ASP A 1043 -26.05 32.77 -6.72
CA ASP A 1043 -25.72 33.81 -5.77
C ASP A 1043 -24.60 34.71 -6.29
N GLY A 1044 -24.15 34.50 -7.50
CA GLY A 1044 -22.94 35.11 -7.99
C GLY A 1044 -21.70 34.28 -7.76
N ARG A 1045 -21.82 32.95 -7.77
CA ARG A 1045 -20.73 32.01 -7.53
C ARG A 1045 -20.30 31.98 -6.07
N LYS A 1046 -21.13 32.46 -5.16
CA LYS A 1046 -20.89 32.30 -3.73
C LYS A 1046 -21.48 30.97 -3.32
N GLN A 1047 -20.67 30.09 -2.75
CA GLN A 1047 -21.30 28.89 -2.21
C GLN A 1047 -21.92 29.23 -0.86
N TYR A 1048 -22.30 28.21 -0.12
CA TYR A 1048 -23.24 28.40 0.96
C TYR A 1048 -23.18 27.21 1.89
N GLU A 1049 -23.49 27.43 3.15
CA GLU A 1049 -23.13 26.45 4.17
C GLU A 1049 -23.85 26.75 5.47
N ASN A 1050 -23.45 26.04 6.53
CA ASN A 1050 -23.74 26.41 7.91
C ASN A 1050 -22.79 27.52 8.33
N GLY A 1051 -22.66 27.75 9.61
CA GLY A 1051 -21.75 28.80 10.03
C GLY A 1051 -22.33 30.14 9.70
N LEU A 1052 -23.60 30.31 10.06
CA LEU A 1052 -24.29 31.58 10.01
C LEU A 1052 -24.61 32.00 11.44
N GLY A 1053 -25.31 33.13 11.57
CA GLY A 1053 -25.65 33.64 12.87
C GLY A 1053 -24.99 34.98 13.14
N PRO A 1054 -25.26 35.55 14.28
CA PRO A 1054 -24.67 36.85 14.62
C PRO A 1054 -23.24 36.70 15.05
N ASP A 1055 -22.92 35.50 15.56
CA ASP A 1055 -21.57 35.22 16.03
C ASP A 1055 -20.57 35.33 14.89
N GLN A 1056 -20.93 34.80 13.72
CA GLN A 1056 -20.03 34.71 12.58
C GLN A 1056 -20.11 35.97 11.73
N VAL A 1057 -19.27 36.02 10.70
CA VAL A 1057 -19.23 37.13 9.75
C VAL A 1057 -19.89 36.70 8.46
N MET A 1058 -20.51 37.64 7.77
CA MET A 1058 -21.08 37.40 6.45
C MET A 1058 -20.50 38.40 5.46
N VAL A 1059 -20.87 38.20 4.19
CA VAL A 1059 -20.41 39.10 3.14
C VAL A 1059 -20.92 40.50 3.45
N ASN A 1060 -20.11 41.51 3.10
CA ASN A 1060 -20.46 42.89 3.44
C ASN A 1060 -21.78 43.31 2.81
N PRO A 1061 -21.98 43.20 1.50
CA PRO A 1061 -23.34 43.30 0.97
C PRO A 1061 -24.02 41.95 1.06
N GLN A 1062 -25.32 41.96 1.30
CA GLN A 1062 -26.07 40.72 1.17
C GLN A 1062 -25.98 40.24 -0.27
N PRO A 1063 -25.50 39.03 -0.50
CA PRO A 1063 -25.22 38.60 -1.89
C PRO A 1063 -26.46 38.33 -2.71
N LEU A 1064 -27.42 39.25 -2.73
CA LEU A 1064 -28.53 39.27 -3.67
C LEU A 1064 -29.57 38.19 -3.39
N TRP A 1065 -29.27 37.25 -2.50
CA TRP A 1065 -30.20 36.22 -2.10
C TRP A 1065 -30.38 36.20 -0.59
N GLY A 1066 -29.26 36.23 0.12
CA GLY A 1066 -29.29 36.11 1.56
C GLY A 1066 -28.06 36.65 2.25
N ASP A 1067 -27.55 35.90 3.22
CA ASP A 1067 -26.40 36.30 4.03
C ASP A 1067 -25.32 35.24 3.96
N VAL A 1068 -24.96 34.86 2.74
CA VAL A 1068 -23.88 33.93 2.44
C VAL A 1068 -22.64 34.25 3.27
N PRO A 1069 -22.20 33.36 4.15
CA PRO A 1069 -21.09 33.69 5.03
C PRO A 1069 -19.80 33.88 4.27
N ALA A 1070 -18.83 34.51 4.92
CA ALA A 1070 -17.51 34.74 4.35
C ALA A 1070 -16.50 33.97 5.19
N SER A 1071 -16.36 32.69 4.87
CA SER A 1071 -15.37 31.80 5.45
C SER A 1071 -15.51 30.46 4.75
N GLN A 1072 -14.40 29.76 4.57
CA GLN A 1072 -14.45 28.54 3.78
C GLN A 1072 -14.78 27.34 4.64
N SER A 1073 -15.62 26.48 4.09
CA SER A 1073 -16.13 25.32 4.79
C SER A 1073 -15.01 24.36 5.15
N LEU A 1074 -14.71 24.24 6.44
CA LEU A 1074 -13.72 23.24 6.83
C LEU A 1074 -14.32 21.85 6.82
N ILE A 1075 -15.47 21.67 7.47
CA ILE A 1075 -16.21 20.43 7.42
C ILE A 1075 -17.69 20.75 7.44
N TYR A 1076 -18.45 20.18 6.51
CA TYR A 1076 -19.87 20.43 6.45
C TYR A 1076 -20.58 19.68 7.56
N ALA A 1077 -20.80 20.33 8.70
CA ALA A 1077 -21.53 19.72 9.80
C ALA A 1077 -21.78 20.77 10.86
N PHE A 1078 -22.96 20.72 11.46
CA PHE A 1078 -23.34 21.71 12.46
C PHE A 1078 -22.60 21.45 13.76
N ASP A 1079 -22.96 22.21 14.79
CA ASP A 1079 -22.56 21.92 16.15
C ASP A 1079 -23.62 21.04 16.81
N THR A 1080 -23.54 20.90 18.13
CA THR A 1080 -24.57 20.18 18.87
C THR A 1080 -25.23 21.05 19.94
N ASN A 1081 -24.85 22.32 20.03
CA ASN A 1081 -25.56 23.24 20.92
C ASN A 1081 -26.93 23.51 20.33
N PRO A 1082 -27.99 22.98 20.95
CA PRO A 1082 -29.33 23.16 20.37
C PRO A 1082 -29.76 24.60 20.26
N ASP A 1083 -29.26 25.47 21.15
CA ASP A 1083 -29.55 26.89 21.02
C ASP A 1083 -28.81 27.52 19.85
N ASN A 1084 -27.72 26.90 19.40
CA ASN A 1084 -26.96 27.47 18.29
C ASN A 1084 -27.48 26.96 16.96
N ARG A 1085 -27.69 25.64 16.83
CA ARG A 1085 -28.13 25.08 15.57
C ARG A 1085 -29.48 25.63 15.13
N LYS A 1086 -30.30 26.06 16.09
CA LYS A 1086 -31.58 26.66 15.74
C LYS A 1086 -31.39 27.96 14.96
N ASN A 1087 -30.22 28.58 15.05
CA ASN A 1087 -29.95 29.81 14.32
C ASN A 1087 -29.18 29.57 13.04
N GLN A 1088 -28.49 28.44 12.92
CA GLN A 1088 -27.69 28.17 11.73
C GLN A 1088 -28.57 27.70 10.58
N ASP A 1089 -29.31 26.60 10.76
CA ASP A 1089 -30.09 26.09 9.63
C ASP A 1089 -31.24 27.02 9.33
N VAL A 1090 -31.05 27.87 8.34
CA VAL A 1090 -31.99 28.93 8.02
C VAL A 1090 -32.30 28.89 6.52
N GLY A 1091 -31.87 27.83 5.86
CA GLY A 1091 -32.22 27.59 4.48
C GLY A 1091 -31.00 27.67 3.60
N LEU A 1092 -31.24 27.77 2.29
CA LEU A 1092 -30.21 28.07 1.31
C LEU A 1092 -30.09 29.57 1.05
N ASP A 1093 -30.49 30.39 2.01
CA ASP A 1093 -30.44 31.83 1.83
C ASP A 1093 -29.65 32.49 2.94
N GLY A 1094 -29.70 31.94 4.15
CA GLY A 1094 -29.09 32.54 5.32
C GLY A 1094 -30.05 33.36 6.14
N LEU A 1095 -31.15 33.80 5.54
CA LEU A 1095 -32.12 34.56 6.27
C LEU A 1095 -32.98 33.62 7.10
N PRO A 1096 -33.21 33.94 8.37
CA PRO A 1096 -33.82 32.97 9.28
C PRO A 1096 -35.33 32.87 9.16
N SER A 1097 -35.89 33.36 8.06
CA SER A 1097 -37.33 33.30 7.78
C SER A 1097 -38.12 34.28 8.63
N SER A 1098 -37.43 35.07 9.41
CA SER A 1098 -37.99 36.24 10.05
C SER A 1098 -37.44 37.52 9.45
N ARG A 1099 -36.38 37.42 8.65
CA ARG A 1099 -35.84 38.54 7.90
C ARG A 1099 -35.87 38.29 6.40
N GLU A 1100 -36.53 37.21 5.96
CA GLU A 1100 -36.65 36.95 4.54
C GLU A 1100 -37.51 37.98 3.83
N GLY A 1101 -38.32 38.73 4.57
CA GLY A 1101 -39.16 39.76 4.02
C GLY A 1101 -38.43 40.99 3.54
N SER A 1102 -37.12 41.04 3.71
CA SER A 1102 -36.34 42.16 3.22
C SER A 1102 -35.88 41.97 1.78
N ILE A 1103 -35.79 40.73 1.33
CA ILE A 1103 -35.37 40.42 -0.03
C ILE A 1103 -36.54 39.96 -0.88
N TYR A 1104 -37.43 39.15 -0.31
CA TYR A 1104 -38.57 38.64 -1.04
C TYR A 1104 -39.74 39.58 -0.80
N THR A 1105 -39.64 40.80 -1.34
CA THR A 1105 -40.52 41.88 -0.92
C THR A 1105 -41.99 41.60 -1.27
N ASN A 1106 -42.27 41.29 -2.53
CA ASN A 1106 -43.65 41.12 -2.96
C ASN A 1106 -44.31 39.94 -2.26
N TYR A 1107 -43.58 38.85 -2.09
CA TYR A 1107 -44.05 37.73 -1.29
C TYR A 1107 -43.69 37.86 0.17
N ALA A 1108 -43.20 39.03 0.59
CA ALA A 1108 -42.93 39.27 2.00
C ALA A 1108 -44.25 39.42 2.75
N GLY A 1109 -44.20 39.42 4.08
CA GLY A 1109 -45.41 39.49 4.87
C GLY A 1109 -46.31 38.31 4.63
N GLU A 1110 -45.73 37.10 4.70
CA GLU A 1110 -46.47 35.88 4.49
C GLU A 1110 -46.04 34.84 5.51
N ALA A 1111 -45.11 35.23 6.38
CA ALA A 1111 -44.56 34.31 7.38
C ALA A 1111 -45.62 33.79 8.33
N THR A 1114 -41.98 35.26 2.95
CA THR A 1114 -41.07 34.13 3.13
C THR A 1114 -40.87 33.40 1.82
N GLY A 1115 -39.79 32.62 1.73
CA GLY A 1115 -39.54 31.84 0.54
C GLY A 1115 -39.52 30.35 0.79
N ASP A 1116 -39.13 29.92 1.98
CA ASP A 1116 -38.95 28.52 2.28
C ASP A 1116 -39.09 28.25 3.78
N ASP A 1117 -39.61 27.06 4.10
CA ASP A 1117 -39.71 26.56 5.46
C ASP A 1117 -39.76 25.04 5.38
N TYR A 1118 -40.06 24.41 6.52
CA TYR A 1118 -39.94 22.96 6.64
C TYR A 1118 -41.05 22.42 7.53
N THR A 1119 -41.54 21.22 7.21
CA THR A 1119 -42.59 20.58 7.99
C THR A 1119 -42.37 19.07 7.96
N TYR A 1120 -42.25 18.47 9.13
CA TYR A 1120 -42.05 17.02 9.23
C TYR A 1120 -43.23 16.28 8.62
N TYR A 1121 -42.94 15.13 8.00
CA TYR A 1121 -43.98 14.43 7.25
C TYR A 1121 -45.06 13.89 8.15
N LEU A 1122 -44.73 13.57 9.41
CA LEU A 1122 -45.70 13.07 10.37
C LEU A 1122 -46.18 14.17 11.30
N ASN A 1123 -45.95 15.42 10.94
CA ASN A 1123 -46.45 16.58 11.66
C ASN A 1123 -47.46 17.38 10.87
N ALA A 1124 -47.38 17.39 9.54
CA ALA A 1124 -48.33 18.13 8.75
C ALA A 1124 -49.70 17.48 8.83
N ASP A 1125 -50.68 18.11 8.20
CA ASP A 1125 -52.07 17.66 8.28
C ASP A 1125 -52.61 17.45 6.87
N GLY A 1126 -53.01 16.22 6.58
CA GLY A 1126 -53.59 15.88 5.31
C GLY A 1126 -53.20 14.49 4.90
N GLY A 1127 -53.45 14.17 3.64
CA GLY A 1127 -53.09 12.87 3.11
C GLY A 1127 -51.60 12.70 2.95
N VAL A 1128 -51.20 11.45 2.75
CA VAL A 1128 -49.79 11.13 2.62
C VAL A 1128 -49.17 11.85 1.44
N LEU A 1129 -49.95 12.07 0.39
CA LEU A 1129 -49.47 12.86 -0.74
C LEU A 1129 -49.21 14.31 -0.35
N GLU A 1130 -49.83 14.78 0.72
CA GLU A 1130 -49.74 16.18 1.11
C GLU A 1130 -48.96 16.42 2.39
N ARG A 1131 -48.80 15.40 3.24
CA ARG A 1131 -47.87 15.53 4.35
C ARG A 1131 -46.46 15.81 3.86
N TYR A 1132 -46.08 15.22 2.73
CA TYR A 1132 -44.81 15.54 2.09
C TYR A 1132 -44.96 16.76 1.18
N LYS A 1133 -45.56 17.81 1.71
CA LYS A 1133 -45.64 19.07 1.00
C LYS A 1133 -44.37 19.88 1.22
N ASN A 1134 -43.95 19.98 2.47
CA ASN A 1134 -42.76 20.70 2.85
C ASN A 1134 -41.80 19.82 3.63
N TYR A 1135 -41.75 18.52 3.29
CA TYR A 1135 -40.67 17.68 3.77
C TYR A 1135 -39.52 17.68 2.78
N ASN A 1136 -39.21 18.86 2.29
CA ASN A 1136 -37.99 19.11 1.54
C ASN A 1136 -37.45 20.49 1.84
N GLY A 1137 -38.08 21.26 2.73
CA GLY A 1137 -37.56 22.54 3.10
C GLY A 1137 -36.20 22.43 3.74
N THR A 1138 -35.47 23.52 3.69
CA THR A 1138 -34.14 23.56 4.24
C THR A 1138 -34.06 24.28 5.57
N GLU A 1139 -35.11 24.99 5.98
CA GLU A 1139 -35.07 25.80 7.19
C GLU A 1139 -35.71 25.00 8.32
N GLY A 1140 -34.88 24.51 9.23
CA GLY A 1140 -35.33 23.63 10.28
C GLY A 1140 -35.21 22.16 9.97
N ASN A 1141 -34.60 21.81 8.85
CA ASN A 1141 -34.45 20.43 8.42
C ASN A 1141 -33.42 19.64 9.22
N SER A 1142 -32.84 20.22 10.25
CA SER A 1142 -31.78 19.54 10.99
C SER A 1142 -31.95 19.75 12.48
N ALA A 1143 -33.18 19.63 12.98
CA ALA A 1143 -33.43 19.87 14.39
C ALA A 1143 -32.73 18.84 15.25
N VAL A 1144 -32.04 19.31 16.29
CA VAL A 1144 -31.39 18.46 17.27
C VAL A 1144 -32.47 17.76 18.09
N SER A 1145 -32.08 16.78 18.89
CA SER A 1145 -33.03 16.11 19.79
C SER A 1145 -34.16 15.44 19.01
N ILE A 1146 -33.78 14.38 18.30
CA ILE A 1146 -34.62 13.65 17.34
C ILE A 1146 -36.05 13.43 17.83
N ASN A 1147 -36.23 13.24 19.14
CA ASN A 1147 -37.56 13.08 19.72
C ASN A 1147 -38.28 14.43 19.85
N ASP A 1148 -38.49 15.08 18.72
CA ASP A 1148 -39.22 16.33 18.63
C ASP A 1148 -40.51 16.17 17.86
N PRO A 1149 -41.39 17.17 17.91
CA PRO A 1149 -42.56 17.18 17.02
C PRO A 1149 -42.21 17.45 15.58
N ASN A 1150 -41.01 17.97 15.31
CA ASN A 1150 -40.59 18.34 13.96
C ASN A 1150 -39.15 17.87 13.79
N ARG A 1151 -38.98 16.64 13.32
CA ARG A 1151 -37.66 16.05 13.12
C ARG A 1151 -37.04 16.64 11.86
N GLY A 1152 -35.88 16.15 11.45
CA GLY A 1152 -35.17 16.84 10.39
C GLY A 1152 -34.94 16.11 9.08
N SER A 1153 -34.75 14.79 9.14
CA SER A 1153 -34.44 13.95 7.99
C SER A 1153 -33.01 14.12 7.50
N THR A 1154 -32.28 15.10 8.05
CA THR A 1154 -30.85 15.24 7.81
C THR A 1154 -30.23 15.92 9.01
N THR A 1155 -28.98 15.57 9.28
CA THR A 1155 -28.18 16.27 10.27
C THR A 1155 -26.98 16.95 9.61
N LEU A 1156 -27.05 17.16 8.32
CA LEU A 1156 -26.02 17.79 7.52
C LEU A 1156 -26.39 19.24 7.24
N PRO A 1157 -25.40 20.08 6.95
CA PRO A 1157 -25.70 21.46 6.62
C PRO A 1157 -26.48 21.56 5.31
N ASP A 1158 -27.03 22.74 5.08
CA ASP A 1158 -27.88 23.01 3.93
C ASP A 1158 -27.07 23.64 2.80
N VAL A 1159 -26.05 22.92 2.34
CA VAL A 1159 -24.96 23.53 1.58
C VAL A 1159 -25.16 23.35 0.08
N GLU A 1160 -24.52 24.21 -0.69
CA GLU A 1160 -24.55 24.14 -2.15
C GLU A 1160 -23.40 23.32 -2.71
N ASP A 1161 -23.21 22.11 -2.19
CA ASP A 1161 -22.25 21.14 -2.73
C ASP A 1161 -22.95 19.80 -2.86
N ILE A 1162 -23.37 19.47 -4.07
CA ILE A 1162 -24.00 18.19 -4.29
C ILE A 1162 -22.97 17.06 -4.31
N ASN A 1163 -21.76 17.34 -4.78
CA ASN A 1163 -20.72 16.32 -4.85
C ASN A 1163 -19.77 16.35 -3.67
N ARG A 1164 -19.72 17.44 -2.93
CA ARG A 1164 -18.83 17.58 -1.77
C ARG A 1164 -17.36 17.52 -2.19
N ASP A 1165 -17.04 18.16 -3.32
CA ASP A 1165 -15.66 18.47 -3.65
C ASP A 1165 -15.13 19.64 -2.86
N ASN A 1166 -15.96 20.25 -2.01
CA ASN A 1166 -15.71 21.52 -1.36
C ASN A 1166 -15.68 22.68 -2.34
N THR A 1167 -16.15 22.49 -3.57
CA THR A 1167 -16.27 23.56 -4.53
C THR A 1167 -17.59 23.42 -5.27
N MET A 1168 -17.89 24.40 -6.09
CA MET A 1168 -19.18 24.47 -6.77
C MET A 1168 -19.13 24.01 -8.21
N SER A 1169 -18.17 24.51 -9.00
CA SER A 1169 -18.11 24.20 -10.42
C SER A 1169 -19.37 24.69 -11.12
N THR A 1170 -19.56 26.01 -11.11
CA THR A 1170 -20.67 26.64 -11.79
C THR A 1170 -20.43 26.60 -13.30
N ILE A 1171 -20.69 25.44 -13.88
CA ILE A 1171 -20.50 25.20 -15.31
C ILE A 1171 -21.79 24.60 -15.85
N ASN A 1172 -21.88 24.49 -17.17
CA ASN A 1172 -23.03 23.86 -17.81
C ASN A 1172 -22.53 23.06 -19.00
N ALA A 1173 -22.43 21.75 -18.83
CA ALA A 1173 -22.16 20.82 -19.93
C ALA A 1173 -23.20 19.72 -19.84
N TYR A 1174 -24.36 19.96 -20.43
CA TYR A 1174 -25.50 19.07 -20.24
C TYR A 1174 -25.53 17.96 -21.26
N TYR A 1175 -26.55 17.12 -21.12
CA TYR A 1175 -27.01 16.18 -22.14
C TYR A 1175 -28.50 15.94 -21.84
N GLU A 1176 -29.36 16.68 -22.52
CA GLU A 1176 -30.78 16.51 -22.25
C GLU A 1176 -31.26 15.16 -22.75
N TYR A 1177 -32.25 14.61 -22.04
CA TYR A 1177 -32.92 13.39 -22.47
C TYR A 1177 -34.40 13.60 -22.16
N SER A 1178 -35.12 14.17 -23.12
CA SER A 1178 -36.50 14.54 -22.88
C SER A 1178 -37.36 13.30 -22.75
N ILE A 1179 -38.51 13.47 -22.11
CA ILE A 1179 -39.53 12.45 -21.99
C ILE A 1179 -40.88 13.14 -22.02
N ASP A 1180 -41.85 12.49 -22.66
CA ASP A 1180 -43.21 12.98 -22.63
C ASP A 1180 -44.04 12.16 -21.67
N VAL A 1181 -45.03 12.80 -21.07
CA VAL A 1181 -46.00 12.09 -20.25
C VAL A 1181 -47.39 12.43 -20.75
N LYS A 1182 -47.90 11.62 -21.66
CA LYS A 1182 -49.17 11.81 -22.34
C LYS A 1182 -50.23 10.93 -21.69
N PRO A 1183 -51.50 11.08 -22.10
CA PRO A 1183 -52.54 10.17 -21.61
C PRO A 1183 -52.27 8.70 -21.93
N GLY A 1184 -52.09 8.38 -23.21
CA GLY A 1184 -51.85 7.02 -23.64
C GLY A 1184 -50.44 6.85 -24.17
N MET A 1185 -49.90 5.64 -24.03
CA MET A 1185 -48.54 5.36 -24.47
C MET A 1185 -48.42 3.90 -24.88
N GLN A 1186 -48.06 3.68 -26.14
CA GLN A 1186 -47.73 2.34 -26.60
C GLN A 1186 -46.26 2.05 -26.26
N VAL A 1187 -45.72 0.96 -26.79
CA VAL A 1187 -44.33 0.62 -26.53
C VAL A 1187 -43.39 1.23 -27.57
N GLY A 1188 -43.89 1.53 -28.77
CA GLY A 1188 -43.11 2.22 -29.77
C GLY A 1188 -43.01 3.71 -29.56
N GLU A 1189 -43.49 4.20 -28.43
CA GLU A 1189 -43.50 5.62 -28.12
C GLU A 1189 -42.11 6.07 -27.65
N ASN A 1190 -42.05 7.21 -26.96
CA ASN A 1190 -40.86 8.02 -26.74
C ASN A 1190 -39.60 7.21 -26.44
N TYR A 1191 -39.57 6.52 -25.31
CA TYR A 1191 -38.51 5.58 -25.02
C TYR A 1191 -39.07 4.37 -24.28
N ILE A 1192 -40.36 4.12 -24.43
CA ILE A 1192 -41.04 3.15 -23.59
C ILE A 1192 -40.59 1.74 -23.98
N THR A 1193 -40.85 0.82 -23.06
CA THR A 1193 -40.64 -0.61 -23.28
C THR A 1193 -41.79 -1.29 -22.55
N ASP A 1194 -41.62 -2.57 -22.22
CA ASP A 1194 -42.63 -3.41 -21.59
C ASP A 1194 -43.40 -2.68 -20.51
N ILE A 1195 -44.73 -2.66 -20.66
CA ILE A 1195 -45.56 -1.74 -19.88
C ILE A 1195 -46.09 -2.38 -18.60
N ARG A 1196 -46.32 -3.68 -18.59
CA ARG A 1196 -46.56 -4.41 -17.35
C ARG A 1196 -47.85 -3.95 -16.67
N GLU A 1197 -48.95 -4.04 -17.42
CA GLU A 1197 -50.24 -3.63 -16.88
C GLU A 1197 -50.70 -4.59 -15.80
N VAL A 1198 -51.11 -4.05 -14.67
CA VAL A 1198 -51.72 -4.85 -13.61
C VAL A 1198 -53.23 -4.72 -13.73
N THR A 1199 -53.94 -5.65 -13.09
CA THR A 1199 -55.39 -5.76 -13.27
C THR A 1199 -56.16 -5.43 -12.00
N ASN A 1200 -55.91 -6.14 -10.90
CA ASN A 1200 -56.70 -5.96 -9.67
C ASN A 1200 -55.78 -6.07 -8.47
N VAL A 1201 -55.26 -4.94 -8.01
CA VAL A 1201 -54.47 -4.88 -6.80
C VAL A 1201 -55.41 -4.53 -5.65
N ASP A 1202 -55.42 -5.35 -4.62
CA ASP A 1202 -56.31 -5.12 -3.48
C ASP A 1202 -55.82 -3.91 -2.71
N LEU A 1203 -56.45 -2.76 -2.95
CA LEU A 1203 -56.11 -1.56 -2.22
C LEU A 1203 -56.38 -1.77 -0.73
N PRO A 1204 -55.78 -0.95 0.13
CA PRO A 1204 -55.86 -1.23 1.57
C PRO A 1204 -57.26 -1.08 2.13
N ASN A 1205 -58.11 -0.22 1.59
CA ASN A 1205 -59.40 0.01 2.23
C ASN A 1205 -60.41 -1.07 1.86
N GLY A 1206 -60.87 -1.09 0.61
CA GLY A 1206 -61.62 -2.22 0.10
C GLY A 1206 -61.50 -2.36 -1.40
N GLY A 1207 -60.67 -1.51 -2.01
CA GLY A 1207 -60.74 -1.25 -3.43
C GLY A 1207 -59.69 -2.01 -4.24
N THR A 1208 -59.70 -1.73 -5.54
CA THR A 1208 -58.75 -2.31 -6.46
C THR A 1208 -58.75 -1.46 -7.73
N THR A 1209 -57.57 -1.29 -8.32
CA THR A 1209 -57.40 -0.40 -9.44
C THR A 1209 -56.72 -1.13 -10.58
N ASN A 1210 -56.53 -0.42 -11.68
CA ASN A 1210 -55.79 -0.91 -12.84
C ASN A 1210 -54.60 0.02 -13.03
N ALA A 1211 -53.42 -0.43 -12.61
CA ALA A 1211 -52.22 0.37 -12.67
C ALA A 1211 -51.36 -0.04 -13.85
N ARG A 1212 -50.55 0.91 -14.32
CA ARG A 1212 -49.60 0.67 -15.40
C ARG A 1212 -48.20 0.98 -14.89
N TRP A 1213 -47.22 0.38 -15.55
CA TRP A 1213 -45.83 0.46 -15.12
C TRP A 1213 -44.92 0.68 -16.31
N ILE A 1214 -45.18 1.73 -17.10
CA ILE A 1214 -44.47 1.91 -18.34
C ILE A 1214 -42.98 2.12 -18.09
N GLN A 1215 -42.19 1.10 -18.41
CA GLN A 1215 -40.74 1.15 -18.26
C GLN A 1215 -40.11 1.93 -19.40
N PHE A 1216 -39.13 2.76 -19.07
CA PHE A 1216 -38.45 3.53 -20.09
C PHE A 1216 -37.01 3.05 -20.23
N LYS A 1217 -36.38 3.46 -21.33
CA LYS A 1217 -34.96 3.21 -21.56
C LYS A 1217 -34.45 4.31 -22.46
N ILE A 1218 -33.70 5.24 -21.89
CA ILE A 1218 -33.08 6.32 -22.66
C ILE A 1218 -31.66 5.89 -22.99
N PRO A 1219 -31.33 5.65 -24.25
CA PRO A 1219 -29.96 5.28 -24.59
C PRO A 1219 -29.02 6.45 -24.37
N VAL A 1220 -28.06 6.28 -23.44
CA VAL A 1220 -27.27 7.41 -22.99
C VAL A 1220 -26.38 7.94 -24.09
N SER A 1221 -25.96 7.08 -25.03
CA SER A 1221 -25.10 7.54 -26.10
C SER A 1221 -25.91 8.05 -27.29
N GLN A 1222 -26.92 8.86 -26.99
CA GLN A 1222 -27.80 9.52 -27.95
C GLN A 1222 -28.50 10.66 -27.25
N PRO A 1223 -27.81 11.73 -26.95
CA PRO A 1223 -28.46 12.88 -26.30
C PRO A 1223 -29.42 13.57 -27.25
N GLN A 1224 -30.04 14.65 -26.82
CA GLN A 1224 -30.94 15.37 -27.69
C GLN A 1224 -30.57 16.82 -27.90
N ASN A 1225 -30.21 17.54 -26.83
CA ASN A 1225 -30.03 18.97 -26.90
C ASN A 1225 -28.78 19.39 -26.13
N THR A 1226 -27.66 18.75 -26.43
CA THR A 1226 -26.40 18.94 -25.71
C THR A 1226 -26.05 20.41 -25.52
N ILE A 1227 -25.99 20.85 -24.26
CA ILE A 1227 -25.75 22.25 -23.92
C ILE A 1227 -24.28 22.43 -23.59
N GLY A 1228 -23.73 23.58 -23.96
CA GLY A 1228 -22.35 23.87 -23.66
C GLY A 1228 -21.40 23.04 -24.50
N ASN A 1229 -20.12 23.13 -24.14
CA ASN A 1229 -19.08 22.39 -24.83
C ASN A 1229 -18.78 21.09 -24.09
N ILE A 1230 -19.74 20.18 -24.16
CA ILE A 1230 -19.56 18.79 -23.77
C ILE A 1230 -19.55 17.95 -25.04
N THR A 1231 -18.63 17.01 -25.12
CA THR A 1231 -18.46 16.27 -26.37
C THR A 1231 -18.43 14.77 -26.16
N ASP A 1232 -18.06 14.30 -24.98
CA ASP A 1232 -17.97 12.87 -24.76
C ASP A 1232 -18.16 12.56 -23.29
N PHE A 1233 -18.43 11.29 -23.01
CA PHE A 1233 -18.82 10.82 -21.69
C PHE A 1233 -17.64 10.48 -20.80
N ARG A 1234 -16.48 11.07 -21.08
CA ARG A 1234 -15.29 10.76 -20.30
C ARG A 1234 -15.43 11.18 -18.84
N SER A 1235 -16.36 12.09 -18.54
CA SER A 1235 -16.56 12.54 -17.16
C SER A 1235 -17.96 13.12 -17.06
N ILE A 1236 -18.83 12.44 -16.32
CA ILE A 1236 -20.22 12.83 -16.15
C ILE A 1236 -20.53 12.91 -14.66
N ARG A 1237 -21.52 13.71 -14.32
CA ARG A 1237 -21.85 13.99 -12.93
C ARG A 1237 -23.13 14.83 -12.89
N PHE A 1238 -23.78 14.83 -11.73
CA PHE A 1238 -24.92 15.70 -11.47
C PHE A 1238 -26.07 15.44 -12.44
N MET A 1239 -26.64 14.25 -12.36
CA MET A 1239 -27.88 14.01 -13.08
C MET A 1239 -28.97 14.92 -12.51
N ARG A 1240 -29.97 15.25 -13.33
CA ARG A 1240 -30.97 16.21 -12.90
C ARG A 1240 -32.33 15.90 -13.52
N MET A 1241 -33.38 16.13 -12.74
CA MET A 1241 -34.75 15.85 -13.11
C MET A 1241 -35.51 17.14 -13.40
N PHE A 1242 -36.71 17.00 -13.95
CA PHE A 1242 -37.66 18.10 -14.04
C PHE A 1242 -39.07 17.53 -14.02
N MET A 1243 -40.04 18.42 -14.12
CA MET A 1243 -41.41 18.03 -14.38
C MET A 1243 -42.09 19.06 -15.26
N THR A 1244 -41.33 19.74 -16.11
CA THR A 1244 -41.82 20.94 -16.77
C THR A 1244 -43.01 20.64 -17.67
N GLY A 1245 -43.82 21.66 -17.93
CA GLY A 1245 -44.88 21.57 -18.89
C GLY A 1245 -46.20 21.06 -18.38
N PHE A 1246 -46.42 21.03 -17.07
CA PHE A 1246 -47.65 20.53 -16.50
C PHE A 1246 -48.66 21.64 -16.29
N ASN A 1247 -49.81 21.28 -15.72
CA ASN A 1247 -50.81 22.24 -15.31
C ASN A 1247 -51.40 21.97 -13.93
N SER A 1248 -51.15 20.81 -13.34
CA SER A 1248 -51.68 20.46 -12.03
C SER A 1248 -50.68 19.54 -11.36
N GLN A 1249 -51.12 18.88 -10.29
CA GLN A 1249 -50.23 17.94 -9.62
C GLN A 1249 -49.88 16.78 -10.54
N MET A 1250 -48.70 16.21 -10.31
CA MET A 1250 -48.30 14.95 -10.90
C MET A 1250 -47.41 14.26 -9.89
N THR A 1251 -47.54 12.95 -9.79
CA THR A 1251 -46.87 12.20 -8.74
C THR A 1251 -46.15 11.00 -9.34
N VAL A 1252 -45.33 11.28 -10.36
CA VAL A 1252 -44.55 10.25 -11.03
C VAL A 1252 -43.75 9.47 -9.99
N ARG A 1253 -44.02 8.18 -9.88
CA ARG A 1253 -43.43 7.32 -8.86
C ARG A 1253 -42.46 6.39 -9.55
N PHE A 1254 -41.16 6.64 -9.38
CA PHE A 1254 -40.14 5.85 -10.06
C PHE A 1254 -39.99 4.52 -9.33
N GLY A 1255 -40.51 3.46 -9.94
CA GLY A 1255 -40.40 2.14 -9.34
C GLY A 1255 -38.94 1.74 -9.13
N ALA A 1256 -38.14 1.85 -10.19
CA ALA A 1256 -36.70 1.63 -10.04
C ALA A 1256 -35.99 2.49 -11.08
N LEU A 1257 -35.64 3.71 -10.69
CA LEU A 1257 -34.84 4.57 -11.54
C LEU A 1257 -33.39 4.19 -11.39
N ASP A 1258 -32.69 4.09 -12.52
CA ASP A 1258 -31.43 3.38 -12.46
C ASP A 1258 -30.57 3.62 -13.70
N LEU A 1259 -29.34 4.06 -13.50
CA LEU A 1259 -28.33 3.96 -14.55
C LEU A 1259 -27.84 2.53 -14.62
N VAL A 1260 -27.86 1.96 -15.81
CA VAL A 1260 -27.49 0.56 -15.97
C VAL A 1260 -26.31 0.49 -16.91
N ARG A 1261 -25.15 0.11 -16.36
CA ARG A 1261 -23.92 0.10 -17.14
C ARG A 1261 -23.81 -1.23 -17.85
N GLY A 1262 -23.65 -1.19 -19.16
CA GLY A 1262 -23.40 -2.38 -19.92
C GLY A 1262 -22.04 -2.97 -19.59
N GLU A 1263 -21.77 -4.12 -20.19
CA GLU A 1263 -20.47 -4.74 -19.99
C GLU A 1263 -19.96 -5.34 -21.30
N TRP A 1264 -20.40 -4.82 -22.45
CA TRP A 1264 -20.17 -5.51 -23.70
C TRP A 1264 -19.70 -4.66 -24.87
N ARG A 1265 -19.78 -3.34 -24.81
CA ARG A 1265 -18.96 -2.47 -25.65
C ARG A 1265 -19.18 -2.74 -27.15
N ARG A 1266 -20.36 -2.34 -27.62
CA ARG A 1266 -20.66 -2.35 -29.05
C ARG A 1266 -19.48 -1.83 -29.85
N TYR A 1267 -19.21 -2.48 -30.97
CA TYR A 1267 -17.95 -2.33 -31.67
C TYR A 1267 -17.73 -0.92 -32.19
N VAL A 1283 -27.58 2.45 -39.33
CA VAL A 1283 -28.15 1.22 -38.80
C VAL A 1283 -28.17 1.27 -37.29
N GLU A 1284 -29.36 1.29 -36.69
CA GLU A 1284 -29.53 1.53 -35.27
C GLU A 1284 -29.19 0.27 -34.48
N PHE A 1285 -27.92 -0.11 -34.53
CA PHE A 1285 -27.44 -1.24 -33.76
C PHE A 1285 -27.49 -0.92 -32.26
N ASP A 1286 -28.07 -1.83 -31.49
CA ASP A 1286 -28.28 -1.61 -30.06
C ASP A 1286 -27.97 -2.89 -29.32
N VAL A 1287 -27.77 -2.77 -28.00
CA VAL A 1287 -27.47 -3.92 -27.15
C VAL A 1287 -28.14 -3.70 -25.80
N ALA A 1288 -29.17 -4.49 -25.51
CA ALA A 1288 -29.75 -4.55 -24.17
C ALA A 1288 -29.09 -5.70 -23.41
N ALA A 1289 -29.69 -6.08 -22.28
CA ALA A 1289 -29.39 -7.37 -21.64
C ALA A 1289 -30.72 -7.88 -21.08
N VAL A 1290 -31.41 -8.70 -21.88
CA VAL A 1290 -32.73 -9.16 -21.52
C VAL A 1290 -32.67 -10.05 -20.30
N ASN A 1291 -33.47 -9.72 -19.29
CA ASN A 1291 -33.51 -10.43 -18.02
C ASN A 1291 -34.94 -10.90 -17.76
N ILE A 1292 -35.07 -11.89 -16.89
CA ILE A 1292 -36.40 -12.37 -16.49
C ILE A 1292 -37.21 -11.22 -15.88
N GLN A 1293 -36.69 -10.64 -14.80
CA GLN A 1293 -37.43 -9.62 -14.07
C GLN A 1293 -37.75 -8.41 -14.94
N GLU A 1294 -36.83 -7.98 -15.79
CA GLU A 1294 -37.11 -6.87 -16.69
C GLU A 1294 -38.02 -7.33 -17.83
N ASN A 1295 -37.51 -8.21 -18.68
CA ASN A 1295 -38.28 -8.70 -19.82
C ASN A 1295 -38.97 -10.03 -19.53
N GLY A 1296 -39.68 -10.10 -18.41
CA GLY A 1296 -40.54 -11.23 -18.18
C GLY A 1296 -41.90 -11.05 -18.78
N THR A 1297 -42.12 -9.91 -19.42
CA THR A 1297 -43.37 -9.58 -20.10
C THR A 1297 -43.11 -8.85 -21.40
N LYS A 1298 -42.01 -9.16 -22.07
CA LYS A 1298 -41.66 -8.47 -23.30
C LYS A 1298 -42.74 -8.65 -24.35
N CYS A 1299 -42.89 -7.64 -25.22
CA CYS A 1299 -44.00 -7.66 -26.18
C CYS A 1299 -43.84 -8.77 -27.21
N PRO A 1300 -42.78 -8.78 -28.04
CA PRO A 1300 -42.72 -9.80 -29.11
C PRO A 1300 -42.63 -11.22 -28.58
N VAL A 1301 -41.69 -11.49 -27.68
CA VAL A 1301 -41.54 -12.81 -27.10
C VAL A 1301 -41.10 -12.65 -25.66
N ASN A 1302 -41.90 -13.13 -24.72
CA ASN A 1302 -41.53 -13.07 -23.32
C ASN A 1302 -40.26 -13.87 -23.09
N TYR A 1303 -39.28 -13.24 -22.44
CA TYR A 1303 -38.05 -13.95 -22.12
C TYR A 1303 -38.36 -15.12 -21.19
N VAL A 1304 -37.70 -16.23 -21.44
CA VAL A 1304 -37.86 -17.44 -20.64
C VAL A 1304 -36.49 -18.09 -20.54
N MET A 1305 -36.24 -18.74 -19.40
CA MET A 1305 -34.98 -19.44 -19.21
C MET A 1305 -34.79 -20.48 -20.30
N PRO A 1306 -33.54 -20.82 -20.62
CA PRO A 1306 -33.30 -21.86 -21.61
C PRO A 1306 -33.81 -23.20 -21.12
N PRO A 1307 -33.92 -24.18 -22.02
CA PRO A 1307 -34.60 -25.43 -21.67
C PRO A 1307 -33.98 -26.20 -20.52
N GLY A 1308 -32.70 -26.52 -20.61
CA GLY A 1308 -32.08 -27.39 -19.63
C GLY A 1308 -31.28 -26.67 -18.56
N VAL A 1309 -31.80 -25.55 -18.07
CA VAL A 1309 -31.13 -24.75 -17.04
C VAL A 1309 -32.04 -24.64 -15.84
N GLN A 1310 -31.44 -24.67 -14.65
CA GLN A 1310 -32.18 -24.62 -13.40
C GLN A 1310 -32.95 -23.31 -13.27
N GLU A 1325 -32.08 -15.92 -14.90
CA GLU A 1325 -30.89 -15.16 -15.26
C GLU A 1325 -31.10 -14.51 -16.63
N GLN A 1326 -30.16 -13.67 -17.06
CA GLN A 1326 -30.42 -12.83 -18.22
C GLN A 1326 -29.50 -13.17 -19.39
N ALA A 1327 -29.55 -12.35 -20.44
CA ALA A 1327 -28.97 -12.70 -21.72
C ALA A 1327 -28.89 -11.43 -22.58
N LEU A 1328 -28.03 -11.48 -23.60
CA LEU A 1328 -27.89 -10.34 -24.50
C LEU A 1328 -29.12 -10.13 -25.35
N ALA A 1329 -29.23 -8.93 -25.91
CA ALA A 1329 -30.36 -8.54 -26.72
C ALA A 1329 -29.89 -7.77 -27.94
N VAL A 1330 -28.87 -8.30 -28.63
CA VAL A 1330 -28.34 -7.68 -29.83
C VAL A 1330 -29.47 -7.44 -30.81
N ARG A 1331 -29.71 -6.18 -31.14
CA ARG A 1331 -30.98 -5.75 -31.73
C ARG A 1331 -30.69 -4.76 -32.84
N ILE A 1332 -30.82 -5.21 -34.09
CA ILE A 1332 -30.50 -4.37 -35.23
C ILE A 1332 -31.57 -3.31 -35.40
N GLY A 1333 -31.15 -2.09 -35.71
CA GLY A 1333 -32.07 -0.97 -35.84
C GLY A 1333 -32.93 -1.04 -37.07
N GLY A 1334 -33.43 0.13 -37.51
CA GLY A 1334 -34.35 0.16 -38.62
C GLY A 1334 -33.70 0.13 -39.99
N ALA A 1335 -32.48 0.66 -40.10
CA ALA A 1335 -31.82 0.71 -41.40
C ALA A 1335 -31.48 -0.69 -41.92
N GLY A 1336 -31.44 -1.69 -41.05
CA GLY A 1336 -31.16 -3.05 -41.49
C GLY A 1336 -29.70 -3.26 -41.82
N LEU A 1337 -29.37 -4.52 -42.10
CA LEU A 1337 -28.02 -4.91 -42.46
C LEU A 1337 -27.93 -5.20 -43.96
N GLN A 1338 -26.71 -5.08 -44.48
CA GLN A 1338 -26.46 -5.33 -45.89
C GLN A 1338 -26.41 -6.84 -46.11
N TYR A 1339 -25.97 -7.24 -47.32
CA TYR A 1339 -25.82 -8.67 -47.59
C TYR A 1339 -24.78 -9.30 -46.68
N GLN A 1340 -23.74 -8.54 -46.32
CA GLN A 1340 -22.62 -9.11 -45.59
C GLN A 1340 -22.18 -8.16 -44.49
N ASP A 1341 -22.95 -7.11 -44.26
CA ASP A 1341 -22.61 -6.09 -43.27
C ASP A 1341 -23.14 -6.55 -41.91
N SER A 1342 -22.23 -6.83 -40.99
CA SER A 1342 -22.57 -7.41 -39.70
C SER A 1342 -22.12 -6.50 -38.58
N ARG A 1343 -22.90 -6.46 -37.50
CA ARG A 1343 -22.48 -5.79 -36.29
C ARG A 1343 -22.01 -6.81 -35.27
N ALA A 1344 -21.49 -6.33 -34.14
CA ALA A 1344 -20.88 -7.25 -33.20
C ALA A 1344 -20.76 -6.59 -31.84
N VAL A 1345 -20.31 -7.39 -30.87
CA VAL A 1345 -20.20 -6.99 -29.47
C VAL A 1345 -19.07 -7.82 -28.87
N PHE A 1346 -18.29 -7.20 -27.97
CA PHE A 1346 -17.10 -7.88 -27.48
C PHE A 1346 -16.79 -7.50 -26.05
N LYS A 1347 -16.34 -8.47 -25.26
CA LYS A 1347 -15.72 -8.18 -23.99
C LYS A 1347 -14.32 -8.79 -24.00
N ASN A 1348 -13.64 -8.73 -22.86
CA ASN A 1348 -12.27 -9.21 -22.75
C ASN A 1348 -12.18 -10.24 -21.64
N VAL A 1349 -11.90 -11.48 -22.00
CA VAL A 1349 -11.76 -12.57 -21.05
C VAL A 1349 -10.42 -13.24 -21.31
N SER A 1350 -9.96 -14.02 -20.34
CA SER A 1350 -8.69 -14.72 -20.43
C SER A 1350 -8.89 -16.22 -20.36
N VAL A 1351 -9.97 -16.70 -20.96
CA VAL A 1351 -10.38 -18.08 -20.78
C VAL A 1351 -9.37 -19.04 -21.40
N ASP A 1352 -9.19 -20.18 -20.77
CA ASP A 1352 -8.29 -21.25 -21.22
C ASP A 1352 -9.16 -22.45 -21.58
N MET A 1353 -9.66 -22.47 -22.80
CA MET A 1353 -10.56 -23.53 -23.25
C MET A 1353 -9.77 -24.62 -23.98
N ARG A 1354 -8.78 -25.16 -23.29
CA ARG A 1354 -8.01 -26.28 -23.80
C ARG A 1354 -8.28 -27.58 -23.06
N GLN A 1355 -8.75 -27.52 -21.82
CA GLN A 1355 -9.14 -28.70 -21.07
C GLN A 1355 -10.47 -29.27 -21.52
N TYR A 1356 -11.31 -28.47 -22.17
CA TYR A 1356 -12.67 -28.85 -22.49
C TYR A 1356 -12.79 -29.21 -23.96
N LYS A 1357 -13.86 -29.92 -24.30
CA LYS A 1357 -14.00 -30.49 -25.63
C LYS A 1357 -15.09 -29.88 -26.48
N LYS A 1358 -16.03 -29.13 -25.90
CA LYS A 1358 -17.09 -28.53 -26.69
C LYS A 1358 -17.49 -27.19 -26.10
N LEU A 1359 -17.54 -26.18 -26.95
CA LEU A 1359 -17.98 -24.83 -26.59
C LEU A 1359 -19.41 -24.67 -27.09
N LYS A 1360 -20.37 -24.88 -26.20
CA LYS A 1360 -21.77 -24.93 -26.60
C LYS A 1360 -22.58 -23.88 -25.86
N MET A 1361 -23.28 -23.04 -26.63
CA MET A 1361 -24.16 -22.01 -26.08
C MET A 1361 -25.51 -22.09 -26.78
N PHE A 1362 -26.41 -21.18 -26.39
CA PHE A 1362 -27.73 -21.05 -27.00
C PHE A 1362 -27.79 -19.78 -27.82
N LEU A 1363 -28.86 -19.66 -28.61
CA LEU A 1363 -29.16 -18.42 -29.30
C LEU A 1363 -30.67 -18.31 -29.45
N HIS A 1364 -31.11 -17.29 -30.19
CA HIS A 1364 -32.52 -16.99 -30.33
C HIS A 1364 -32.69 -15.84 -31.30
N ALA A 1365 -33.87 -15.71 -31.93
CA ALA A 1365 -34.07 -14.59 -32.84
C ALA A 1365 -35.57 -14.40 -33.06
N GLU A 1366 -36.03 -13.17 -32.88
CA GLU A 1366 -37.37 -12.78 -33.31
C GLU A 1366 -37.26 -11.94 -34.57
N SER A 1367 -38.40 -11.44 -35.01
CA SER A 1367 -38.44 -10.33 -35.95
C SER A 1367 -38.85 -9.08 -35.19
N LEU A 1368 -38.16 -7.99 -35.43
CA LEU A 1368 -38.40 -6.78 -34.67
C LEU A 1368 -39.80 -6.27 -34.97
N PRO A 1369 -40.59 -5.91 -33.96
CA PRO A 1369 -42.01 -5.64 -34.19
C PRO A 1369 -42.23 -4.41 -35.05
N ASN A 1370 -43.31 -4.44 -35.83
CA ASN A 1370 -43.62 -3.36 -36.77
C ASN A 1370 -42.51 -3.22 -37.80
N GLN A 1371 -41.93 -4.34 -38.18
CA GLN A 1371 -40.84 -4.38 -39.15
C GLN A 1371 -41.08 -5.55 -40.09
N PRO A 1372 -40.32 -5.69 -41.17
CA PRO A 1372 -40.50 -6.85 -42.05
C PRO A 1372 -40.18 -8.13 -41.32
N THR A 1373 -41.04 -9.14 -41.51
CA THR A 1373 -40.86 -10.41 -40.84
C THR A 1373 -39.57 -11.07 -41.29
N LEU A 1374 -38.80 -11.58 -40.33
CA LEU A 1374 -37.55 -12.26 -40.65
C LEU A 1374 -37.82 -13.72 -41.03
N GLU A 1375 -37.09 -14.19 -42.03
CA GLU A 1375 -37.14 -15.59 -42.40
C GLU A 1375 -36.20 -16.40 -41.51
N ASP A 1376 -36.16 -17.71 -41.72
CA ASP A 1376 -35.39 -18.61 -40.88
C ASP A 1376 -33.92 -18.68 -41.30
N ASP A 1377 -33.44 -17.70 -42.06
CA ASP A 1377 -32.05 -17.62 -42.48
C ASP A 1377 -31.69 -16.14 -42.58
N GLU A 1378 -30.61 -15.85 -43.30
CA GLU A 1378 -30.00 -14.52 -43.38
C GLU A 1378 -29.85 -13.88 -42.01
N MET A 1379 -29.47 -14.69 -41.03
CA MET A 1379 -29.08 -14.23 -39.71
C MET A 1379 -28.15 -15.28 -39.13
N VAL A 1380 -26.95 -14.86 -38.74
CA VAL A 1380 -25.98 -15.79 -38.18
C VAL A 1380 -25.36 -15.17 -36.94
N GLY A 1381 -25.52 -15.83 -35.81
CA GLY A 1381 -24.96 -15.35 -34.57
C GLY A 1381 -23.50 -15.73 -34.43
N PHE A 1382 -22.65 -15.13 -35.25
CA PHE A 1382 -21.27 -15.55 -35.30
C PHE A 1382 -20.56 -15.18 -34.00
N ILE A 1383 -19.77 -16.11 -33.52
CA ILE A 1383 -18.86 -15.86 -32.42
C ILE A 1383 -17.48 -15.63 -33.00
N ARG A 1384 -16.72 -14.76 -32.34
CA ARG A 1384 -15.30 -14.63 -32.60
C ARG A 1384 -14.57 -14.76 -31.28
N PHE A 1385 -13.36 -15.29 -31.33
CA PHE A 1385 -12.53 -15.34 -30.14
C PHE A 1385 -11.15 -15.84 -30.54
N GLY A 1386 -10.16 -15.44 -29.76
CA GLY A 1386 -8.78 -15.69 -30.12
C GLY A 1386 -7.88 -14.62 -29.53
N ASN A 1387 -7.08 -13.98 -30.38
CA ASN A 1387 -6.24 -12.89 -29.90
C ASN A 1387 -6.78 -11.52 -30.29
N ASP A 1388 -7.67 -11.43 -31.26
CA ASP A 1388 -7.93 -10.13 -31.88
C ASP A 1388 -9.29 -10.19 -32.55
N PHE A 1389 -9.58 -9.19 -33.37
CA PHE A 1389 -10.87 -9.02 -34.03
C PHE A 1389 -10.81 -9.17 -35.53
N THR A 1390 -9.70 -8.81 -36.16
CA THR A 1390 -9.57 -8.96 -37.60
C THR A 1390 -8.21 -9.52 -37.99
N GLN A 1391 -7.52 -10.16 -37.06
CA GLN A 1391 -6.23 -10.76 -37.41
C GLN A 1391 -6.14 -12.18 -36.88
N ASN A 1392 -6.86 -12.49 -35.82
CA ASN A 1392 -6.79 -13.80 -35.18
C ASN A 1392 -8.15 -14.11 -34.57
N PHE A 1393 -8.83 -15.13 -35.08
CA PHE A 1393 -10.11 -15.48 -34.50
C PHE A 1393 -10.57 -16.83 -35.03
N TYR A 1394 -11.64 -17.32 -34.41
CA TYR A 1394 -12.16 -18.68 -34.49
C TYR A 1394 -13.66 -18.69 -34.70
N GLN A 1395 -14.15 -17.98 -35.73
CA GLN A 1395 -15.59 -17.85 -35.91
C GLN A 1395 -16.34 -19.17 -35.93
N VAL A 1396 -17.13 -19.40 -34.88
CA VAL A 1396 -18.23 -20.35 -34.96
C VAL A 1396 -19.35 -19.53 -35.60
N GLU A 1397 -20.41 -20.19 -36.06
CA GLU A 1397 -21.46 -19.46 -36.73
C GLU A 1397 -22.64 -20.40 -36.86
N ILE A 1398 -23.80 -19.83 -37.20
CA ILE A 1398 -24.99 -20.66 -37.26
C ILE A 1398 -26.10 -19.91 -38.00
N PRO A 1399 -26.83 -20.57 -38.87
CA PRO A 1399 -27.96 -19.90 -39.52
C PRO A 1399 -29.15 -19.80 -38.59
N LEU A 1400 -29.42 -18.61 -38.07
CA LEU A 1400 -30.50 -18.46 -37.11
C LEU A 1400 -31.83 -18.55 -37.81
N LYS A 1401 -32.73 -19.35 -37.26
CA LYS A 1401 -34.10 -19.43 -37.74
C LYS A 1401 -35.02 -18.82 -36.71
N VAL A 1402 -35.84 -17.85 -37.15
CA VAL A 1402 -36.65 -17.06 -36.24
C VAL A 1402 -37.63 -17.96 -35.49
N THR A 1403 -37.85 -17.66 -34.21
CA THR A 1403 -38.92 -18.29 -33.47
C THR A 1403 -40.24 -17.68 -33.89
N LYS A 1404 -41.26 -18.51 -34.02
CA LYS A 1404 -42.52 -18.10 -34.63
C LYS A 1404 -43.30 -17.18 -33.68
N THR A 1405 -43.08 -15.88 -33.81
CA THR A 1405 -43.75 -14.88 -33.00
C THR A 1405 -45.07 -14.51 -33.67
N GLY A 1406 -45.69 -13.41 -33.24
CA GLY A 1406 -46.99 -13.04 -33.75
C GLY A 1406 -48.08 -13.95 -33.22
N GLY A 1407 -48.38 -13.83 -31.93
CA GLY A 1407 -49.36 -14.69 -31.29
C GLY A 1407 -49.48 -14.40 -29.81
N SER A 1408 -49.46 -15.44 -28.99
CA SER A 1408 -49.56 -15.28 -27.55
C SER A 1408 -48.38 -14.54 -26.95
N CYS A 1409 -47.22 -14.56 -27.62
CA CYS A 1409 -46.01 -13.90 -27.14
C CYS A 1409 -45.55 -14.43 -25.78
N SER A 1410 -45.94 -15.65 -25.44
CA SER A 1410 -45.57 -16.28 -24.18
C SER A 1410 -45.18 -17.73 -24.42
N ILE A 1411 -44.40 -17.96 -25.48
CA ILE A 1411 -44.09 -19.32 -25.90
C ILE A 1411 -43.25 -20.03 -24.85
N SER A 1412 -43.40 -21.35 -24.75
CA SER A 1412 -42.66 -22.17 -23.82
C SER A 1412 -41.16 -22.04 -24.08
N PRO A 1413 -40.31 -22.46 -23.14
CA PRO A 1413 -38.86 -22.29 -23.36
C PRO A 1413 -38.32 -23.15 -24.48
N ASP A 1414 -38.84 -24.38 -24.64
CA ASP A 1414 -38.31 -25.29 -25.63
C ASP A 1414 -38.48 -24.79 -27.06
N LEU A 1415 -39.43 -23.88 -27.28
CA LEU A 1415 -39.61 -23.27 -28.58
C LEU A 1415 -38.91 -21.93 -28.70
N VAL A 1416 -38.50 -21.34 -27.59
CA VAL A 1416 -37.80 -20.06 -27.61
C VAL A 1416 -36.31 -20.31 -27.80
N TRP A 1417 -35.71 -21.04 -26.87
CA TRP A 1417 -34.30 -21.41 -26.98
C TRP A 1417 -34.22 -22.72 -27.74
N MET A 1418 -34.35 -22.62 -29.06
CA MET A 1418 -34.46 -23.80 -29.90
C MET A 1418 -33.18 -24.64 -29.83
N ASP A 1419 -33.26 -25.83 -30.43
CA ASP A 1419 -32.07 -26.64 -30.66
C ASP A 1419 -31.48 -26.39 -32.04
N ASP A 1420 -32.33 -26.04 -33.01
CA ASP A 1420 -31.83 -25.69 -34.33
C ASP A 1420 -30.93 -24.46 -34.27
N ASN A 1421 -31.29 -23.49 -33.42
CA ASN A 1421 -30.43 -22.34 -33.15
C ASN A 1421 -29.66 -22.58 -31.86
N SER A 1422 -28.68 -23.45 -31.95
CA SER A 1422 -27.87 -23.81 -30.80
C SER A 1422 -26.54 -24.38 -31.27
N ILE A 1423 -25.49 -24.08 -30.53
CA ILE A 1423 -24.12 -24.42 -30.92
C ILE A 1423 -23.56 -25.42 -29.93
N ASP A 1424 -22.84 -26.42 -30.45
CA ASP A 1424 -22.06 -27.32 -29.61
C ASP A 1424 -20.57 -27.21 -29.88
N LEU A 1425 -20.13 -27.40 -31.12
CA LEU A 1425 -18.79 -27.02 -31.59
C LEU A 1425 -17.70 -27.68 -30.73
N ALA A 1426 -17.60 -29.00 -30.88
CA ALA A 1426 -16.50 -29.74 -30.29
C ALA A 1426 -15.17 -29.07 -30.62
N LEU A 1427 -14.45 -28.65 -29.59
CA LEU A 1427 -13.26 -27.81 -29.79
C LEU A 1427 -12.21 -28.52 -30.63
N ASP A 1428 -12.01 -29.81 -30.41
CA ASP A 1428 -11.01 -30.56 -31.16
C ASP A 1428 -11.31 -30.60 -32.66
N LEU A 1429 -12.51 -30.21 -33.08
CA LEU A 1429 -12.79 -29.97 -34.48
C LEU A 1429 -12.22 -28.65 -34.97
N LEU A 1430 -12.00 -27.69 -34.06
CA LEU A 1430 -11.38 -26.43 -34.46
C LEU A 1430 -9.92 -26.62 -34.81
N THR A 1431 -9.17 -27.33 -33.97
CA THR A 1431 -7.77 -27.59 -34.27
C THR A 1431 -7.61 -28.35 -35.58
N ARG A 1432 -8.60 -29.16 -35.94
CA ARG A 1432 -8.58 -29.81 -37.25
C ARG A 1432 -8.50 -28.78 -38.36
N MET A 1433 -9.42 -27.81 -38.37
CA MET A 1433 -9.40 -26.82 -39.43
C MET A 1433 -8.22 -25.87 -39.30
N LYS A 1434 -7.64 -25.73 -38.10
CA LYS A 1434 -6.42 -24.94 -37.97
C LYS A 1434 -5.27 -25.65 -38.67
N ILE A 1435 -5.10 -26.94 -38.40
CA ILE A 1435 -4.10 -27.73 -39.12
C ILE A 1435 -4.34 -27.67 -40.61
N LYS A 1436 -5.61 -27.76 -41.02
CA LYS A 1436 -5.93 -27.73 -42.45
C LYS A 1436 -5.61 -26.40 -43.09
N ALA A 1437 -5.42 -25.35 -42.30
CA ALA A 1437 -5.14 -24.03 -42.84
C ALA A 1437 -3.86 -23.39 -42.33
N MET A 1438 -3.27 -23.89 -41.25
CA MET A 1438 -2.02 -23.31 -40.78
C MET A 1438 -0.93 -23.58 -41.81
N SER A 1439 -0.23 -22.52 -42.21
CA SER A 1439 0.79 -22.59 -43.26
C SER A 1439 0.23 -23.10 -44.58
N ILE A 1440 -1.07 -22.95 -44.79
CA ILE A 1440 -1.74 -23.40 -46.00
C ILE A 1440 -2.79 -22.38 -46.38
N ASP A 1441 -2.98 -22.18 -47.68
CA ASP A 1441 -4.08 -21.37 -48.18
C ASP A 1441 -3.89 -19.89 -47.83
N ILE A 1442 -2.63 -19.47 -47.73
CA ILE A 1442 -2.34 -18.13 -47.23
C ILE A 1442 -2.60 -17.13 -48.35
N ASN A 1443 -3.73 -16.43 -48.25
CA ASN A 1443 -3.99 -15.22 -49.04
C ASN A 1443 -4.15 -15.54 -50.53
N SER A 1444 -4.82 -16.64 -50.84
CA SER A 1444 -5.02 -16.99 -52.25
C SER A 1444 -6.35 -17.74 -52.39
N SER A 1445 -7.41 -16.97 -52.66
CA SER A 1445 -8.67 -17.48 -53.20
C SER A 1445 -9.45 -18.41 -52.26
N LYS A 1446 -8.88 -18.74 -51.11
CA LYS A 1446 -9.56 -19.57 -50.12
C LYS A 1446 -10.06 -18.73 -48.95
N ARG A 1447 -9.16 -17.98 -48.33
CA ARG A 1447 -9.57 -16.99 -47.34
C ARG A 1447 -10.45 -15.98 -48.04
N ASP A 1448 -11.74 -15.99 -47.71
CA ASP A 1448 -12.77 -15.54 -48.63
C ASP A 1448 -12.64 -14.08 -49.04
N VAL A 1449 -12.87 -13.16 -48.09
CA VAL A 1449 -12.76 -11.74 -48.40
C VAL A 1449 -11.87 -11.10 -47.35
N ASN A 1450 -12.23 -11.30 -46.08
CA ASN A 1450 -11.48 -10.78 -44.96
C ASN A 1450 -10.37 -11.72 -44.52
N GLY A 1451 -9.96 -12.63 -45.40
CA GLY A 1451 -8.98 -13.64 -45.03
C GLY A 1451 -9.48 -14.59 -43.96
N ILE A 1452 -10.78 -14.90 -43.98
CA ILE A 1452 -11.36 -15.69 -42.90
C ILE A 1452 -11.31 -17.19 -43.16
N TYR A 1453 -11.26 -17.61 -44.42
CA TYR A 1453 -11.13 -19.02 -44.80
C TYR A 1453 -12.25 -19.86 -44.17
N TYR A 1454 -13.45 -19.61 -44.61
CA TYR A 1454 -14.52 -20.55 -44.35
C TYR A 1454 -14.18 -21.85 -45.07
N PRO A 1455 -14.07 -22.97 -44.37
CA PRO A 1455 -13.62 -24.20 -45.03
C PRO A 1455 -14.57 -24.65 -46.13
N ASP A 1456 -14.11 -24.54 -47.37
CA ASP A 1456 -14.90 -24.89 -48.55
C ASP A 1456 -13.96 -25.36 -49.65
N ASN A 1457 -14.56 -25.97 -50.67
CA ASN A 1457 -13.95 -26.51 -51.88
C ASN A 1457 -13.23 -27.84 -51.65
N ASP A 1458 -13.06 -28.28 -50.40
CA ASP A 1458 -12.38 -29.53 -50.05
C ASP A 1458 -12.64 -29.82 -48.58
N PRO A 1459 -12.80 -31.09 -48.22
CA PRO A 1459 -12.97 -31.48 -46.82
C PRO A 1459 -11.73 -31.18 -45.99
N LYS A 1469 -22.33 -27.93 -39.96
CA LYS A 1469 -23.50 -27.27 -39.39
C LYS A 1469 -23.28 -25.80 -39.10
N LEU A 1470 -22.06 -25.47 -38.68
CA LEU A 1470 -21.77 -24.16 -38.11
C LEU A 1470 -21.03 -23.22 -39.03
N THR A 1471 -20.37 -23.72 -40.07
CA THR A 1471 -19.58 -22.87 -40.97
C THR A 1471 -18.47 -22.16 -40.20
N LEU A 1472 -17.55 -22.97 -39.67
CA LEU A 1472 -16.46 -22.45 -38.87
C LEU A 1472 -15.53 -21.60 -39.73
N GLY A 1473 -14.50 -21.04 -39.10
CA GLY A 1473 -13.56 -20.20 -39.81
C GLY A 1473 -12.40 -19.74 -38.95
N ILE A 1474 -11.21 -19.65 -39.54
CA ILE A 1474 -10.01 -19.23 -38.83
C ILE A 1474 -9.26 -18.25 -39.71
N LYS A 1475 -8.76 -17.17 -39.13
CA LYS A 1475 -8.20 -16.10 -39.93
C LYS A 1475 -6.69 -15.97 -39.81
N GLY A 1476 -6.17 -15.97 -38.59
CA GLY A 1476 -4.75 -15.75 -38.40
C GLY A 1476 -4.10 -16.76 -37.48
N ASN A 1477 -4.70 -17.93 -37.39
CA ASN A 1477 -4.20 -18.96 -36.49
C ASN A 1477 -4.27 -18.45 -35.05
N PRO A 1478 -5.46 -18.26 -34.51
CA PRO A 1478 -5.59 -17.80 -33.13
C PRO A 1478 -5.33 -18.92 -32.15
N ASN A 1479 -5.54 -18.67 -30.87
CA ASN A 1479 -5.07 -19.57 -29.84
C ASN A 1479 -6.18 -19.84 -28.84
N PHE A 1480 -6.06 -20.98 -28.15
CA PHE A 1480 -6.82 -21.23 -26.93
C PHE A 1480 -6.00 -20.78 -25.73
N GLY A 1481 -6.65 -20.71 -24.58
CA GLY A 1481 -5.93 -20.34 -23.37
C GLY A 1481 -5.67 -18.85 -23.25
N LEU A 1482 -5.22 -18.24 -24.34
CA LEU A 1482 -5.24 -16.79 -24.51
C LEU A 1482 -6.50 -16.39 -25.25
N VAL A 1483 -7.60 -17.10 -25.01
CA VAL A 1483 -8.83 -16.82 -25.73
C VAL A 1483 -9.44 -15.59 -25.10
N ARG A 1484 -9.08 -14.45 -25.64
CA ARG A 1484 -9.65 -13.16 -25.26
C ARG A 1484 -10.47 -12.62 -26.40
N ASN A 1485 -11.12 -11.49 -26.16
CA ASN A 1485 -11.83 -10.77 -27.22
C ASN A 1485 -12.99 -11.59 -27.76
N LEU A 1486 -13.77 -12.18 -26.85
CA LEU A 1486 -15.03 -12.78 -27.25
C LEU A 1486 -15.89 -11.76 -27.98
N MET A 1487 -16.13 -11.99 -29.25
CA MET A 1487 -17.03 -11.15 -30.01
C MET A 1487 -18.25 -11.98 -30.35
N VAL A 1488 -19.43 -11.43 -30.09
CA VAL A 1488 -20.68 -12.13 -30.33
C VAL A 1488 -21.60 -11.18 -31.06
N GLY A 1489 -21.60 -11.24 -32.39
CA GLY A 1489 -22.32 -10.27 -33.18
C GLY A 1489 -23.46 -10.92 -33.93
N VAL A 1490 -23.83 -10.28 -35.04
CA VAL A 1490 -24.88 -10.76 -35.92
C VAL A 1490 -24.52 -10.40 -37.35
N LYS A 1491 -24.60 -11.36 -38.25
CA LYS A 1491 -24.25 -11.16 -39.64
C LYS A 1491 -25.40 -11.61 -40.51
N SER A 1492 -25.74 -10.79 -41.50
CA SER A 1492 -26.81 -11.12 -42.42
C SER A 1492 -26.24 -11.87 -43.62
N ARG A 1493 -27.10 -12.65 -44.27
CA ARG A 1493 -26.74 -13.30 -45.51
C ARG A 1493 -27.91 -13.30 -46.50
N ALA A 1494 -28.72 -12.24 -46.46
CA ALA A 1494 -29.85 -12.09 -47.37
C ALA A 1494 -29.44 -11.30 -48.60
N ASP A 1495 -29.80 -11.80 -49.77
CA ASP A 1495 -29.39 -11.21 -51.04
C ASP A 1495 -29.83 -9.77 -51.18
N HIS A 1496 -31.14 -9.53 -51.20
CA HIS A 1496 -31.70 -8.18 -51.36
C HIS A 1496 -32.65 -7.96 -50.20
N LYS A 1497 -32.10 -7.49 -49.08
CA LYS A 1497 -32.89 -7.36 -47.87
C LYS A 1497 -32.08 -6.58 -46.84
N ASP A 1498 -32.76 -5.71 -46.10
CA ASP A 1498 -32.15 -5.01 -44.97
C ASP A 1498 -32.71 -5.68 -43.72
N ILE A 1499 -32.01 -6.74 -43.27
CA ILE A 1499 -32.53 -7.58 -42.22
C ILE A 1499 -32.62 -6.80 -40.91
N LYS A 1500 -33.59 -7.16 -40.07
CA LYS A 1500 -33.80 -6.48 -38.80
C LYS A 1500 -34.32 -7.50 -37.80
N GLY A 1501 -33.52 -7.79 -36.77
CA GLY A 1501 -33.86 -8.83 -35.82
C GLY A 1501 -33.52 -8.43 -34.40
N GLU A 1502 -33.80 -9.35 -33.48
CA GLU A 1502 -33.62 -9.12 -32.05
C GLU A 1502 -32.94 -10.33 -31.42
N VAL A 1503 -31.83 -10.76 -32.03
CA VAL A 1503 -31.14 -11.96 -31.60
C VAL A 1503 -30.76 -11.88 -30.13
N TRP A 1504 -30.83 -13.02 -29.45
CA TRP A 1504 -30.41 -13.15 -28.07
C TRP A 1504 -29.27 -14.17 -27.99
N PHE A 1505 -28.55 -14.14 -26.88
CA PHE A 1505 -27.47 -15.08 -26.65
C PHE A 1505 -27.53 -15.50 -25.19
N ASN A 1506 -27.09 -16.72 -24.90
CA ASN A 1506 -27.26 -17.25 -23.56
C ASN A 1506 -26.08 -18.17 -23.27
N GLU A 1507 -26.24 -19.04 -22.27
CA GLU A 1507 -25.19 -19.76 -21.56
C GLU A 1507 -24.10 -20.24 -22.50
N LEU A 1508 -22.89 -19.71 -22.35
CA LEU A 1508 -21.81 -19.96 -23.29
C LEU A 1508 -20.79 -20.93 -22.73
N ARG A 1509 -21.25 -21.88 -21.91
CA ARG A 1509 -20.36 -22.71 -21.13
C ARG A 1509 -19.55 -23.62 -22.03
N LEU A 1510 -18.71 -24.44 -21.39
CA LEU A 1510 -17.89 -25.42 -22.07
C LEU A 1510 -18.32 -26.81 -21.66
N ALA A 1511 -18.14 -27.77 -22.57
CA ALA A 1511 -18.60 -29.13 -22.34
C ALA A 1511 -17.63 -29.89 -21.45
N ASP A 1512 -17.79 -31.20 -21.39
CA ASP A 1512 -16.96 -32.04 -20.53
C ASP A 1512 -15.48 -31.88 -20.86
N LEU A 1513 -14.67 -31.87 -19.80
CA LEU A 1513 -13.23 -31.76 -19.92
C LEU A 1513 -12.60 -33.15 -19.86
N GLU A 1514 -11.54 -33.33 -20.62
CA GLU A 1514 -10.95 -34.64 -20.84
C GLU A 1514 -9.91 -34.95 -19.76
N ASN A 1515 -9.84 -36.22 -19.39
CA ASN A 1515 -8.98 -36.69 -18.32
C ASN A 1515 -7.85 -37.56 -18.88
N LYS A 1516 -6.88 -37.85 -18.02
CA LYS A 1516 -5.74 -38.66 -18.41
C LYS A 1516 -5.19 -39.38 -17.18
N GLY A 1517 -4.29 -40.32 -17.42
CA GLY A 1517 -3.60 -41.03 -16.37
C GLY A 1517 -2.27 -40.38 -16.01
N GLY A 1518 -1.54 -41.04 -15.11
CA GLY A 1518 -0.32 -40.48 -14.59
C GLY A 1518 0.80 -41.50 -14.56
N MET A 1519 1.96 -41.03 -14.08
CA MET A 1519 3.16 -41.83 -13.96
C MET A 1519 4.05 -41.21 -12.91
N ALA A 1520 5.11 -41.93 -12.55
CA ALA A 1520 6.12 -41.39 -11.66
C ALA A 1520 7.20 -42.43 -11.48
N ALA A 1521 8.36 -41.96 -11.03
CA ALA A 1521 9.46 -42.84 -10.62
C ALA A 1521 10.48 -41.99 -9.92
N ILE A 1522 10.82 -42.32 -8.67
CA ILE A 1522 11.64 -41.40 -7.88
C ILE A 1522 12.88 -42.13 -7.36
N LEU A 1523 13.47 -42.97 -8.20
CA LEU A 1523 14.74 -43.63 -7.89
C LEU A 1523 15.73 -42.70 -7.20
N ASN A 1524 16.35 -43.19 -6.14
CA ASN A 1524 17.39 -42.49 -5.42
C ASN A 1524 18.46 -43.49 -5.04
N VAL A 1525 19.70 -43.04 -4.96
CA VAL A 1525 20.83 -43.92 -4.68
C VAL A 1525 21.83 -43.14 -3.85
N ASP A 1526 22.27 -43.71 -2.73
CA ASP A 1526 23.20 -43.05 -1.83
C ASP A 1526 24.22 -44.06 -1.35
N THR A 1527 25.49 -43.74 -1.51
CA THR A 1527 26.57 -44.66 -1.19
C THR A 1527 27.65 -43.94 -0.40
N ASN A 1528 28.49 -44.73 0.26
CA ASN A 1528 29.61 -44.18 1.02
C ASN A 1528 30.75 -45.17 0.91
N MET A 1529 31.73 -44.89 0.07
CA MET A 1529 32.87 -45.79 -0.07
C MET A 1529 33.88 -45.55 1.06
N ALA A 1530 33.41 -45.86 2.28
CA ALA A 1530 34.22 -45.73 3.49
C ALA A 1530 34.71 -44.31 3.69
N ASP A 1531 33.78 -43.37 3.85
CA ASP A 1531 34.10 -41.98 4.18
C ASP A 1531 34.84 -41.27 3.05
N PHE A 1532 34.97 -41.89 1.90
CA PHE A 1532 35.78 -41.37 0.80
C PHE A 1532 34.95 -40.86 -0.37
N ALA A 1533 33.92 -41.59 -0.76
CA ALA A 1533 33.04 -41.16 -1.84
C ALA A 1533 31.61 -41.27 -1.35
N THR A 1534 30.79 -40.27 -1.69
CA THR A 1534 29.43 -40.16 -1.20
C THR A 1534 28.48 -39.86 -2.34
N VAL A 1535 28.58 -40.65 -3.42
CA VAL A 1535 27.74 -40.45 -4.58
C VAL A 1535 26.28 -40.58 -4.17
N SER A 1536 25.51 -39.53 -4.42
CA SER A 1536 24.10 -39.47 -4.05
C SER A 1536 23.31 -38.99 -5.25
N ALA A 1537 22.72 -39.92 -5.99
CA ALA A 1537 22.02 -39.61 -7.22
C ALA A 1537 20.52 -39.70 -6.99
N THR A 1538 19.77 -39.21 -7.97
CA THR A 1538 18.32 -39.17 -7.91
C THR A 1538 17.80 -39.34 -9.34
N GLY A 1539 16.54 -38.97 -9.56
CA GLY A 1539 15.97 -38.98 -10.88
C GLY A 1539 14.50 -39.30 -10.85
N ARG A 1540 13.70 -38.51 -11.54
CA ARG A 1540 12.26 -38.71 -11.55
C ARG A 1540 11.71 -38.45 -12.93
N LYS A 1541 10.75 -39.29 -13.34
CA LYS A 1541 10.21 -39.29 -14.69
C LYS A 1541 8.69 -39.24 -14.59
N SER A 1542 8.15 -38.04 -14.52
CA SER A 1542 6.70 -37.87 -14.43
C SER A 1542 6.11 -37.97 -15.83
N THR A 1543 4.80 -37.72 -15.95
CA THR A 1543 4.14 -37.75 -17.23
C THR A 1543 3.02 -36.72 -17.23
N ILE A 1544 2.33 -36.61 -18.37
CA ILE A 1544 1.28 -35.61 -18.49
C ILE A 1544 0.13 -35.94 -17.55
N GLY A 1545 -0.34 -34.93 -16.84
CA GLY A 1545 -1.51 -35.09 -15.99
C GLY A 1545 -1.34 -36.11 -14.90
N PHE A 1546 -0.49 -35.81 -13.92
CA PHE A 1546 -0.30 -36.74 -12.81
C PHE A 1546 -0.89 -36.23 -11.51
N GLY A 1547 -0.44 -35.07 -11.04
CA GLY A 1547 -0.94 -34.47 -9.82
C GLY A 1547 -1.01 -35.37 -8.60
N SER A 1548 -2.22 -35.62 -8.12
CA SER A 1548 -2.48 -36.46 -6.95
C SER A 1548 -3.97 -36.76 -6.91
N LEU A 1549 -4.43 -37.35 -5.81
CA LEU A 1549 -5.85 -37.66 -5.68
C LEU A 1549 -6.70 -36.41 -5.70
N GLU A 1550 -6.50 -35.51 -4.75
CA GLU A 1550 -7.33 -34.31 -4.64
C GLU A 1550 -7.23 -33.42 -5.86
N GLN A 1551 -6.16 -33.56 -6.65
CA GLN A 1551 -6.05 -32.82 -7.89
C GLN A 1551 -7.20 -33.18 -8.82
N GLY A 1552 -7.87 -32.16 -9.35
CA GLY A 1552 -8.95 -32.41 -10.28
C GLY A 1552 -8.43 -32.73 -11.66
N ALA A 1553 -9.09 -32.20 -12.69
CA ALA A 1553 -8.64 -32.35 -14.06
C ALA A 1553 -8.04 -31.07 -14.60
N ASN A 1554 -7.81 -30.08 -13.75
CA ASN A 1554 -7.24 -28.81 -14.14
C ASN A 1554 -6.01 -28.46 -13.31
N GLU A 1555 -5.52 -29.40 -12.51
CA GLU A 1555 -4.41 -29.11 -11.61
C GLU A 1555 -3.40 -30.25 -11.55
N ARG A 1556 -3.49 -31.26 -12.40
CA ARG A 1556 -2.65 -32.44 -12.23
C ARG A 1556 -1.21 -32.16 -12.69
N ASP A 1557 -1.03 -31.97 -13.99
CA ASP A 1557 0.26 -31.70 -14.57
C ASP A 1557 0.06 -31.55 -16.07
N ARG A 1558 1.01 -30.89 -16.74
CA ARG A 1558 0.92 -30.69 -18.17
C ARG A 1558 2.28 -30.82 -18.85
N GLU A 1559 3.20 -31.57 -18.24
CA GLU A 1559 4.56 -31.61 -18.73
C GLU A 1559 5.19 -32.93 -18.35
N ASP A 1560 6.01 -33.47 -19.25
CA ASP A 1560 6.81 -34.65 -18.98
C ASP A 1560 8.18 -34.19 -18.52
N VAL A 1561 8.56 -34.56 -17.30
CA VAL A 1561 9.83 -34.16 -16.73
C VAL A 1561 10.67 -35.41 -16.48
N GLN A 1562 11.95 -35.33 -16.79
CA GLN A 1562 12.89 -36.40 -16.51
C GLN A 1562 14.09 -35.77 -15.81
N GLN A 1563 13.99 -35.58 -14.50
CA GLN A 1563 15.12 -35.07 -13.76
C GLN A 1563 16.04 -36.20 -13.34
N TYR A 1564 17.26 -35.83 -12.98
CA TYR A 1564 18.13 -36.66 -12.17
C TYR A 1564 19.36 -35.83 -11.86
N ASN A 1565 19.93 -36.04 -10.69
CA ASN A 1565 21.07 -35.26 -10.23
C ASN A 1565 22.06 -36.20 -9.59
N ILE A 1566 23.22 -36.33 -10.22
CA ILE A 1566 24.34 -37.09 -9.67
C ILE A 1566 25.24 -36.09 -8.97
N VAL A 1567 25.52 -36.33 -7.69
CA VAL A 1567 26.22 -35.39 -6.85
C VAL A 1567 27.22 -36.19 -6.03
N THR A 1568 28.49 -36.14 -6.40
CA THR A 1568 29.51 -36.97 -5.78
C THR A 1568 30.49 -36.12 -4.99
N ASN A 1569 30.85 -36.59 -3.81
CA ASN A 1569 32.05 -36.12 -3.12
C ASN A 1569 33.10 -37.21 -3.19
N LEU A 1570 34.22 -36.91 -3.82
CA LEU A 1570 35.43 -37.63 -3.47
C LEU A 1570 36.04 -36.96 -2.25
N ASN A 1571 37.24 -37.37 -1.86
CA ASN A 1571 37.91 -36.64 -0.80
C ASN A 1571 39.35 -36.33 -1.10
N LEU A 1572 40.01 -37.11 -1.96
CA LEU A 1572 41.26 -36.74 -2.64
C LEU A 1572 42.34 -36.19 -1.71
N GLY A 1573 42.20 -36.46 -0.42
CA GLY A 1573 43.15 -36.03 0.56
C GLY A 1573 43.44 -37.17 1.51
N LYS A 1574 42.62 -38.21 1.41
CA LYS A 1574 42.88 -39.40 2.20
C LYS A 1574 43.82 -40.35 1.47
N LEU A 1575 43.70 -40.44 0.14
CA LEU A 1575 44.63 -41.28 -0.60
C LEU A 1575 46.03 -40.68 -0.61
N LEU A 1576 46.14 -39.37 -0.44
CA LEU A 1576 47.42 -38.79 -0.07
C LEU A 1576 47.86 -39.35 1.28
N PRO A 1577 49.16 -39.32 1.58
CA PRO A 1577 49.64 -39.87 2.85
C PRO A 1577 49.01 -39.17 4.04
N LYS A 1578 48.88 -39.92 5.14
CA LYS A 1578 48.19 -39.41 6.31
C LYS A 1578 48.89 -38.20 6.91
N LYS A 1579 50.23 -38.18 6.83
CA LYS A 1579 51.01 -37.13 7.47
C LYS A 1579 50.69 -35.76 6.88
N TRP A 1580 50.70 -35.66 5.55
CA TRP A 1580 50.50 -34.40 4.84
C TRP A 1580 49.24 -33.66 5.30
N GLY A 1581 48.08 -34.27 5.13
CA GLY A 1581 46.85 -33.70 5.63
C GLY A 1581 46.20 -32.69 4.72
N ILE A 1582 46.27 -32.90 3.41
CA ILE A 1582 45.60 -32.02 2.45
C ILE A 1582 44.16 -32.48 2.31
N ASN A 1583 43.26 -31.59 1.90
CA ASN A 1583 41.84 -31.87 1.95
C ASN A 1583 41.15 -31.54 0.62
N LEU A 1584 41.72 -32.01 -0.50
CA LEU A 1584 41.12 -31.73 -1.80
C LEU A 1584 39.76 -32.39 -1.93
N PRO A 1585 38.67 -31.66 -1.80
CA PRO A 1585 37.36 -32.32 -1.69
C PRO A 1585 36.87 -32.89 -3.02
N PHE A 1586 36.97 -32.11 -4.08
CA PHE A 1586 36.47 -32.49 -5.41
C PHE A 1586 35.01 -32.96 -5.34
N ASN A 1587 34.14 -32.00 -5.07
CA ASN A 1587 32.73 -32.25 -5.32
C ASN A 1587 32.48 -32.38 -6.82
N TYR A 1588 31.32 -32.92 -7.19
CA TYR A 1588 30.92 -33.04 -8.59
C TYR A 1588 29.42 -33.16 -8.65
N ALA A 1589 28.83 -32.69 -9.75
CA ALA A 1589 27.37 -32.70 -9.86
C ALA A 1589 26.95 -32.62 -11.32
N ILE A 1590 26.08 -33.53 -11.72
CA ILE A 1590 25.45 -33.50 -13.04
C ILE A 1590 23.95 -33.59 -12.83
N GLY A 1591 23.19 -32.97 -13.73
CA GLY A 1591 21.76 -33.10 -13.70
C GLY A 1591 21.11 -32.40 -14.87
N GLU A 1592 19.95 -32.89 -15.33
CA GLU A 1592 19.22 -32.17 -16.35
C GLU A 1592 17.76 -32.57 -16.35
N GLU A 1593 16.94 -31.69 -16.90
CA GLU A 1593 15.52 -31.93 -17.09
C GLU A 1593 15.24 -32.02 -18.58
N VAL A 1594 14.19 -32.75 -18.92
CA VAL A 1594 13.66 -32.77 -20.28
C VAL A 1594 12.15 -32.60 -20.15
N ILE A 1595 11.69 -31.36 -20.21
CA ILE A 1595 10.28 -31.04 -20.07
C ILE A 1595 9.67 -30.96 -21.47
N THR A 1596 8.80 -31.92 -21.78
CA THR A 1596 8.08 -31.90 -23.05
C THR A 1596 6.66 -31.43 -22.79
N PRO A 1597 6.25 -30.26 -23.28
CA PRO A 1597 4.95 -29.73 -22.92
C PRO A 1597 3.82 -30.55 -23.52
N GLU A 1598 2.64 -30.43 -22.90
CA GLU A 1598 1.44 -31.04 -23.45
C GLU A 1598 1.12 -30.47 -24.82
N TYR A 1599 0.97 -29.15 -24.89
CA TYR A 1599 0.74 -28.43 -26.13
C TYR A 1599 2.05 -27.83 -26.60
N ASP A 1600 2.31 -27.93 -27.91
CA ASP A 1600 3.55 -27.40 -28.44
C ASP A 1600 3.62 -25.89 -28.21
N PRO A 1601 4.81 -25.34 -28.04
CA PRO A 1601 4.91 -23.90 -27.76
C PRO A 1601 4.85 -23.07 -29.03
N PHE A 1602 3.95 -23.44 -29.92
CA PHE A 1602 3.66 -22.68 -31.13
C PHE A 1602 2.39 -23.28 -31.70
N ASN A 1603 1.37 -22.44 -31.92
CA ASN A 1603 0.01 -22.95 -32.10
C ASN A 1603 -0.42 -23.71 -30.84
N GLN A 1604 -0.51 -22.93 -29.76
CA GLN A 1604 -0.71 -23.49 -28.42
C GLN A 1604 -1.92 -24.40 -28.33
N ASP A 1605 -2.95 -24.14 -29.13
CA ASP A 1605 -4.18 -24.92 -29.03
C ASP A 1605 -4.05 -26.32 -29.60
N ILE A 1606 -2.91 -26.70 -30.15
CA ILE A 1606 -2.68 -28.03 -30.71
C ILE A 1606 -1.75 -28.78 -29.78
N LYS A 1607 -1.99 -30.08 -29.62
CA LYS A 1607 -1.07 -30.88 -28.84
C LYS A 1607 0.11 -31.33 -29.70
N LEU A 1608 1.21 -31.67 -29.04
CA LEU A 1608 2.36 -32.22 -29.76
C LEU A 1608 1.98 -33.48 -30.52
N ASP A 1609 1.14 -34.31 -29.92
CA ASP A 1609 0.81 -35.60 -30.52
C ASP A 1609 0.17 -35.42 -31.87
N GLN A 1610 -0.87 -34.57 -31.97
CA GLN A 1610 -1.56 -34.39 -33.23
C GLN A 1610 -0.65 -33.82 -34.32
N LEU A 1611 0.44 -33.17 -33.94
CA LEU A 1611 1.47 -32.85 -34.92
C LEU A 1611 2.46 -34.00 -35.09
N ILE A 1612 2.96 -34.53 -33.97
CA ILE A 1612 3.96 -35.59 -34.05
C ILE A 1612 3.32 -36.90 -34.51
N ARG A 1613 2.00 -37.06 -34.32
CA ARG A 1613 1.33 -38.22 -34.87
C ARG A 1613 0.85 -37.94 -36.28
N GLU A 1614 1.52 -37.02 -36.96
CA GLU A 1614 1.35 -36.81 -38.38
C GLU A 1614 2.72 -36.88 -39.05
N THR A 1615 2.74 -37.37 -40.29
CA THR A 1615 3.96 -37.51 -41.08
C THR A 1615 4.06 -36.41 -42.13
N THR A 1616 3.67 -35.18 -41.75
CA THR A 1616 3.65 -34.04 -42.67
C THR A 1616 5.00 -33.87 -43.38
N ASP A 1617 6.09 -33.84 -42.61
CA ASP A 1617 7.42 -33.87 -43.20
C ASP A 1617 8.44 -34.25 -42.13
N GLN A 1618 9.14 -35.37 -42.33
CA GLN A 1618 10.09 -35.85 -41.33
C GLN A 1618 11.21 -34.85 -41.10
N ALA A 1619 11.55 -34.06 -42.13
CA ALA A 1619 12.44 -32.93 -41.92
C ALA A 1619 11.77 -31.84 -41.12
N GLU A 1620 10.43 -31.82 -41.08
CA GLU A 1620 9.69 -30.91 -40.23
C GLU A 1620 9.31 -31.55 -38.90
N LYS A 1621 9.24 -32.88 -38.85
CA LYS A 1621 9.15 -33.57 -37.56
C LYS A 1621 10.46 -33.51 -36.79
N ASP A 1622 11.54 -33.03 -37.41
CA ASP A 1622 12.74 -32.68 -36.67
C ASP A 1622 12.59 -31.32 -35.99
N ASN A 1623 12.06 -30.34 -36.72
CA ASN A 1623 11.70 -29.06 -36.10
C ASN A 1623 10.77 -29.28 -34.92
N ILE A 1624 9.62 -29.91 -35.19
CA ILE A 1624 8.77 -30.37 -34.11
C ILE A 1624 9.53 -31.45 -33.33
N ARG A 1625 9.09 -31.69 -32.10
CA ARG A 1625 9.70 -32.63 -31.14
C ARG A 1625 11.20 -32.39 -30.95
N THR A 1626 11.69 -31.21 -31.34
CA THR A 1626 12.97 -30.69 -30.91
C THR A 1626 12.91 -29.23 -30.52
N ARG A 1627 11.94 -28.47 -31.01
CA ARG A 1627 11.68 -27.14 -30.49
C ARG A 1627 10.60 -27.16 -29.40
N ALA A 1628 10.36 -28.31 -28.78
CA ALA A 1628 9.41 -28.42 -27.69
C ALA A 1628 9.97 -29.28 -26.57
N ILE A 1629 11.23 -29.06 -26.24
CA ILE A 1629 11.89 -29.78 -25.15
C ILE A 1629 12.73 -28.78 -24.38
N ASP A 1630 12.43 -28.61 -23.10
CA ASP A 1630 13.13 -27.62 -22.28
C ASP A 1630 14.37 -28.23 -21.63
N TYR A 1631 15.22 -28.77 -22.49
CA TYR A 1631 16.44 -29.44 -22.06
C TYR A 1631 17.37 -28.48 -21.35
N THR A 1632 17.97 -28.93 -20.25
CA THR A 1632 18.94 -28.11 -19.53
C THR A 1632 19.76 -28.92 -18.53
N LYS A 1633 21.09 -28.93 -18.67
CA LYS A 1633 21.94 -29.74 -17.81
C LYS A 1633 23.06 -28.87 -17.24
N ARG A 1634 23.42 -29.13 -15.98
CA ARG A 1634 24.32 -28.25 -15.24
C ARG A 1634 25.79 -28.70 -15.29
N LYS A 1635 26.10 -29.88 -14.78
CA LYS A 1635 27.44 -30.46 -14.89
C LYS A 1635 28.51 -29.56 -14.25
N SER A 1636 28.44 -29.46 -12.93
CA SER A 1636 29.33 -28.59 -12.18
C SER A 1636 30.63 -29.28 -11.80
N ILE A 1637 31.66 -28.46 -11.57
CA ILE A 1637 32.95 -28.87 -11.01
C ILE A 1637 33.24 -27.94 -9.84
N ASN A 1638 34.06 -28.42 -8.90
CA ASN A 1638 34.46 -27.55 -7.79
C ASN A 1638 35.50 -28.24 -6.92
N PHE A 1639 36.37 -27.42 -6.34
CA PHE A 1639 37.41 -27.85 -5.41
C PHE A 1639 37.44 -26.91 -4.22
N ILE A 1640 36.28 -26.70 -3.60
CA ILE A 1640 36.08 -25.49 -2.78
C ILE A 1640 37.02 -25.45 -1.59
N GLY A 1641 37.03 -26.50 -0.77
CA GLY A 1641 37.85 -26.43 0.42
C GLY A 1641 39.11 -27.26 0.33
N VAL A 1642 40.24 -26.63 0.05
CA VAL A 1642 41.52 -27.33 -0.12
C VAL A 1642 42.55 -26.65 0.79
N ARG A 1643 42.81 -27.25 1.94
CA ARG A 1643 43.70 -26.70 2.94
C ARG A 1643 44.83 -27.69 3.23
N LYS A 1644 45.62 -27.35 4.25
CA LYS A 1644 46.49 -28.28 4.94
C LYS A 1644 46.31 -28.09 6.44
N ASP A 1645 46.22 -29.19 7.16
CA ASP A 1645 46.11 -29.13 8.60
C ASP A 1645 47.48 -28.97 9.23
N ARG A 1646 47.53 -28.21 10.32
CA ARG A 1646 48.79 -27.90 10.98
C ARG A 1646 49.21 -29.02 11.95
N ALA A 1647 48.35 -29.33 12.91
CA ALA A 1647 48.62 -30.37 13.91
C ALA A 1647 49.84 -30.04 14.75
N TYR A 1655 51.71 -15.58 9.87
CA TYR A 1655 52.71 -15.34 8.85
C TYR A 1655 53.43 -16.66 8.56
N ASP A 1656 54.18 -16.69 7.45
CA ASP A 1656 55.14 -17.71 7.03
C ASP A 1656 54.73 -19.14 7.32
N ILE A 1657 53.44 -19.44 7.18
CA ILE A 1657 52.93 -20.79 7.31
C ILE A 1657 51.70 -20.89 6.43
N GLU A 1658 51.71 -21.83 5.47
CA GLU A 1658 50.65 -21.86 4.46
C GLU A 1658 49.38 -22.40 5.12
N ASN A 1659 48.70 -21.48 5.81
CA ASN A 1659 47.36 -21.69 6.34
C ASN A 1659 46.30 -21.07 5.44
N PHE A 1660 46.53 -21.10 4.12
CA PHE A 1660 45.56 -20.58 3.19
C PHE A 1660 44.37 -21.52 3.11
N THR A 1661 43.42 -21.18 2.23
CA THR A 1661 42.37 -22.10 1.82
C THR A 1661 42.09 -21.79 0.36
N PHE A 1662 42.62 -22.61 -0.55
CA PHE A 1662 42.37 -22.39 -1.96
C PHE A 1662 40.98 -22.85 -2.32
N SER A 1663 40.58 -22.56 -3.56
CA SER A 1663 39.25 -22.95 -4.02
C SER A 1663 39.17 -22.67 -5.51
N GLN A 1664 38.36 -23.45 -6.21
CA GLN A 1664 38.18 -23.23 -7.63
C GLN A 1664 37.02 -24.10 -8.09
N SER A 1665 36.19 -23.54 -8.97
CA SER A 1665 35.05 -24.27 -9.50
C SER A 1665 34.55 -23.53 -10.73
N TYR A 1666 34.01 -24.29 -11.68
CA TYR A 1666 33.25 -23.67 -12.75
C TYR A 1666 32.05 -24.53 -13.06
N ASN A 1667 30.88 -23.92 -13.02
CA ASN A 1667 29.64 -24.57 -13.37
C ASN A 1667 29.43 -24.49 -14.86
N GLN A 1668 28.39 -25.15 -15.34
CA GLN A 1668 27.97 -25.00 -16.71
C GLN A 1668 26.46 -25.15 -16.77
N VAL A 1669 25.91 -24.91 -17.95
CA VAL A 1669 24.52 -25.23 -18.22
C VAL A 1669 24.33 -25.13 -19.72
N GLU A 1670 23.43 -25.92 -20.27
CA GLU A 1670 23.06 -25.77 -21.67
C GLU A 1670 21.57 -26.02 -21.78
N ARG A 1671 20.83 -24.98 -22.15
CA ARG A 1671 19.38 -25.04 -22.13
C ARG A 1671 18.82 -24.98 -23.53
N HIS A 1672 17.78 -25.75 -23.76
CA HIS A 1672 16.82 -25.50 -24.83
C HIS A 1672 15.50 -25.12 -24.21
N ASP A 1673 14.64 -24.52 -25.04
CA ASP A 1673 13.27 -24.25 -24.67
C ASP A 1673 12.52 -24.08 -25.98
N TYR A 1674 11.32 -23.49 -25.94
CA TYR A 1674 10.69 -23.16 -27.19
C TYR A 1674 11.57 -22.22 -28.00
N GLU A 1675 11.84 -21.03 -27.49
CA GLU A 1675 12.69 -20.09 -28.21
C GLU A 1675 13.78 -19.55 -27.29
N VAL A 1676 14.86 -20.33 -27.16
CA VAL A 1676 16.17 -19.72 -26.98
C VAL A 1676 17.11 -20.42 -27.95
N ALA A 1677 16.81 -21.69 -28.26
CA ALA A 1677 17.46 -22.45 -29.32
C ALA A 1677 18.90 -22.81 -29.02
N ASP A 1678 19.47 -22.22 -27.98
CA ASP A 1678 20.81 -22.52 -27.49
C ASP A 1678 21.05 -21.64 -26.27
N TYR A 1679 21.83 -22.14 -25.33
CA TYR A 1679 22.10 -21.39 -24.12
C TYR A 1679 23.19 -22.10 -23.36
N GLU A 1680 24.17 -21.34 -22.89
CA GLU A 1680 25.22 -21.94 -22.09
C GLU A 1680 26.07 -20.87 -21.43
N ASP A 1681 26.31 -21.01 -20.14
CA ASP A 1681 27.29 -20.18 -19.46
C ASP A 1681 28.11 -21.03 -18.52
N GLU A 1682 29.42 -20.81 -18.51
CA GLU A 1682 30.32 -21.53 -17.63
C GLU A 1682 31.00 -20.53 -16.72
N GLN A 1683 30.41 -20.30 -15.57
CA GLN A 1683 30.88 -19.28 -14.64
C GLN A 1683 32.01 -19.88 -13.81
N SER A 1684 33.23 -19.69 -14.29
CA SER A 1684 34.41 -20.14 -13.56
C SER A 1684 34.54 -19.37 -12.26
N ASN A 1685 35.54 -19.73 -11.48
CA ASN A 1685 35.71 -19.14 -10.17
C ASN A 1685 37.04 -19.57 -9.60
N SER A 1686 37.55 -18.78 -8.66
CA SER A 1686 38.77 -19.10 -7.96
C SER A 1686 38.58 -18.67 -6.52
N ALA A 1687 39.66 -18.70 -5.74
CA ALA A 1687 39.61 -18.18 -4.38
C ALA A 1687 40.99 -18.30 -3.76
N VAL A 1688 41.17 -17.60 -2.66
CA VAL A 1688 42.34 -17.72 -1.81
C VAL A 1688 42.01 -17.01 -0.50
N ASN A 1689 42.53 -17.51 0.61
CA ASN A 1689 42.18 -16.95 1.90
C ASN A 1689 43.39 -17.03 2.80
N TYR A 1690 43.58 -16.03 3.66
CA TYR A 1690 44.73 -16.04 4.54
C TYR A 1690 44.35 -16.17 6.01
N ALA A 1691 43.60 -15.22 6.57
CA ALA A 1691 42.95 -15.32 7.88
C ALA A 1691 43.88 -15.86 8.98
N TYR A 1692 44.92 -15.10 9.29
CA TYR A 1692 45.92 -15.63 10.23
C TYR A 1692 45.38 -15.70 11.65
N THR A 1693 44.86 -14.58 12.17
CA THR A 1693 44.32 -14.53 13.53
C THR A 1693 45.42 -14.83 14.57
N PHE A 1694 46.37 -13.92 14.65
CA PHE A 1694 47.39 -13.90 15.71
C PHE A 1694 46.86 -14.27 17.09
N TYR A 1724 50.13 -5.94 21.25
CA TYR A 1724 50.07 -4.64 20.60
C TYR A 1724 49.90 -4.78 19.08
N LEU A 1725 50.52 -5.82 18.53
CA LEU A 1725 50.46 -6.08 17.10
C LEU A 1725 49.07 -6.59 16.72
N PRO A 1726 48.74 -6.57 15.42
CA PRO A 1726 47.40 -6.96 14.99
C PRO A 1726 47.04 -8.36 15.42
N SER A 1727 45.91 -8.50 16.10
CA SER A 1727 45.47 -9.82 16.51
C SER A 1727 45.04 -10.66 15.32
N ASN A 1728 44.55 -10.02 14.26
CA ASN A 1728 44.09 -10.74 13.08
C ASN A 1728 44.78 -10.20 11.84
N ILE A 1729 44.69 -10.97 10.77
CA ILE A 1729 45.00 -10.53 9.42
C ILE A 1729 44.13 -11.35 8.48
N SER A 1730 43.64 -10.72 7.43
CA SER A 1730 42.81 -11.42 6.46
C SER A 1730 43.24 -11.03 5.06
N PHE A 1731 42.78 -11.81 4.10
CA PHE A 1731 42.97 -11.50 2.69
C PHE A 1731 42.21 -12.54 1.89
N ASN A 1732 41.66 -12.17 0.75
CA ASN A 1732 40.98 -13.16 -0.08
C ASN A 1732 40.60 -12.60 -1.43
N THR A 1733 40.91 -13.34 -2.49
CA THR A 1733 40.56 -12.92 -3.83
C THR A 1733 39.83 -14.05 -4.53
N ASN A 1734 39.15 -13.71 -5.62
CA ASN A 1734 38.57 -14.74 -6.46
C ASN A 1734 38.11 -14.17 -7.79
N ILE A 1735 38.53 -14.80 -8.88
CA ILE A 1735 38.19 -14.32 -10.21
C ILE A 1735 36.83 -14.92 -10.58
N LEU A 1736 35.79 -14.10 -10.58
CA LEU A 1736 34.44 -14.56 -10.89
C LEU A 1736 34.21 -14.35 -12.38
N ARG A 1737 34.61 -15.34 -13.17
CA ARG A 1737 34.51 -15.25 -14.63
C ARG A 1737 33.19 -15.87 -15.07
N GLN A 1738 32.20 -15.03 -15.29
CA GLN A 1738 30.95 -15.50 -15.88
C GLN A 1738 31.12 -15.70 -17.38
N SER A 1739 30.00 -15.99 -18.03
CA SER A 1739 29.93 -16.06 -19.48
C SER A 1739 28.48 -16.24 -19.87
N ASN A 1740 28.21 -16.35 -21.16
CA ASN A 1740 26.86 -16.67 -21.61
C ASN A 1740 26.87 -16.75 -23.12
N ARG A 1741 25.85 -17.43 -23.67
CA ARG A 1741 25.51 -17.36 -25.07
C ARG A 1741 24.03 -17.64 -25.21
N GLN A 1742 23.41 -17.01 -26.20
CA GLN A 1742 22.00 -17.26 -26.49
C GLN A 1742 21.75 -17.01 -27.96
N GLN A 1743 21.31 -18.03 -28.67
CA GLN A 1743 20.71 -17.84 -29.98
C GLN A 1743 19.23 -17.53 -29.77
N PHE A 1744 18.47 -17.55 -30.85
CA PHE A 1744 17.02 -17.54 -30.75
C PHE A 1744 16.46 -18.38 -31.88
N ARG A 1745 15.25 -18.89 -31.70
CA ARG A 1745 14.62 -19.64 -32.77
C ARG A 1745 14.39 -18.73 -33.97
N GLU A 1746 14.81 -19.20 -35.14
CA GLU A 1746 14.64 -18.38 -36.34
C GLU A 1746 13.17 -18.17 -36.67
N VAL A 1747 12.32 -19.10 -36.25
CA VAL A 1747 10.89 -19.01 -36.54
C VAL A 1747 10.12 -19.93 -35.61
N GLY A 1753 19.25 -19.63 -34.68
CA GLY A 1753 19.07 -19.04 -35.99
C GLY A 1753 19.62 -17.63 -36.08
N LEU A 1754 19.37 -16.83 -35.05
CA LEU A 1754 19.85 -15.46 -35.02
C LEU A 1754 21.23 -15.39 -34.36
N ASP A 1755 21.77 -14.19 -34.30
CA ASP A 1755 23.13 -14.01 -33.78
C ASP A 1755 23.17 -14.29 -32.28
N PRO A 1756 24.06 -15.16 -31.81
CA PRO A 1756 24.17 -15.39 -30.38
C PRO A 1756 24.65 -14.14 -29.66
N LEU A 1757 23.96 -13.80 -28.59
CA LEU A 1757 24.27 -12.61 -27.80
C LEU A 1757 25.36 -12.96 -26.80
N TYR A 1758 26.61 -12.83 -27.24
CA TYR A 1758 27.74 -13.09 -26.35
C TYR A 1758 27.68 -12.16 -25.14
N ARG A 1759 27.43 -12.73 -23.97
CA ARG A 1759 27.30 -11.99 -22.73
C ARG A 1759 28.38 -12.48 -21.77
N ARG A 1760 29.51 -11.79 -21.74
CA ARG A 1760 30.62 -12.17 -20.88
C ARG A 1760 30.65 -11.25 -19.67
N ASN A 1761 30.99 -11.83 -18.52
CA ASN A 1761 31.14 -11.09 -17.28
C ASN A 1761 32.35 -11.62 -16.55
N PHE A 1762 33.31 -10.76 -16.26
CA PHE A 1762 34.50 -11.15 -15.54
C PHE A 1762 34.67 -10.23 -14.34
N ALA A 1763 35.62 -10.55 -13.47
CA ALA A 1763 35.81 -9.72 -12.29
C ALA A 1763 37.10 -10.12 -11.60
N PHE A 1764 37.35 -9.47 -10.47
CA PHE A 1764 38.46 -9.70 -9.57
C PHE A 1764 38.22 -8.82 -8.35
N ASN A 1765 38.68 -9.26 -7.18
CA ASN A 1765 38.31 -8.56 -5.96
C ASN A 1765 39.06 -9.16 -4.79
N TYR A 1766 39.02 -8.46 -3.65
CA TYR A 1766 39.84 -8.83 -2.51
C TYR A 1766 39.45 -8.01 -1.29
N GLN A 1767 39.81 -8.54 -0.11
CA GLN A 1767 39.57 -7.90 1.17
C GLN A 1767 40.89 -7.79 1.91
N TYR A 1768 40.98 -6.89 2.89
CA TYR A 1768 42.19 -6.83 3.71
C TYR A 1768 41.94 -7.17 5.17
N GLY A 1769 41.25 -6.31 5.91
CA GLY A 1769 41.02 -6.59 7.32
C GLY A 1769 42.29 -6.44 8.14
N PHE A 1770 42.25 -5.76 9.29
CA PHE A 1770 43.35 -5.85 10.24
C PHE A 1770 42.94 -6.44 11.57
N GLY A 1771 42.06 -5.78 12.31
CA GLY A 1771 42.00 -6.05 13.73
C GLY A 1771 43.21 -5.48 14.46
N PHE A 1772 43.01 -5.00 15.68
CA PHE A 1772 44.07 -4.39 16.48
C PHE A 1772 43.66 -4.42 17.93
N ASN A 1773 44.66 -4.34 18.80
CA ASN A 1773 44.44 -4.12 20.22
C ASN A 1773 45.45 -3.09 20.72
N LEU A 1774 45.51 -1.95 20.03
CA LEU A 1774 46.48 -0.87 20.28
C LEU A 1774 46.78 -0.65 21.75
N THR A 1775 45.75 -0.64 22.57
CA THR A 1775 45.90 -0.66 24.01
C THR A 1775 44.82 -1.57 24.57
N LYS A 1776 44.88 -1.80 25.88
CA LYS A 1776 43.70 -2.30 26.56
C LYS A 1776 42.62 -1.23 26.47
N SER A 1777 41.43 -1.64 26.02
CA SER A 1777 40.37 -0.71 25.67
C SER A 1777 40.76 0.22 24.53
N LEU A 1778 41.07 -0.38 23.36
CA LEU A 1778 41.15 0.34 22.10
C LEU A 1778 41.21 -0.71 20.99
N LYS A 1779 40.35 -0.58 19.98
CA LYS A 1779 40.20 -1.68 19.03
C LYS A 1779 40.15 -1.23 17.58
N LEU A 1780 41.15 -0.45 17.15
CA LEU A 1780 41.26 -0.04 15.74
C LEU A 1780 41.08 -1.21 14.81
N ASN A 1781 40.02 -1.20 14.01
CA ASN A 1781 39.84 -2.20 12.98
C ASN A 1781 40.14 -1.58 11.63
N TYR A 1782 39.97 -2.38 10.58
CA TYR A 1782 40.16 -1.90 9.23
C TYR A 1782 39.78 -3.02 8.29
N SER A 1783 39.24 -2.66 7.15
CA SER A 1783 39.05 -3.64 6.10
C SER A 1783 38.74 -2.92 4.81
N ALA A 1784 39.59 -3.10 3.81
CA ALA A 1784 39.32 -2.55 2.50
C ALA A 1784 38.55 -3.59 1.69
N THR A 1785 38.43 -3.34 0.41
CA THR A 1785 37.89 -4.31 -0.53
C THR A 1785 38.19 -3.78 -1.92
N SER A 1786 37.63 -4.43 -2.93
CA SER A 1786 37.73 -3.90 -4.28
C SER A 1786 36.89 -4.76 -5.19
N ASN A 1787 36.66 -4.25 -6.38
CA ASN A 1787 35.97 -4.99 -7.43
C ASN A 1787 36.41 -4.34 -8.73
N ASN A 1788 37.25 -5.02 -9.48
CA ASN A 1788 37.79 -4.45 -10.71
C ASN A 1788 37.49 -5.38 -11.88
N ILE A 1789 37.12 -4.77 -13.00
CA ILE A 1789 36.54 -5.49 -14.12
C ILE A 1789 37.64 -5.94 -15.06
N VAL A 1790 37.78 -7.25 -15.24
CA VAL A 1790 38.61 -7.75 -16.31
C VAL A 1790 37.94 -7.44 -17.64
N ARG A 1791 38.74 -7.15 -18.66
CA ARG A 1791 38.19 -6.86 -19.98
C ARG A 1791 39.25 -7.23 -21.01
N ASN A 1792 39.01 -8.33 -21.72
CA ASN A 1792 39.93 -8.85 -22.72
C ASN A 1792 39.17 -9.27 -23.96
N PHE A 1793 38.25 -8.42 -24.40
CA PHE A 1793 37.31 -8.81 -25.43
C PHE A 1793 36.39 -7.65 -25.81
N PHE A 1804 36.58 -16.36 -28.23
CA PHE A 1804 37.18 -16.07 -26.93
C PHE A 1804 36.78 -17.15 -25.93
N ASN A 1805 37.66 -17.44 -24.98
CA ASN A 1805 37.46 -18.50 -24.00
C ASN A 1805 37.42 -17.89 -22.60
N ILE A 1806 36.49 -18.37 -21.78
CA ILE A 1806 36.50 -18.02 -20.37
C ILE A 1806 37.80 -18.46 -19.72
N TRP A 1807 38.39 -19.55 -20.21
CA TRP A 1807 39.70 -20.01 -19.75
C TRP A 1807 40.83 -19.39 -20.52
N ASP A 1808 40.62 -18.19 -21.07
CA ASP A 1808 41.68 -17.35 -21.61
C ASP A 1808 42.37 -16.69 -20.43
N ASP A 1809 43.10 -15.60 -20.67
CA ASP A 1809 43.96 -14.98 -19.66
C ASP A 1809 43.24 -14.84 -18.33
N TYR A 1810 43.70 -15.59 -17.34
CA TYR A 1810 42.91 -15.88 -16.14
C TYR A 1810 43.49 -15.21 -14.90
N LEU A 1811 44.61 -14.51 -15.06
CA LEU A 1811 45.21 -13.79 -13.95
C LEU A 1811 45.17 -12.29 -14.15
N ASP A 1812 44.62 -11.82 -15.25
CA ASP A 1812 44.64 -10.39 -15.55
C ASP A 1812 43.77 -9.62 -14.58
N ILE A 1813 44.31 -8.52 -14.07
CA ILE A 1813 43.62 -7.68 -13.10
C ILE A 1813 43.09 -6.44 -13.80
N GLY A 1814 41.82 -6.48 -14.21
CA GLY A 1814 41.24 -5.38 -14.93
C GLY A 1814 41.24 -4.10 -14.13
N THR A 1815 40.84 -3.03 -14.80
CA THR A 1815 40.82 -1.73 -14.18
C THR A 1815 39.82 -1.71 -13.02
N PRO A 1816 40.05 -0.88 -12.01
CA PRO A 1816 39.17 -0.89 -10.84
C PRO A 1816 37.77 -0.44 -11.18
N ASN A 1817 36.79 -1.15 -10.66
CA ASN A 1817 35.39 -0.80 -10.84
C ASN A 1817 34.76 -0.28 -9.57
N GLN A 1818 35.41 -0.44 -8.43
CA GLN A 1818 34.86 -0.05 -7.15
C GLN A 1818 35.94 -0.26 -6.11
N HIS A 1819 35.78 0.41 -4.97
CA HIS A 1819 36.75 0.28 -3.90
C HIS A 1819 36.11 0.83 -2.64
N ALA A 1820 36.10 0.05 -1.57
CA ALA A 1820 35.40 0.42 -0.35
C ALA A 1820 36.32 0.26 0.85
N GLN A 1821 36.83 1.38 1.35
CA GLN A 1821 37.54 1.39 2.60
C GLN A 1821 36.59 1.07 3.75
N GLN A 1822 37.14 0.97 4.95
CA GLN A 1822 36.34 0.99 6.16
C GLN A 1822 37.28 1.00 7.35
N LEU A 1823 36.85 1.67 8.40
CA LEU A 1823 37.66 1.78 9.61
C LEU A 1823 36.71 1.85 10.79
N VAL A 1824 37.01 1.10 11.83
CA VAL A 1824 36.21 1.07 13.05
C VAL A 1824 37.15 1.03 14.22
N LEU A 1825 37.00 1.98 15.14
CA LEU A 1825 37.87 2.02 16.31
C LEU A 1825 37.01 2.36 17.53
N ASN A 1826 36.74 1.35 18.34
CA ASN A 1826 36.09 1.62 19.60
C ASN A 1826 37.10 2.14 20.60
N TYR A 1827 36.62 2.59 21.74
CA TYR A 1827 37.52 3.08 22.78
C TYR A 1827 36.74 3.27 24.07
N ASP A 1828 37.25 2.71 25.17
CA ASP A 1828 36.52 2.72 26.41
C ASP A 1828 36.67 4.02 27.19
N ILE A 1829 37.54 4.92 26.75
CA ILE A 1829 37.79 6.18 27.45
C ILE A 1829 38.13 5.86 28.90
N PRO A 1830 39.33 5.35 29.19
CA PRO A 1830 39.66 5.06 30.58
C PRO A 1830 39.54 6.31 31.45
N ILE A 1831 38.54 6.29 32.32
CA ILE A 1831 38.26 7.39 33.23
C ILE A 1831 38.11 6.77 34.60
N ASN A 1832 37.96 5.44 34.63
CA ASN A 1832 38.05 4.70 35.88
C ASN A 1832 39.43 4.82 36.51
N LYS A 1833 40.45 5.13 35.72
CA LYS A 1833 41.80 5.28 36.26
C LYS A 1833 41.88 6.48 37.20
N ILE A 1834 41.25 7.59 36.84
CA ILE A 1834 41.15 8.71 37.78
C ILE A 1834 40.37 8.27 39.01
N PRO A 1835 40.72 8.73 40.22
CA PRO A 1835 40.11 8.18 41.43
C PRO A 1835 38.59 8.34 41.51
N ILE A 1836 38.11 9.59 41.48
CA ILE A 1836 36.69 9.81 41.71
C ILE A 1836 35.85 9.34 40.53
N PHE A 1837 36.44 9.24 39.34
CA PHE A 1837 35.68 8.89 38.15
C PHE A 1837 35.58 7.39 37.98
N GLY A 1838 35.16 6.71 39.03
CA GLY A 1838 34.82 5.30 38.97
C GLY A 1838 33.36 5.08 38.70
N PHE A 1839 32.57 6.13 38.58
CA PHE A 1839 31.13 6.03 38.34
C PHE A 1839 30.78 6.17 36.87
N VAL A 1840 31.75 6.42 36.00
CA VAL A 1840 31.53 6.55 34.57
C VAL A 1840 32.23 5.41 33.85
N LYS A 1841 31.58 4.87 32.83
CA LYS A 1841 32.21 3.97 31.87
C LYS A 1841 31.92 4.45 30.47
N ALA A 1842 32.13 5.75 30.25
CA ALA A 1842 31.89 6.40 28.97
C ALA A 1842 32.68 5.75 27.85
N SER A 1843 31.97 5.10 26.93
CA SER A 1843 32.59 4.44 25.79
C SER A 1843 32.72 5.43 24.63
N TYR A 1844 33.03 4.91 23.45
CA TYR A 1844 33.13 5.71 22.25
C TYR A 1844 33.23 4.76 21.07
N SER A 1845 32.86 5.25 19.89
CA SER A 1845 32.98 4.46 18.68
C SER A 1845 33.28 5.37 17.52
N TYR A 1846 33.59 4.78 16.38
CA TYR A 1846 33.82 5.53 15.16
C TYR A 1846 33.93 4.57 14.00
N THR A 1847 33.25 4.84 12.90
CA THR A 1847 33.29 3.96 11.74
C THR A 1847 33.30 4.83 10.49
N ALA A 1848 34.48 5.17 10.01
CA ALA A 1848 34.58 5.86 8.73
C ALA A 1848 34.36 4.85 7.61
N ASP A 1849 33.93 5.36 6.47
CA ASP A 1849 33.79 4.52 5.29
C ASP A 1849 34.37 5.23 4.07
N TYR A 1850 34.20 4.64 2.90
CA TYR A 1850 34.72 5.22 1.69
C TYR A 1850 34.25 4.35 0.53
N MET A 1851 34.18 4.90 -0.67
CA MET A 1851 33.67 4.11 -1.77
C MET A 1851 33.92 4.87 -3.05
N TRP A 1852 34.29 4.15 -4.10
CA TRP A 1852 34.74 4.76 -5.35
C TRP A 1852 34.10 4.01 -6.50
N GLN A 1853 33.02 4.55 -7.05
CA GLN A 1853 32.40 3.91 -8.20
C GLN A 1853 33.10 4.33 -9.49
N ARG A 1854 32.88 3.54 -10.54
CA ARG A 1854 33.68 3.70 -11.74
C ARG A 1854 33.05 4.63 -12.76
N SER A 1855 31.74 4.87 -12.70
CA SER A 1855 31.07 5.78 -13.62
C SER A 1855 31.24 5.30 -15.07
N SER A 1856 30.51 4.23 -15.38
CA SER A 1856 30.61 3.47 -16.61
C SER A 1856 30.72 4.32 -17.87
N THR A 1857 31.33 3.75 -18.92
CA THR A 1857 31.87 4.52 -20.04
C THR A 1857 30.86 5.42 -20.74
N ALA A 1858 29.57 5.28 -20.47
CA ALA A 1858 28.61 6.26 -20.97
C ALA A 1858 28.91 7.64 -20.42
N PHE A 1859 29.50 7.71 -19.22
CA PHE A 1859 29.96 8.96 -18.62
C PHE A 1859 31.36 9.33 -19.05
N SER A 1860 32.31 8.42 -18.85
CA SER A 1860 33.74 8.77 -18.83
C SER A 1860 34.18 9.45 -20.12
N GLU A 1861 33.68 9.00 -21.26
CA GLU A 1861 34.03 9.62 -22.53
C GLU A 1861 32.80 10.18 -23.21
N TYR A 1862 31.93 10.84 -22.44
CA TYR A 1862 30.86 11.63 -23.03
C TYR A 1862 31.43 12.62 -24.02
N GLU A 1863 30.80 12.69 -25.20
CA GLU A 1863 31.27 13.57 -26.27
C GLU A 1863 30.20 14.61 -26.56
N ASP A 1864 30.49 15.85 -26.19
CA ASP A 1864 29.65 16.97 -26.57
C ASP A 1864 29.48 16.98 -28.09
N PRO A 1865 28.26 17.19 -28.60
CA PRO A 1865 28.07 17.25 -30.07
C PRO A 1865 28.88 18.33 -30.78
N ASN A 1866 29.57 19.22 -30.07
CA ASN A 1866 30.62 20.00 -30.71
C ASN A 1866 31.70 19.10 -31.30
N GLY A 1867 31.93 17.94 -30.69
CA GLY A 1867 32.93 17.00 -31.14
C GLY A 1867 33.86 16.58 -30.03
N THR A 1868 34.00 17.43 -29.01
CA THR A 1868 34.91 17.16 -27.92
C THR A 1868 34.44 15.97 -27.11
N VAL A 1869 35.32 15.47 -26.24
CA VAL A 1869 35.08 14.28 -25.44
C VAL A 1869 35.50 14.58 -24.01
N TYR A 1870 34.52 14.90 -23.17
CA TYR A 1870 34.80 15.23 -21.78
C TYR A 1870 34.97 13.97 -20.95
N ASP A 1871 35.50 14.16 -19.74
CA ASP A 1871 35.63 13.10 -18.76
C ASP A 1871 34.95 13.55 -17.49
N LEU A 1872 34.11 12.68 -16.92
CA LEU A 1872 33.34 13.03 -15.75
C LEU A 1872 32.85 11.75 -15.10
N GLY A 1873 33.27 11.47 -13.88
CA GLY A 1873 32.76 10.29 -13.20
C GLY A 1873 33.51 9.99 -11.92
N ASN A 1874 33.36 8.75 -11.47
CA ASN A 1874 34.06 8.25 -10.29
C ASN A 1874 33.65 9.03 -9.04
N THR A 1875 32.40 8.84 -8.66
CA THR A 1875 31.91 9.43 -7.42
C THR A 1875 32.62 8.84 -6.21
N ILE A 1876 32.43 9.49 -5.06
CA ILE A 1876 33.04 9.09 -3.79
C ILE A 1876 32.04 9.32 -2.67
N GLN A 1877 32.08 8.46 -1.67
CA GLN A 1877 31.27 8.64 -0.50
C GLN A 1877 32.14 8.77 0.75
N ASN A 1878 31.48 8.90 1.88
CA ASN A 1878 32.11 8.83 3.20
C ASN A 1878 31.11 8.21 4.15
N SER A 1879 31.39 8.33 5.44
CA SER A 1879 30.40 8.15 6.49
C SER A 1879 31.12 8.41 7.80
N ASN A 1880 30.34 8.45 8.87
CA ASN A 1880 30.87 8.49 10.21
C ASN A 1880 29.90 7.78 11.12
N SER A 1881 30.37 7.42 12.30
CA SER A 1881 29.46 7.05 13.37
C SER A 1881 30.15 7.46 14.67
N ASN A 1882 29.88 8.68 15.11
CA ASN A 1882 30.47 9.20 16.33
C ASN A 1882 29.51 8.89 17.46
N THR A 1883 29.75 7.79 18.15
CA THR A 1883 28.91 7.38 19.26
C THR A 1883 29.71 7.47 20.55
N LEU A 1884 29.06 7.88 21.63
CA LEU A 1884 29.69 7.82 22.93
C LEU A 1884 28.57 7.72 23.96
N THR A 1885 28.62 6.68 24.79
CA THR A 1885 27.49 6.33 25.65
C THR A 1885 27.97 6.26 27.08
N THR A 1886 27.99 7.40 27.76
CA THR A 1886 28.35 7.42 29.16
C THR A 1886 27.28 6.73 29.99
N THR A 1887 27.61 6.42 31.23
CA THR A 1887 26.57 5.87 32.09
C THR A 1887 26.44 6.59 33.42
N LEU A 1888 27.56 7.00 34.02
CA LEU A 1888 27.55 7.80 35.25
C LEU A 1888 26.78 7.11 36.37
N ASN A 1889 27.13 5.85 36.61
CA ASN A 1889 26.49 5.08 37.67
C ASN A 1889 26.84 5.69 39.02
N MET A 1890 25.89 6.42 39.60
CA MET A 1890 26.18 7.21 40.79
C MET A 1890 26.37 6.32 42.00
N ASN A 1891 27.60 5.87 42.23
CA ASN A 1891 27.99 5.14 43.42
C ASN A 1891 29.25 5.76 44.01
N THR A 1892 29.24 7.08 44.13
CA THR A 1892 30.34 7.80 44.74
C THR A 1892 29.83 8.59 45.95
N THR A 1943 23.32 14.11 45.32
CA THR A 1943 22.11 14.03 46.13
C THR A 1943 21.54 12.62 46.11
N SER A 1944 20.57 12.39 45.22
CA SER A 1944 19.92 11.08 45.06
C SER A 1944 19.69 10.86 43.57
N ILE A 1945 20.65 10.21 42.92
CA ILE A 1945 20.56 9.82 41.53
C ILE A 1945 21.27 8.49 41.38
N LYS A 1946 20.77 7.65 40.49
CA LYS A 1946 21.40 6.36 40.27
C LYS A 1946 22.00 6.17 38.89
N ASN A 1947 21.48 6.85 37.87
CA ASN A 1947 22.01 6.72 36.53
C ASN A 1947 21.79 8.01 35.78
N VAL A 1948 22.74 8.36 34.94
CA VAL A 1948 22.54 9.35 33.88
C VAL A 1948 23.18 8.75 32.63
N GLN A 1949 22.41 8.01 31.85
CA GLN A 1949 22.93 7.43 30.63
C GLN A 1949 22.75 8.42 29.49
N ILE A 1950 23.71 8.45 28.59
CA ILE A 1950 23.74 9.43 27.52
C ILE A 1950 24.11 8.74 26.22
N ASN A 1951 23.51 9.19 25.13
CA ASN A 1951 23.98 8.84 23.80
C ASN A 1951 24.28 10.12 23.04
N TYR A 1952 25.14 9.96 22.03
CA TYR A 1952 25.33 11.03 21.06
C TYR A 1952 25.92 10.36 19.83
N THR A 1953 25.13 10.22 18.78
CA THR A 1953 25.54 9.47 17.61
C THR A 1953 25.45 10.37 16.39
N LYS A 1954 26.51 11.14 16.14
CA LYS A 1954 26.54 11.85 14.88
C LYS A 1954 26.63 10.86 13.72
N ASN A 1955 26.27 11.35 12.55
CA ASN A 1955 26.51 10.63 11.32
C ASN A 1955 26.75 11.67 10.25
N SER A 1956 27.22 11.22 9.10
CA SER A 1956 27.47 12.14 8.00
C SER A 1956 27.90 11.40 6.75
N GLY A 1957 28.12 12.14 5.68
CA GLY A 1957 28.64 11.55 4.48
C GLY A 1957 28.49 12.48 3.30
N THR A 1958 29.50 12.54 2.45
CA THR A 1958 29.41 13.35 1.25
C THR A 1958 29.34 12.42 0.05
N VAL A 1959 29.09 13.03 -1.10
CA VAL A 1959 29.16 12.36 -2.39
C VAL A 1959 29.72 13.37 -3.37
N LEU A 1960 30.91 13.11 -3.89
CA LEU A 1960 31.66 14.09 -4.66
C LEU A 1960 31.79 13.57 -6.09
N PRO A 1961 30.71 13.62 -6.86
CA PRO A 1961 30.79 13.19 -8.26
C PRO A 1961 31.60 14.18 -9.07
N GLY A 1962 32.12 13.70 -10.19
CA GLY A 1962 33.03 14.50 -10.98
C GLY A 1962 34.47 14.37 -10.58
N TYR A 1963 34.83 13.30 -9.90
CA TYR A 1963 36.18 13.08 -9.39
C TYR A 1963 36.94 12.23 -10.40
N THR A 1964 37.85 12.85 -11.14
CA THR A 1964 38.49 12.13 -12.25
C THR A 1964 39.39 10.99 -11.80
N PRO A 1965 40.34 11.15 -10.86
CA PRO A 1965 41.37 10.12 -10.69
C PRO A 1965 40.84 8.79 -10.17
N SER A 1966 41.72 7.80 -10.05
CA SER A 1966 41.31 6.44 -9.74
C SER A 1966 41.95 5.93 -8.46
N VAL A 1967 41.76 4.63 -8.18
CA VAL A 1967 42.37 3.99 -7.03
C VAL A 1967 43.30 2.90 -7.52
N GLY A 1968 44.58 3.04 -7.25
CA GLY A 1968 45.55 2.08 -7.76
C GLY A 1968 45.37 0.68 -7.21
N PHE A 1969 45.66 0.51 -5.93
CA PHE A 1969 45.60 -0.80 -5.30
C PHE A 1969 45.95 -0.58 -3.84
N LEU A 1970 45.48 -1.47 -2.96
CA LEU A 1970 45.75 -1.36 -1.53
C LEU A 1970 45.14 -0.10 -0.94
N GLY A 1971 44.13 0.45 -1.59
CA GLY A 1971 43.48 1.64 -1.12
C GLY A 1971 43.91 2.87 -1.88
N THR A 1972 43.56 4.03 -1.31
CA THR A 1972 43.85 5.31 -1.93
C THR A 1972 43.72 6.42 -0.90
N SER A 1973 44.67 7.36 -0.94
CA SER A 1973 44.62 8.56 -0.12
C SER A 1973 44.73 9.80 -0.99
N LYS A 1974 44.00 9.83 -2.08
CA LYS A 1974 44.18 10.88 -3.07
C LYS A 1974 43.53 12.20 -2.67
N PRO A 1975 42.25 12.22 -2.27
CA PRO A 1975 41.63 13.50 -1.88
C PRO A 1975 42.32 14.10 -0.68
N SER A 1976 42.35 13.34 0.40
CA SER A 1976 43.13 13.66 1.58
C SER A 1976 43.02 12.48 2.53
N LEU A 1977 44.10 12.12 3.22
CA LEU A 1977 44.08 10.93 4.05
C LEU A 1977 43.09 11.06 5.20
N GLY A 1978 42.68 12.28 5.55
CA GLY A 1978 41.54 12.43 6.44
C GLY A 1978 40.23 12.12 5.74
N PHE A 1979 40.12 12.46 4.46
CA PHE A 1979 38.86 12.26 3.74
C PHE A 1979 38.49 10.79 3.67
N VAL A 1980 39.49 9.91 3.54
CA VAL A 1980 39.21 8.48 3.47
C VAL A 1980 38.85 7.88 4.82
N PHE A 1981 38.91 8.67 5.90
CA PHE A 1981 38.39 8.25 7.19
C PHE A 1981 37.52 9.40 7.70
N GLY A 1982 36.28 9.46 7.23
CA GLY A 1982 35.44 10.60 7.58
C GLY A 1982 36.12 11.91 7.25
N SER A 1983 36.21 12.79 8.25
CA SER A 1983 36.96 14.06 8.13
C SER A 1983 36.44 14.90 6.97
N GLN A 1984 35.20 15.34 7.14
CA GLN A 1984 34.41 15.93 6.06
C GLN A 1984 34.65 17.42 5.89
N ASP A 1985 35.83 17.92 6.23
CA ASP A 1985 36.22 19.23 5.75
C ASP A 1985 36.12 19.29 4.23
N ASP A 1986 35.90 20.49 3.71
CA ASP A 1986 35.62 20.62 2.29
C ASP A 1986 36.85 20.24 1.48
N VAL A 1987 36.86 19.01 0.97
CA VAL A 1987 37.91 18.54 0.08
C VAL A 1987 37.56 18.87 -1.37
N ARG A 1988 36.47 19.59 -1.59
CA ARG A 1988 35.99 19.91 -2.91
C ARG A 1988 36.45 21.27 -3.41
N TYR A 1989 37.25 21.99 -2.63
CA TYR A 1989 37.94 23.17 -3.12
C TYR A 1989 39.33 22.82 -3.65
N GLU A 1990 40.16 22.22 -2.80
CA GLU A 1990 41.49 21.84 -3.24
C GLU A 1990 41.44 20.79 -4.33
N ALA A 1991 40.43 19.93 -4.32
CA ALA A 1991 40.29 18.94 -5.39
C ALA A 1991 40.06 19.63 -6.73
N ALA A 1992 39.33 20.75 -6.73
CA ALA A 1992 39.22 21.52 -7.95
C ALA A 1992 40.52 22.27 -8.24
N LYS A 1993 41.26 22.62 -7.19
CA LYS A 1993 42.55 23.28 -7.38
C LYS A 1993 43.59 22.31 -7.88
N ARG A 1994 43.64 21.11 -7.30
CA ARG A 1994 44.59 20.10 -7.74
C ARG A 1994 44.34 19.71 -9.19
N GLY A 1995 43.11 19.87 -9.67
CA GLY A 1995 42.79 19.58 -11.04
C GLY A 1995 42.21 18.21 -11.28
N TRP A 1996 41.99 17.42 -10.23
CA TRP A 1996 41.37 16.11 -10.41
C TRP A 1996 39.88 16.15 -10.22
N LEU A 1997 39.24 17.25 -10.61
CA LEU A 1997 37.81 17.42 -10.47
C LEU A 1997 37.25 17.76 -11.84
N THR A 1998 36.10 17.17 -12.18
CA THR A 1998 35.63 17.18 -13.56
C THR A 1998 35.39 18.58 -14.10
N THR A 1999 35.98 18.85 -15.25
CA THR A 1999 35.82 20.13 -15.95
C THR A 1999 34.87 19.91 -17.13
N TYR A 2000 33.59 19.93 -16.85
CA TYR A 2000 32.56 19.82 -17.88
C TYR A 2000 31.69 21.06 -17.96
N GLN A 2001 31.20 21.55 -16.83
CA GLN A 2001 30.51 22.83 -16.69
C GLN A 2001 29.09 22.84 -17.21
N ASP A 2002 28.53 21.67 -17.48
CA ASP A 2002 27.09 21.46 -17.51
C ASP A 2002 26.77 20.20 -16.73
N PHE A 2003 27.50 19.99 -15.65
CA PHE A 2003 27.54 18.69 -15.00
C PHE A 2003 26.27 18.45 -14.20
N ASN A 2004 25.66 17.28 -14.41
CA ASN A 2004 24.44 16.90 -13.73
C ASN A 2004 24.59 16.82 -12.23
N GLN A 2005 25.38 15.86 -11.77
CA GLN A 2005 25.31 15.42 -10.39
C GLN A 2005 25.82 16.50 -9.45
N SER A 2006 25.55 16.32 -8.17
CA SER A 2006 25.66 17.38 -7.20
C SER A 2006 26.33 16.87 -5.94
N PHE A 2007 27.32 17.62 -5.47
CA PHE A 2007 27.89 17.36 -4.17
C PHE A 2007 26.81 17.40 -3.10
N THR A 2008 26.81 16.41 -2.22
CA THR A 2008 25.82 16.32 -1.18
C THR A 2008 26.51 16.16 0.16
N GLN A 2009 25.72 16.30 1.22
CA GLN A 2009 26.18 15.97 2.56
C GLN A 2009 25.01 15.48 3.37
N VAL A 2010 25.30 14.97 4.56
CA VAL A 2010 24.28 14.48 5.49
C VAL A 2010 24.82 14.77 6.89
N SER A 2011 23.93 14.81 7.86
CA SER A 2011 24.37 14.78 9.24
C SER A 2011 23.18 14.39 10.11
N ASN A 2012 23.49 13.83 11.26
CA ASN A 2012 22.47 13.39 12.20
C ASN A 2012 22.98 13.63 13.60
N LYS A 2013 22.07 13.80 14.53
CA LYS A 2013 22.46 13.94 15.92
C LYS A 2013 21.37 13.33 16.78
N LEU A 2014 21.73 13.01 18.02
CA LEU A 2014 20.78 12.43 18.94
C LEU A 2014 21.23 12.72 20.36
N LEU A 2015 20.33 12.41 21.29
CA LEU A 2015 20.63 12.42 22.71
C LEU A 2015 19.56 11.59 23.39
N LYS A 2016 19.95 10.90 24.45
CA LYS A 2016 18.98 10.35 25.39
C LYS A 2016 19.62 10.46 26.77
N VAL A 2017 19.41 11.59 27.42
CA VAL A 2017 19.99 11.77 28.75
C VAL A 2017 18.96 11.33 29.78
N THR A 2018 18.89 10.02 30.02
CA THR A 2018 17.88 9.48 30.91
C THR A 2018 18.45 9.35 32.31
N ALA A 2019 17.84 10.05 33.25
CA ALA A 2019 18.21 9.95 34.65
C ALA A 2019 17.37 8.87 35.32
N ASN A 2020 17.70 8.56 36.56
CA ASN A 2020 16.92 7.64 37.37
C ASN A 2020 16.80 8.17 38.78
N ILE A 2021 16.47 9.46 38.90
CA ILE A 2021 16.38 10.15 40.17
C ILE A 2021 15.46 9.39 41.12
N ASP A 2022 15.89 9.23 42.36
CA ASP A 2022 15.11 8.54 43.38
C ASP A 2022 15.02 9.46 44.59
N LEU A 2023 13.90 10.15 44.74
CA LEU A 2023 13.76 11.15 45.78
C LEU A 2023 13.39 10.50 47.11
N LEU A 2024 12.22 9.87 47.16
CA LEU A 2024 11.75 9.22 48.37
C LEU A 2024 12.26 7.80 48.43
N PRO A 2025 12.09 7.12 49.57
CA PRO A 2025 12.74 5.81 49.73
C PRO A 2025 12.17 4.72 48.85
N ASP A 2026 11.00 4.91 48.25
CA ASP A 2026 10.45 3.81 47.47
C ASP A 2026 9.95 4.24 46.09
N LEU A 2027 9.61 5.51 45.91
CA LEU A 2027 9.26 5.93 44.57
C LEU A 2027 10.53 6.05 43.73
N LYS A 2028 10.34 6.29 42.44
CA LYS A 2028 11.46 6.64 41.58
C LYS A 2028 10.96 7.45 40.41
N VAL A 2029 11.57 8.60 40.20
CA VAL A 2029 11.32 9.40 39.04
C VAL A 2029 12.44 9.11 38.04
N ASP A 2030 12.25 9.58 36.82
CA ASP A 2030 13.31 9.43 35.83
C ASP A 2030 12.94 10.25 34.61
N LEU A 2031 13.94 10.72 33.92
CA LEU A 2031 13.79 11.79 32.95
C LEU A 2031 14.13 11.27 31.56
N SER A 2032 14.20 12.19 30.61
CA SER A 2032 14.65 11.83 29.28
C SER A 2032 15.03 13.12 28.56
N MET A 2033 15.79 12.97 27.49
CA MET A 2033 16.27 14.12 26.75
C MET A 2033 16.42 13.62 25.32
N ASP A 2034 15.70 14.23 24.40
CA ASP A 2034 15.82 13.81 23.01
C ASP A 2034 15.97 15.05 22.15
N ARG A 2035 16.97 15.05 21.29
CA ARG A 2035 17.20 16.20 20.42
C ARG A 2035 17.78 15.65 19.12
N SER A 2036 16.92 15.33 18.19
CA SER A 2036 17.36 14.79 16.92
C SER A 2036 17.62 15.93 15.96
N TYR A 2037 18.22 15.60 14.82
CA TYR A 2037 18.53 16.62 13.83
C TYR A 2037 19.08 15.97 12.58
N SER A 2038 18.93 16.61 11.43
CA SER A 2038 19.53 16.08 10.22
C SER A 2038 19.49 17.10 9.10
N GLU A 2039 20.62 17.34 8.45
CA GLU A 2039 20.68 18.19 7.28
C GLU A 2039 21.10 17.35 6.09
N ASN A 2040 20.53 17.65 4.93
CA ASN A 2040 20.83 16.92 3.71
C ASN A 2040 21.25 17.88 2.63
N THR A 2041 22.16 18.79 2.98
CA THR A 2041 22.62 19.81 2.05
C THR A 2041 23.20 19.18 0.79
N SER A 2042 22.88 19.77 -0.36
CA SER A 2042 23.45 19.35 -1.61
C SER A 2042 23.67 20.59 -2.46
N GLU A 2043 24.30 20.41 -3.62
CA GLU A 2043 24.53 21.53 -4.50
C GLU A 2043 25.12 21.03 -5.80
N GLN A 2044 24.67 21.62 -6.91
CA GLN A 2044 25.38 21.45 -8.15
C GLN A 2044 26.56 22.42 -8.19
N TYR A 2045 27.60 22.05 -8.93
CA TYR A 2045 28.76 22.89 -9.01
C TYR A 2045 29.32 22.91 -10.43
N SER A 2046 30.47 23.55 -10.57
CA SER A 2046 31.17 23.65 -11.83
C SER A 2046 32.53 24.28 -11.58
N VAL A 2047 33.56 23.82 -12.29
CA VAL A 2047 34.91 24.32 -12.09
C VAL A 2047 35.24 25.31 -13.19
N ASP A 2048 35.91 26.40 -12.83
CA ASP A 2048 36.25 27.41 -13.81
C ASP A 2048 37.47 26.98 -14.61
N PRO A 2049 37.47 27.20 -15.92
CA PRO A 2049 38.59 26.71 -16.75
C PRO A 2049 39.89 27.42 -16.42
N SER A 2050 39.86 28.74 -16.50
CA SER A 2050 41.08 29.53 -16.28
C SER A 2050 41.53 29.44 -14.83
N THR A 2051 40.69 29.89 -13.91
CA THR A 2051 41.08 29.91 -12.50
C THR A 2051 41.27 28.50 -11.95
N ASN A 2052 40.61 27.51 -12.56
CA ASN A 2052 40.64 26.14 -12.05
C ASN A 2052 40.03 26.09 -10.65
N GLU A 2053 39.05 26.94 -10.42
CA GLU A 2053 38.45 27.12 -9.10
C GLU A 2053 37.07 26.48 -9.07
N TYR A 2054 36.52 26.36 -7.87
CA TYR A 2054 35.25 25.71 -7.63
C TYR A 2054 34.12 26.74 -7.63
N LYS A 2055 32.92 26.27 -7.95
CA LYS A 2055 31.75 27.12 -7.93
C LYS A 2055 30.54 26.35 -7.41
N PRO A 2056 30.05 26.63 -6.21
CA PRO A 2056 28.83 25.98 -5.73
C PRO A 2056 27.61 26.62 -6.38
N LEU A 2057 26.93 25.86 -7.23
CA LEU A 2057 25.80 26.38 -8.00
C LEU A 2057 24.51 26.12 -7.22
N SER A 2058 24.03 27.14 -6.51
CA SER A 2058 22.72 27.12 -5.88
C SER A 2058 22.56 25.97 -4.89
N PRO A 2059 23.22 26.01 -3.74
CA PRO A 2059 23.07 24.96 -2.75
C PRO A 2059 21.75 25.08 -2.02
N TYR A 2060 21.48 24.10 -1.16
CA TYR A 2060 20.29 24.14 -0.32
C TYR A 2060 20.40 23.03 0.72
N THR A 2061 19.50 23.05 1.69
CA THR A 2061 19.49 22.07 2.76
C THR A 2061 18.05 21.70 3.09
N TYR A 2062 17.90 20.64 3.89
CA TYR A 2062 16.60 20.24 4.39
C TYR A 2062 16.81 19.09 5.35
N GLY A 2063 15.87 18.92 6.27
CA GLY A 2063 15.98 17.84 7.23
C GLY A 2063 14.94 17.94 8.31
N MET A 2064 15.07 17.08 9.30
CA MET A 2064 14.09 16.96 10.37
C MET A 2064 14.55 17.75 11.59
N PHE A 2065 13.82 17.61 12.69
CA PHE A 2065 14.22 18.15 13.98
C PHE A 2065 13.24 17.69 15.05
N SER A 2066 13.72 17.47 16.27
CA SER A 2066 12.83 17.16 17.38
C SER A 2066 13.56 17.25 18.71
N ILE A 2067 13.04 18.06 19.64
CA ILE A 2067 13.56 18.08 20.98
C ILE A 2067 12.43 17.73 21.92
N SER A 2068 12.80 17.15 23.05
CA SER A 2068 11.83 16.68 24.03
C SER A 2068 11.59 17.82 25.01
N THR A 2069 10.68 18.71 24.64
CA THR A 2069 10.38 19.87 25.45
C THR A 2069 9.34 19.55 26.52
N VAL A 2070 8.93 20.56 27.26
CA VAL A 2070 7.94 20.43 28.32
C VAL A 2070 7.04 21.66 28.30
N MET A 2071 5.76 21.45 28.03
CA MET A 2071 4.78 22.52 27.94
C MET A 2071 3.64 22.29 28.92
N ILE A 2072 3.98 21.76 30.11
CA ILE A 2072 2.94 21.48 31.10
C ILE A 2072 2.43 22.73 31.77
N LYS A 2073 3.06 23.89 31.54
CA LYS A 2073 2.55 25.13 32.08
C LYS A 2073 1.15 25.42 31.54
N THR A 2074 1.03 25.53 30.23
CA THR A 2074 -0.27 25.73 29.58
C THR A 2074 -0.81 24.40 29.08
N ALA A 2075 -1.07 23.50 30.04
CA ALA A 2075 -1.58 22.18 29.71
C ALA A 2075 -2.86 21.86 30.43
N PHE A 2076 -3.30 22.67 31.38
CA PHE A 2076 -4.58 22.47 32.03
C PHE A 2076 -5.50 23.67 31.92
N SER A 2077 -5.06 24.74 31.26
CA SER A 2077 -5.96 25.84 30.97
C SER A 2077 -7.10 25.35 30.09
N PRO A 2078 -8.22 26.05 30.07
CA PRO A 2078 -9.35 25.62 29.23
C PRO A 2078 -9.11 25.97 27.77
N SER A 2079 -9.29 24.96 26.91
CA SER A 2079 -9.27 25.18 25.47
C SER A 2079 -10.43 24.38 24.89
N ASP A 2080 -11.60 25.01 24.81
CA ASP A 2080 -12.84 24.30 24.56
C ASP A 2080 -13.67 25.04 23.50
N GLU A 2081 -13.02 25.39 22.39
CA GLU A 2081 -13.65 25.90 21.16
C GLU A 2081 -14.54 27.11 21.39
N THR A 2082 -14.43 27.76 22.55
CA THR A 2082 -15.06 29.05 22.79
C THR A 2082 -14.14 30.04 23.49
N GLN A 2083 -13.09 29.57 24.16
CA GLN A 2083 -12.15 30.41 24.88
C GLN A 2083 -10.98 29.55 25.30
N SER A 2084 -9.77 30.09 25.14
CA SER A 2084 -8.57 29.37 25.53
C SER A 2084 -7.50 30.39 25.88
N ALA A 2085 -6.95 30.28 27.09
CA ALA A 2085 -5.99 31.27 27.56
C ALA A 2085 -4.72 31.25 26.73
N ALA A 2086 -4.17 30.06 26.50
CA ALA A 2086 -2.90 29.96 25.79
C ALA A 2086 -3.02 30.48 24.35
N PHE A 2087 -4.08 30.10 23.65
CA PHE A 2087 -4.23 30.56 22.27
C PHE A 2087 -4.44 32.06 22.20
N ASP A 2088 -5.05 32.66 23.22
CA ASP A 2088 -5.17 34.11 23.21
C ASP A 2088 -3.80 34.76 23.42
N ASP A 2089 -2.95 34.13 24.24
CA ASP A 2089 -1.58 34.58 24.35
C ASP A 2089 -0.88 34.50 23.00
N PHE A 2090 -1.12 33.44 22.25
CA PHE A 2090 -0.50 33.31 20.94
C PHE A 2090 -1.03 34.37 19.98
N ARG A 2091 -2.32 34.68 20.04
CA ARG A 2091 -2.83 35.77 19.22
C ARG A 2091 -2.27 37.11 19.67
N SER A 2092 -1.79 37.20 20.91
CA SER A 2092 -1.24 38.46 21.40
C SER A 2092 0.24 38.61 21.08
N ASN A 2093 1.03 37.55 21.23
CA ASN A 2093 2.48 37.65 21.14
C ASN A 2093 2.98 38.11 19.77
N ARG A 2094 2.15 38.01 18.74
CA ARG A 2094 2.62 38.29 17.38
C ARG A 2094 2.91 39.76 17.14
N LEU A 2095 2.71 40.64 18.12
CA LEU A 2095 3.24 41.99 18.05
C LEU A 2095 4.46 42.20 18.93
N ILE A 2096 4.49 41.52 20.08
CA ILE A 2096 5.68 41.58 20.93
C ILE A 2096 6.89 41.07 20.19
N ILE A 2097 6.75 39.94 19.51
CA ILE A 2097 7.90 39.36 18.81
C ILE A 2097 8.21 40.10 17.52
N ALA A 2098 7.20 40.67 16.88
CA ALA A 2098 7.47 41.51 15.72
C ALA A 2098 8.29 42.72 16.12
N ASN A 2099 7.93 43.36 17.22
CA ASN A 2099 8.72 44.48 17.72
C ASN A 2099 10.09 44.03 18.17
N ARG A 2100 10.19 42.83 18.76
CA ARG A 2100 11.49 42.32 19.17
C ARG A 2100 12.41 42.14 17.99
N LEU A 2101 12.08 41.23 17.08
CA LEU A 2101 13.04 40.88 16.04
C LEU A 2101 13.06 41.86 14.89
N ALA A 2102 12.42 43.01 15.03
CA ALA A 2102 12.73 44.14 14.15
C ALA A 2102 13.82 45.01 14.74
N GLU A 2103 13.94 45.02 16.07
CA GLU A 2103 15.10 45.61 16.72
C GLU A 2103 16.39 45.06 16.14
N GLY A 2104 16.44 43.73 15.95
CA GLY A 2104 17.62 43.14 15.37
C GLY A 2104 17.83 43.56 13.93
N HIS A 2105 16.76 43.69 13.17
CA HIS A 2105 16.91 44.02 11.75
C HIS A 2105 17.12 45.51 11.55
N TYR A 2106 16.14 46.32 11.91
CA TYR A 2106 16.30 47.76 11.90
C TYR A 2106 17.03 48.17 13.16
N GLY A 2107 18.12 48.92 13.01
CA GLY A 2107 18.92 49.30 14.15
C GLY A 2107 18.12 50.03 15.21
N SER A 2108 18.69 50.10 16.40
CA SER A 2108 17.99 50.75 17.50
C SER A 2108 17.96 52.27 17.35
N GLY A 2109 18.62 52.83 16.34
CA GLY A 2109 18.57 54.25 16.08
C GLY A 2109 17.95 54.53 14.73
N VAL A 2110 16.88 53.83 14.40
CA VAL A 2110 16.29 53.89 13.07
C VAL A 2110 14.81 54.24 13.08
N ALA A 2111 14.14 54.18 14.24
CA ALA A 2111 12.71 54.46 14.30
C ALA A 2111 11.93 53.49 13.41
N ILE A 2112 11.92 52.24 13.87
CA ILE A 2112 11.42 51.05 13.17
C ILE A 2112 10.12 51.34 12.43
N PRO A 2113 10.12 51.26 11.11
CA PRO A 2113 8.95 51.68 10.34
C PRO A 2113 7.78 50.73 10.52
N ARG A 2114 6.59 51.26 10.25
CA ARG A 2114 5.35 50.54 10.51
C ARG A 2114 4.53 50.46 9.23
N TYR A 2115 3.28 49.99 9.35
CA TYR A 2115 2.39 49.90 8.21
C TYR A 2115 1.39 51.04 8.13
N GLY A 2116 1.37 51.91 9.12
CA GLY A 2116 0.41 53.01 9.10
C GLY A 2116 1.03 54.35 9.37
N ASP A 2117 2.33 54.37 9.67
CA ASP A 2117 2.99 55.62 9.97
C ASP A 2117 3.03 56.51 8.74
N ALA A 2118 3.54 57.73 8.93
CA ALA A 2118 3.46 58.76 7.89
C ALA A 2118 4.27 58.36 6.67
N ASN A 2119 5.56 58.09 6.86
CA ASN A 2119 6.44 57.80 5.74
C ASN A 2119 6.00 56.56 4.97
N ASN A 2120 5.34 55.62 5.65
CA ASN A 2120 4.90 54.36 5.06
C ASN A 2120 3.38 54.33 5.05
N PRO A 2121 2.74 55.09 4.15
CA PRO A 2121 1.29 55.27 4.20
C PRO A 2121 0.53 53.99 3.90
N ILE A 2122 -0.80 54.09 3.92
CA ILE A 2122 -1.69 53.00 3.53
C ILE A 2122 -2.28 53.35 2.17
N PRO A 2123 -2.42 52.41 1.26
CA PRO A 2123 -2.79 52.76 -0.12
C PRO A 2123 -4.25 53.17 -0.23
N ALA A 2124 -4.69 53.41 -1.46
CA ALA A 2124 -6.11 53.59 -1.73
C ALA A 2124 -6.74 52.20 -1.68
N GLU A 2125 -8.06 52.15 -1.56
CA GLU A 2125 -8.76 50.89 -1.40
C GLU A 2125 -8.56 49.99 -2.60
N THR A 2126 -8.48 50.57 -3.79
CA THR A 2126 -8.28 49.81 -5.02
C THR A 2126 -6.79 49.70 -5.34
N ASP A 2127 -6.04 49.29 -4.33
CA ASP A 2127 -4.62 49.03 -4.48
C ASP A 2127 -4.42 47.52 -4.37
N PRO A 2128 -3.42 46.95 -5.02
CA PRO A 2128 -3.21 45.50 -4.90
C PRO A 2128 -2.70 45.06 -3.54
N ASN A 2129 -2.48 46.00 -2.62
CA ASN A 2129 -1.96 45.62 -1.31
C ASN A 2129 -2.68 46.38 -0.21
N TYR A 2130 -3.92 46.79 -0.48
CA TYR A 2130 -4.68 47.56 0.48
C TYR A 2130 -5.09 46.75 1.70
N ALA A 2131 -5.12 45.43 1.60
CA ALA A 2131 -5.60 44.62 2.71
C ALA A 2131 -4.54 44.46 3.79
N VAL A 2132 -3.29 44.20 3.38
CA VAL A 2132 -2.22 43.95 4.35
C VAL A 2132 -1.85 45.19 5.14
N TYR A 2133 -2.24 46.37 4.69
CA TYR A 2133 -2.00 47.60 5.45
C TYR A 2133 -3.20 48.03 6.27
N THR A 2134 -4.42 47.85 5.78
CA THR A 2134 -5.59 48.09 6.60
C THR A 2134 -5.60 47.12 7.77
N ALA A 2135 -5.73 45.83 7.47
CA ALA A 2135 -5.32 44.85 8.47
C ALA A 2135 -3.85 44.99 8.70
N ASN A 2136 -3.36 44.42 9.80
CA ASN A 2136 -1.93 44.42 10.06
C ASN A 2136 -1.41 45.85 10.18
N GLN A 2137 -1.94 46.56 11.17
CA GLN A 2137 -1.85 48.02 11.16
C GLN A 2137 -0.47 48.51 11.59
N GLY A 2138 -0.07 48.20 12.81
CA GLY A 2138 1.08 48.83 13.41
C GLY A 2138 2.33 47.99 13.55
N TYR A 2139 2.50 46.96 12.73
CA TYR A 2139 3.68 46.13 12.87
C TYR A 2139 4.82 46.73 12.06
N PRO A 2140 6.05 46.29 12.31
CA PRO A 2140 7.17 46.78 11.51
C PRO A 2140 7.01 46.37 10.05
N ILE A 2141 7.63 47.16 9.17
CA ILE A 2141 7.40 47.02 7.73
C ILE A 2141 7.78 45.62 7.26
N GLY A 2142 8.79 45.03 7.84
CA GLY A 2142 9.25 43.75 7.35
C GLY A 2142 8.46 42.56 7.86
N TYR A 2143 7.91 42.68 9.06
CA TYR A 2143 7.44 41.53 9.81
C TYR A 2143 5.94 41.67 10.07
N THR A 2144 5.13 41.06 9.23
CA THR A 2144 3.69 41.06 9.42
C THR A 2144 3.30 40.06 10.49
N LYS A 2145 2.02 39.75 10.57
CA LYS A 2145 1.48 38.79 11.51
C LYS A 2145 1.29 37.42 10.89
N SER A 2146 1.93 37.16 9.76
CA SER A 2146 1.88 35.86 9.10
C SER A 2146 3.23 35.51 8.52
N ASN A 2147 4.29 35.80 9.26
CA ASN A 2147 5.64 35.83 8.69
C ASN A 2147 6.50 34.65 9.10
N GLN A 2148 5.98 33.71 9.88
CA GLN A 2148 6.69 32.47 10.16
C GLN A 2148 7.89 32.66 11.09
N ALA A 2149 8.27 33.91 11.35
CA ALA A 2149 9.16 34.26 12.43
C ALA A 2149 8.52 35.20 13.42
N VAL A 2150 7.45 35.88 13.01
CA VAL A 2150 6.65 36.66 13.93
C VAL A 2150 5.74 35.76 14.76
N LEU A 2151 5.42 34.57 14.28
CA LEU A 2151 4.48 33.71 14.97
C LEU A 2151 5.01 32.34 15.37
N LEU A 2152 6.05 31.83 14.71
CA LEU A 2152 6.65 30.59 15.18
C LEU A 2152 7.18 30.72 16.60
N PRO A 2153 8.08 31.66 16.90
CA PRO A 2153 8.46 31.86 18.30
C PRO A 2153 7.31 32.34 19.16
N ALA A 2154 6.34 33.04 18.56
CA ALA A 2154 5.12 33.34 19.29
C ALA A 2154 4.36 32.07 19.61
N PHE A 2155 4.30 31.14 18.66
CA PHE A 2155 3.63 29.87 18.90
C PHE A 2155 4.30 29.09 20.02
N LEU A 2156 5.62 29.11 20.06
CA LEU A 2156 6.33 28.41 21.13
C LEU A 2156 6.13 29.10 22.47
N ALA A 2157 6.24 30.43 22.50
CA ALA A 2157 6.07 31.14 23.77
C ALA A 2157 4.66 30.99 24.30
N ALA A 2158 3.67 30.87 23.42
CA ALA A 2158 2.29 30.72 23.89
C ALA A 2158 2.08 29.33 24.50
N TYR A 2159 2.21 28.29 23.68
CA TYR A 2159 1.93 26.95 24.18
C TYR A 2159 3.14 26.32 24.86
N THR A 2160 3.78 27.06 25.76
CA THR A 2160 4.73 26.49 26.70
C THR A 2160 4.54 27.20 28.03
N GLY A 2161 3.77 28.28 28.01
CA GLY A 2161 3.67 29.18 29.13
C GLY A 2161 4.78 30.19 29.24
N SER A 2162 5.99 29.85 28.80
CA SER A 2162 7.12 30.77 28.84
C SER A 2162 6.82 31.99 27.98
N ASP A 2163 6.76 33.16 28.61
CA ASP A 2163 6.33 34.38 27.94
C ASP A 2163 7.31 34.81 26.86
N ALA A 2164 6.82 35.59 25.91
CA ALA A 2164 7.71 36.37 25.07
C ALA A 2164 8.26 37.54 25.87
N SER A 2165 9.12 38.32 25.21
CA SER A 2165 9.83 39.45 25.85
C SER A 2165 10.89 38.99 26.83
N SER A 2166 10.99 37.68 27.04
CA SER A 2166 12.09 37.11 27.81
C SER A 2166 12.60 35.84 27.15
N SER A 2167 11.85 35.31 26.20
CA SER A 2167 12.14 34.02 25.60
C SER A 2167 12.89 34.21 24.29
N SER A 2168 13.29 33.09 23.70
CA SER A 2168 14.05 33.13 22.46
C SER A 2168 13.14 33.35 21.27
N THR A 2169 13.71 33.87 20.19
CA THR A 2169 13.02 34.07 18.92
C THR A 2169 13.61 33.16 17.85
N ASN A 2170 14.18 32.04 18.28
CA ASN A 2170 14.93 31.17 17.39
C ASN A 2170 13.99 30.16 16.72
N ILE A 2171 14.53 29.25 15.92
CA ILE A 2171 13.73 28.23 15.25
C ILE A 2171 14.19 26.85 15.70
N PHE A 2172 15.46 26.74 16.09
CA PHE A 2172 16.03 25.50 16.58
C PHE A 2172 16.44 25.69 18.03
N ARG A 2173 16.19 24.68 18.86
CA ARG A 2173 16.42 24.79 20.29
C ARG A 2173 17.30 23.63 20.72
N SER A 2174 18.54 23.93 21.08
CA SER A 2174 19.54 22.91 21.43
C SER A 2174 19.59 22.68 22.93
N PHE A 2175 18.46 22.42 23.55
CA PHE A 2175 18.51 21.98 24.95
C PHE A 2175 17.23 21.24 25.30
N PRO A 2176 17.26 19.91 25.32
CA PRO A 2176 16.05 19.15 25.68
C PRO A 2176 15.63 19.41 27.13
N ILE A 2177 14.49 18.83 27.48
CA ILE A 2177 13.90 19.02 28.81
C ILE A 2177 13.33 17.70 29.29
N PRO A 2178 13.52 17.39 30.58
CA PRO A 2178 13.50 15.98 31.03
C PRO A 2178 12.28 15.14 30.65
N ASN A 2179 11.05 15.64 30.75
CA ASN A 2179 9.86 14.82 30.48
C ASN A 2179 9.81 13.61 31.41
N TRP A 2180 9.66 13.90 32.70
CA TRP A 2180 9.66 12.94 33.79
C TRP A 2180 8.66 11.80 33.60
N SER A 2181 8.85 10.70 34.32
CA SER A 2181 7.94 9.57 34.31
C SER A 2181 7.73 9.03 35.72
N ILE A 2182 7.36 9.93 36.65
CA ILE A 2182 7.25 9.62 38.07
C ILE A 2182 6.40 8.36 38.29
N LYS A 2183 6.82 7.56 39.27
CA LYS A 2183 6.11 6.31 39.57
C LYS A 2183 6.26 6.05 41.07
N TYR A 2184 5.25 6.44 41.84
CA TYR A 2184 5.29 6.26 43.28
C TYR A 2184 4.78 4.88 43.66
N ASN A 2185 5.47 4.24 44.60
CA ASN A 2185 5.10 2.91 45.05
C ASN A 2185 5.13 2.72 46.55
N GLY A 2186 5.82 3.58 47.31
CA GLY A 2186 6.09 3.30 48.71
C GLY A 2186 5.00 3.68 49.69
N LEU A 2187 3.76 3.80 49.21
CA LEU A 2187 2.67 4.15 50.10
C LEU A 2187 2.29 3.01 51.02
N MET A 2188 2.87 1.82 50.84
CA MET A 2188 2.46 0.64 51.56
C MET A 2188 2.57 0.80 53.07
N ARG A 2189 3.43 1.70 53.54
CA ARG A 2189 3.55 1.97 54.98
C ARG A 2189 3.62 3.45 55.28
N ASP A 2195 -2.23 -0.97 56.23
CA ASP A 2195 -2.26 -2.43 56.39
C ASP A 2195 -3.43 -3.06 55.66
N LYS A 2196 -4.56 -2.36 55.63
CA LYS A 2196 -5.73 -2.90 54.94
C LYS A 2196 -5.48 -3.02 53.44
N PHE A 2197 -4.78 -2.05 52.85
CA PHE A 2197 -4.42 -2.14 51.44
C PHE A 2197 -3.45 -3.30 51.25
N LYS A 2198 -3.84 -4.28 50.42
CA LYS A 2198 -2.91 -5.37 50.14
C LYS A 2198 -1.77 -4.89 49.25
N ARG A 2199 -2.03 -3.87 48.42
CA ARG A 2199 -0.97 -3.21 47.69
C ARG A 2199 -1.52 -1.93 47.07
N PHE A 2200 -0.85 -0.81 47.31
CA PHE A 2200 -1.23 0.48 46.75
C PHE A 2200 -0.16 0.92 45.78
N SER A 2201 -0.54 1.78 44.84
CA SER A 2201 0.40 2.25 43.86
C SER A 2201 -0.03 3.60 43.32
N LEU A 2202 0.79 4.13 42.43
CA LEU A 2202 0.50 5.34 41.67
C LEU A 2202 1.32 5.25 40.40
N GLN A 2203 1.23 6.27 39.56
CA GLN A 2203 2.08 6.35 38.39
C GLN A 2203 1.79 7.67 37.70
N HIS A 2204 2.66 8.02 36.76
CA HIS A 2204 2.52 9.25 36.00
C HIS A 2204 3.59 9.25 34.93
N ASN A 2205 3.27 9.84 33.79
CA ASN A 2205 4.24 9.98 32.71
C ASN A 2205 4.08 11.37 32.13
N TYR A 2206 4.93 11.67 31.16
CA TYR A 2206 4.78 12.91 30.41
C TYR A 2206 5.72 12.87 29.24
N ARG A 2207 5.22 13.25 28.08
CA ARG A 2207 6.01 13.26 26.87
C ARG A 2207 5.62 14.49 26.07
N ALA A 2208 6.54 14.96 25.25
CA ALA A 2208 6.29 16.16 24.46
C ALA A 2208 7.32 16.19 23.35
N SER A 2209 7.26 17.24 22.54
CA SER A 2209 8.25 17.42 21.50
C SER A 2209 8.05 18.74 20.78
N TYR A 2210 8.94 19.01 19.84
CA TYR A 2210 8.84 20.15 18.94
C TYR A 2210 9.14 19.67 17.54
N THR A 2211 8.53 18.56 17.15
CA THR A 2211 8.92 17.88 15.93
C THR A 2211 8.64 18.71 14.70
N ILE A 2212 9.68 19.27 14.10
CA ILE A 2212 9.58 19.87 12.79
C ILE A 2212 9.72 18.74 11.77
N ASN A 2213 8.62 18.44 11.07
CA ASN A 2213 8.64 17.31 10.15
C ASN A 2213 9.67 17.51 9.06
N GLN A 2214 9.84 18.73 8.60
CA GLN A 2214 10.84 19.01 7.58
C GLN A 2214 10.99 20.51 7.40
N PHE A 2215 12.21 20.97 7.21
CA PHE A 2215 12.49 22.35 6.85
C PHE A 2215 13.31 22.36 5.57
N ARG A 2216 13.69 23.54 5.14
CA ARG A 2216 14.28 23.73 3.81
C ARG A 2216 15.22 24.92 3.91
N SER A 2217 15.59 25.48 2.77
CA SER A 2217 16.32 26.74 2.73
C SER A 2217 15.83 27.54 1.54
N ASN A 2218 15.28 28.71 1.80
CA ASN A 2218 14.65 29.52 0.77
C ASN A 2218 15.65 29.92 -0.30
N PHE A 2219 15.36 29.58 -1.55
CA PHE A 2219 16.16 30.08 -2.66
C PHE A 2219 15.94 31.55 -2.95
N ASP A 2220 15.07 32.21 -2.20
CA ASP A 2220 14.84 33.64 -2.39
C ASP A 2220 15.68 34.49 -1.47
N TYR A 2221 15.95 34.01 -0.26
CA TYR A 2221 16.85 34.68 0.68
C TYR A 2221 18.30 34.41 0.29
N ASN A 2222 18.68 34.86 -0.90
CA ASN A 2222 20.04 34.55 -1.31
C ASN A 2222 21.03 35.70 -1.10
N SER A 2223 21.03 36.70 -1.98
CA SER A 2223 21.81 37.91 -1.74
C SER A 2223 21.23 39.09 -2.49
N SER A 2224 20.16 38.85 -3.24
CA SER A 2224 19.69 39.84 -4.19
C SER A 2224 19.08 41.02 -3.46
N PRO A 2225 18.98 42.18 -4.10
CA PRO A 2225 18.23 43.27 -3.49
C PRO A 2225 16.75 42.96 -3.48
N LYS A 2226 16.36 41.97 -2.68
CA LYS A 2226 15.00 41.46 -2.71
C LYS A 2226 14.72 40.84 -1.34
N VAL A 2227 13.91 41.55 -0.57
CA VAL A 2227 13.39 41.13 0.72
C VAL A 2227 11.91 41.32 0.49
N GLN A 2228 11.08 41.27 1.54
CA GLN A 2228 9.73 41.80 1.35
C GLN A 2228 8.93 40.97 0.35
N ASP A 2229 8.50 39.79 0.77
CA ASP A 2229 7.99 38.76 -0.13
C ASP A 2229 6.66 39.19 -0.76
N VAL A 2230 5.99 38.20 -1.36
CA VAL A 2230 4.80 38.43 -2.20
C VAL A 2230 3.80 39.33 -1.50
N ASN A 2231 3.40 38.97 -0.28
CA ASN A 2231 2.44 39.83 0.40
C ASN A 2231 3.13 41.01 1.11
N THR A 2232 3.79 40.78 2.23
CA THR A 2232 4.59 41.87 2.81
C THR A 2232 5.79 41.39 3.63
N ASN A 2233 6.06 40.10 3.71
CA ASN A 2233 7.00 39.61 4.70
C ASN A 2233 8.42 39.60 4.16
N PHE A 2234 9.39 39.65 5.07
CA PHE A 2234 10.77 39.42 4.67
C PHE A 2234 11.01 37.96 4.37
N TYR A 2235 11.80 37.70 3.33
CA TYR A 2235 12.22 36.34 3.03
C TYR A 2235 12.93 35.74 4.22
N ASN A 2236 12.63 34.47 4.51
CA ASN A 2236 13.22 33.76 5.63
C ASN A 2236 14.26 32.78 5.13
N GLU A 2237 15.34 32.63 5.89
CA GLU A 2237 16.38 31.70 5.49
C GLU A 2237 15.91 30.26 5.59
N ILE A 2238 15.11 29.94 6.61
CA ILE A 2238 14.67 28.57 6.82
C ILE A 2238 13.17 28.46 6.60
N ILE A 2239 12.77 28.15 5.37
CA ILE A 2239 11.39 27.78 5.12
C ILE A 2239 11.07 26.54 5.94
N MET A 2240 9.79 26.36 6.22
CA MET A 2240 9.32 25.15 6.87
C MET A 2240 7.80 25.14 6.79
N SER A 2241 7.19 24.14 7.42
CA SER A 2241 5.75 23.99 7.37
C SER A 2241 5.34 22.92 8.37
N ASN A 2242 4.26 23.16 9.08
CA ASN A 2242 3.70 22.19 10.01
C ASN A 2242 4.66 21.87 11.15
N VAL A 2243 4.96 22.90 11.94
CA VAL A 2243 5.53 22.66 13.26
C VAL A 2243 4.57 21.79 14.05
N ASN A 2244 5.10 21.04 15.02
CA ASN A 2244 4.25 20.20 15.84
C ASN A 2244 4.67 20.28 17.30
N LEU A 2245 3.68 20.26 18.18
CA LEU A 2245 3.89 20.08 19.62
C LEU A 2245 2.96 18.96 20.06
N VAL A 2246 3.52 17.91 20.63
CA VAL A 2246 2.77 16.66 20.76
C VAL A 2246 2.67 16.29 22.23
N GLU A 2247 2.52 17.29 23.08
CA GLU A 2247 2.43 17.07 24.53
C GLU A 2247 1.33 16.08 24.88
N GLN A 2248 1.72 14.95 25.44
CA GLN A 2248 0.77 13.91 25.79
C GLN A 2248 1.10 13.35 27.16
N PHE A 2249 0.10 13.28 28.02
CA PHE A 2249 0.21 12.54 29.26
C PHE A 2249 -0.11 11.09 29.01
N SER A 2250 0.81 10.22 29.34
CA SER A 2250 0.42 8.83 29.59
C SER A 2250 -0.01 8.89 31.06
N PRO A 2251 -0.43 7.80 31.71
CA PRO A 2251 -1.50 7.89 32.72
C PRO A 2251 -1.27 8.97 33.76
N LEU A 2252 -2.12 9.99 33.74
CA LEU A 2252 -1.90 11.23 34.47
C LEU A 2252 -1.80 10.97 35.96
N ILE A 2253 -2.81 10.35 36.55
CA ILE A 2253 -2.78 10.04 37.97
C ILE A 2253 -3.15 8.60 38.25
N ARG A 2254 -2.83 7.70 37.32
CA ARG A 2254 -3.29 6.31 37.45
C ARG A 2254 -2.83 5.69 38.76
N MET A 2255 -3.80 5.28 39.58
CA MET A 2255 -3.50 4.60 40.83
C MET A 2255 -4.36 3.36 40.93
N ASP A 2256 -3.71 2.22 41.14
CA ASP A 2256 -4.42 0.98 41.39
C ASP A 2256 -4.11 0.50 42.79
N PHE A 2257 -5.04 -0.25 43.36
CA PHE A 2257 -4.82 -0.74 44.71
C PHE A 2257 -5.83 -1.83 45.00
N GLU A 2258 -5.49 -2.67 45.97
CA GLU A 2258 -6.30 -3.82 46.34
C GLU A 2258 -6.53 -3.79 47.84
N LEU A 2259 -7.79 -3.85 48.25
CA LEU A 2259 -8.16 -3.73 49.64
C LEU A 2259 -7.88 -5.04 50.37
N LYS A 2260 -8.41 -5.18 51.58
CA LYS A 2260 -8.21 -6.38 52.37
C LYS A 2260 -8.76 -7.61 51.65
N SER A 2261 -10.05 -7.61 51.33
CA SER A 2261 -10.62 -8.75 50.60
C SER A 2261 -10.41 -8.61 49.10
N SER A 2262 -11.12 -7.65 48.48
CA SER A 2262 -10.78 -7.17 47.15
C SER A 2262 -11.65 -5.95 46.81
N LEU A 2263 -11.02 -4.83 46.50
CA LEU A 2263 -11.72 -3.69 45.93
C LEU A 2263 -10.86 -3.13 44.81
N ARG A 2264 -10.43 -4.01 43.92
CA ARG A 2264 -9.20 -3.80 43.17
C ARG A 2264 -9.36 -2.69 42.15
N VAL A 2265 -9.53 -1.47 42.67
CA VAL A 2265 -9.79 -0.31 41.82
C VAL A 2265 -8.57 -0.02 40.96
N LEU A 2266 -8.83 0.32 39.71
CA LEU A 2266 -7.82 0.86 38.81
C LEU A 2266 -8.41 2.08 38.13
N SER A 2267 -7.59 3.08 37.91
CA SER A 2267 -8.10 4.31 37.30
C SER A 2267 -6.96 5.04 36.62
N GLU A 2268 -6.95 5.03 35.30
CA GLU A 2268 -6.08 5.89 34.53
C GLU A 2268 -6.82 7.16 34.18
N ILE A 2269 -6.07 8.23 33.99
CA ILE A 2269 -6.55 9.41 33.28
C ILE A 2269 -5.50 9.71 32.23
N LYS A 2270 -5.64 9.11 31.06
CA LYS A 2270 -4.75 9.49 29.98
C LYS A 2270 -5.17 10.86 29.47
N LYS A 2271 -4.27 11.51 28.74
CA LYS A 2271 -4.58 12.86 28.28
C LYS A 2271 -3.49 13.31 27.35
N ASP A 2272 -3.87 14.11 26.36
CA ASP A 2272 -2.88 14.51 25.37
C ASP A 2272 -3.44 15.58 24.46
N ARG A 2273 -2.59 16.54 24.11
CA ARG A 2273 -2.85 17.50 23.05
C ARG A 2273 -1.92 17.20 21.89
N ALA A 2274 -2.21 17.81 20.75
CA ALA A 2274 -1.26 17.80 19.65
C ALA A 2274 -1.47 19.08 18.84
N LEU A 2275 -0.73 20.11 19.19
CA LEU A 2275 -0.77 21.33 18.42
C LEU A 2275 0.02 21.14 17.15
N SER A 2276 -0.47 21.69 16.05
CA SER A 2276 0.24 21.55 14.78
C SER A 2276 -0.10 22.76 13.93
N MET A 2277 0.76 23.77 13.97
CA MET A 2277 0.53 24.96 13.18
C MET A 2277 1.08 24.73 11.78
N SER A 2278 0.27 25.02 10.78
CA SER A 2278 0.64 24.86 9.38
C SER A 2278 0.91 26.23 8.82
N PHE A 2279 2.17 26.51 8.49
CA PHE A 2279 2.52 27.80 7.93
C PHE A 2279 2.11 27.92 6.48
N ASP A 2280 1.55 26.86 5.91
CA ASP A 2280 1.01 26.90 4.57
C ASP A 2280 -0.18 27.85 4.50
N ASN A 2281 -1.12 27.72 5.45
CA ASN A 2281 -2.30 28.56 5.49
C ASN A 2281 -2.48 29.33 6.78
N ASN A 2282 -1.58 29.16 7.75
CA ASN A 2282 -1.60 29.93 9.00
C ASN A 2282 -2.91 29.72 9.77
N LEU A 2283 -3.12 28.47 10.19
CA LEU A 2283 -4.24 28.16 11.06
C LEU A 2283 -3.91 26.88 11.80
N LEU A 2284 -3.61 27.00 13.10
CA LEU A 2284 -3.18 25.82 13.83
C LEU A 2284 -4.36 24.93 14.11
N THR A 2285 -4.07 23.73 14.59
CA THR A 2285 -5.07 22.73 14.88
C THR A 2285 -4.91 22.30 16.33
N GLU A 2286 -5.59 21.24 16.75
CA GLU A 2286 -5.46 20.81 18.13
C GLU A 2286 -6.18 19.48 18.27
N VAL A 2287 -5.95 18.82 19.41
CA VAL A 2287 -6.51 17.50 19.70
C VAL A 2287 -6.72 17.46 21.21
N LYS A 2288 -7.43 16.46 21.69
CA LYS A 2288 -7.71 16.32 23.12
C LYS A 2288 -7.58 14.84 23.47
N GLY A 2289 -8.14 14.48 24.62
CA GLY A 2289 -7.87 13.20 25.24
C GLY A 2289 -8.73 12.99 26.46
N MET A 2290 -8.12 12.64 27.58
CA MET A 2290 -8.83 12.42 28.84
C MET A 2290 -9.66 11.15 28.76
N GLU A 2291 -9.03 10.08 28.29
CA GLU A 2291 -9.66 8.77 28.22
C GLU A 2291 -9.73 8.16 29.62
N TYR A 2292 -10.74 8.56 30.40
CA TYR A 2292 -10.85 8.17 31.79
C TYR A 2292 -11.15 6.68 31.87
N ILE A 2293 -10.64 6.02 32.90
CA ILE A 2293 -10.87 4.59 33.11
C ILE A 2293 -11.03 4.34 34.60
N ILE A 2294 -11.96 3.46 34.96
CA ILE A 2294 -12.10 3.03 36.34
C ILE A 2294 -12.47 1.56 36.39
N GLY A 2295 -11.52 0.71 36.75
CA GLY A 2295 -11.81 -0.68 36.97
C GLY A 2295 -12.49 -0.91 38.30
N LEU A 2296 -12.77 -2.17 38.60
CA LEU A 2296 -13.32 -2.56 39.89
C LEU A 2296 -13.46 -4.08 39.89
N GLY A 2297 -13.52 -4.68 41.07
CA GLY A 2297 -13.62 -6.14 41.14
C GLY A 2297 -13.58 -6.63 42.57
N TYR A 2298 -14.26 -7.75 42.78
CA TYR A 2298 -14.38 -8.36 44.11
C TYR A 2298 -14.20 -9.88 44.02
N ARG A 2299 -13.09 -10.33 43.44
CA ARG A 2299 -12.86 -11.77 43.43
C ARG A 2299 -12.77 -12.34 44.83
N PHE A 2300 -13.68 -13.25 45.17
CA PHE A 2300 -13.70 -13.90 46.48
C PHE A 2300 -14.16 -15.34 46.31
N LYS A 2301 -13.51 -16.26 47.03
CA LYS A 2301 -13.83 -17.68 46.94
C LYS A 2301 -13.76 -18.28 48.34
N ASP A 2302 -14.85 -18.93 48.75
CA ASP A 2302 -14.89 -19.61 50.04
C ASP A 2302 -13.91 -20.78 50.04
N LYS A 2318 -19.14 -23.08 49.69
CA LYS A 2318 -18.02 -22.78 48.80
C LYS A 2318 -18.44 -21.82 47.69
N SER A 2319 -19.26 -20.84 48.04
CA SER A 2319 -19.81 -19.91 47.06
C SER A 2319 -18.72 -18.95 46.59
N ASP A 2320 -18.45 -18.95 45.29
CA ASP A 2320 -17.45 -18.07 44.70
C ASP A 2320 -18.12 -16.88 44.04
N ILE A 2321 -18.05 -15.74 44.69
CA ILE A 2321 -18.53 -14.49 44.12
C ILE A 2321 -17.43 -13.91 43.26
N ASN A 2322 -17.84 -13.19 42.21
CA ASN A 2322 -16.88 -12.55 41.32
C ASN A 2322 -17.56 -11.41 40.57
N ILE A 2323 -17.12 -10.19 40.82
CA ILE A 2323 -17.67 -9.01 40.16
C ILE A 2323 -16.57 -8.36 39.36
N LYS A 2324 -16.85 -8.10 38.09
CA LYS A 2324 -15.87 -7.53 37.17
C LYS A 2324 -16.55 -6.34 36.52
N ALA A 2325 -16.53 -5.21 37.20
CA ALA A 2325 -17.14 -3.99 36.69
C ALA A 2325 -16.05 -2.97 36.38
N ASP A 2326 -16.36 -2.06 35.48
CA ASP A 2326 -15.45 -0.96 35.17
C ASP A 2326 -16.23 0.14 34.49
N PHE A 2327 -15.51 1.12 33.95
CA PHE A 2327 -16.12 2.30 33.35
C PHE A 2327 -15.04 3.01 32.56
N SER A 2328 -15.35 3.35 31.32
CA SER A 2328 -14.41 4.08 30.50
C SER A 2328 -15.00 5.42 30.13
N LEU A 2329 -14.28 6.14 29.28
CA LEU A 2329 -14.72 7.42 28.77
C LEU A 2329 -13.67 7.85 27.75
N ARG A 2330 -14.06 8.56 26.70
CA ARG A 2330 -13.08 9.11 25.79
C ARG A 2330 -13.56 10.48 25.35
N ASN A 2331 -12.70 11.15 24.59
CA ASN A 2331 -13.03 12.49 24.12
C ASN A 2331 -11.96 12.93 23.15
N ASN A 2332 -12.37 13.62 22.10
CA ASN A 2332 -11.43 14.13 21.13
C ASN A 2332 -11.95 15.45 20.57
N GLU A 2333 -11.04 16.22 20.00
CA GLU A 2333 -11.39 17.40 19.26
C GLU A 2333 -10.29 17.65 18.23
N THR A 2334 -10.64 18.37 17.18
CA THR A 2334 -9.67 18.73 16.15
C THR A 2334 -9.90 20.18 15.74
N LEU A 2335 -10.04 21.05 16.73
CA LEU A 2335 -10.28 22.47 16.48
C LEU A 2335 -9.28 23.04 15.47
N VAL A 2336 -9.79 23.87 14.58
CA VAL A 2336 -8.99 24.53 13.56
C VAL A 2336 -9.11 26.02 13.84
N ARG A 2337 -8.18 26.54 14.63
CA ARG A 2337 -8.28 27.88 15.17
C ARG A 2337 -7.64 28.86 14.20
N TYR A 2338 -8.45 29.75 13.62
CA TYR A 2338 -7.87 30.86 12.90
C TYR A 2338 -7.21 31.81 13.88
N LEU A 2339 -6.33 32.65 13.36
CA LEU A 2339 -5.56 33.56 14.20
C LEU A 2339 -6.14 34.96 14.22
N ASP A 2340 -6.28 35.56 13.04
CA ASP A 2340 -6.64 36.97 12.94
C ASP A 2340 -8.01 37.26 13.51
N TYR A 2341 -8.98 36.38 13.25
CA TYR A 2341 -10.33 36.57 13.77
C TYR A 2341 -10.84 35.27 14.35
N ASP A 2342 -11.66 35.38 15.39
CA ASP A 2342 -12.08 34.21 16.14
C ASP A 2342 -13.06 33.36 15.35
N ASN A 2343 -12.55 32.37 14.63
CA ASN A 2343 -13.38 31.44 13.88
C ASN A 2343 -12.97 30.00 14.15
N ASN A 2344 -12.57 29.71 15.39
CA ASN A 2344 -12.15 28.37 15.75
C ASN A 2344 -13.34 27.43 15.66
N GLN A 2345 -13.39 26.63 14.59
CA GLN A 2345 -14.53 25.76 14.32
C GLN A 2345 -14.09 24.31 14.41
N LEU A 2346 -14.78 23.57 15.28
CA LEU A 2346 -14.46 22.18 15.52
C LEU A 2346 -14.55 21.35 14.24
N ALA A 2347 -13.82 20.25 14.19
CA ALA A 2347 -13.81 19.42 13.00
C ALA A 2347 -13.80 17.92 13.28
N ALA A 2348 -14.00 17.49 14.51
CA ALA A 2348 -14.07 16.06 14.84
C ALA A 2348 -14.37 15.95 16.33
N GLY A 2349 -14.59 14.74 16.78
CA GLY A 2349 -14.82 14.53 18.20
C GLY A 2349 -15.54 13.24 18.49
N GLN A 2350 -15.45 12.82 19.75
CA GLN A 2350 -16.12 11.64 20.24
C GLN A 2350 -16.38 11.82 21.72
N ASN A 2351 -17.41 11.14 22.22
CA ASN A 2351 -17.70 11.18 23.64
C ASN A 2351 -18.10 9.81 24.17
N ILE A 2352 -17.54 8.75 23.58
CA ILE A 2352 -17.90 7.39 23.96
C ILE A 2352 -17.68 7.17 25.45
N TRP A 2353 -18.52 6.34 26.04
CA TRP A 2353 -18.24 5.81 27.37
C TRP A 2353 -19.00 4.51 27.54
N SER A 2354 -18.33 3.50 28.09
CA SER A 2354 -18.94 2.21 28.33
C SER A 2354 -19.02 1.94 29.82
N LEU A 2355 -19.85 0.98 30.19
CA LEU A 2355 -20.10 0.67 31.59
C LEU A 2355 -20.19 -0.83 31.81
N LYS A 2356 -19.45 -1.60 31.02
CA LYS A 2356 -19.62 -3.05 31.04
C LYS A 2356 -19.22 -3.61 32.40
N LEU A 2357 -19.80 -4.76 32.74
CA LEU A 2357 -19.56 -5.37 34.05
C LEU A 2357 -20.19 -6.75 34.06
N THR A 2358 -19.65 -7.61 34.93
CA THR A 2358 -20.16 -8.96 35.09
C THR A 2358 -20.33 -9.26 36.57
N ALA A 2359 -21.08 -10.32 36.85
CA ALA A 2359 -21.38 -10.69 38.23
C ALA A 2359 -21.30 -12.20 38.40
N ASP A 2360 -20.24 -12.80 37.88
CA ASP A 2360 -20.01 -14.24 37.99
C ASP A 2360 -20.12 -14.70 39.44
N TYR A 2361 -21.12 -15.53 39.70
CA TYR A 2361 -21.40 -16.06 41.04
C TYR A 2361 -21.65 -17.55 40.91
N SER A 2362 -20.61 -18.35 41.07
CA SER A 2362 -20.79 -19.80 41.09
C SER A 2362 -21.69 -20.16 42.26
N PHE A 2363 -22.86 -20.71 41.98
CA PHE A 2363 -23.91 -20.82 42.99
C PHE A 2363 -23.47 -21.65 44.18
N SER A 2364 -23.24 -22.94 44.00
CA SER A 2364 -22.63 -23.74 45.06
C SER A 2364 -21.27 -24.30 44.64
N LYS A 2365 -21.23 -25.16 43.64
CA LYS A 2365 -19.95 -25.60 43.09
C LYS A 2365 -19.94 -25.73 41.57
N ASN A 2366 -21.09 -25.95 40.93
CA ASN A 2366 -21.13 -26.35 39.53
C ASN A 2366 -21.84 -25.34 38.66
N LEU A 2367 -22.97 -24.82 39.11
CA LEU A 2367 -23.80 -23.93 38.30
C LEU A 2367 -23.51 -22.48 38.68
N THR A 2368 -22.88 -21.76 37.77
CA THR A 2368 -22.59 -20.35 37.97
C THR A 2368 -23.67 -19.50 37.33
N ALA A 2369 -23.55 -18.18 37.46
CA ALA A 2369 -24.50 -17.27 36.82
C ALA A 2369 -23.81 -15.92 36.61
N ILE A 2370 -23.34 -15.68 35.40
CA ILE A 2370 -22.72 -14.41 35.05
C ILE A 2370 -23.81 -13.42 34.68
N PHE A 2371 -23.45 -12.15 34.51
CA PHE A 2371 -24.43 -11.09 34.27
C PHE A 2371 -23.80 -9.99 33.43
N TYR A 2372 -24.08 -9.98 32.13
CA TYR A 2372 -23.56 -8.93 31.26
C TYR A 2372 -24.34 -7.63 31.46
N TYR A 2373 -23.64 -6.51 31.47
CA TYR A 2373 -24.32 -5.22 31.26
C TYR A 2373 -23.47 -4.29 30.40
N ASP A 2374 -23.03 -4.76 29.24
CA ASP A 2374 -22.41 -3.87 28.27
C ASP A 2374 -23.34 -2.70 27.98
N HIS A 2375 -22.78 -1.51 27.84
CA HIS A 2375 -23.57 -0.30 27.67
C HIS A 2375 -22.65 0.83 27.27
N SER A 2376 -23.06 1.62 26.27
CA SER A 2376 -22.20 2.74 25.88
C SER A 2376 -22.96 3.68 24.95
N PHE A 2377 -22.95 4.96 25.30
CA PHE A 2377 -23.30 6.00 24.34
C PHE A 2377 -22.20 6.14 23.30
N SER A 2378 -22.46 6.98 22.32
CA SER A 2378 -21.41 7.58 21.50
C SER A 2378 -21.96 8.95 21.09
N LYS A 2379 -21.66 9.96 21.90
CA LYS A 2379 -22.31 11.24 21.73
C LYS A 2379 -21.93 11.87 20.40
N ALA A 2380 -22.67 12.90 20.03
CA ALA A 2380 -22.42 13.63 18.80
C ALA A 2380 -21.54 14.83 19.13
N VAL A 2381 -20.27 14.77 18.76
CA VAL A 2381 -19.44 15.96 18.86
C VAL A 2381 -19.66 16.86 17.66
N ILE A 2382 -19.73 16.28 16.47
CA ILE A 2382 -20.08 17.01 15.27
C ILE A 2382 -21.52 16.63 14.93
N SER A 2383 -22.12 17.38 14.03
CA SER A 2383 -23.50 17.11 13.65
C SER A 2383 -23.63 15.94 12.69
N THR A 2384 -22.54 15.24 12.36
CA THR A 2384 -22.62 14.04 11.55
C THR A 2384 -21.91 12.93 12.32
N SER A 2385 -22.61 12.40 13.32
CA SER A 2385 -22.14 11.22 14.03
C SER A 2385 -23.24 10.23 14.36
N PHE A 2386 -24.50 10.66 14.44
CA PHE A 2386 -25.59 9.75 14.74
C PHE A 2386 -25.35 9.08 16.09
N PRO A 2387 -25.54 9.80 17.19
CA PRO A 2387 -25.14 9.30 18.51
C PRO A 2387 -25.78 7.96 18.85
N LEU A 2388 -24.95 6.92 18.93
CA LEU A 2388 -25.45 5.59 19.19
C LEU A 2388 -25.81 5.42 20.66
N THR A 2389 -26.34 4.25 20.96
CA THR A 2389 -26.39 3.69 22.31
C THR A 2389 -26.80 2.25 22.16
N ASN A 2390 -26.03 1.34 22.74
CA ASN A 2390 -26.31 -0.07 22.54
C ASN A 2390 -25.88 -0.85 23.76
N ILE A 2391 -26.72 -1.80 24.14
CA ILE A 2391 -26.66 -2.41 25.46
C ILE A 2391 -26.67 -3.92 25.30
N ARG A 2392 -26.03 -4.61 26.21
CA ARG A 2392 -26.17 -6.03 26.35
C ARG A 2392 -26.64 -6.34 27.76
N SER A 2393 -27.00 -7.59 27.99
CA SER A 2393 -27.39 -8.04 29.31
C SER A 2393 -27.47 -9.56 29.27
N GLY A 2394 -28.02 -10.14 30.29
CA GLY A 2394 -28.35 -11.55 30.15
C GLY A 2394 -27.52 -12.41 31.08
N PHE A 2395 -28.12 -13.51 31.50
CA PHE A 2395 -27.45 -14.46 32.36
C PHE A 2395 -26.80 -15.55 31.51
N THR A 2396 -25.97 -16.35 32.16
CA THR A 2396 -25.62 -17.67 31.66
C THR A 2396 -25.64 -18.59 32.86
N LEU A 2397 -26.12 -19.81 32.65
CA LEU A 2397 -26.23 -20.77 33.75
C LEU A 2397 -25.46 -22.00 33.34
N ARG A 2398 -24.15 -21.97 33.56
CA ARG A 2398 -23.33 -23.14 33.31
C ARG A 2398 -23.70 -24.25 34.27
N TYR A 2399 -23.53 -25.48 33.83
CA TYR A 2399 -23.62 -26.63 34.72
C TYR A 2399 -22.45 -27.54 34.39
N ASN A 2400 -21.38 -27.42 35.18
CA ASN A 2400 -20.18 -28.23 34.97
C ASN A 2400 -20.50 -29.65 35.39
N PHE A 2401 -20.83 -30.50 34.43
CA PHE A 2401 -21.48 -31.77 34.73
C PHE A 2401 -20.57 -32.70 35.52
N GLY A 2402 -19.42 -33.05 34.95
CA GLY A 2402 -18.58 -34.06 35.56
C GLY A 2402 -17.59 -33.54 36.58
N ASN A 2403 -18.08 -33.04 37.71
CA ASN A 2403 -17.20 -32.62 38.78
C ASN A 2403 -17.69 -33.16 40.12
N VAL B 24 21.01 43.77 19.84
CA VAL B 24 20.58 45.10 19.41
C VAL B 24 21.78 45.91 18.96
N LYS B 25 21.68 46.50 17.76
CA LYS B 25 22.80 47.24 17.18
C LYS B 25 22.27 48.50 16.51
N ASP B 26 23.13 49.50 16.41
CA ASP B 26 22.74 50.84 15.97
C ASP B 26 23.75 51.40 14.97
N TYR B 27 24.09 50.60 13.95
CA TYR B 27 25.05 51.04 12.94
C TYR B 27 24.47 52.13 12.06
N THR B 28 24.22 53.32 12.61
CA THR B 28 23.74 54.46 11.85
C THR B 28 24.84 55.49 11.61
N ALA B 29 25.45 55.98 12.67
CA ALA B 29 26.50 56.99 12.54
C ALA B 29 27.73 56.42 11.86
N GLU B 30 28.13 55.20 12.24
CA GLU B 30 29.32 54.58 11.67
C GLU B 30 29.20 54.46 10.16
N ASN B 31 28.05 53.99 9.68
CA ASN B 31 27.85 53.82 8.25
C ASN B 31 27.92 55.15 7.52
N GLU B 32 27.33 56.20 8.10
CA GLU B 32 27.45 57.51 7.48
C GLU B 32 28.89 57.99 7.48
N LYS B 33 29.67 57.58 8.46
CA LYS B 33 31.08 57.96 8.48
C LYS B 33 31.86 57.25 7.38
N GLU B 34 31.60 55.95 7.17
CA GLU B 34 32.22 55.28 6.03
C GLU B 34 31.75 55.89 4.72
N ILE B 35 30.49 56.33 4.66
CA ILE B 35 30.02 57.02 3.46
C ILE B 35 30.84 58.28 3.24
N VAL B 36 31.08 59.03 4.30
CA VAL B 36 31.77 60.31 4.17
C VAL B 36 33.20 60.10 3.73
N ASP B 37 33.94 59.24 4.42
CA ASP B 37 35.35 59.10 4.09
C ASP B 37 35.55 58.32 2.79
N TYR B 38 34.60 57.48 2.37
CA TYR B 38 34.72 56.85 1.06
C TYR B 38 34.39 57.82 -0.07
N LEU B 39 33.30 58.56 0.08
CA LEU B 39 32.92 59.58 -0.88
C LEU B 39 33.86 60.78 -0.87
N ALA B 40 34.79 60.85 0.08
CA ALA B 40 35.88 61.82 0.03
C ALA B 40 37.17 61.24 -0.55
N GLN B 41 37.49 59.98 -0.25
CA GLN B 41 38.62 59.31 -0.88
C GLN B 41 38.39 59.29 -2.38
N ASN B 42 37.35 58.58 -2.81
CA ASN B 42 36.72 58.86 -4.08
C ASN B 42 36.36 60.35 -4.09
N ASN B 43 36.76 61.05 -5.14
CA ASN B 43 36.42 62.47 -5.21
C ASN B 43 34.94 62.75 -5.47
N LEU B 44 34.07 61.74 -5.53
CA LEU B 44 32.65 61.94 -5.74
C LEU B 44 32.06 62.88 -4.68
N THR B 45 30.89 63.41 -4.99
CA THR B 45 30.12 64.19 -4.02
C THR B 45 28.65 63.92 -4.25
N ALA B 46 28.07 63.10 -3.38
CA ALA B 46 26.66 62.73 -3.48
C ALA B 46 25.87 63.49 -2.43
N GLN B 47 24.63 63.80 -2.78
CA GLN B 47 23.70 64.38 -1.83
C GLN B 47 23.16 63.27 -0.96
N ARG B 48 22.14 63.56 -0.15
CA ARG B 48 21.61 62.58 0.76
C ARG B 48 20.13 62.88 0.97
N THR B 49 19.55 62.24 1.98
CA THR B 49 18.15 62.42 2.30
C THR B 49 17.98 62.57 3.80
N ASN B 50 16.74 62.52 4.27
CA ASN B 50 16.48 62.50 5.71
C ASN B 50 16.59 61.10 6.29
N SER B 51 16.67 60.06 5.45
CA SER B 51 16.80 58.70 5.95
C SER B 51 18.26 58.29 6.07
N GLY B 52 19.12 58.79 5.20
CA GLY B 52 20.53 58.53 5.31
C GLY B 52 21.20 57.95 4.08
N LEU B 53 20.57 58.09 2.92
CA LEU B 53 21.14 57.58 1.69
C LEU B 53 22.11 58.58 1.08
N TYR B 54 22.86 58.10 0.10
CA TYR B 54 23.82 58.89 -0.65
C TYR B 54 23.92 58.28 -2.03
N TYR B 55 23.90 59.13 -3.05
CA TYR B 55 23.83 58.62 -4.41
C TYR B 55 24.30 59.67 -5.40
N ILE B 56 24.86 59.21 -6.50
CA ILE B 56 25.41 60.07 -7.54
C ILE B 56 24.54 59.85 -8.78
N ILE B 57 23.50 60.67 -8.93
CA ILE B 57 22.73 60.64 -10.17
C ILE B 57 23.64 61.05 -11.32
N THR B 58 23.63 60.25 -12.38
CA THR B 58 24.51 60.46 -13.52
C THR B 58 23.78 60.80 -14.80
N LYS B 59 22.55 60.35 -14.95
CA LYS B 59 21.77 60.60 -16.17
C LYS B 59 20.29 60.54 -15.82
N GLU B 60 19.46 60.51 -16.87
CA GLU B 60 18.04 60.25 -16.74
C GLU B 60 17.49 59.96 -18.12
N GLY B 61 16.77 58.85 -18.26
CA GLY B 61 16.28 58.45 -19.56
C GLY B 61 15.23 59.39 -20.10
N SER B 62 14.06 59.43 -19.45
CA SER B 62 12.97 60.31 -19.84
C SER B 62 12.50 60.04 -21.27
N HIS B 90 9.04 58.08 -13.94
CA HIS B 90 9.41 57.84 -12.55
C HIS B 90 8.80 56.55 -12.05
N PRO B 91 9.64 55.57 -11.73
CA PRO B 91 9.15 54.30 -11.16
C PRO B 91 8.73 54.50 -9.72
N THR B 92 7.43 54.41 -9.47
CA THR B 92 6.89 54.53 -8.13
C THR B 92 6.74 53.14 -7.53
N LEU B 93 6.08 53.05 -6.38
CA LEU B 93 6.05 51.83 -5.60
C LEU B 93 4.99 50.85 -6.07
N ASN B 94 4.56 50.92 -7.32
CA ASN B 94 3.73 49.88 -7.90
C ASN B 94 4.15 49.56 -9.33
N SER B 95 5.35 49.97 -9.73
CA SER B 95 5.83 49.75 -11.08
C SER B 95 6.96 48.73 -11.04
N ASN B 96 7.16 48.06 -12.17
CA ASN B 96 8.31 47.19 -12.32
C ASN B 96 9.50 48.02 -12.78
N ILE B 97 10.64 47.35 -12.92
CA ILE B 97 11.89 48.01 -13.25
C ILE B 97 12.72 47.11 -14.14
N THR B 98 13.89 47.59 -14.56
CA THR B 98 14.82 46.79 -15.34
C THR B 98 16.21 47.35 -15.09
N VAL B 99 16.98 46.68 -14.24
CA VAL B 99 18.21 47.25 -13.71
C VAL B 99 19.40 46.38 -14.11
N ILE B 100 20.57 47.01 -14.16
CA ILE B 100 21.81 46.37 -14.57
C ILE B 100 22.86 46.64 -13.48
N TYR B 101 22.40 46.70 -12.24
CA TYR B 101 23.22 47.15 -11.12
C TYR B 101 24.44 46.29 -10.86
N LYS B 102 25.25 46.68 -9.88
CA LYS B 102 26.35 45.89 -9.37
C LYS B 102 26.53 46.26 -7.91
N GLY B 103 26.21 45.32 -7.02
CA GLY B 103 26.29 45.59 -5.60
C GLY B 103 27.63 45.20 -5.00
N TYR B 104 28.44 46.19 -4.69
CA TYR B 104 29.77 45.96 -4.12
C TYR B 104 29.95 46.80 -2.87
N PHE B 105 30.75 46.28 -1.94
CA PHE B 105 31.03 46.93 -0.68
C PHE B 105 31.83 48.22 -0.90
N THR B 106 32.12 48.91 0.19
CA THR B 106 32.91 50.13 0.09
C THR B 106 34.37 49.83 -0.24
N ASN B 107 34.86 48.67 0.17
CA ASN B 107 36.25 48.32 -0.11
C ASN B 107 36.49 48.10 -1.61
N GLY B 108 35.50 47.55 -2.31
CA GLY B 108 35.61 47.31 -3.73
C GLY B 108 35.03 45.97 -4.13
N LYS B 109 35.07 45.02 -3.19
CA LYS B 109 34.50 43.69 -3.43
C LYS B 109 33.02 43.78 -3.75
N VAL B 110 32.56 42.93 -4.65
CA VAL B 110 31.17 42.92 -5.08
C VAL B 110 30.48 41.69 -4.47
N PHE B 111 29.17 41.80 -4.25
CA PHE B 111 28.41 40.69 -3.69
C PHE B 111 27.21 40.29 -4.54
N ASP B 112 26.86 41.04 -5.58
CA ASP B 112 25.77 40.64 -6.46
C ASP B 112 25.80 41.51 -7.71
N GLU B 113 25.59 40.87 -8.86
CA GLU B 113 25.55 41.56 -10.14
C GLU B 113 24.24 41.22 -10.85
N SER B 114 23.89 42.08 -11.79
CA SER B 114 22.68 41.92 -12.61
C SER B 114 23.00 42.30 -14.05
N THR B 115 24.13 41.80 -14.55
CA THR B 115 24.67 42.22 -15.83
C THR B 115 23.66 42.04 -16.96
N GLU B 116 22.80 41.04 -16.87
CA GLU B 116 21.64 40.92 -17.74
C GLU B 116 20.43 41.49 -17.01
N GLY B 117 19.57 42.15 -17.77
CA GLY B 117 18.40 42.82 -17.21
C GLY B 117 17.51 41.96 -16.34
N VAL B 118 17.11 42.49 -15.19
CA VAL B 118 16.15 41.85 -14.31
C VAL B 118 14.97 42.81 -14.16
N SER B 119 13.92 42.32 -13.50
CA SER B 119 12.73 43.12 -13.26
C SER B 119 12.16 42.80 -11.89
N TYR B 120 12.07 43.80 -11.04
CA TYR B 120 11.47 43.67 -9.72
C TYR B 120 10.19 44.52 -9.67
N SER B 121 9.47 44.40 -8.56
CA SER B 121 8.21 45.11 -8.39
C SER B 121 8.38 46.46 -7.73
N LEU B 122 9.56 46.75 -7.18
CA LEU B 122 9.98 48.02 -6.60
C LEU B 122 9.40 48.25 -5.20
N ARG B 123 8.52 47.38 -4.71
CA ARG B 123 8.25 47.30 -3.28
C ARG B 123 9.03 46.19 -2.62
N THR B 124 9.23 45.08 -3.34
CA THR B 124 10.02 43.97 -2.85
C THR B 124 11.46 44.37 -2.58
N LEU B 125 11.96 45.39 -3.27
CA LEU B 125 13.33 45.84 -3.08
C LEU B 125 13.53 46.34 -1.65
N ILE B 126 14.80 46.56 -1.30
CA ILE B 126 15.15 47.10 0.01
C ILE B 126 14.87 48.59 0.01
N PRO B 127 14.82 49.25 1.17
CA PRO B 127 14.30 50.62 1.22
C PRO B 127 15.13 51.64 0.44
N GLY B 128 16.43 51.40 0.31
CA GLY B 128 17.28 52.40 -0.34
C GLY B 128 16.92 52.61 -1.80
N TRP B 129 16.68 51.52 -2.52
CA TRP B 129 16.20 51.60 -3.89
C TRP B 129 14.94 52.45 -3.97
N LYS B 130 13.94 52.11 -3.15
CA LYS B 130 12.65 52.78 -3.18
C LYS B 130 12.72 54.26 -2.85
N GLU B 131 13.83 54.73 -2.28
CA GLU B 131 14.01 56.13 -1.99
C GLU B 131 14.97 56.83 -2.94
N GLY B 132 15.79 56.08 -3.68
CA GLY B 132 16.64 56.67 -4.69
C GLY B 132 16.21 56.36 -6.10
N ILE B 133 15.76 55.14 -6.33
CA ILE B 133 15.41 54.67 -7.67
C ILE B 133 14.19 55.38 -8.24
N PRO B 134 13.21 55.85 -7.46
CA PRO B 134 12.12 56.64 -8.08
C PRO B 134 12.57 57.97 -8.63
N LEU B 135 13.80 58.42 -8.34
CA LEU B 135 14.26 59.69 -8.86
C LEU B 135 14.39 59.67 -10.37
N LEU B 136 15.12 58.69 -10.90
CA LEU B 136 15.49 58.68 -12.30
C LEU B 136 14.46 57.93 -13.13
N LYS B 137 14.40 58.28 -14.41
CA LYS B 137 13.45 57.71 -15.35
C LYS B 137 14.11 56.56 -16.12
N SER B 138 13.39 56.05 -17.11
CA SER B 138 13.83 54.89 -17.88
C SER B 138 14.98 55.31 -18.80
N GLY B 139 16.19 54.92 -18.44
CA GLY B 139 17.36 55.22 -19.24
C GLY B 139 18.52 55.73 -18.42
N GLY B 140 18.22 56.38 -17.31
CA GLY B 140 19.23 57.00 -16.49
C GLY B 140 20.12 56.02 -15.75
N GLU B 141 20.68 56.48 -14.62
CA GLU B 141 21.69 55.73 -13.89
C GLU B 141 21.93 56.42 -12.57
N ILE B 142 22.37 55.66 -11.59
CA ILE B 142 22.55 56.16 -10.24
C ILE B 142 23.38 55.18 -9.43
N GLN B 143 24.08 55.67 -8.42
CA GLN B 143 24.64 54.81 -7.40
C GLN B 143 23.75 54.86 -6.16
N LEU B 144 24.13 54.09 -5.14
CA LEU B 144 23.44 54.12 -3.86
C LEU B 144 24.43 53.71 -2.78
N PHE B 145 24.67 54.61 -1.84
CA PHE B 145 25.55 54.35 -0.71
C PHE B 145 24.64 54.00 0.45
N VAL B 146 24.07 52.81 0.39
CA VAL B 146 23.01 52.41 1.32
C VAL B 146 23.64 52.16 2.69
N PRO B 147 23.09 52.74 3.75
CA PRO B 147 23.50 52.34 5.09
C PRO B 147 23.04 50.92 5.43
N ALA B 148 23.29 50.48 6.66
CA ALA B 148 22.90 49.13 7.05
C ALA B 148 21.43 49.03 7.42
N HIS B 149 20.79 50.13 7.81
CA HIS B 149 19.38 50.08 8.16
C HIS B 149 18.51 50.13 6.92
N LEU B 150 18.89 50.92 5.92
CA LEU B 150 18.22 50.93 4.63
C LEU B 150 18.72 49.84 3.69
N GLY B 151 19.48 48.88 4.19
CA GLY B 151 19.90 47.75 3.40
C GLY B 151 19.43 46.44 3.99
N TYR B 152 20.36 45.58 4.39
CA TYR B 152 20.04 44.27 4.96
C TYR B 152 20.06 44.27 6.47
N GLY B 153 19.85 45.43 7.10
CA GLY B 153 19.71 45.51 8.53
C GLY B 153 20.99 45.20 9.28
N SER B 154 20.97 45.35 10.60
CA SER B 154 22.13 45.06 11.42
C SER B 154 22.28 43.58 11.73
N ASN B 155 21.47 42.72 11.12
CA ASN B 155 21.69 41.28 11.19
C ASN B 155 22.44 40.77 9.99
N GLY B 156 22.05 41.22 8.80
CA GLY B 156 22.73 40.85 7.58
C GLY B 156 22.45 39.43 7.18
N ASN B 157 22.40 39.17 5.88
CA ASN B 157 22.29 37.83 5.36
C ASN B 157 23.67 37.32 4.98
N LYS B 158 23.72 36.10 4.46
CA LYS B 158 24.94 35.63 3.83
C LYS B 158 25.33 36.57 2.70
N THR B 159 26.62 36.71 2.48
CA THR B 159 27.26 37.57 1.49
C THR B 159 27.29 39.03 1.93
N VAL B 160 26.66 39.39 3.05
CA VAL B 160 26.68 40.77 3.53
C VAL B 160 26.82 40.76 5.04
N PRO B 161 27.96 41.19 5.58
CA PRO B 161 28.10 41.23 7.04
C PRO B 161 27.10 42.19 7.66
N GLY B 162 26.60 41.82 8.84
CA GLY B 162 25.61 42.64 9.50
C GLY B 162 26.17 44.00 9.84
N GLY B 163 25.76 45.00 9.08
CA GLY B 163 26.25 46.35 9.22
C GLY B 163 27.36 46.60 8.23
N ALA B 164 27.03 47.19 7.09
CA ALA B 164 28.01 47.47 6.06
C ALA B 164 27.36 48.33 4.99
N VAL B 165 28.07 49.36 4.54
CA VAL B 165 27.60 50.15 3.43
C VAL B 165 27.50 49.29 2.18
N LEU B 166 26.46 49.49 1.40
CA LEU B 166 26.20 48.71 0.20
C LEU B 166 26.11 49.67 -0.96
N ILE B 167 27.14 49.69 -1.80
CA ILE B 167 27.17 50.58 -2.95
C ILE B 167 26.60 49.86 -4.16
N PHE B 168 25.64 50.50 -4.82
CA PHE B 168 25.04 49.99 -6.04
C PHE B 168 25.34 50.97 -7.16
N GLU B 169 25.26 50.47 -8.39
CA GLU B 169 25.42 51.30 -9.58
C GLU B 169 24.34 50.85 -10.56
N ILE B 170 23.20 51.50 -10.48
CA ILE B 170 21.98 51.04 -11.11
C ILE B 170 21.84 51.68 -12.48
N THR B 171 21.19 50.97 -13.40
CA THR B 171 20.93 51.46 -14.75
C THR B 171 19.49 51.07 -15.09
N LEU B 172 18.56 51.97 -14.81
CA LEU B 172 17.14 51.67 -14.98
C LEU B 172 16.78 51.64 -16.46
N VAL B 173 16.81 50.45 -17.06
CA VAL B 173 16.55 50.32 -18.48
C VAL B 173 15.13 50.77 -18.82
N SER B 174 14.14 50.11 -18.23
CA SER B 174 12.75 50.42 -18.54
C SER B 174 11.89 50.18 -17.32
N VAL B 175 10.68 50.73 -17.37
CA VAL B 175 9.71 50.62 -16.30
C VAL B 175 8.45 49.98 -16.86
N ASN B 176 7.75 49.22 -16.02
CA ASN B 176 6.54 48.54 -16.44
C ASN B 176 5.39 48.76 -15.46
N ILE C 23 32.64 -17.93 26.98
CA ILE C 23 31.73 -17.65 28.07
C ILE C 23 30.34 -18.16 27.71
N GLN C 24 30.08 -19.46 27.88
CA GLN C 24 28.82 -20.04 27.46
C GLN C 24 27.73 -19.58 28.42
N THR C 25 27.30 -18.34 28.24
CA THR C 25 26.16 -17.83 28.99
C THR C 25 24.91 -18.56 28.59
N GLU C 26 24.17 -19.08 29.56
CA GLU C 26 23.01 -19.91 29.30
C GLU C 26 21.80 -19.38 30.06
N VAL C 27 20.66 -20.03 29.83
CA VAL C 27 19.42 -19.64 30.47
C VAL C 27 19.54 -19.79 31.99
N VAL C 28 18.67 -19.08 32.70
CA VAL C 28 18.62 -19.13 34.17
C VAL C 28 17.16 -19.16 34.60
N PRO C 29 16.66 -20.26 35.14
CA PRO C 29 15.23 -20.34 35.48
C PRO C 29 14.94 -19.61 36.78
N PRO C 30 13.85 -18.85 36.81
CA PRO C 30 13.47 -18.11 38.03
C PRO C 30 12.68 -18.95 39.01
N TYR C 31 12.20 -18.33 40.09
CA TYR C 31 11.25 -18.98 40.99
C TYR C 31 9.90 -18.28 41.03
N ASN C 32 9.87 -16.97 41.28
CA ASN C 32 8.62 -16.24 41.32
C ASN C 32 8.06 -16.06 39.92
N ILE C 33 8.88 -15.57 39.00
CA ILE C 33 8.45 -15.32 37.64
C ILE C 33 8.01 -16.61 36.97
N LYS C 34 6.89 -16.55 36.27
CA LYS C 34 6.41 -17.70 35.53
C LYS C 34 5.71 -17.21 34.27
N THR C 35 5.55 -18.12 33.32
CA THR C 35 4.94 -17.81 32.04
C THR C 35 5.77 -16.77 31.29
N VAL C 36 7.01 -17.14 31.01
CA VAL C 36 7.92 -16.29 30.26
C VAL C 36 7.84 -16.69 28.80
N THR C 37 7.55 -15.73 27.93
CA THR C 37 7.35 -16.04 26.52
C THR C 37 7.79 -14.82 25.70
N PHE C 38 7.72 -14.95 24.38
CA PHE C 38 8.16 -13.97 23.40
C PHE C 38 7.05 -13.64 22.43
N VAL C 39 5.89 -13.24 22.96
CA VAL C 39 4.71 -12.97 22.14
C VAL C 39 5.06 -12.03 20.99
N GLN C 40 4.73 -12.46 19.78
CA GLN C 40 4.89 -11.65 18.58
C GLN C 40 3.63 -11.76 17.76
N ASN C 41 3.06 -10.61 17.40
CA ASN C 41 1.86 -10.59 16.57
C ASN C 41 0.70 -11.30 17.27
N GLY C 42 0.59 -11.07 18.58
CA GLY C 42 -0.46 -11.72 19.34
C GLY C 42 0.00 -12.99 20.02
N ASN C 43 -0.27 -14.13 19.38
CA ASN C 43 0.04 -15.42 19.97
C ASN C 43 1.53 -15.57 20.25
N ASN C 44 1.85 -16.48 21.18
CA ASN C 44 3.23 -16.77 21.52
C ASN C 44 3.96 -17.28 20.29
N VAL C 45 5.29 -17.22 20.34
CA VAL C 45 6.13 -17.73 19.28
C VAL C 45 7.40 -18.33 19.90
N VAL C 46 8.24 -18.89 19.04
CA VAL C 46 9.59 -19.29 19.41
C VAL C 46 10.47 -18.07 19.23
N PRO C 47 11.64 -18.02 19.86
CA PRO C 47 12.40 -16.77 19.86
C PRO C 47 12.95 -16.34 18.51
N ILE C 48 12.91 -17.20 17.49
CA ILE C 48 13.52 -16.87 16.20
C ILE C 48 12.77 -15.71 15.54
N PHE C 49 13.44 -14.56 15.40
CA PHE C 49 12.80 -13.32 14.99
C PHE C 49 13.46 -12.77 13.74
N GLU C 50 12.73 -11.96 12.98
CA GLU C 50 13.28 -11.29 11.81
C GLU C 50 13.96 -9.99 12.22
N LEU C 51 14.72 -9.42 11.29
CA LEU C 51 15.67 -8.38 11.66
C LEU C 51 14.98 -7.12 12.16
N ASN C 52 13.74 -6.88 11.74
CA ASN C 52 12.99 -5.71 12.19
C ASN C 52 11.62 -6.07 12.74
N SER C 53 11.32 -7.35 12.89
CA SER C 53 10.04 -7.74 13.45
C SER C 53 9.98 -7.35 14.93
N THR C 54 8.88 -6.74 15.32
CA THR C 54 8.63 -6.37 16.70
C THR C 54 8.21 -7.60 17.48
N PHE C 55 8.32 -7.50 18.80
CA PHE C 55 7.95 -8.61 19.68
C PHE C 55 8.06 -8.14 21.12
N GLU C 56 7.68 -9.01 22.05
CA GLU C 56 7.62 -8.66 23.45
C GLU C 56 8.29 -9.76 24.26
N PHE C 57 8.33 -9.56 25.57
CA PHE C 57 8.88 -10.55 26.49
C PHE C 57 7.95 -10.68 27.69
N GLN C 58 6.68 -10.90 27.41
CA GLN C 58 5.68 -11.03 28.47
C GLN C 58 6.05 -12.12 29.46
N PHE C 59 6.30 -11.74 30.71
CA PHE C 59 6.41 -12.69 31.81
C PHE C 59 5.61 -12.16 32.99
N ASP C 60 5.44 -13.00 34.01
CA ASP C 60 4.49 -12.68 35.07
C ASP C 60 5.07 -13.00 36.43
N ASP C 61 5.20 -11.97 37.27
CA ASP C 61 5.66 -12.12 38.64
C ASP C 61 4.50 -12.54 39.52
N LEU C 62 4.75 -13.50 40.41
CA LEU C 62 3.74 -13.93 41.37
C LEU C 62 3.83 -13.18 42.68
N PHE C 63 3.80 -11.86 42.60
CA PHE C 63 3.65 -11.02 43.78
C PHE C 63 2.90 -9.76 43.37
N GLY C 64 2.07 -9.26 44.29
CA GLY C 64 1.55 -7.92 44.12
C GLY C 64 2.62 -6.86 44.13
N ASN C 65 3.82 -7.18 44.58
CA ASN C 65 4.95 -6.26 44.56
C ASN C 65 5.17 -5.78 43.14
N GLU C 66 4.93 -4.49 42.89
CA GLU C 66 5.25 -3.91 41.59
C GLU C 66 6.75 -3.66 41.53
N ALA C 67 7.49 -4.76 41.47
CA ALA C 67 8.94 -4.69 41.56
C ALA C 67 9.50 -3.99 40.33
N ASN C 68 10.83 -3.82 40.31
CA ASN C 68 11.51 -3.14 39.24
C ASN C 68 12.45 -4.13 38.58
N TYR C 69 12.17 -4.49 37.33
CA TYR C 69 12.96 -5.47 36.60
C TYR C 69 13.70 -4.77 35.47
N TYR C 70 14.99 -4.54 35.66
CA TYR C 70 15.84 -3.98 34.64
C TYR C 70 16.25 -5.08 33.67
N PHE C 71 16.20 -4.78 32.37
CA PHE C 71 16.55 -5.77 31.37
C PHE C 71 17.93 -5.50 30.80
N GLU C 72 18.40 -6.43 29.99
CA GLU C 72 19.61 -6.25 29.21
C GLU C 72 19.52 -7.05 27.94
N ILE C 73 20.46 -6.81 27.04
CA ILE C 73 20.58 -7.60 25.82
C ILE C 73 22.05 -7.74 25.50
N THR C 74 22.43 -8.91 24.99
CA THR C 74 23.82 -9.19 24.67
C THR C 74 23.88 -9.97 23.38
N HIS C 75 24.66 -9.50 22.42
CA HIS C 75 24.92 -10.31 21.24
C HIS C 75 25.74 -11.52 21.65
N CYS C 76 25.64 -12.60 20.89
CA CYS C 76 26.37 -13.81 21.23
C CYS C 76 26.81 -14.53 19.98
N ASP C 77 27.79 -15.41 20.16
CA ASP C 77 28.43 -16.12 19.07
C ASP C 77 27.58 -17.35 18.72
N TYR C 78 28.11 -18.23 17.87
CA TYR C 78 27.42 -19.47 17.58
C TYR C 78 27.27 -20.31 18.84
N ASN C 79 28.37 -20.59 19.51
CA ASN C 79 28.38 -21.38 20.74
C ASN C 79 28.01 -20.58 21.96
N TRP C 80 27.48 -19.38 21.78
CA TRP C 80 26.97 -18.55 22.86
C TRP C 80 28.08 -17.98 23.73
N LYS C 81 29.24 -17.80 23.15
CA LYS C 81 30.20 -16.92 23.81
C LYS C 81 29.86 -15.49 23.43
N PRO C 82 29.75 -14.58 24.40
CA PRO C 82 29.37 -13.20 24.08
C PRO C 82 30.38 -12.57 23.14
N SER C 83 29.92 -12.22 21.94
CA SER C 83 30.77 -11.63 20.94
C SER C 83 31.33 -10.31 21.44
N ASP C 84 32.49 -9.94 20.90
CA ASP C 84 33.27 -8.80 21.39
C ASP C 84 32.88 -7.49 20.73
N ILE C 85 31.68 -7.38 20.20
CA ILE C 85 31.20 -6.12 19.63
C ILE C 85 30.92 -5.17 20.77
N PRO C 86 31.05 -3.86 20.56
CA PRO C 86 30.56 -2.91 21.56
C PRO C 86 29.05 -2.76 21.44
N LYS C 87 28.37 -2.76 22.59
CA LYS C 87 26.91 -2.77 22.54
C LYS C 87 26.30 -1.50 22.01
N THR C 88 27.11 -0.49 21.69
CA THR C 88 26.63 0.61 20.88
C THR C 88 26.49 0.22 19.42
N ASP C 89 26.91 -0.99 19.05
CA ASP C 89 26.91 -1.43 17.67
C ASP C 89 25.74 -2.34 17.31
N TYR C 90 25.33 -3.23 18.20
CA TYR C 90 24.17 -4.07 17.96
C TYR C 90 22.93 -3.56 18.66
N LEU C 91 22.85 -2.27 18.95
CA LEU C 91 21.68 -1.64 19.53
C LEU C 91 21.70 -0.18 19.15
N ARG C 92 20.63 0.52 19.52
CA ARG C 92 20.64 1.98 19.46
C ARG C 92 19.76 2.46 20.60
N GLY C 93 20.39 2.75 21.72
CA GLY C 93 19.68 3.03 22.94
C GLY C 93 20.38 2.43 24.14
N PHE C 94 19.61 1.86 25.07
CA PHE C 94 20.11 1.51 26.38
C PHE C 94 19.86 0.03 26.65
N ASP C 95 20.44 -0.46 27.74
CA ASP C 95 20.13 -1.80 28.23
C ASP C 95 19.46 -1.76 29.60
N GLY C 96 20.13 -1.18 30.60
CA GLY C 96 19.60 -1.25 31.94
C GLY C 96 18.65 -0.11 32.22
N GLN C 97 17.36 -0.37 32.05
CA GLN C 97 16.32 0.60 32.32
C GLN C 97 15.05 -0.17 32.64
N ARG C 98 14.42 0.13 33.77
CA ARG C 98 13.40 -0.77 34.29
C ARG C 98 12.20 -0.79 33.36
N ILE C 99 11.54 -1.94 33.33
CA ILE C 99 10.42 -2.18 32.42
C ILE C 99 9.29 -1.22 32.77
N MET C 100 9.02 -0.28 31.88
CA MET C 100 7.99 0.72 32.14
C MET C 100 6.62 0.07 32.24
N ASP C 101 6.26 -0.77 31.28
CA ASP C 101 4.90 -1.27 31.12
C ASP C 101 4.74 -2.56 31.90
N TYR C 102 3.70 -2.61 32.74
CA TYR C 102 3.37 -3.82 33.46
C TYR C 102 1.97 -3.64 34.04
N SER C 103 1.21 -4.73 34.05
CA SER C 103 -0.14 -4.72 34.56
C SER C 103 -0.25 -5.72 35.70
N ASN C 104 -1.12 -5.42 36.65
CA ASN C 104 -1.33 -6.29 37.79
C ASN C 104 -2.51 -7.22 37.55
N SER C 105 -2.44 -8.40 38.17
CA SER C 105 -3.49 -9.39 38.00
C SER C 105 -4.79 -8.84 38.51
N PHE C 106 -5.73 -8.60 37.60
CA PHE C 106 -6.96 -7.92 37.92
C PHE C 106 -8.03 -8.95 38.22
N ASN C 107 -8.49 -9.01 39.46
CA ASN C 107 -9.68 -9.76 39.81
C ASN C 107 -9.46 -11.27 39.62
N THR C 108 -8.38 -11.76 40.24
CA THR C 108 -8.04 -13.18 40.16
C THR C 108 -7.58 -13.67 41.52
N LEU C 109 -7.52 -15.00 41.67
CA LEU C 109 -7.20 -15.59 42.95
C LEU C 109 -5.70 -15.57 43.20
N GLN C 110 -4.89 -15.84 42.18
CA GLN C 110 -3.44 -15.77 42.32
C GLN C 110 -2.99 -14.40 41.83
N VAL C 111 -2.68 -13.52 42.77
CA VAL C 111 -2.25 -12.17 42.44
C VAL C 111 -0.89 -12.24 41.78
N TYR C 112 -0.76 -11.61 40.62
CA TYR C 112 0.51 -11.59 39.92
C TYR C 112 0.66 -10.29 39.16
N SER C 113 1.90 -9.92 38.88
CA SER C 113 2.22 -8.70 38.17
C SER C 113 2.68 -9.07 36.78
N HIS C 114 1.89 -8.72 35.77
CA HIS C 114 2.20 -9.06 34.39
C HIS C 114 3.14 -8.00 33.82
N TYR C 115 4.41 -8.35 33.69
CA TYR C 115 5.36 -7.47 33.04
C TYR C 115 5.34 -7.69 31.54
N ARG C 116 5.85 -6.72 30.81
CA ARG C 116 5.80 -6.74 29.36
C ARG C 116 6.68 -5.67 28.77
N LEU C 117 7.45 -6.00 27.74
CA LEU C 117 8.26 -4.98 27.12
C LEU C 117 8.40 -5.22 25.62
N PRO C 118 7.99 -4.27 24.79
CA PRO C 118 8.29 -4.38 23.37
C PRO C 118 9.72 -3.96 23.11
N PHE C 119 10.38 -4.65 22.21
CA PHE C 119 11.79 -4.36 22.03
C PHE C 119 12.11 -3.13 21.18
N PRO C 120 11.38 -2.86 20.12
CA PRO C 120 11.50 -1.53 19.48
C PRO C 120 10.81 -0.45 20.31
N ASN C 121 11.19 -0.36 21.58
CA ASN C 121 10.60 0.54 22.56
C ASN C 121 11.36 1.85 22.67
N GLN C 122 11.05 2.62 23.72
CA GLN C 122 11.66 3.91 23.97
C GLN C 122 13.17 3.85 24.18
N PHE C 123 13.64 2.84 24.92
CA PHE C 123 15.05 2.80 25.32
C PHE C 123 15.92 2.22 24.22
N THR C 124 15.70 0.96 23.88
CA THR C 124 16.46 0.27 22.84
C THR C 124 15.66 0.32 21.54
N THR C 125 15.70 1.48 20.88
CA THR C 125 14.76 1.78 19.81
C THR C 125 14.88 0.85 18.60
N GLN C 126 15.90 0.00 18.53
CA GLN C 126 15.85 -1.17 17.66
C GLN C 126 17.03 -2.06 17.97
N ILE C 127 16.98 -3.26 17.42
CA ILE C 127 18.09 -4.21 17.49
C ILE C 127 18.64 -4.34 16.07
N ARG C 128 19.87 -3.87 15.88
CA ARG C 128 20.38 -3.53 14.56
C ARG C 128 21.37 -4.54 14.01
N LEU C 129 21.42 -5.75 14.55
CA LEU C 129 22.33 -6.76 14.04
C LEU C 129 21.72 -8.14 14.18
N SER C 130 21.76 -8.90 13.09
CA SER C 130 21.33 -10.28 13.13
C SER C 130 22.26 -11.09 14.03
N GLY C 131 21.85 -12.31 14.32
CA GLY C 131 22.65 -13.22 15.11
C GLY C 131 21.97 -13.55 16.42
N ASN C 132 22.68 -14.32 17.23
CA ASN C 132 22.16 -14.72 18.53
C ASN C 132 22.01 -13.51 19.43
N TYR C 133 21.22 -13.66 20.48
CA TYR C 133 21.13 -12.67 21.54
C TYR C 133 20.77 -13.38 22.83
N ILE C 134 20.89 -12.66 23.94
CA ILE C 134 20.48 -13.16 25.24
C ILE C 134 19.93 -12.01 26.04
N LEU C 135 18.63 -12.06 26.33
CA LEU C 135 17.98 -11.09 27.19
C LEU C 135 18.18 -11.48 28.65
N LYS C 136 18.41 -10.49 29.51
CA LYS C 136 18.55 -10.67 30.94
C LYS C 136 17.55 -9.79 31.65
N ILE C 137 16.98 -10.29 32.74
CA ILE C 137 15.92 -9.59 33.45
C ILE C 137 16.35 -9.36 34.89
N LEU C 138 17.64 -9.04 35.07
CA LEU C 138 18.22 -8.74 36.37
C LEU C 138 17.32 -7.84 37.22
N ASN C 139 17.23 -8.13 38.51
CA ASN C 139 16.14 -7.66 39.37
C ASN C 139 16.61 -6.55 40.31
N GLU C 140 16.55 -5.33 39.82
CA GLU C 140 16.58 -4.16 40.68
C GLU C 140 17.94 -3.89 41.33
N ASP C 141 18.88 -4.83 41.28
CA ASP C 141 20.22 -4.40 41.58
C ASP C 141 21.15 -4.70 40.42
N LYS C 142 21.55 -5.95 40.33
CA LYS C 142 22.29 -6.47 39.18
C LYS C 142 21.98 -7.94 38.94
N GLU C 143 21.12 -8.55 39.73
CA GLU C 143 21.06 -10.01 39.82
C GLU C 143 20.13 -10.57 38.75
N VAL C 144 20.68 -11.38 37.86
CA VAL C 144 19.92 -11.93 36.75
C VAL C 144 18.87 -12.88 37.33
N VAL C 145 17.61 -12.48 37.29
CA VAL C 145 16.53 -13.40 37.64
C VAL C 145 16.45 -14.53 36.63
N LEU C 146 16.40 -14.18 35.34
CA LEU C 146 16.28 -15.15 34.28
C LEU C 146 16.97 -14.60 33.05
N SER C 147 17.01 -15.41 32.00
CA SER C 147 17.59 -14.98 30.75
C SER C 147 17.18 -15.93 29.64
N ARG C 148 16.59 -15.41 28.58
CA ARG C 148 16.14 -16.22 27.47
C ARG C 148 16.98 -15.89 26.25
N LYS C 149 17.10 -16.87 25.36
CA LYS C 149 17.89 -16.71 24.15
C LYS C 149 16.96 -16.58 22.95
N PHE C 150 17.31 -15.67 22.04
CA PHE C 150 16.57 -15.56 20.80
C PHE C 150 17.55 -15.27 19.67
N ILE C 151 17.04 -15.28 18.45
CA ILE C 151 17.85 -15.08 17.27
C ILE C 151 17.12 -14.13 16.33
N VAL C 152 17.84 -13.19 15.76
CA VAL C 152 17.28 -12.21 14.85
C VAL C 152 17.86 -12.50 13.47
N TYR C 153 17.19 -13.32 12.68
CA TYR C 153 17.77 -13.83 11.45
C TYR C 153 17.54 -12.84 10.33
N GLU C 154 18.58 -12.60 9.54
CA GLU C 154 18.52 -11.75 8.38
C GLU C 154 18.23 -12.60 7.14
N GLU C 155 17.73 -11.96 6.08
CA GLU C 155 17.30 -12.66 4.87
C GLU C 155 18.30 -12.44 3.74
N HIS C 156 19.15 -13.42 3.50
CA HIS C 156 20.02 -13.43 2.33
C HIS C 156 20.14 -14.78 1.66
N CYS C 157 19.75 -15.87 2.30
CA CYS C 157 19.83 -17.20 1.72
C CYS C 157 18.43 -17.74 1.44
N THR C 158 18.39 -18.89 0.80
CA THR C 158 17.16 -19.58 0.48
C THR C 158 17.31 -21.00 0.99
N VAL C 159 17.00 -21.21 2.27
CA VAL C 159 17.19 -22.52 2.90
C VAL C 159 16.05 -23.41 2.42
N GLY C 160 16.31 -24.25 1.43
CA GLY C 160 15.28 -25.14 0.94
C GLY C 160 15.34 -26.49 1.62
N ALA C 161 14.50 -26.70 2.62
CA ALA C 161 14.56 -27.89 3.45
C ALA C 161 13.32 -28.74 3.25
N GLN C 162 13.42 -30.00 3.68
CA GLN C 162 12.28 -30.89 3.72
C GLN C 162 12.61 -32.11 4.55
N VAL C 163 11.75 -32.46 5.50
CA VAL C 163 11.95 -33.67 6.25
C VAL C 163 11.86 -34.84 5.29
N LYS C 164 12.57 -35.93 5.60
CA LYS C 164 12.39 -37.14 4.83
C LYS C 164 12.89 -38.31 5.66
N ARG C 165 12.23 -39.45 5.49
CA ARG C 165 12.55 -40.63 6.26
C ARG C 165 14.01 -41.03 6.04
N THR C 166 14.57 -41.67 7.06
CA THR C 166 15.99 -41.98 7.08
C THR C 166 16.31 -43.08 6.06
N ARG C 167 17.57 -43.52 6.06
CA ARG C 167 17.99 -44.63 5.22
C ARG C 167 18.05 -45.94 5.98
N ASN C 168 18.71 -45.94 7.15
CA ASN C 168 18.89 -47.17 7.91
C ASN C 168 17.55 -47.77 8.31
N LEU C 169 17.31 -49.01 7.88
CA LEU C 169 16.00 -49.62 8.07
C LEU C 169 15.67 -49.81 9.55
N SER C 170 16.69 -49.97 10.40
CA SER C 170 16.42 -50.16 11.82
C SER C 170 15.84 -48.89 12.43
N ASN C 171 16.55 -47.77 12.27
CA ASN C 171 16.10 -46.48 12.78
C ASN C 171 15.33 -45.72 11.73
N ILE C 172 14.33 -46.33 11.11
CA ILE C 172 13.53 -45.66 10.10
C ILE C 172 12.08 -45.44 10.54
N ASN C 173 11.53 -46.32 11.37
CA ASN C 173 10.17 -46.10 11.84
C ASN C 173 10.11 -45.04 12.92
N TYR C 174 11.23 -44.68 13.52
CA TYR C 174 11.24 -43.65 14.56
C TYR C 174 12.42 -42.70 14.40
N LYS C 175 12.62 -42.19 13.19
CA LYS C 175 13.61 -41.14 12.94
C LYS C 175 13.11 -40.27 11.80
N GLN C 176 13.55 -39.02 11.79
CA GLN C 176 13.16 -38.07 10.74
C GLN C 176 14.41 -37.36 10.24
N ASN C 177 15.01 -37.92 9.20
CA ASN C 177 16.12 -37.26 8.54
C ASN C 177 15.66 -35.90 7.99
N LEU C 178 16.62 -35.00 7.83
CA LEU C 178 16.36 -33.64 7.39
C LEU C 178 17.40 -33.25 6.35
N ASP C 179 16.95 -32.85 5.17
CA ASP C 179 17.85 -32.63 4.05
C ASP C 179 17.46 -31.35 3.34
N PHE C 180 18.46 -30.60 2.87
CA PHE C 180 18.21 -29.25 2.40
C PHE C 180 19.46 -28.68 1.75
N THR C 181 19.33 -27.44 1.25
CA THR C 181 20.42 -26.73 0.60
C THR C 181 20.40 -25.28 1.04
N ILE C 182 21.46 -24.55 0.73
CA ILE C 182 21.49 -23.12 0.99
C ILE C 182 21.97 -22.39 -0.26
N ALA C 183 21.05 -21.94 -1.09
CA ALA C 183 21.39 -21.32 -2.36
C ALA C 183 21.10 -19.83 -2.28
N SER C 184 22.10 -19.06 -1.87
CA SER C 184 21.95 -17.63 -1.79
C SER C 184 22.51 -16.98 -3.04
N ASN C 185 21.80 -15.98 -3.56
CA ASN C 185 22.29 -15.21 -4.68
C ASN C 185 22.59 -13.79 -4.23
N ASP C 186 22.89 -13.64 -2.95
CA ASP C 186 23.18 -12.37 -2.30
C ASP C 186 24.50 -12.41 -1.53
N ILE C 187 24.83 -13.54 -0.93
CA ILE C 187 26.04 -13.68 -0.12
C ILE C 187 26.90 -14.74 -0.79
N THR C 188 27.95 -14.31 -1.49
CA THR C 188 28.93 -15.25 -2.02
C THR C 188 29.77 -15.82 -0.88
N PHE C 189 29.67 -17.12 -0.65
CA PHE C 189 30.32 -17.71 0.51
C PHE C 189 31.83 -17.77 0.29
N GLN C 190 32.60 -17.33 1.29
CA GLN C 190 34.04 -17.33 1.15
C GLN C 190 34.62 -18.72 1.33
N THR C 191 34.46 -19.29 2.53
CA THR C 191 34.96 -20.62 2.86
C THR C 191 33.81 -21.37 3.49
N PRO C 192 32.88 -21.86 2.68
CA PRO C 192 31.62 -22.40 3.23
C PRO C 192 31.83 -23.57 4.17
N THR C 193 32.91 -24.33 4.04
CA THR C 193 33.14 -25.42 4.98
C THR C 193 33.49 -24.89 6.36
N GLN C 194 34.07 -23.69 6.45
CA GLN C 194 34.54 -23.17 7.72
C GLN C 194 33.75 -21.95 8.19
N ASN C 195 33.00 -21.28 7.32
CA ASN C 195 32.21 -20.13 7.71
C ASN C 195 30.76 -20.47 8.00
N VAL C 196 30.12 -21.20 7.09
CA VAL C 196 28.67 -21.42 7.15
C VAL C 196 28.40 -22.54 8.15
N LYS C 197 28.16 -22.18 9.40
CA LYS C 197 27.66 -23.12 10.40
C LYS C 197 26.14 -23.03 10.43
N VAL C 198 25.51 -24.14 10.80
CA VAL C 198 24.06 -24.27 10.73
C VAL C 198 23.52 -24.80 12.03
N LEU C 199 22.34 -24.32 12.43
CA LEU C 199 21.66 -24.76 13.63
C LEU C 199 20.29 -25.31 13.24
N LEU C 200 20.01 -26.53 13.67
CA LEU C 200 18.74 -27.18 13.38
C LEU C 200 17.93 -27.32 14.65
N LEU C 201 16.68 -26.88 14.59
CA LEU C 201 15.80 -26.89 15.75
C LEU C 201 14.63 -27.81 15.46
N GLN C 202 14.28 -28.65 16.43
CA GLN C 202 13.21 -29.60 16.17
C GLN C 202 11.86 -28.91 16.11
N ASN C 203 11.40 -28.32 17.21
CA ASN C 203 10.17 -27.57 17.10
C ASN C 203 10.42 -26.09 17.34
N GLY C 204 10.89 -25.77 18.53
CA GLY C 204 11.42 -24.46 18.82
C GLY C 204 12.51 -24.61 19.86
N ASN C 205 12.81 -25.86 20.17
CA ASN C 205 13.71 -26.15 21.28
C ASN C 205 15.14 -25.80 20.91
N PHE C 206 15.85 -25.24 21.88
CA PHE C 206 17.28 -24.95 21.73
C PHE C 206 18.16 -26.02 22.34
N ASN C 207 17.62 -26.94 23.12
CA ASN C 207 18.47 -27.89 23.83
C ASN C 207 18.79 -29.10 22.95
N THR C 208 17.86 -29.49 22.08
CA THR C 208 18.05 -30.65 21.22
C THR C 208 18.44 -30.24 19.80
N ALA C 209 18.99 -29.04 19.63
CA ALA C 209 19.43 -28.63 18.30
C ALA C 209 20.59 -29.51 17.84
N ILE C 210 20.60 -29.83 16.55
CA ILE C 210 21.68 -30.56 15.93
C ILE C 210 22.54 -29.54 15.20
N LYS C 211 23.55 -29.02 15.87
CA LYS C 211 24.31 -27.90 15.35
C LYS C 211 25.76 -28.34 15.10
N ASN C 212 26.54 -27.43 14.54
CA ASN C 212 27.93 -27.68 14.20
C ASN C 212 28.05 -28.78 13.14
N ILE C 213 27.49 -28.49 11.98
CA ILE C 213 27.45 -29.43 10.86
C ILE C 213 28.10 -28.78 9.63
N PRO C 214 29.08 -29.43 9.01
CA PRO C 214 29.66 -28.88 7.79
C PRO C 214 28.88 -29.34 6.58
N PRO C 215 28.82 -28.53 5.53
CA PRO C 215 28.17 -28.97 4.29
C PRO C 215 28.86 -30.19 3.71
N GLN C 216 28.07 -31.02 3.03
CA GLN C 216 28.70 -32.10 2.26
C GLN C 216 29.29 -31.59 0.96
N TYR C 217 28.45 -31.07 0.08
CA TYR C 217 28.85 -30.96 -1.32
C TYR C 217 29.42 -29.59 -1.68
N THR C 218 28.64 -28.52 -1.54
CA THR C 218 29.03 -27.23 -2.09
C THR C 218 29.17 -27.33 -3.61
N ILE C 219 28.06 -27.66 -4.27
CA ILE C 219 28.09 -27.97 -5.71
C ILE C 219 28.24 -26.74 -6.57
N GLY C 220 28.39 -25.56 -5.99
CA GLY C 220 28.45 -24.31 -6.74
C GLY C 220 28.52 -23.17 -5.78
N ASN C 221 27.70 -22.14 -5.98
CA ASN C 221 27.53 -21.13 -4.94
C ASN C 221 26.62 -21.59 -3.81
N GLN C 222 25.96 -22.74 -3.98
CA GLN C 222 24.96 -23.22 -3.03
C GLN C 222 25.51 -24.44 -2.30
N LEU C 223 25.31 -24.47 -1.00
CA LEU C 223 25.66 -25.63 -0.20
C LEU C 223 24.54 -26.66 -0.29
N VAL C 224 24.85 -27.90 0.06
CA VAL C 224 23.84 -28.96 0.04
C VAL C 224 24.12 -29.92 1.19
N TYR C 225 23.16 -30.09 2.09
CA TYR C 225 23.32 -30.99 3.22
C TYR C 225 22.38 -32.14 2.99
N LYS C 226 22.91 -33.35 2.95
CA LYS C 226 22.11 -34.48 2.48
C LYS C 226 22.21 -35.72 3.34
N TYR C 227 23.23 -35.87 4.16
CA TYR C 227 23.47 -37.16 4.79
C TYR C 227 22.49 -37.39 5.93
N ASP C 228 22.51 -38.63 6.41
CA ASP C 228 21.59 -39.08 7.45
C ASP C 228 22.30 -39.47 8.73
N ALA C 229 23.53 -39.00 8.92
CA ALA C 229 24.25 -39.26 10.15
C ALA C 229 23.96 -38.20 11.20
N GLU C 230 24.31 -36.95 10.90
CA GLU C 230 24.10 -35.87 11.85
C GLU C 230 22.68 -35.34 11.82
N THR C 231 22.23 -34.83 10.66
CA THR C 231 20.90 -34.26 10.56
C THR C 231 19.89 -35.39 10.58
N GLN C 232 19.57 -35.85 11.78
CA GLN C 232 18.59 -36.93 11.94
C GLN C 232 18.00 -36.78 13.33
N PHE C 233 16.79 -36.24 13.40
CA PHE C 233 16.10 -36.04 14.66
C PHE C 233 15.24 -37.24 14.99
N TRP C 234 15.14 -37.54 16.28
CA TRP C 234 14.17 -38.52 16.72
C TRP C 234 12.77 -37.98 16.45
N GLY C 235 11.87 -38.86 16.03
CA GLY C 235 10.53 -38.46 15.70
C GLY C 235 9.83 -37.82 16.86
N GLY C 236 9.60 -38.61 17.91
CA GLY C 236 8.94 -38.08 19.08
C GLY C 236 7.45 -37.97 18.83
N ASN C 237 6.65 -38.44 19.78
CA ASN C 237 5.22 -38.47 19.56
C ASN C 237 4.66 -37.06 19.73
N GLU C 238 3.34 -36.94 19.68
CA GLU C 238 2.71 -35.63 19.71
C GLU C 238 2.56 -35.11 21.13
N PHE C 239 2.49 -33.79 21.25
CA PHE C 239 2.31 -33.16 22.54
C PHE C 239 0.93 -33.45 23.10
N LEU C 240 0.87 -33.70 24.41
CA LEU C 240 -0.39 -33.73 25.12
C LEU C 240 -0.88 -32.31 25.34
N TYR C 241 -2.09 -32.18 25.85
CA TYR C 241 -2.61 -30.84 26.10
C TYR C 241 -3.66 -30.90 27.20
N PHE C 242 -4.22 -29.74 27.52
CA PHE C 242 -5.37 -29.61 28.40
C PHE C 242 -5.81 -28.17 28.29
N GLU C 243 -7.10 -27.93 28.16
CA GLU C 243 -7.61 -26.59 28.00
C GLU C 243 -8.58 -26.29 29.13
N ASN C 244 -8.09 -25.62 30.17
CA ASN C 244 -8.94 -25.13 31.24
C ASN C 244 -9.25 -23.66 30.97
N LYS C 245 -10.05 -23.43 29.92
CA LYS C 245 -10.57 -22.10 29.64
C LYS C 245 -11.25 -21.51 30.86
N ASP C 246 -12.21 -22.23 31.42
CA ASP C 246 -12.80 -21.87 32.70
C ASP C 246 -12.33 -22.86 33.75
N ILE C 247 -11.94 -22.35 34.91
CA ILE C 247 -11.16 -23.14 35.85
C ILE C 247 -12.02 -24.26 36.43
N ARG C 248 -13.24 -23.94 36.82
CA ARG C 248 -14.11 -24.89 37.50
C ARG C 248 -14.86 -25.79 36.54
N ALA C 249 -14.46 -25.83 35.27
CA ALA C 249 -15.14 -26.64 34.27
C ALA C 249 -14.70 -28.09 34.40
N ALA C 250 -15.07 -28.91 33.42
CA ALA C 250 -14.58 -30.28 33.30
C ALA C 250 -14.18 -30.54 31.86
N ASN C 251 -13.40 -29.60 31.31
CA ASN C 251 -13.08 -29.59 29.90
C ASN C 251 -12.03 -30.65 29.59
N ASN C 252 -11.35 -30.49 28.45
CA ASN C 252 -10.44 -31.48 27.89
C ASN C 252 -9.53 -32.09 28.94
N ASN C 253 -9.72 -33.38 29.19
CA ASN C 253 -8.97 -34.24 30.11
C ASN C 253 -8.46 -33.53 31.36
N VAL C 254 -9.34 -32.82 32.06
CA VAL C 254 -9.01 -32.13 33.30
C VAL C 254 -10.00 -32.51 34.40
N GLY C 255 -10.49 -33.74 34.37
CA GLY C 255 -11.55 -34.13 35.30
C GLY C 255 -11.15 -34.00 36.75
N ARG C 256 -12.16 -33.84 37.61
CA ARG C 256 -11.99 -33.62 39.04
C ARG C 256 -11.17 -32.36 39.33
N ILE C 257 -11.76 -31.23 38.96
CA ILE C 257 -11.22 -29.92 39.34
C ILE C 257 -11.77 -29.57 40.71
N GLY C 258 -10.87 -29.37 41.67
CA GLY C 258 -11.28 -29.13 43.05
C GLY C 258 -10.68 -27.89 43.68
N SER C 259 -11.54 -27.02 44.19
CA SER C 259 -11.12 -25.80 44.87
C SER C 259 -11.03 -26.07 46.36
N ASN C 260 -9.85 -25.88 46.93
CA ASN C 260 -9.65 -26.16 48.36
C ASN C 260 -8.62 -25.19 48.93
N ASN C 261 -9.12 -24.14 49.59
CA ASN C 261 -8.32 -23.26 50.45
C ASN C 261 -7.05 -22.76 49.76
N ASP C 262 -7.17 -22.46 48.48
CA ASP C 262 -6.01 -22.13 47.65
C ASP C 262 -6.58 -21.68 46.31
N ILE C 263 -5.69 -21.40 45.35
CA ILE C 263 -6.15 -21.34 43.98
C ILE C 263 -6.63 -22.73 43.56
N TYR C 264 -7.39 -22.77 42.47
CA TYR C 264 -8.01 -24.02 42.03
C TYR C 264 -6.97 -25.09 41.74
N ASN C 265 -7.41 -26.33 41.77
CA ASN C 265 -6.58 -27.49 41.44
C ASN C 265 -7.21 -28.19 40.24
N ALA C 266 -6.43 -28.37 39.18
CA ALA C 266 -6.91 -29.03 37.98
C ALA C 266 -6.23 -30.38 37.88
N TYR C 267 -6.98 -31.44 38.14
CA TYR C 267 -6.41 -32.79 38.13
C TYR C 267 -6.55 -33.34 36.72
N LEU C 268 -5.46 -33.86 36.18
CA LEU C 268 -5.50 -34.39 34.83
C LEU C 268 -5.61 -35.91 34.85
N TYR C 269 -6.23 -36.45 33.81
CA TYR C 269 -6.35 -37.89 33.69
C TYR C 269 -4.97 -38.52 33.56
N THR C 270 -4.80 -39.69 34.17
CA THR C 270 -3.50 -40.32 34.19
C THR C 270 -3.06 -40.70 32.77
N ASN C 271 -2.01 -40.06 32.30
CA ASN C 271 -1.49 -40.35 30.98
C ASN C 271 -0.87 -41.75 30.97
N ALA C 272 -0.62 -42.25 29.76
CA ALA C 272 -0.07 -43.59 29.58
C ALA C 272 1.09 -43.52 28.62
N ALA C 273 2.13 -44.31 28.90
CA ALA C 273 3.27 -44.38 28.02
C ALA C 273 2.84 -44.88 26.65
N ARG C 274 3.18 -44.14 25.60
CA ARG C 274 2.74 -44.45 24.26
C ARG C 274 3.83 -45.06 23.40
N GLY C 275 5.04 -45.25 23.93
CA GLY C 275 6.09 -45.87 23.17
C GLY C 275 5.81 -47.31 22.80
N ASN C 276 5.07 -48.02 23.62
CA ASN C 276 4.75 -49.43 23.40
C ASN C 276 3.47 -49.61 22.58
N GLN C 277 3.11 -48.61 21.77
CA GLN C 277 1.86 -48.63 21.05
C GLN C 277 2.09 -48.15 19.63
N ILE C 278 1.02 -48.05 18.87
CA ILE C 278 1.09 -47.61 17.49
C ILE C 278 0.71 -46.14 17.44
N TYR C 279 1.24 -45.44 16.45
CA TYR C 279 0.92 -44.03 16.29
C TYR C 279 -0.56 -43.85 16.01
N THR C 280 -1.14 -42.86 16.67
CA THR C 280 -2.53 -42.49 16.44
C THR C 280 -2.57 -41.01 16.11
N ASN C 281 -3.23 -40.66 15.00
CA ASN C 281 -3.27 -39.28 14.54
C ASN C 281 -3.85 -38.40 15.63
N TYR C 282 -3.02 -37.53 16.18
CA TYR C 282 -3.39 -36.77 17.37
C TYR C 282 -2.70 -35.42 17.25
N GLN C 283 -3.44 -34.40 16.87
CA GLN C 283 -2.84 -33.14 16.46
C GLN C 283 -2.63 -32.22 17.66
N ASP C 284 -1.62 -31.37 17.54
CA ASP C 284 -1.26 -30.39 18.56
C ASP C 284 -0.72 -29.15 17.86
N VAL C 285 -0.28 -28.18 18.65
CA VAL C 285 0.33 -26.98 18.08
C VAL C 285 1.80 -26.93 18.45
N ASN C 286 2.39 -28.10 18.69
CA ASN C 286 3.84 -28.24 18.84
C ASN C 286 4.37 -27.41 19.99
N GLY C 287 3.81 -27.63 21.17
CA GLY C 287 4.36 -27.03 22.37
C GLY C 287 3.67 -25.77 22.83
N ASN C 288 3.30 -24.90 21.89
CA ASN C 288 2.75 -23.60 22.24
C ASN C 288 1.51 -23.73 23.11
N PHE C 289 1.41 -22.84 24.08
CA PHE C 289 0.23 -22.71 24.92
C PHE C 289 -0.51 -21.46 24.47
N VAL C 290 -1.76 -21.35 24.92
CA VAL C 290 -2.61 -20.22 24.60
C VAL C 290 -3.23 -19.76 25.91
N VAL C 291 -2.62 -18.76 26.56
CA VAL C 291 -3.22 -18.16 27.74
C VAL C 291 -4.55 -17.56 27.36
N LYS C 292 -5.61 -17.98 28.04
CA LYS C 292 -6.95 -17.57 27.67
C LYS C 292 -7.90 -17.97 28.79
N ASN C 293 -8.99 -17.23 28.90
CA ASN C 293 -10.11 -17.66 29.71
C ASN C 293 -11.40 -17.15 29.10
N ILE C 294 -12.50 -17.82 29.45
CA ILE C 294 -13.81 -17.22 29.26
C ILE C 294 -13.98 -16.27 30.44
N ASN C 295 -14.97 -15.38 30.37
CA ASN C 295 -15.26 -14.42 31.42
C ASN C 295 -14.21 -13.33 31.54
N GLY C 296 -13.26 -13.28 30.61
CA GLY C 296 -12.13 -12.36 30.72
C GLY C 296 -12.07 -11.43 29.53
N ALA C 297 -11.77 -10.15 29.80
CA ALA C 297 -11.59 -9.18 28.74
C ALA C 297 -10.18 -9.27 28.14
N ASP C 298 -9.16 -9.04 28.96
CA ASP C 298 -7.77 -9.21 28.55
C ASP C 298 -7.25 -10.48 29.19
N ASN C 299 -6.95 -11.48 28.35
CA ASN C 299 -6.55 -12.77 28.87
C ASN C 299 -5.21 -12.73 29.60
N SER C 300 -4.37 -11.74 29.31
CA SER C 300 -3.04 -11.72 29.91
C SER C 300 -3.12 -11.44 31.40
N ILE C 301 -3.81 -10.38 31.81
CA ILE C 301 -3.86 -9.99 33.20
C ILE C 301 -5.07 -10.57 33.92
N GLU C 302 -5.94 -11.28 33.20
CA GLU C 302 -7.15 -11.81 33.80
C GLU C 302 -7.20 -13.32 33.88
N ALA C 303 -6.26 -14.03 33.23
CA ALA C 303 -6.13 -15.45 33.47
C ALA C 303 -5.78 -15.70 34.93
N ASP C 304 -6.01 -16.94 35.37
CA ASP C 304 -5.78 -17.32 36.76
C ASP C 304 -4.88 -18.55 36.78
N TYR C 305 -3.82 -18.49 37.57
CA TYR C 305 -3.01 -19.67 37.77
C TYR C 305 -3.83 -20.73 38.50
N ALA C 306 -3.37 -21.97 38.38
CA ALA C 306 -4.10 -23.09 38.96
C ALA C 306 -3.17 -24.28 39.07
N TRP C 307 -3.01 -24.80 40.28
CA TRP C 307 -2.19 -25.99 40.47
C TRP C 307 -2.78 -27.17 39.71
N VAL C 308 -2.11 -27.59 38.63
CA VAL C 308 -2.52 -28.74 37.85
C VAL C 308 -1.69 -29.92 38.29
N TYR C 309 -2.33 -31.05 38.55
CA TYR C 309 -1.64 -32.23 39.05
C TYR C 309 -1.42 -33.18 37.87
N PHE C 310 -0.21 -33.18 37.33
CA PHE C 310 0.05 -34.08 36.23
C PHE C 310 0.18 -35.51 36.76
N THR C 311 0.27 -36.44 35.82
CA THR C 311 0.27 -37.86 36.18
C THR C 311 0.72 -38.71 35.00
N LEU C 312 1.66 -39.61 35.23
CA LEU C 312 2.18 -40.50 34.21
C LEU C 312 2.10 -41.92 34.71
N SER C 313 1.51 -42.80 33.89
CA SER C 313 1.41 -44.22 34.22
C SER C 313 2.25 -44.96 33.18
N ALA C 314 3.55 -45.11 33.49
CA ALA C 314 4.50 -45.76 32.59
C ALA C 314 5.12 -46.92 33.34
N PRO C 315 4.44 -48.07 33.38
CA PRO C 315 5.00 -49.22 34.09
C PRO C 315 6.18 -49.84 33.37
N ALA C 316 6.28 -49.68 32.05
CA ALA C 316 7.44 -50.20 31.33
C ALA C 316 8.68 -49.36 31.62
N PHE C 317 8.50 -48.07 31.86
CA PHE C 317 9.62 -47.19 32.18
C PHE C 317 10.27 -47.61 33.49
N ARG C 318 11.48 -48.13 33.42
CA ARG C 318 12.23 -48.44 34.63
C ARG C 318 13.71 -48.19 34.34
N MET C 319 14.21 -47.06 34.82
CA MET C 319 15.61 -46.71 34.66
C MET C 319 16.01 -45.88 35.89
N ASN C 320 17.14 -45.20 35.79
CA ASN C 320 17.60 -44.31 36.84
C ASN C 320 17.57 -42.85 36.41
N LYS C 321 16.81 -42.54 35.36
CA LYS C 321 16.64 -41.18 34.90
C LYS C 321 15.31 -40.62 35.40
N ASP C 322 15.21 -39.30 35.36
CA ASP C 322 14.07 -38.58 35.91
C ASP C 322 13.21 -38.04 34.78
N ILE C 323 11.91 -38.26 34.89
CA ILE C 323 10.97 -37.75 33.90
C ILE C 323 10.58 -36.33 34.28
N TYR C 324 11.00 -35.37 33.46
CA TYR C 324 10.66 -33.97 33.64
C TYR C 324 9.49 -33.61 32.74
N ILE C 325 8.65 -32.72 33.22
CA ILE C 325 7.57 -32.16 32.43
C ILE C 325 8.15 -31.05 31.58
N THR C 326 7.58 -30.83 30.40
CA THR C 326 8.23 -29.93 29.47
C THR C 326 7.23 -29.45 28.44
N GLY C 327 7.34 -28.21 28.04
CA GLY C 327 6.50 -27.66 27.00
C GLY C 327 7.16 -26.43 26.45
N ILE C 328 6.34 -25.47 26.01
CA ILE C 328 6.86 -24.17 25.67
C ILE C 328 6.60 -23.15 26.77
N PHE C 329 5.70 -23.45 27.70
CA PHE C 329 5.44 -22.51 28.78
C PHE C 329 6.64 -22.36 29.71
N ASN C 330 7.47 -23.40 29.83
CA ASN C 330 8.62 -23.34 30.71
C ASN C 330 9.90 -23.59 29.95
N ASN C 331 10.01 -23.06 28.73
CA ASN C 331 11.27 -23.01 27.99
C ASN C 331 11.83 -24.40 27.69
N TYR C 332 11.01 -25.45 27.81
CA TYR C 332 11.49 -26.81 27.77
C TYR C 332 12.51 -27.07 28.88
N SER C 333 12.39 -26.33 29.97
CA SER C 333 13.40 -26.34 31.02
C SER C 333 13.37 -27.66 31.77
N LEU C 334 14.35 -27.84 32.66
CA LEU C 334 14.48 -29.07 33.41
C LEU C 334 14.76 -28.80 34.87
N SER C 335 14.17 -27.74 35.43
CA SER C 335 14.38 -27.40 36.83
C SER C 335 13.80 -28.49 37.72
N PRO C 336 14.12 -28.45 39.02
CA PRO C 336 13.53 -29.43 39.94
C PRO C 336 12.06 -29.20 40.22
N GLU C 337 11.50 -28.06 39.80
CA GLU C 337 10.08 -27.80 39.93
C GLU C 337 9.27 -28.33 38.78
N TYR C 338 9.82 -29.29 38.03
CA TYR C 338 9.06 -30.01 37.02
C TYR C 338 9.38 -31.49 37.00
N LYS C 339 10.14 -31.98 37.98
CA LYS C 339 10.53 -33.38 38.02
C LYS C 339 9.36 -34.25 38.48
N MET C 340 8.92 -35.15 37.61
CA MET C 340 7.92 -36.13 38.01
C MET C 340 8.42 -36.93 39.21
N ASP C 341 7.49 -37.49 39.97
CA ASP C 341 7.82 -38.18 41.19
C ASP C 341 7.06 -39.50 41.25
N TYR C 342 7.79 -40.58 41.47
CA TYR C 342 7.14 -41.89 41.55
C TYR C 342 6.34 -41.97 42.84
N ASN C 343 5.08 -42.38 42.72
CA ASN C 343 4.20 -42.55 43.87
C ASN C 343 3.91 -44.04 44.00
N THR C 344 4.62 -44.69 44.93
CA THR C 344 4.51 -46.14 45.08
C THR C 344 3.11 -46.58 45.44
N ASP C 345 2.29 -45.69 46.02
CA ASP C 345 0.92 -46.06 46.36
C ASP C 345 0.10 -46.38 45.13
N LYS C 346 0.48 -45.83 43.97
CA LYS C 346 -0.20 -46.09 42.72
C LYS C 346 0.72 -46.59 41.62
N ALA C 347 2.04 -46.55 41.83
CA ALA C 347 2.99 -46.85 40.76
C ALA C 347 2.81 -45.89 39.60
N VAL C 348 2.66 -44.61 39.93
CA VAL C 348 2.31 -43.58 38.96
C VAL C 348 3.08 -42.31 39.30
N PHE C 349 3.86 -41.82 38.33
CA PHE C 349 4.51 -40.53 38.51
C PHE C 349 3.47 -39.44 38.73
N GLU C 350 3.88 -38.34 39.35
CA GLU C 350 2.92 -37.28 39.63
C GLU C 350 3.65 -36.06 40.16
N LYS C 351 3.14 -34.89 39.82
CA LYS C 351 3.66 -33.64 40.38
C LYS C 351 2.72 -32.50 40.03
N ALA C 352 2.58 -31.55 40.93
CA ALA C 352 1.81 -30.34 40.69
C ALA C 352 2.70 -29.28 40.07
N VAL C 353 2.11 -28.51 39.15
CA VAL C 353 2.83 -27.44 38.47
C VAL C 353 1.86 -26.30 38.24
N MET C 354 2.11 -25.16 38.87
CA MET C 354 1.25 -24.00 38.68
C MET C 354 1.40 -23.48 37.26
N ILE C 355 0.28 -23.31 36.57
CA ILE C 355 0.26 -22.99 35.15
C ILE C 355 -0.92 -22.07 34.87
N LYS C 356 -0.70 -21.07 34.02
CA LYS C 356 -1.79 -20.19 33.67
C LYS C 356 -2.83 -20.95 32.85
N GLN C 357 -4.02 -20.37 32.75
CA GLN C 357 -5.12 -21.06 32.09
C GLN C 357 -4.84 -21.19 30.60
N GLY C 358 -5.79 -21.78 29.89
CA GLY C 358 -5.76 -21.83 28.45
C GLY C 358 -5.15 -23.11 27.93
N PHE C 359 -5.40 -23.34 26.65
CA PHE C 359 -4.82 -24.47 25.93
C PHE C 359 -3.32 -24.52 26.13
N THR C 360 -2.85 -25.63 26.69
CA THR C 360 -1.44 -25.76 27.05
C THR C 360 -0.94 -27.13 26.63
N ASN C 361 0.12 -27.16 25.84
CA ASN C 361 0.75 -28.42 25.48
C ASN C 361 1.88 -28.74 26.44
N TYR C 362 2.33 -29.98 26.39
CA TYR C 362 3.42 -30.42 27.25
C TYR C 362 3.85 -31.80 26.78
N GLN C 363 4.79 -32.38 27.50
CA GLN C 363 5.30 -33.70 27.16
C GLN C 363 6.23 -34.14 28.27
N TYR C 364 6.40 -35.44 28.39
CA TYR C 364 7.24 -36.02 29.42
C TYR C 364 8.58 -36.38 28.78
N THR C 365 9.59 -35.55 28.99
CA THR C 365 10.92 -35.79 28.47
C THR C 365 11.80 -36.30 29.60
N VAL C 366 12.31 -37.51 29.45
CA VAL C 366 13.31 -38.01 30.38
C VAL C 366 14.53 -37.11 30.29
N ALA C 367 15.26 -37.00 31.39
CA ALA C 367 16.57 -36.38 31.40
C ALA C 367 17.56 -37.35 32.01
N ASP C 368 18.84 -37.21 31.61
CA ASP C 368 19.81 -38.20 32.06
C ASP C 368 19.95 -38.17 33.58
N LYS C 369 20.68 -37.18 34.10
CA LYS C 369 20.48 -36.68 35.45
C LYS C 369 20.67 -35.18 35.57
N LYS C 370 21.42 -34.54 34.68
CA LYS C 370 21.70 -33.11 34.80
C LYS C 370 21.13 -32.33 33.62
N GLY C 371 21.58 -32.61 32.40
CA GLY C 371 21.06 -31.89 31.24
C GLY C 371 20.87 -32.75 30.02
N ASN C 372 21.30 -34.00 30.08
CA ASN C 372 21.28 -34.88 28.92
C ASN C 372 19.90 -35.48 28.76
N ILE C 373 19.28 -35.23 27.61
CA ILE C 373 17.85 -35.47 27.46
C ILE C 373 17.55 -36.93 27.16
N ASP C 374 18.40 -37.61 26.42
CA ASP C 374 18.14 -39.00 26.03
C ASP C 374 16.84 -39.10 25.22
N LEU C 375 16.86 -38.49 24.04
CA LEU C 375 15.67 -38.46 23.19
C LEU C 375 15.17 -39.86 22.90
N GLU C 376 16.06 -40.74 22.45
CA GLU C 376 15.71 -42.15 22.33
C GLU C 376 15.33 -42.69 23.69
N ASN C 377 14.48 -43.72 23.68
CA ASN C 377 13.95 -44.31 24.91
C ASN C 377 13.07 -43.32 25.67
N ALA C 378 12.54 -42.32 24.98
CA ALA C 378 11.64 -41.38 25.61
C ALA C 378 10.35 -42.10 26.01
N ILE C 379 9.69 -41.56 27.05
CA ILE C 379 8.51 -42.20 27.61
C ILE C 379 7.28 -42.02 26.74
N ASP C 380 7.39 -41.31 25.63
CA ASP C 380 6.24 -41.06 24.77
C ASP C 380 6.31 -41.83 23.46
N GLY C 381 7.49 -41.89 22.86
CA GLY C 381 7.66 -42.59 21.59
C GLY C 381 8.57 -41.79 20.68
N ASN C 382 8.80 -42.35 19.50
CA ASN C 382 9.66 -41.68 18.54
C ASN C 382 9.13 -41.79 17.12
N PHE C 383 7.82 -41.93 16.97
CA PHE C 383 7.21 -42.32 15.70
C PHE C 383 7.57 -41.36 14.58
N TYR C 384 8.08 -41.91 13.46
CA TYR C 384 8.69 -41.09 12.43
C TYR C 384 7.71 -40.12 11.80
N GLN C 385 6.42 -40.39 11.90
CA GLN C 385 5.40 -39.65 11.17
C GLN C 385 4.78 -38.52 11.97
N THR C 386 5.29 -38.22 13.15
CA THR C 386 4.71 -37.16 13.95
C THR C 386 4.97 -35.81 13.29
N GLU C 387 4.07 -34.86 13.54
CA GLU C 387 4.07 -33.59 12.84
C GLU C 387 4.94 -32.58 13.58
N ASN C 388 6.24 -32.61 13.30
CA ASN C 388 7.18 -31.66 13.86
C ASN C 388 7.51 -30.60 12.82
N GLU C 389 7.87 -29.41 13.28
CA GLU C 389 8.17 -28.28 12.41
C GLU C 389 9.62 -27.87 12.61
N TYR C 390 10.50 -28.39 11.76
CA TYR C 390 11.93 -28.19 11.89
C TYR C 390 12.33 -26.83 11.36
N THR C 391 13.27 -26.18 12.06
CA THR C 391 13.76 -24.87 11.68
C THR C 391 15.27 -24.95 11.48
N ILE C 392 15.76 -24.16 10.54
CA ILE C 392 17.16 -24.20 10.13
C ILE C 392 17.67 -22.78 10.05
N LEU C 393 18.70 -22.47 10.81
CA LEU C 393 19.28 -21.13 10.85
C LEU C 393 20.71 -21.19 10.32
N VAL C 394 21.03 -20.31 9.39
CA VAL C 394 22.32 -20.38 8.70
C VAL C 394 23.25 -19.28 9.17
N TYR C 395 24.06 -19.57 10.17
CA TYR C 395 25.03 -18.61 10.63
C TYR C 395 26.10 -18.40 9.56
N TYR C 396 26.90 -17.36 9.73
CA TYR C 396 27.89 -17.02 8.73
C TYR C 396 28.82 -15.97 9.26
N LYS C 397 30.10 -16.09 8.96
CA LYS C 397 31.11 -15.17 9.48
C LYS C 397 32.24 -15.06 8.47
N GLU C 398 32.19 -14.02 7.63
CA GLU C 398 33.37 -13.66 6.87
C GLU C 398 34.52 -13.37 7.83
N SER C 399 35.74 -13.63 7.39
CA SER C 399 36.87 -13.32 8.26
C SER C 399 37.33 -11.89 8.08
N ILE C 400 36.37 -10.97 8.07
CA ILE C 400 36.64 -9.55 8.28
C ILE C 400 35.57 -9.01 9.21
N ASP C 401 34.50 -9.77 9.39
CA ASP C 401 33.39 -9.35 10.25
C ASP C 401 33.72 -9.60 11.70
N ARG C 402 32.94 -8.96 12.57
CA ARG C 402 33.16 -9.00 14.00
C ARG C 402 32.07 -9.76 14.74
N TYR C 403 31.33 -10.61 14.03
CA TYR C 403 30.23 -11.36 14.64
C TYR C 403 29.71 -12.37 13.65
N GLN C 404 28.96 -13.34 14.14
CA GLN C 404 28.34 -14.34 13.29
C GLN C 404 26.93 -13.89 12.93
N ARG C 405 26.74 -13.52 11.67
CA ARG C 405 25.44 -13.12 11.17
C ARG C 405 24.48 -14.31 11.19
N VAL C 406 23.24 -14.05 10.83
CA VAL C 406 22.29 -15.11 10.54
C VAL C 406 21.60 -14.75 9.24
N ILE C 407 21.94 -15.46 8.18
CA ILE C 407 21.67 -15.01 6.83
C ILE C 407 20.50 -15.78 6.20
N GLY C 408 19.58 -16.28 7.02
CA GLY C 408 18.36 -16.86 6.49
C GLY C 408 17.96 -18.12 7.19
N LYS C 409 16.67 -18.30 7.46
CA LYS C 409 16.17 -19.54 8.02
C LYS C 409 15.20 -20.19 7.05
N GLY C 410 15.13 -21.51 7.12
CA GLY C 410 14.18 -22.24 6.32
C GLY C 410 13.38 -23.21 7.15
N ASN C 411 12.08 -22.99 7.24
CA ASN C 411 11.21 -23.84 8.03
C ASN C 411 10.65 -24.93 7.11
N ALA C 412 10.57 -26.14 7.64
CA ALA C 412 10.05 -27.27 6.88
C ALA C 412 9.60 -28.32 7.88
N ASN C 413 8.30 -28.57 7.95
CA ASN C 413 7.77 -29.49 8.94
C ASN C 413 7.55 -30.86 8.34
N SER C 414 7.21 -31.81 9.20
CA SER C 414 7.15 -33.21 8.86
C SER C 414 5.75 -33.69 8.52
N ILE C 415 4.96 -32.86 7.84
CA ILE C 415 3.75 -33.34 7.20
C ILE C 415 4.09 -33.60 5.75
N ASN C 416 5.38 -33.63 5.44
CA ASN C 416 5.86 -33.88 4.09
C ASN C 416 7.07 -34.82 4.13
N ILE C 417 6.99 -35.91 4.88
CA ILE C 417 8.16 -36.76 5.01
C ILE C 417 8.31 -37.46 3.66
N VAL C 418 9.16 -36.90 2.81
CA VAL C 418 9.32 -37.35 1.44
C VAL C 418 10.42 -38.42 1.46
N ASN C 419 10.03 -39.65 1.78
CA ASN C 419 11.03 -40.71 1.91
C ASN C 419 11.71 -41.02 0.59
#